data_8S3E
#
_entry.id   8S3E
#
_cell.length_a   1.00
_cell.length_b   1.00
_cell.length_c   1.00
_cell.angle_alpha   90.00
_cell.angle_beta   90.00
_cell.angle_gamma   90.00
#
_symmetry.space_group_name_H-M   'P 1'
#
loop_
_entity.id
_entity.type
_entity.pdbx_description
1 polymer 'Calcium-activated potassium channel subunit alpha-1'
2 polymer 'Leucine-rich repeat-containing protein 26'
3 non-polymer CHOLESTEROL
4 non-polymer 'CALCIUM ION'
5 non-polymer '(4S,7R)-4-HYDROXY-N,N,N-TRIMETHYL-9-OXO-7-[(PALMITOYLOXY)METHYL]-3,5,8-TRIOXA-4-PHOSPHAHEXACOSAN-1-AMINIUM 4-OXIDE'
6 non-polymer 'MAGNESIUM ION'
7 non-polymer 'POTASSIUM ION'
8 water water
#
loop_
_entity_poly.entity_id
_entity_poly.type
_entity_poly.pdbx_seq_one_letter_code
_entity_poly.pdbx_strand_id
1 'polypeptide(L)'
;MDALIIPVTMEVPCDSRGQRMWWAFLASSMVTFFGGLFIILLWRTLKYLWTVCCHCGGKAKEAQKINNGSSQADGTLKPV
DEKEEAVAAEVGWMTSVKDWAGVMISAQTLTGRVLVVLVFALSIGALVIYFIDSSNPIESCQNFYKDFTLQIDMAFNVFF
LLYFGLRFIAANDKLWFWLEVNSVVDFFTVPPVFVSVYLNRSWLGLRFLRALRLIQFSEILQFLNILKTSNSIKLVNLLS
IFISTWLTAAGFIHLVENSGDPWENFQNNQALTYWECVYLLMVTMSTVGYGDVYAKTTLGRLFMVFFILGGLAMFASYVP
EIIELIGNRKKYGGSYSAVSGRKHIVVCGHITLESVSNFLKDFLHKDRDDVNVEIVFLHNISPNLELEALFKRHFTQVEF
YQGSVLNPHDLARVKIESADACLILANKYCADPDAEDASNIMRVISIKNYHPKIRIITQMLQYHNKAHLLNIPSWNWKEG
DDAICLAELKLGFIAQSCLAQGLSTMLANLFSMRSFIKIEEDTWQKYYLEGVSNEMYTEYLSSAFVGLSFPTVCELCFVK
LKLLMIAIEYKSANRESRILINPGNHLKIQEGTLGFFIASDAKEVKRAFFYCKACHDDITDPKRIKKCGCKRLEDEQPST
LSPKKKQRNGGMRNSPNSSPKLMRHDPLLIPGNDQIDNMDSNVKKYDSTGMFHWCAPKEIEKVILTRSEAAMTVLSGHVV
VCIFGDVSSALIGLRNLVMPLRASNFHYHELKHIVFVGSIEYLKREWETLHNFPKVSILPGTPLSRADLRAVNINLCDMC
VILSANQNNIDDTSLQDKECILASLNIKSMQFDDSIGVLQANSQGFTPPGMDRSSPDNSPVHGMLRQPSITTGVNIPIIT
ELVNDTNVQFLDQDDDDDPDTELYLTQPFACGTAFAVSVLDSLMSATYFNDNILTLIRTLVTGGATPELEALIAEENALR
GGYSTPQTLANRDRCRVAQLALLDGPFADLGDGGCYGDLFCKALKTYNMLCFGIYRLRDAHLSTPSQCTKRYVITNPPYE
FELVPTDLIFCLMQFDHNAGQSRASLSHSSHSSQSSSKKSSSVHSIPSTANRQNRPKSRESRDKQKYVQEERLLEVLFQ
;
A,B,C,D
2 'polypeptide(L)'
;MRSPSFSSWPPPLLLLLLLHPWQVCAQAPSLATSSGVSGAPDCPEACACAPGGQANCSALALSAVPAGLSRRVRALLLDH
NRLGSLPPGAFADADALLRLDLRENELRWVHARAFWGLGALQRLDLSANRLEALAPGTFGPLRALRTLSLAGNRLARLEP
AALGALPLLRALSLQDNALSALSPGLLAGLPALDALRLRGNPWTCDCALRPLCTWLRRHPRPASEAETPVCVSPGRLARS
PLAAFPDAAFRHCARPLSPRDLAMIYLLGPASFLASLVACLALGSALTACRARRRRRQRTAAHRPPRRSLDLDPGGPASP
ANAGSPAEAGLGRPLEVLFQ
;
E,F,G,H
#
loop_
_chem_comp.id
_chem_comp.type
_chem_comp.name
_chem_comp.formula
6PL non-polymer '(4S,7R)-4-HYDROXY-N,N,N-TRIMETHYL-9-OXO-7-[(PALMITOYLOXY)METHYL]-3,5,8-TRIOXA-4-PHOSPHAHEXACOSAN-1-AMINIUM 4-OXIDE' 'C42 H85 N O8 P 1'
CA non-polymer 'CALCIUM ION' 'Ca 2'
CLR non-polymer CHOLESTEROL 'C27 H46 O'
K non-polymer 'POTASSIUM ION' 'K 1'
MG non-polymer 'MAGNESIUM ION' 'Mg 2'
#
# COMPACT_ATOMS: atom_id res chain seq x y z
N GLN A 19 -17.15 50.89 46.28
CA GLN A 19 -16.81 49.93 47.33
C GLN A 19 -16.13 48.70 46.74
N ARG A 20 -16.28 48.51 45.43
CA ARG A 20 -15.69 47.39 44.72
C ARG A 20 -14.39 47.86 44.07
N MET A 21 -13.33 47.08 44.26
CA MET A 21 -11.97 47.43 43.88
C MET A 21 -11.33 46.36 43.00
N TRP A 22 -12.00 45.95 41.93
CA TRP A 22 -11.42 44.92 41.06
C TRP A 22 -10.69 45.51 39.87
N TRP A 23 -11.10 46.69 39.42
CA TRP A 23 -10.40 47.34 38.31
C TRP A 23 -8.96 47.66 38.66
N ALA A 24 -8.65 47.89 39.94
CA ALA A 24 -7.26 48.14 40.33
C ALA A 24 -6.38 46.95 40.03
N PHE A 25 -6.72 45.78 40.59
CA PHE A 25 -5.91 44.59 40.37
C PHE A 25 -5.89 44.19 38.90
N LEU A 26 -7.03 44.34 38.23
CA LEU A 26 -7.08 44.06 36.79
C LEU A 26 -6.11 44.97 36.04
N ALA A 27 -6.15 46.27 36.33
CA ALA A 27 -5.46 47.25 35.49
C ALA A 27 -3.98 47.34 35.80
N SER A 28 -3.54 46.96 36.99
CA SER A 28 -2.10 46.89 37.25
C SER A 28 -1.44 45.93 36.26
N SER A 29 -1.93 44.68 36.22
CA SER A 29 -1.42 43.71 35.27
C SER A 29 -1.73 44.13 33.84
N MET A 30 -2.91 44.73 33.62
CA MET A 30 -3.32 45.06 32.27
C MET A 30 -2.37 46.09 31.66
N VAL A 31 -2.15 47.20 32.36
CA VAL A 31 -1.19 48.21 31.95
C VAL A 31 0.24 47.68 31.97
N THR A 32 0.57 46.69 32.81
CA THR A 32 1.90 46.08 32.72
C THR A 32 2.11 45.45 31.35
N PHE A 33 1.17 44.59 30.93
CA PHE A 33 1.29 43.91 29.65
C PHE A 33 1.26 44.91 28.49
N PHE A 34 0.34 45.87 28.55
CA PHE A 34 0.26 46.89 27.50
C PHE A 34 1.51 47.77 27.45
N GLY A 35 2.01 48.25 28.59
CA GLY A 35 3.23 49.03 28.58
C GLY A 35 4.42 48.26 28.05
N GLY A 36 4.49 46.96 28.37
CA GLY A 36 5.56 46.14 27.81
C GLY A 36 5.49 46.05 26.30
N LEU A 37 4.30 45.75 25.76
CA LEU A 37 4.15 45.70 24.31
C LEU A 37 4.44 47.06 23.69
N PHE A 38 3.99 48.12 24.35
CA PHE A 38 4.16 49.47 23.82
C PHE A 38 5.64 49.84 23.74
N ILE A 39 6.39 49.56 24.81
CA ILE A 39 7.81 49.85 24.83
C ILE A 39 8.54 49.02 23.76
N ILE A 40 8.15 47.75 23.61
CA ILE A 40 8.81 46.93 22.59
C ILE A 40 8.55 47.49 21.20
N LEU A 41 7.29 47.81 20.89
CA LEU A 41 7.00 48.34 19.56
C LEU A 41 7.63 49.72 19.38
N LEU A 42 7.81 50.45 20.48
CA LEU A 42 8.41 51.78 20.39
C LEU A 42 9.90 51.66 20.05
N TRP A 43 10.59 50.73 20.71
CA TRP A 43 11.98 50.46 20.35
C TRP A 43 12.10 50.01 18.90
N ARG A 44 11.18 49.14 18.44
CA ARG A 44 11.24 48.69 17.06
C ARG A 44 11.00 49.85 16.07
N THR A 45 10.01 50.71 16.36
CA THR A 45 9.74 51.84 15.48
C THR A 45 10.89 52.84 15.50
N LEU A 46 11.56 52.98 16.64
CA LEU A 46 12.71 53.88 16.72
C LEU A 46 13.86 53.35 15.88
N LYS A 47 14.16 52.05 16.00
CA LYS A 47 15.12 51.43 15.09
C LYS A 47 14.73 51.65 13.63
N TYR A 48 13.45 51.51 13.32
CA TYR A 48 13.01 51.61 11.92
C TYR A 48 13.23 53.02 11.39
N LEU A 49 12.76 54.03 12.13
CA LEU A 49 12.94 55.42 11.73
C LEU A 49 14.42 55.79 11.64
N TRP A 50 15.23 55.28 12.57
CA TRP A 50 16.66 55.60 12.59
C TRP A 50 17.35 54.98 11.37
N THR A 51 16.98 53.76 11.01
CA THR A 51 17.54 53.14 9.81
C THR A 51 17.11 53.88 8.55
N VAL A 52 15.85 54.30 8.48
CA VAL A 52 15.35 54.96 7.27
C VAL A 52 16.00 56.33 7.10
N CYS A 53 16.04 57.13 8.16
CA CYS A 53 16.60 58.48 8.05
C CYS A 53 18.13 58.44 8.10
N CYS A 54 18.69 57.34 8.59
CA CYS A 54 20.12 57.22 8.83
C CYS A 54 20.49 55.75 8.91
N ALA A 89 37.86 39.02 18.53
CA ALA A 89 36.58 38.32 18.53
C ALA A 89 36.15 37.96 19.95
N GLU A 90 35.74 38.96 20.71
CA GLU A 90 35.30 38.79 22.09
C GLU A 90 33.82 39.08 22.19
N VAL A 91 33.07 38.15 22.79
CA VAL A 91 31.63 38.33 22.96
C VAL A 91 31.37 39.41 24.00
N GLY A 92 30.17 39.99 23.96
CA GLY A 92 29.85 41.10 24.83
C GLY A 92 29.34 40.67 26.19
N TRP A 93 29.21 41.67 27.07
CA TRP A 93 28.65 41.43 28.39
C TRP A 93 27.18 41.03 28.32
N MET A 94 26.41 41.67 27.46
CA MET A 94 25.05 41.24 27.15
C MET A 94 25.01 39.80 26.67
N THR A 95 25.90 39.44 25.73
CA THR A 95 25.91 38.07 25.22
C THR A 95 26.27 37.07 26.31
N SER A 96 27.26 37.39 27.14
CA SER A 96 27.64 36.49 28.22
C SER A 96 26.51 36.33 29.24
N VAL A 97 25.84 37.43 29.60
CA VAL A 97 24.74 37.34 30.55
C VAL A 97 23.59 36.54 29.96
N LYS A 98 23.30 36.72 28.67
CA LYS A 98 22.25 35.95 28.02
C LYS A 98 22.59 34.47 28.02
N ASP A 99 23.84 34.12 27.72
CA ASP A 99 24.25 32.72 27.77
C ASP A 99 24.14 32.16 29.17
N TRP A 100 24.52 32.95 30.19
CA TRP A 100 24.39 32.53 31.57
C TRP A 100 22.92 32.23 31.93
N ALA A 101 22.03 33.15 31.57
CA ALA A 101 20.61 32.96 31.87
C ALA A 101 20.05 31.74 31.13
N GLY A 102 20.44 31.56 29.86
CA GLY A 102 19.97 30.41 29.12
C GLY A 102 20.47 29.10 29.69
N VAL A 103 21.73 29.07 30.14
CA VAL A 103 22.27 27.87 30.77
C VAL A 103 21.53 27.58 32.06
N MET A 104 21.25 28.61 32.86
CA MET A 104 20.54 28.40 34.12
C MET A 104 19.10 27.92 33.92
N ILE A 105 18.35 28.53 33.01
CA ILE A 105 16.95 28.13 32.83
C ILE A 105 16.83 26.78 32.12
N SER A 106 17.89 26.29 31.50
CA SER A 106 17.87 24.99 30.83
C SER A 106 18.39 23.87 31.70
N ALA A 107 18.71 24.16 32.97
CA ALA A 107 19.15 23.15 33.94
C ALA A 107 20.39 22.41 33.45
N GLN A 108 21.34 23.14 32.89
CA GLN A 108 22.60 22.56 32.45
C GLN A 108 23.66 22.51 33.54
N THR A 109 23.39 23.12 34.70
CA THR A 109 24.29 23.09 35.84
C THR A 109 23.49 22.69 37.08
N LEU A 110 24.20 22.52 38.20
CA LEU A 110 23.54 22.16 39.44
C LEU A 110 22.57 23.26 39.89
N THR A 111 23.00 24.51 39.81
CA THR A 111 22.12 25.61 40.16
C THR A 111 20.91 25.68 39.24
N GLY A 112 21.12 25.42 37.95
CA GLY A 112 19.99 25.38 37.03
C GLY A 112 19.00 24.27 37.34
N ARG A 113 19.50 23.09 37.67
CA ARG A 113 18.62 21.99 38.05
C ARG A 113 17.84 22.32 39.32
N VAL A 114 18.52 22.93 40.30
CA VAL A 114 17.83 23.34 41.52
C VAL A 114 16.75 24.37 41.22
N LEU A 115 17.06 25.34 40.34
CA LEU A 115 16.08 26.35 39.97
C LEU A 115 14.88 25.72 39.27
N VAL A 116 15.12 24.77 38.38
CA VAL A 116 14.02 24.13 37.66
C VAL A 116 13.13 23.33 38.61
N VAL A 117 13.75 22.58 39.53
CA VAL A 117 12.98 21.82 40.50
C VAL A 117 12.17 22.76 41.39
N LEU A 118 12.77 23.89 41.79
CA LEU A 118 12.04 24.87 42.58
C LEU A 118 10.88 25.46 41.80
N VAL A 119 11.07 25.69 40.49
CA VAL A 119 9.99 26.21 39.66
C VAL A 119 8.82 25.22 39.64
N PHE A 120 9.13 23.94 39.45
CA PHE A 120 8.10 22.90 39.48
C PHE A 120 7.34 22.91 40.81
N ALA A 121 8.10 22.83 41.91
CA ALA A 121 7.50 22.73 43.24
C ALA A 121 6.68 23.97 43.57
N LEU A 122 7.18 25.15 43.21
CA LEU A 122 6.48 26.38 43.55
C LEU A 122 5.28 26.62 42.66
N SER A 123 5.30 26.14 41.41
CA SER A 123 4.09 26.17 40.60
C SER A 123 3.01 25.30 41.23
N ILE A 124 3.38 24.10 41.67
CA ILE A 124 2.40 23.25 42.36
C ILE A 124 1.90 23.92 43.63
N GLY A 125 2.80 24.55 44.39
CA GLY A 125 2.41 25.20 45.63
C GLY A 125 1.48 26.38 45.40
N ALA A 126 1.76 27.18 44.36
CA ALA A 126 0.89 28.30 44.03
C ALA A 126 -0.49 27.81 43.60
N LEU A 127 -0.54 26.72 42.84
CA LEU A 127 -1.83 26.15 42.48
C LEU A 127 -2.60 25.68 43.71
N VAL A 128 -1.90 25.04 44.66
CA VAL A 128 -2.54 24.60 45.89
C VAL A 128 -3.04 25.78 46.71
N ILE A 129 -2.24 26.86 46.75
CA ILE A 129 -2.65 28.05 47.47
C ILE A 129 -3.90 28.66 46.85
N TYR A 130 -3.97 28.68 45.51
CA TYR A 130 -5.18 29.16 44.85
C TYR A 130 -6.37 28.27 45.18
N PHE A 131 -6.16 26.95 45.21
CA PHE A 131 -7.24 26.04 45.59
C PHE A 131 -7.75 26.35 46.99
N ILE A 132 -6.83 26.59 47.93
CA ILE A 132 -7.22 26.91 49.30
C ILE A 132 -7.97 28.22 49.36
N ASP A 133 -7.49 29.25 48.65
CA ASP A 133 -8.08 30.57 48.71
C ASP A 133 -9.37 30.69 47.91
N SER A 134 -9.67 29.73 47.03
CA SER A 134 -10.91 29.80 46.27
C SER A 134 -12.14 29.78 47.16
N SER A 135 -12.05 29.14 48.33
CA SER A 135 -13.18 29.08 49.25
C SER A 135 -13.48 30.43 49.88
N ASN A 136 -12.51 31.33 49.91
CA ASN A 136 -12.71 32.65 50.50
C ASN A 136 -13.65 33.49 49.62
N PRO A 137 -14.26 34.52 50.19
CA PRO A 137 -15.12 35.41 49.38
C PRO A 137 -14.35 36.05 48.25
N ILE A 138 -15.10 36.55 47.26
CA ILE A 138 -14.48 37.11 46.06
C ILE A 138 -13.62 38.32 46.44
N GLU A 139 -14.14 39.21 47.27
CA GLU A 139 -13.40 40.36 47.75
C GLU A 139 -13.46 40.38 49.26
N SER A 140 -12.29 40.44 49.91
CA SER A 140 -12.21 40.40 51.36
C SER A 140 -11.02 41.27 51.79
N CYS A 141 -10.74 41.27 53.09
CA CYS A 141 -9.65 42.04 53.66
C CYS A 141 -8.53 41.12 54.12
N GLN A 142 -7.29 41.55 53.91
CA GLN A 142 -6.11 40.80 54.30
C GLN A 142 -5.25 41.63 55.22
N ASN A 143 -4.40 40.94 55.99
CA ASN A 143 -3.57 41.58 57.01
C ASN A 143 -2.09 41.61 56.67
N PHE A 144 -1.56 40.54 56.06
CA PHE A 144 -0.16 40.34 55.71
C PHE A 144 0.74 40.13 56.93
N TYR A 145 0.21 40.25 58.15
CA TYR A 145 1.02 40.09 59.34
C TYR A 145 0.51 39.00 60.28
N LYS A 146 -0.57 38.31 59.92
CA LYS A 146 -1.08 37.21 60.72
C LYS A 146 -1.38 35.96 59.92
N ASP A 147 -1.53 36.06 58.60
CA ASP A 147 -1.84 34.92 57.75
C ASP A 147 -0.56 34.44 57.08
N PHE A 148 -0.22 33.17 57.31
CA PHE A 148 1.00 32.61 56.74
C PHE A 148 0.85 32.35 55.25
N THR A 149 -0.38 32.07 54.80
CA THR A 149 -0.61 31.75 53.40
C THR A 149 -0.26 32.92 52.50
N LEU A 150 -0.60 34.14 52.92
CA LEU A 150 -0.27 35.32 52.12
C LEU A 150 1.24 35.51 52.00
N GLN A 151 1.98 35.30 53.10
CA GLN A 151 3.43 35.43 53.04
C GLN A 151 4.04 34.37 52.15
N ILE A 152 3.53 33.13 52.21
CA ILE A 152 4.01 32.09 51.32
C ILE A 152 3.73 32.45 49.87
N ASP A 153 2.55 33.01 49.60
CA ASP A 153 2.20 33.42 48.25
C ASP A 153 3.12 34.53 47.76
N MET A 154 3.48 35.47 48.64
CA MET A 154 4.42 36.52 48.25
C MET A 154 5.80 35.96 47.96
N ALA A 155 6.27 35.01 48.76
CA ALA A 155 7.55 34.38 48.47
C ALA A 155 7.51 33.68 47.12
N PHE A 156 6.42 32.97 46.84
CA PHE A 156 6.28 32.28 45.56
C PHE A 156 6.26 33.28 44.41
N ASN A 157 5.54 34.39 44.57
CA ASN A 157 5.44 35.38 43.50
C ASN A 157 6.75 36.11 43.27
N VAL A 158 7.51 36.38 44.33
CA VAL A 158 8.85 36.97 44.16
C VAL A 158 9.75 36.02 43.39
N PHE A 159 9.70 34.72 43.74
CA PHE A 159 10.48 33.74 43.00
C PHE A 159 10.06 33.69 41.54
N PHE A 160 8.75 33.74 41.27
CA PHE A 160 8.28 33.70 39.90
C PHE A 160 8.70 34.95 39.13
N LEU A 161 8.72 36.10 39.80
CA LEU A 161 9.18 37.33 39.15
C LEU A 161 10.66 37.24 38.79
N LEU A 162 11.47 36.70 39.69
CA LEU A 162 12.89 36.52 39.38
C LEU A 162 13.07 35.53 38.23
N TYR A 163 12.28 34.45 38.22
CA TYR A 163 12.35 33.49 37.14
C TYR A 163 11.94 34.12 35.81
N PHE A 164 10.93 34.98 35.83
CA PHE A 164 10.53 35.70 34.62
C PHE A 164 11.65 36.61 34.14
N GLY A 165 12.33 37.28 35.06
CA GLY A 165 13.46 38.11 34.66
C GLY A 165 14.56 37.29 34.00
N LEU A 166 14.88 36.14 34.58
CA LEU A 166 15.87 35.27 33.97
C LEU A 166 15.44 34.80 32.58
N ARG A 167 14.16 34.41 32.44
CA ARG A 167 13.65 33.97 31.15
C ARG A 167 13.70 35.08 30.11
N PHE A 168 13.35 36.31 30.53
CA PHE A 168 13.40 37.45 29.62
C PHE A 168 14.82 37.72 29.17
N ILE A 169 15.79 37.63 30.09
CA ILE A 169 17.18 37.83 29.71
C ILE A 169 17.62 36.76 28.71
N ALA A 170 17.25 35.51 28.96
CA ALA A 170 17.65 34.41 28.11
C ALA A 170 16.89 34.36 26.78
N ALA A 171 15.85 35.17 26.61
CA ALA A 171 15.02 35.09 25.41
C ALA A 171 15.75 35.65 24.20
N ASN A 172 15.66 34.92 23.08
CA ASN A 172 16.24 35.40 21.83
C ASN A 172 15.47 36.60 21.30
N ASP A 173 14.14 36.48 21.23
CA ASP A 173 13.28 37.53 20.73
C ASP A 173 12.39 38.02 21.86
N LYS A 174 12.46 39.31 22.17
CA LYS A 174 11.71 39.85 23.31
C LYS A 174 10.23 40.01 22.97
N LEU A 175 9.92 40.37 21.72
CA LEU A 175 8.52 40.60 21.35
C LEU A 175 7.72 39.30 21.43
N TRP A 176 8.26 38.21 20.90
CA TRP A 176 7.55 36.94 20.96
C TRP A 176 7.60 36.32 22.34
N PHE A 177 8.63 36.64 23.14
CA PHE A 177 8.65 36.19 24.53
C PHE A 177 7.56 36.87 25.34
N TRP A 178 7.31 38.16 25.05
CA TRP A 178 6.29 38.91 25.78
C TRP A 178 4.89 38.34 25.58
N LEU A 179 4.66 37.63 24.47
CA LEU A 179 3.35 37.07 24.16
C LEU A 179 3.26 35.59 24.52
N GLU A 180 4.24 35.04 25.22
CA GLU A 180 4.20 33.66 25.64
C GLU A 180 3.15 33.46 26.74
N VAL A 181 2.65 32.23 26.84
CA VAL A 181 1.62 31.92 27.82
C VAL A 181 2.15 32.11 29.23
N ASN A 182 3.38 31.65 29.49
CA ASN A 182 3.97 31.82 30.83
C ASN A 182 4.16 33.29 31.16
N SER A 183 4.60 34.09 30.18
CA SER A 183 4.77 35.52 30.42
C SER A 183 3.46 36.19 30.75
N VAL A 184 2.39 35.85 30.02
CA VAL A 184 1.08 36.42 30.29
C VAL A 184 0.57 36.01 31.67
N VAL A 185 0.81 34.75 32.04
CA VAL A 185 0.41 34.27 33.37
C VAL A 185 1.13 35.06 34.45
N ASP A 186 2.43 35.28 34.28
CA ASP A 186 3.18 36.07 35.26
C ASP A 186 2.66 37.50 35.32
N PHE A 187 2.38 38.10 34.15
CA PHE A 187 1.86 39.46 34.10
C PHE A 187 0.56 39.58 34.89
N PHE A 188 -0.36 38.64 34.68
CA PHE A 188 -1.67 38.71 35.31
C PHE A 188 -1.71 38.06 36.68
N THR A 189 -0.59 37.53 37.17
CA THR A 189 -0.53 36.93 38.49
C THR A 189 0.21 37.77 39.52
N VAL A 190 1.40 38.27 39.19
CA VAL A 190 2.26 38.87 40.22
C VAL A 190 1.84 40.28 40.60
N PRO A 191 1.59 41.20 39.66
CA PRO A 191 1.16 42.55 40.04
C PRO A 191 -0.13 42.56 40.85
N PRO A 192 -1.09 41.65 40.59
CA PRO A 192 -2.26 41.59 41.49
C PRO A 192 -1.92 41.43 42.96
N VAL A 193 -1.11 40.44 43.32
CA VAL A 193 -0.78 40.25 44.73
C VAL A 193 0.09 41.39 45.24
N PHE A 194 0.96 41.92 44.38
CA PHE A 194 1.79 43.05 44.79
C PHE A 194 0.94 44.25 45.18
N VAL A 195 -0.10 44.55 44.40
CA VAL A 195 -1.00 45.64 44.75
C VAL A 195 -1.85 45.28 45.97
N SER A 196 -2.29 44.02 46.04
CA SER A 196 -3.16 43.61 47.15
C SER A 196 -2.47 43.79 48.49
N VAL A 197 -1.17 43.53 48.54
CA VAL A 197 -0.49 43.55 49.83
C VAL A 197 -0.53 44.95 50.45
N TYR A 198 -0.49 46.00 49.62
CA TYR A 198 -0.54 47.34 50.18
C TYR A 198 -1.99 47.79 50.35
N LEU A 199 -2.86 47.43 49.39
CA LEU A 199 -4.25 47.85 49.49
C LEU A 199 -4.99 47.17 50.65
N ASN A 200 -4.40 46.15 51.26
CA ASN A 200 -4.95 45.40 52.39
C ASN A 200 -6.25 44.68 52.04
N ARG A 201 -6.64 44.63 50.76
CA ARG A 201 -7.83 43.93 50.32
C ARG A 201 -7.46 42.94 49.22
N SER A 202 -8.06 41.76 49.28
CA SER A 202 -7.78 40.67 48.36
C SER A 202 -8.99 40.40 47.48
N TRP A 203 -8.74 40.30 46.18
CA TRP A 203 -9.73 39.93 45.19
C TRP A 203 -9.29 38.64 44.52
N LEU A 204 -10.25 37.75 44.25
CA LEU A 204 -9.91 36.47 43.65
C LEU A 204 -9.23 36.65 42.30
N GLY A 205 -9.77 37.53 41.47
CA GLY A 205 -9.09 37.94 40.26
C GLY A 205 -8.82 36.79 39.31
N LEU A 206 -7.61 36.79 38.74
CA LEU A 206 -7.21 35.84 37.70
C LEU A 206 -6.21 34.81 38.22
N ARG A 207 -6.34 34.40 39.48
CA ARG A 207 -5.41 33.42 40.04
C ARG A 207 -5.53 32.06 39.39
N PHE A 208 -6.67 31.76 38.75
CA PHE A 208 -6.82 30.47 38.08
C PHE A 208 -5.80 30.29 36.97
N LEU A 209 -5.30 31.40 36.42
CA LEU A 209 -4.27 31.33 35.39
C LEU A 209 -3.00 30.66 35.89
N ARG A 210 -2.82 30.57 37.21
CA ARG A 210 -1.69 29.83 37.77
C ARG A 210 -1.68 28.39 37.28
N ALA A 211 -2.86 27.80 37.05
CA ALA A 211 -2.93 26.43 36.56
C ALA A 211 -2.20 26.29 35.23
N LEU A 212 -2.18 27.35 34.42
CA LEU A 212 -1.51 27.30 33.13
C LEU A 212 -0.01 27.02 33.28
N ARG A 213 0.57 27.32 34.44
CA ARG A 213 1.97 27.00 34.65
C ARG A 213 2.25 25.51 34.49
N LEU A 214 1.25 24.68 34.75
CA LEU A 214 1.40 23.23 34.56
C LEU A 214 1.81 22.88 33.13
N ILE A 215 1.48 23.71 32.15
CA ILE A 215 1.86 23.44 30.77
C ILE A 215 3.37 23.35 30.64
N GLN A 216 4.12 24.09 31.46
CA GLN A 216 5.57 24.05 31.37
C GLN A 216 6.16 22.77 31.93
N PHE A 217 5.39 22.01 32.72
CA PHE A 217 5.93 20.89 33.47
C PHE A 217 6.68 19.91 32.57
N SER A 218 6.06 19.54 31.45
CA SER A 218 6.68 18.60 30.53
C SER A 218 8.07 19.08 30.11
N GLU A 219 8.17 20.36 29.71
CA GLU A 219 9.46 20.90 29.31
C GLU A 219 10.47 20.79 30.45
N ILE A 220 10.02 21.05 31.68
CA ILE A 220 10.88 20.91 32.84
C ILE A 220 11.44 19.49 32.90
N LEU A 221 10.56 18.50 32.71
CA LEU A 221 11.00 17.11 32.78
C LEU A 221 11.97 16.75 31.67
N GLN A 222 12.00 17.54 30.59
CA GLN A 222 12.98 17.32 29.54
C GLN A 222 14.29 18.04 29.82
N PHE A 223 14.28 19.07 30.66
CA PHE A 223 15.52 19.74 31.02
C PHE A 223 16.33 18.93 32.03
N LEU A 224 15.66 18.10 32.83
CA LEU A 224 16.30 17.28 33.85
C LEU A 224 16.71 15.90 33.33
N ASN A 225 16.56 15.66 32.02
CA ASN A 225 16.91 14.39 31.39
C ASN A 225 16.09 13.24 31.95
N ILE A 226 14.87 13.54 32.42
CA ILE A 226 13.97 12.51 32.91
C ILE A 226 13.10 11.96 31.79
N LEU A 227 12.63 12.84 30.90
CA LEU A 227 11.78 12.45 29.78
C LEU A 227 12.67 12.29 28.54
N LYS A 228 12.81 11.06 28.08
CA LYS A 228 13.60 10.77 26.88
C LYS A 228 12.83 9.96 25.85
N THR A 229 11.98 9.04 26.28
CA THR A 229 11.19 8.24 25.36
C THR A 229 10.09 9.10 24.73
N SER A 230 9.81 8.86 23.45
CA SER A 230 8.78 9.62 22.76
C SER A 230 7.41 9.39 23.38
N ASN A 231 7.10 8.14 23.76
CA ASN A 231 5.80 7.85 24.35
C ASN A 231 5.63 8.57 25.68
N SER A 232 6.66 8.58 26.53
CA SER A 232 6.57 9.26 27.81
C SER A 232 6.41 10.76 27.62
N ILE A 233 7.15 11.34 26.67
CA ILE A 233 7.03 12.77 26.41
C ILE A 233 5.63 13.12 25.93
N LYS A 234 5.09 12.30 25.01
CA LYS A 234 3.74 12.54 24.51
C LYS A 234 2.70 12.43 25.62
N LEU A 235 2.84 11.41 26.47
CA LEU A 235 1.88 11.22 27.56
C LEU A 235 1.93 12.39 28.53
N VAL A 236 3.13 12.84 28.91
CA VAL A 236 3.24 13.95 29.84
C VAL A 236 2.69 15.23 29.21
N ASN A 237 3.00 15.46 27.93
CA ASN A 237 2.47 16.64 27.24
C ASN A 237 0.94 16.64 27.26
N LEU A 238 0.34 15.51 26.87
CA LEU A 238 -1.12 15.43 26.80
C LEU A 238 -1.74 15.62 28.18
N LEU A 239 -1.20 14.95 29.20
CA LEU A 239 -1.75 15.07 30.54
C LEU A 239 -1.64 16.49 31.07
N SER A 240 -0.47 17.12 30.88
CA SER A 240 -0.28 18.48 31.36
C SER A 240 -1.23 19.44 30.68
N ILE A 241 -1.32 19.37 29.35
CA ILE A 241 -2.19 20.29 28.61
C ILE A 241 -3.64 20.10 29.02
N PHE A 242 -4.07 18.83 29.10
CA PHE A 242 -5.47 18.53 29.43
C PHE A 242 -5.82 19.03 30.82
N ILE A 243 -5.01 18.68 31.82
CA ILE A 243 -5.31 19.07 33.20
C ILE A 243 -5.24 20.58 33.36
N SER A 244 -4.25 21.22 32.73
CA SER A 244 -4.11 22.67 32.85
C SER A 244 -5.31 23.38 32.23
N THR A 245 -5.72 22.95 31.03
CA THR A 245 -6.88 23.57 30.39
C THR A 245 -8.13 23.37 31.23
N TRP A 246 -8.34 22.16 31.73
CA TRP A 246 -9.52 21.87 32.55
C TRP A 246 -9.56 22.76 33.78
N LEU A 247 -8.45 22.82 34.53
CA LEU A 247 -8.43 23.59 35.77
C LEU A 247 -8.55 25.09 35.51
N THR A 248 -7.89 25.59 34.47
CA THR A 248 -7.96 27.02 34.19
C THR A 248 -9.36 27.42 33.74
N ALA A 249 -10.00 26.62 32.89
CA ALA A 249 -11.36 26.92 32.48
C ALA A 249 -12.33 26.84 33.66
N ALA A 250 -12.12 25.85 34.55
CA ALA A 250 -12.96 25.75 35.74
C ALA A 250 -12.79 26.98 36.63
N GLY A 251 -11.56 27.46 36.80
CA GLY A 251 -11.35 28.65 37.59
C GLY A 251 -11.97 29.90 36.98
N PHE A 252 -11.88 30.03 35.65
CA PHE A 252 -12.52 31.15 34.98
C PHE A 252 -14.03 31.12 35.18
N ILE A 253 -14.63 29.93 35.03
CA ILE A 253 -16.07 29.81 35.24
C ILE A 253 -16.43 30.13 36.68
N HIS A 254 -15.63 29.66 37.63
CA HIS A 254 -15.87 29.96 39.04
C HIS A 254 -15.86 31.46 39.28
N LEU A 255 -14.86 32.15 38.75
CA LEU A 255 -14.76 33.59 38.95
C LEU A 255 -15.95 34.32 38.34
N VAL A 256 -16.28 34.03 37.09
CA VAL A 256 -17.36 34.77 36.44
C VAL A 256 -18.71 34.47 37.06
N GLU A 257 -18.92 33.22 37.52
CA GLU A 257 -20.21 32.88 38.11
C GLU A 257 -20.36 33.46 39.52
N ASN A 258 -19.29 33.46 40.32
CA ASN A 258 -19.40 33.99 41.66
C ASN A 258 -19.41 35.52 41.68
N SER A 259 -18.68 36.16 40.77
CA SER A 259 -18.65 37.62 40.75
C SER A 259 -19.95 38.19 40.18
N GLY A 260 -20.46 37.59 39.11
CA GLY A 260 -21.65 38.09 38.45
C GLY A 260 -21.33 39.02 37.29
N ASP A 261 -22.37 39.41 36.59
CA ASP A 261 -22.21 40.30 35.43
C ASP A 261 -21.92 41.72 35.89
N PRO A 262 -20.81 42.33 35.44
CA PRO A 262 -20.49 43.68 35.91
C PRO A 262 -21.54 44.72 35.55
N TRP A 263 -22.18 44.58 34.38
CA TRP A 263 -23.14 45.58 33.94
C TRP A 263 -24.52 45.41 34.58
N GLU A 264 -24.75 44.32 35.31
CA GLU A 264 -26.01 44.11 36.02
C GLU A 264 -25.86 44.34 37.52
N ASN A 265 -24.89 45.15 37.94
CA ASN A 265 -24.62 45.43 39.35
C ASN A 265 -24.30 44.16 40.14
N PHE A 266 -23.73 43.16 39.45
CA PHE A 266 -23.31 41.90 40.06
C PHE A 266 -24.48 41.22 40.77
N GLN A 267 -25.67 41.32 40.18
CA GLN A 267 -26.86 40.65 40.71
C GLN A 267 -27.11 39.29 40.07
N ASN A 268 -26.26 38.87 39.14
CA ASN A 268 -26.38 37.58 38.47
C ASN A 268 -25.49 36.52 39.09
N ASN A 269 -24.88 36.81 40.24
CA ASN A 269 -23.92 35.89 40.83
C ASN A 269 -24.58 34.57 41.21
N GLN A 270 -23.83 33.48 41.06
CA GLN A 270 -24.28 32.14 41.41
C GLN A 270 -23.30 31.54 42.41
N ALA A 271 -23.83 30.99 43.50
CA ALA A 271 -23.00 30.42 44.56
C ALA A 271 -22.48 29.08 44.08
N LEU A 272 -21.35 29.09 43.37
CA LEU A 272 -20.71 27.90 42.86
C LEU A 272 -19.33 27.77 43.48
N THR A 273 -19.06 26.60 44.07
CA THR A 273 -17.73 26.33 44.58
C THR A 273 -16.80 25.91 43.44
N TYR A 274 -15.50 25.91 43.72
CA TYR A 274 -14.53 25.54 42.69
C TYR A 274 -14.69 24.08 42.27
N TRP A 275 -14.96 23.19 43.24
CA TRP A 275 -15.19 21.79 42.90
C TRP A 275 -16.43 21.62 42.03
N GLU A 276 -17.48 22.39 42.32
CA GLU A 276 -18.68 22.33 41.51
C GLU A 276 -18.41 22.77 40.08
N CYS A 277 -17.60 23.81 39.90
CA CYS A 277 -17.25 24.25 38.56
C CYS A 277 -16.36 23.24 37.84
N VAL A 278 -15.44 22.61 38.58
CA VAL A 278 -14.62 21.56 37.98
C VAL A 278 -15.50 20.40 37.49
N TYR A 279 -16.48 20.00 38.31
CA TYR A 279 -17.41 18.96 37.91
C TYR A 279 -18.26 19.41 36.71
N LEU A 280 -18.66 20.68 36.70
CA LEU A 280 -19.46 21.19 35.59
C LEU A 280 -18.71 21.13 34.28
N LEU A 281 -17.43 21.54 34.29
CA LEU A 281 -16.67 21.48 33.04
C LEU A 281 -16.24 20.06 32.69
N MET A 282 -16.13 19.17 33.67
CA MET A 282 -16.02 17.75 33.35
C MET A 282 -17.24 17.25 32.60
N VAL A 283 -18.43 17.61 33.08
CA VAL A 283 -19.67 17.17 32.43
C VAL A 283 -19.79 17.79 31.04
N THR A 284 -19.46 19.08 30.90
CA THR A 284 -19.61 19.76 29.63
C THR A 284 -18.60 19.26 28.61
N MET A 285 -17.33 19.18 28.99
CA MET A 285 -16.26 18.88 28.05
C MET A 285 -16.37 17.47 27.48
N SER A 286 -17.07 16.58 28.17
CA SER A 286 -17.32 15.22 27.69
C SER A 286 -18.61 15.10 26.90
N THR A 287 -19.32 16.21 26.66
CA THR A 287 -20.58 16.25 25.93
C THR A 287 -21.69 15.47 26.62
N VAL A 288 -21.55 15.19 27.92
CA VAL A 288 -22.60 14.47 28.63
C VAL A 288 -23.77 15.39 28.90
N GLY A 289 -23.56 16.44 29.67
CA GLY A 289 -24.61 17.40 29.95
C GLY A 289 -25.56 16.89 31.01
N TYR A 290 -25.81 17.68 32.03
CA TYR A 290 -26.78 17.29 33.03
C TYR A 290 -27.82 18.37 33.30
N GLY A 291 -27.41 19.63 33.31
CA GLY A 291 -28.30 20.71 33.68
C GLY A 291 -28.47 20.91 35.16
N ASP A 292 -27.89 20.05 36.00
CA ASP A 292 -27.94 20.26 37.44
C ASP A 292 -27.12 21.48 37.83
N VAL A 293 -25.98 21.69 37.17
CA VAL A 293 -25.18 22.89 37.32
C VAL A 293 -24.84 23.42 35.93
N TYR A 294 -24.97 24.72 35.75
CA TYR A 294 -24.65 25.34 34.47
C TYR A 294 -24.37 26.82 34.70
N ALA A 295 -23.69 27.42 33.73
CA ALA A 295 -23.40 28.85 33.79
C ALA A 295 -24.65 29.66 33.48
N LYS A 296 -24.93 30.65 34.33
CA LYS A 296 -26.11 31.49 34.17
C LYS A 296 -25.81 32.91 33.74
N THR A 297 -24.59 33.40 33.97
CA THR A 297 -24.23 34.76 33.59
C THR A 297 -23.89 34.82 32.10
N THR A 298 -23.89 36.04 31.57
CA THR A 298 -23.57 36.24 30.16
C THR A 298 -22.12 35.91 29.86
N LEU A 299 -21.20 36.36 30.72
CA LEU A 299 -19.79 36.03 30.54
C LEU A 299 -19.56 34.54 30.66
N GLY A 300 -20.20 33.90 31.63
CA GLY A 300 -20.09 32.46 31.76
C GLY A 300 -20.58 31.72 30.53
N ARG A 301 -21.68 32.19 29.94
CA ARG A 301 -22.21 31.51 28.75
C ARG A 301 -21.36 31.78 27.52
N LEU A 302 -20.78 32.98 27.39
CA LEU A 302 -19.84 33.22 26.30
C LEU A 302 -18.62 32.31 26.41
N PHE A 303 -18.06 32.22 27.63
CA PHE A 303 -16.93 31.33 27.83
C PHE A 303 -17.32 29.87 27.58
N MET A 304 -18.55 29.49 27.95
CA MET A 304 -19.00 28.14 27.65
C MET A 304 -19.10 27.91 26.15
N VAL A 305 -19.54 28.93 25.40
CA VAL A 305 -19.63 28.79 23.95
C VAL A 305 -18.25 28.55 23.35
N PHE A 306 -17.24 29.31 23.79
CA PHE A 306 -15.89 29.09 23.27
C PHE A 306 -15.30 27.76 23.75
N PHE A 307 -15.49 27.45 25.02
CA PHE A 307 -14.92 26.24 25.59
C PHE A 307 -15.57 24.99 25.02
N ILE A 308 -16.83 25.07 24.58
CA ILE A 308 -17.44 23.92 23.93
C ILE A 308 -16.57 23.47 22.77
N LEU A 309 -16.36 24.34 21.79
CA LEU A 309 -15.47 24.03 20.68
C LEU A 309 -14.11 23.53 21.18
N GLY A 310 -13.42 24.39 21.93
CA GLY A 310 -12.06 24.06 22.34
C GLY A 310 -11.91 22.79 23.14
N GLY A 311 -12.51 22.77 24.33
CA GLY A 311 -12.39 21.65 25.22
C GLY A 311 -13.01 20.37 24.69
N LEU A 312 -14.10 20.46 23.92
CA LEU A 312 -14.67 19.26 23.34
C LEU A 312 -13.70 18.61 22.36
N ALA A 313 -13.10 19.42 21.48
CA ALA A 313 -12.10 18.87 20.57
C ALA A 313 -10.92 18.29 21.35
N MET A 314 -10.46 19.01 22.38
CA MET A 314 -9.32 18.53 23.15
C MET A 314 -9.62 17.22 23.86
N PHE A 315 -10.80 17.12 24.48
CA PHE A 315 -11.19 15.89 25.16
C PHE A 315 -11.25 14.73 24.19
N ALA A 316 -11.95 14.92 23.07
CA ALA A 316 -12.13 13.85 22.10
C ALA A 316 -10.80 13.37 21.54
N SER A 317 -9.88 14.29 21.28
CA SER A 317 -8.61 13.90 20.69
C SER A 317 -7.52 13.55 21.72
N TYR A 318 -7.77 13.76 23.01
CA TYR A 318 -6.77 13.52 24.04
C TYR A 318 -7.06 12.30 24.90
N VAL A 319 -8.29 12.17 25.40
CA VAL A 319 -8.57 11.11 26.38
C VAL A 319 -8.29 9.71 25.83
N PRO A 320 -8.76 9.33 24.63
CA PRO A 320 -8.37 8.01 24.10
C PRO A 320 -6.87 7.86 23.95
N GLU A 321 -6.17 8.90 23.53
CA GLU A 321 -4.72 8.82 23.36
C GLU A 321 -4.01 8.62 24.70
N ILE A 322 -4.43 9.37 25.72
CA ILE A 322 -3.85 9.20 27.05
C ILE A 322 -4.11 7.80 27.57
N ILE A 323 -5.34 7.31 27.40
CA ILE A 323 -5.69 5.98 27.89
C ILE A 323 -4.87 4.92 27.17
N GLU A 324 -4.70 5.04 25.86
CA GLU A 324 -3.93 4.04 25.11
C GLU A 324 -2.44 4.13 25.45
N LEU A 325 -1.94 5.32 25.77
CA LEU A 325 -0.54 5.45 26.15
C LEU A 325 -0.28 4.84 27.53
N ILE A 326 -1.20 5.09 28.48
CA ILE A 326 -1.02 4.53 29.83
C ILE A 326 -1.21 3.03 29.82
N GLY A 327 -2.23 2.54 29.10
CA GLY A 327 -2.57 1.13 29.14
C GLY A 327 -1.54 0.21 28.53
N ASN A 328 -0.90 0.61 27.44
CA ASN A 328 0.04 -0.26 26.74
C ASN A 328 1.32 -0.44 27.55
N ARG A 329 1.87 -1.64 27.49
CA ARG A 329 3.10 -2.04 28.16
C ARG A 329 3.35 -3.50 27.79
N LYS A 330 4.50 -4.02 28.20
CA LYS A 330 4.80 -5.43 27.99
C LYS A 330 3.86 -6.30 28.83
N LYS A 331 3.37 -7.37 28.23
CA LYS A 331 2.48 -8.29 28.90
C LYS A 331 3.17 -9.57 29.36
N TYR A 332 4.15 -10.05 28.59
CA TYR A 332 4.92 -11.24 28.92
C TYR A 332 6.38 -10.88 29.13
N GLY A 333 6.63 -9.78 29.81
CA GLY A 333 7.97 -9.28 30.06
C GLY A 333 8.66 -9.84 31.28
N GLY A 334 8.06 -10.83 31.94
CA GLY A 334 8.68 -11.44 33.10
C GLY A 334 9.78 -12.42 32.73
N SER A 335 10.30 -13.07 33.75
CA SER A 335 11.39 -14.04 33.59
C SER A 335 10.95 -15.38 34.16
N TYR A 336 11.28 -16.45 33.43
CA TYR A 336 10.94 -17.79 33.88
C TYR A 336 11.72 -18.13 35.15
N SER A 337 11.03 -18.75 36.11
CA SER A 337 11.62 -19.14 37.38
C SER A 337 11.79 -20.65 37.39
N ALA A 338 13.04 -21.10 37.36
CA ALA A 338 13.34 -22.53 37.37
C ALA A 338 12.95 -23.15 38.71
N VAL A 339 12.47 -24.39 38.65
CA VAL A 339 12.06 -25.13 39.83
C VAL A 339 12.96 -26.35 39.99
N SER A 340 13.48 -26.54 41.19
CA SER A 340 14.39 -27.65 41.45
C SER A 340 13.67 -28.98 41.26
N GLY A 341 14.37 -29.94 40.64
CA GLY A 341 13.81 -31.24 40.38
C GLY A 341 13.01 -31.35 39.11
N ARG A 342 12.83 -30.26 38.38
CA ARG A 342 12.07 -30.25 37.13
C ARG A 342 12.86 -29.53 36.06
N LYS A 343 12.90 -30.13 34.88
CA LYS A 343 13.61 -29.57 33.74
C LYS A 343 12.67 -28.80 32.84
N HIS A 344 13.24 -27.90 32.04
CA HIS A 344 12.46 -27.10 31.12
C HIS A 344 13.20 -26.96 29.80
N ILE A 345 12.44 -26.81 28.73
CA ILE A 345 12.99 -26.60 27.39
C ILE A 345 12.47 -25.27 26.88
N VAL A 346 13.20 -24.70 25.92
CA VAL A 346 12.89 -23.41 25.33
C VAL A 346 12.60 -23.61 23.85
N VAL A 347 11.47 -23.07 23.39
CA VAL A 347 11.03 -23.21 22.01
C VAL A 347 10.97 -21.82 21.39
N CYS A 348 11.64 -21.65 20.26
CA CYS A 348 11.67 -20.38 19.54
C CYS A 348 11.51 -20.66 18.05
N GLY A 349 11.58 -19.61 17.25
CA GLY A 349 11.47 -19.75 15.81
C GLY A 349 10.09 -19.39 15.29
N HIS A 350 9.60 -20.18 14.33
CA HIS A 350 8.28 -19.95 13.74
C HIS A 350 7.22 -20.39 14.74
N ILE A 351 6.69 -19.43 15.48
CA ILE A 351 5.70 -19.69 16.54
C ILE A 351 4.36 -19.20 16.04
N THR A 352 3.49 -20.14 15.66
CA THR A 352 2.12 -19.85 15.25
C THR A 352 1.18 -20.77 16.00
N LEU A 353 -0.12 -20.56 15.83
CA LEU A 353 -1.11 -21.38 16.50
C LEU A 353 -1.01 -22.83 16.05
N GLU A 354 -0.87 -23.06 14.74
CA GLU A 354 -0.84 -24.42 14.22
C GLU A 354 0.42 -25.16 14.67
N SER A 355 1.58 -24.52 14.54
CA SER A 355 2.83 -25.17 14.93
C SER A 355 2.87 -25.47 16.42
N VAL A 356 2.44 -24.50 17.24
CA VAL A 356 2.43 -24.71 18.69
C VAL A 356 1.45 -25.81 19.06
N SER A 357 0.26 -25.82 18.44
CA SER A 357 -0.72 -26.85 18.74
C SER A 357 -0.19 -28.23 18.37
N ASN A 358 0.43 -28.36 17.20
CA ASN A 358 0.99 -29.64 16.80
C ASN A 358 2.10 -30.09 17.75
N PHE A 359 2.99 -29.15 18.12
CA PHE A 359 4.08 -29.49 19.02
C PHE A 359 3.56 -29.93 20.39
N LEU A 360 2.54 -29.24 20.90
CA LEU A 360 1.99 -29.61 22.20
C LEU A 360 1.26 -30.94 22.14
N LYS A 361 0.55 -31.21 21.04
CA LYS A 361 -0.13 -32.48 20.89
C LYS A 361 0.86 -33.63 20.82
N ASP A 362 1.96 -33.45 20.11
CA ASP A 362 2.94 -34.52 19.94
C ASP A 362 4.00 -34.56 21.04
N PHE A 363 3.99 -33.59 21.95
CA PHE A 363 4.97 -33.53 23.04
C PHE A 363 4.39 -33.97 24.38
N LEU A 364 3.13 -33.64 24.65
CA LEU A 364 2.50 -33.94 25.93
C LEU A 364 1.52 -35.11 25.84
N HIS A 365 1.69 -35.98 24.86
CA HIS A 365 0.80 -37.12 24.70
C HIS A 365 0.93 -38.08 25.88
N LYS A 366 -0.20 -38.68 26.26
CA LYS A 366 -0.22 -39.62 27.38
C LYS A 366 0.51 -40.92 27.07
N ASP A 367 0.85 -41.18 25.81
CA ASP A 367 1.59 -42.38 25.45
C ASP A 367 2.99 -42.41 26.03
N ARG A 368 3.57 -41.25 26.34
CA ARG A 368 4.89 -41.17 26.92
C ARG A 368 4.82 -41.42 28.42
N ASP A 369 5.99 -41.48 29.06
CA ASP A 369 6.05 -41.63 30.50
C ASP A 369 5.55 -40.35 31.19
N ASP A 370 5.45 -40.41 32.52
CA ASP A 370 5.05 -39.25 33.29
C ASP A 370 6.20 -38.25 33.38
N VAL A 371 6.55 -37.64 32.24
CA VAL A 371 7.68 -36.72 32.19
C VAL A 371 7.22 -35.33 32.60
N ASN A 372 7.89 -34.77 33.60
CA ASN A 372 7.60 -33.41 34.05
C ASN A 372 8.65 -32.47 33.46
N VAL A 373 8.42 -32.08 32.20
CA VAL A 373 9.29 -31.18 31.48
C VAL A 373 8.48 -29.96 31.07
N GLU A 374 8.83 -28.80 31.62
CA GLU A 374 8.13 -27.57 31.28
C GLU A 374 8.57 -27.08 29.90
N ILE A 375 7.66 -26.37 29.24
CA ILE A 375 7.91 -25.78 27.92
C ILE A 375 7.80 -24.27 28.06
N VAL A 376 8.81 -23.56 27.57
CA VAL A 376 8.86 -22.11 27.64
C VAL A 376 9.04 -21.60 26.21
N PHE A 377 8.03 -20.90 25.70
CA PHE A 377 8.10 -20.32 24.38
C PHE A 377 8.68 -18.91 24.46
N LEU A 378 9.55 -18.58 23.51
CA LEU A 378 10.15 -17.25 23.42
C LEU A 378 9.85 -16.71 22.03
N HIS A 379 9.01 -15.69 21.96
CA HIS A 379 8.61 -15.16 20.65
C HIS A 379 8.51 -13.65 20.71
N ASN A 380 9.03 -12.98 19.67
CA ASN A 380 9.02 -11.52 19.62
C ASN A 380 7.64 -10.95 19.28
N ILE A 381 6.69 -11.78 18.85
CA ILE A 381 5.36 -11.34 18.48
C ILE A 381 4.39 -11.79 19.56
N SER A 382 3.56 -10.87 20.03
CA SER A 382 2.58 -11.20 21.05
C SER A 382 1.54 -12.17 20.49
N PRO A 383 1.16 -13.19 21.25
CA PRO A 383 0.20 -14.17 20.73
C PRO A 383 -1.19 -13.57 20.58
N ASN A 384 -1.96 -14.13 19.66
CA ASN A 384 -3.33 -13.70 19.44
C ASN A 384 -4.24 -14.40 20.46
N LEU A 385 -5.56 -14.22 20.30
CA LEU A 385 -6.50 -14.77 21.28
C LEU A 385 -6.50 -16.29 21.26
N GLU A 386 -6.42 -16.90 20.06
CA GLU A 386 -6.42 -18.35 19.98
C GLU A 386 -5.18 -18.96 20.63
N LEU A 387 -4.02 -18.36 20.39
CA LEU A 387 -2.79 -18.85 21.03
C LEU A 387 -2.85 -18.66 22.53
N GLU A 388 -3.41 -17.54 22.99
CA GLU A 388 -3.57 -17.33 24.43
C GLU A 388 -4.49 -18.38 25.04
N ALA A 389 -5.58 -18.72 24.36
CA ALA A 389 -6.47 -19.76 24.85
C ALA A 389 -5.78 -21.11 24.89
N LEU A 390 -4.99 -21.42 23.86
CA LEU A 390 -4.24 -22.67 23.84
C LEU A 390 -3.25 -22.73 25.00
N PHE A 391 -2.58 -21.60 25.29
CA PHE A 391 -1.67 -21.56 26.43
C PHE A 391 -2.42 -21.73 27.75
N LYS A 392 -3.62 -21.15 27.84
CA LYS A 392 -4.43 -21.30 29.04
C LYS A 392 -4.85 -22.75 29.25
N ARG A 393 -5.13 -23.46 28.16
CA ARG A 393 -5.49 -24.87 28.28
C ARG A 393 -4.34 -25.68 28.86
N HIS A 394 -3.12 -25.40 28.43
CA HIS A 394 -1.92 -26.01 29.01
C HIS A 394 -1.31 -25.08 30.06
N PHE A 395 -2.08 -24.86 31.13
CA PHE A 395 -1.74 -23.83 32.11
C PHE A 395 -0.49 -24.20 32.90
N THR A 396 -0.37 -25.46 33.32
CA THR A 396 0.72 -25.89 34.19
C THR A 396 1.90 -26.48 33.43
N GLN A 397 1.82 -26.57 32.10
CA GLN A 397 2.89 -27.17 31.33
C GLN A 397 3.57 -26.22 30.36
N VAL A 398 2.94 -25.09 30.03
CA VAL A 398 3.43 -24.19 28.99
C VAL A 398 3.45 -22.77 29.54
N GLU A 399 4.56 -22.07 29.33
CA GLU A 399 4.68 -20.66 29.64
C GLU A 399 5.19 -19.93 28.41
N PHE A 400 4.82 -18.66 28.28
CA PHE A 400 5.18 -17.86 27.13
C PHE A 400 5.89 -16.58 27.57
N TYR A 401 6.82 -16.12 26.74
CA TYR A 401 7.54 -14.88 27.00
C TYR A 401 7.83 -14.19 25.68
N GLN A 402 7.75 -12.86 25.71
CA GLN A 402 7.93 -12.03 24.52
C GLN A 402 9.37 -11.53 24.49
N GLY A 403 10.03 -11.74 23.35
CA GLY A 403 11.40 -11.31 23.20
C GLY A 403 11.99 -11.89 21.93
N SER A 404 13.14 -11.36 21.57
CA SER A 404 13.86 -11.77 20.37
C SER A 404 15.00 -12.72 20.74
N VAL A 405 15.22 -13.72 19.89
CA VAL A 405 16.33 -14.64 20.11
C VAL A 405 17.67 -13.92 19.98
N LEU A 406 17.75 -12.94 19.07
CA LEU A 406 18.98 -12.19 18.88
C LEU A 406 19.31 -11.28 20.05
N ASN A 407 18.38 -11.08 20.98
CA ASN A 407 18.64 -10.24 22.16
C ASN A 407 19.14 -11.11 23.31
N PRO A 408 20.35 -10.89 23.81
CA PRO A 408 20.84 -11.71 24.94
C PRO A 408 20.01 -11.58 26.19
N HIS A 409 19.40 -10.42 26.43
CA HIS A 409 18.60 -10.24 27.64
C HIS A 409 17.37 -11.14 27.63
N ASP A 410 16.71 -11.26 26.49
CA ASP A 410 15.57 -12.17 26.38
C ASP A 410 15.99 -13.62 26.58
N LEU A 411 17.15 -14.00 26.06
CA LEU A 411 17.66 -15.35 26.29
C LEU A 411 17.98 -15.58 27.77
N ALA A 412 18.42 -14.53 28.46
CA ALA A 412 18.69 -14.67 29.89
C ALA A 412 17.40 -14.72 30.70
N ARG A 413 16.33 -14.12 30.20
CA ARG A 413 15.06 -14.09 30.94
C ARG A 413 14.48 -15.48 31.09
N VAL A 414 14.56 -16.31 30.04
CA VAL A 414 13.94 -17.62 30.04
C VAL A 414 14.85 -18.66 30.68
N LYS A 415 15.96 -18.20 31.26
CA LYS A 415 16.93 -19.05 31.95
C LYS A 415 17.42 -20.17 31.02
N ILE A 416 17.91 -19.77 29.85
CA ILE A 416 18.43 -20.70 28.87
C ILE A 416 19.66 -21.44 29.40
N GLU A 417 20.41 -20.83 30.32
CA GLU A 417 21.59 -21.49 30.88
C GLU A 417 21.22 -22.78 31.59
N SER A 418 20.01 -22.88 32.12
CA SER A 418 19.54 -24.09 32.78
C SER A 418 18.57 -24.91 31.93
N ALA A 419 18.28 -24.46 30.71
CA ALA A 419 17.35 -25.18 29.86
C ALA A 419 17.96 -26.50 29.41
N ASP A 420 17.12 -27.54 29.33
CA ASP A 420 17.59 -28.84 28.88
C ASP A 420 17.91 -28.84 27.39
N ALA A 421 17.12 -28.12 26.58
CA ALA A 421 17.37 -28.03 25.16
C ALA A 421 16.67 -26.79 24.61
N CYS A 422 17.04 -26.41 23.40
CA CYS A 422 16.42 -25.30 22.69
C CYS A 422 15.94 -25.81 21.33
N LEU A 423 14.67 -25.60 21.04
CA LEU A 423 14.05 -26.07 19.81
C LEU A 423 13.67 -24.89 18.94
N ILE A 424 14.08 -24.92 17.67
CA ILE A 424 13.82 -23.84 16.72
C ILE A 424 12.94 -24.38 15.61
N LEU A 425 11.84 -23.70 15.34
CA LEU A 425 10.89 -24.11 14.31
C LEU A 425 10.98 -23.16 13.13
N ALA A 426 10.81 -23.70 11.92
CA ALA A 426 10.95 -22.95 10.69
C ALA A 426 9.63 -22.90 9.94
N ASN A 427 9.43 -21.84 9.17
CA ASN A 427 8.26 -21.69 8.32
C ASN A 427 8.52 -22.42 7.02
N LYS A 428 8.00 -23.64 6.90
CA LYS A 428 8.25 -24.48 5.73
C LYS A 428 7.55 -23.98 4.48
N TYR A 429 6.63 -23.01 4.61
CA TYR A 429 5.85 -22.53 3.48
C TYR A 429 6.21 -21.09 3.10
N CYS A 430 7.42 -20.65 3.43
CA CYS A 430 7.86 -19.32 3.08
C CYS A 430 8.01 -19.16 1.58
N ALA A 431 7.78 -17.94 1.09
CA ALA A 431 7.96 -17.66 -0.33
C ALA A 431 9.40 -17.84 -0.75
N ASP A 432 10.34 -17.38 0.07
CA ASP A 432 11.77 -17.51 -0.21
C ASP A 432 12.41 -18.44 0.82
N PRO A 433 12.73 -19.70 0.45
CA PRO A 433 13.36 -20.59 1.43
C PRO A 433 14.70 -20.09 1.94
N ASP A 434 15.47 -19.39 1.10
CA ASP A 434 16.79 -18.92 1.51
C ASP A 434 16.70 -17.93 2.67
N ALA A 435 15.72 -17.02 2.62
CA ALA A 435 15.57 -16.04 3.69
C ALA A 435 15.24 -16.71 5.02
N GLU A 436 14.33 -17.67 5.00
CA GLU A 436 13.98 -18.37 6.24
C GLU A 436 15.15 -19.20 6.75
N ASP A 437 15.88 -19.86 5.85
CA ASP A 437 17.05 -20.62 6.27
C ASP A 437 18.08 -19.70 6.92
N ALA A 438 18.30 -18.52 6.34
CA ALA A 438 19.25 -17.57 6.90
C ALA A 438 18.80 -17.05 8.26
N SER A 439 17.50 -16.76 8.40
CA SER A 439 16.98 -16.30 9.68
C SER A 439 17.16 -17.37 10.75
N ASN A 440 16.90 -18.63 10.41
CA ASN A 440 17.16 -19.71 11.36
C ASN A 440 18.65 -19.84 11.65
N ILE A 441 19.50 -19.58 10.65
CA ILE A 441 20.94 -19.65 10.86
C ILE A 441 21.38 -18.63 11.90
N MET A 442 20.87 -17.40 11.81
CA MET A 442 21.24 -16.40 12.82
C MET A 442 20.53 -16.61 14.14
N ARG A 443 19.37 -17.25 14.17
CA ARG A 443 18.81 -17.65 15.46
C ARG A 443 19.74 -18.65 16.14
N VAL A 444 20.24 -19.62 15.39
CA VAL A 444 21.22 -20.59 15.90
C VAL A 444 22.47 -19.87 16.35
N ILE A 445 22.94 -18.91 15.55
CA ILE A 445 24.14 -18.16 15.89
C ILE A 445 23.97 -17.42 17.20
N SER A 446 22.82 -16.76 17.39
CA SER A 446 22.58 -16.02 18.61
C SER A 446 22.50 -16.93 19.83
N ILE A 447 21.76 -18.04 19.72
CA ILE A 447 21.63 -18.92 20.89
C ILE A 447 22.97 -19.57 21.23
N LYS A 448 23.77 -19.91 20.22
CA LYS A 448 25.10 -20.44 20.50
C LYS A 448 26.03 -19.37 21.06
N ASN A 449 25.83 -18.11 20.66
CA ASN A 449 26.63 -17.02 21.20
C ASN A 449 26.35 -16.81 22.68
N TYR A 450 25.07 -16.89 23.08
CA TYR A 450 24.74 -16.74 24.49
C TYR A 450 25.25 -17.94 25.29
N HIS A 451 24.78 -19.14 24.96
CA HIS A 451 25.24 -20.37 25.58
C HIS A 451 25.70 -21.33 24.49
N PRO A 452 26.99 -21.65 24.43
CA PRO A 452 27.47 -22.55 23.36
C PRO A 452 27.17 -24.01 23.65
N LYS A 453 27.05 -24.37 24.92
CA LYS A 453 26.83 -25.76 25.30
C LYS A 453 25.37 -26.18 25.26
N ILE A 454 24.45 -25.26 24.94
CA ILE A 454 23.04 -25.62 24.87
C ILE A 454 22.79 -26.52 23.67
N ARG A 455 21.83 -27.43 23.82
CA ARG A 455 21.45 -28.33 22.74
C ARG A 455 20.47 -27.64 21.81
N ILE A 456 20.72 -27.74 20.51
CA ILE A 456 19.91 -27.11 19.49
C ILE A 456 19.30 -28.18 18.60
N ILE A 457 17.97 -28.16 18.47
CA ILE A 457 17.25 -29.00 17.52
C ILE A 457 16.52 -28.05 16.59
N THR A 458 16.95 -27.98 15.33
CA THR A 458 16.42 -26.99 14.41
C THR A 458 16.11 -27.61 13.06
N GLN A 459 15.17 -27.01 12.34
CA GLN A 459 14.79 -27.45 11.00
C GLN A 459 15.54 -26.64 9.95
N MET A 460 16.02 -27.34 8.93
CA MET A 460 16.69 -26.71 7.80
C MET A 460 15.94 -27.05 6.52
N LEU A 461 15.59 -26.00 5.76
CA LEU A 461 14.81 -26.21 4.54
C LEU A 461 15.66 -26.76 3.39
N GLN A 462 16.94 -26.41 3.34
CA GLN A 462 17.81 -26.80 2.24
C GLN A 462 19.10 -27.38 2.79
N TYR A 463 19.71 -28.28 1.99
CA TYR A 463 20.93 -28.95 2.43
C TYR A 463 22.16 -28.03 2.33
N HIS A 464 22.20 -27.18 1.30
CA HIS A 464 23.33 -26.27 1.17
C HIS A 464 23.34 -25.24 2.30
N ASN A 465 22.16 -24.79 2.75
CA ASN A 465 22.09 -23.94 3.92
C ASN A 465 22.35 -24.72 5.20
N LYS A 466 22.03 -26.02 5.20
CA LYS A 466 22.34 -26.86 6.36
C LYS A 466 23.84 -26.99 6.55
N ALA A 467 24.59 -27.08 5.44
CA ALA A 467 26.04 -27.22 5.53
C ALA A 467 26.70 -26.01 6.17
N HIS A 468 26.03 -24.85 6.18
CA HIS A 468 26.58 -23.67 6.83
C HIS A 468 26.70 -23.87 8.34
N LEU A 469 25.72 -24.57 8.93
CA LEU A 469 25.72 -24.77 10.37
C LEU A 469 26.92 -25.60 10.83
N LEU A 470 27.40 -26.51 9.99
CA LEU A 470 28.54 -27.34 10.35
C LEU A 470 29.82 -26.54 10.53
N ASN A 471 29.86 -25.30 10.06
CA ASN A 471 31.02 -24.44 10.19
C ASN A 471 31.02 -23.64 11.48
N ILE A 472 29.95 -23.70 12.26
CA ILE A 472 29.89 -22.98 13.54
C ILE A 472 30.75 -23.73 14.56
N PRO A 473 31.65 -23.04 15.26
CA PRO A 473 32.48 -23.73 16.26
C PRO A 473 31.67 -24.39 17.37
N SER A 474 30.55 -23.80 17.76
CA SER A 474 29.73 -24.36 18.83
C SER A 474 28.83 -25.48 18.34
N TRP A 475 28.65 -25.63 17.03
CA TRP A 475 27.79 -26.67 16.47
C TRP A 475 28.50 -28.02 16.58
N ASN A 476 28.06 -28.85 17.53
CA ASN A 476 28.67 -30.14 17.78
C ASN A 476 27.61 -31.23 17.62
N TRP A 477 27.89 -32.22 16.76
CA TRP A 477 26.95 -33.31 16.57
C TRP A 477 26.91 -34.26 17.75
N LYS A 478 28.05 -34.42 18.46
CA LYS A 478 28.09 -35.32 19.59
C LYS A 478 27.19 -34.83 20.73
N GLU A 479 27.17 -33.52 20.96
CA GLU A 479 26.33 -32.98 22.04
C GLU A 479 24.84 -33.16 21.75
N GLY A 480 24.45 -33.11 20.48
CA GLY A 480 23.06 -33.28 20.12
C GLY A 480 22.50 -32.17 19.25
N ASP A 481 23.39 -31.41 18.61
CA ASP A 481 22.95 -30.37 17.68
C ASP A 481 22.38 -31.04 16.44
N ASP A 482 21.05 -31.13 16.38
CA ASP A 482 20.36 -31.89 15.35
C ASP A 482 19.70 -30.92 14.38
N ALA A 483 20.24 -30.86 13.17
CA ALA A 483 19.67 -30.07 12.08
C ALA A 483 18.84 -30.99 11.22
N ILE A 484 17.56 -31.14 11.59
CA ILE A 484 16.63 -31.95 10.81
C ILE A 484 16.41 -31.25 9.49
N CYS A 485 16.92 -31.84 8.41
CA CYS A 485 16.78 -31.26 7.08
C CYS A 485 15.50 -31.80 6.45
N LEU A 486 14.52 -30.92 6.25
CA LEU A 486 13.23 -31.35 5.72
C LEU A 486 13.36 -31.88 4.31
N ALA A 487 14.11 -31.18 3.45
CA ALA A 487 14.30 -31.65 2.08
C ALA A 487 15.06 -32.97 2.06
N GLU A 488 16.13 -33.07 2.84
CA GLU A 488 16.94 -34.28 2.85
C GLU A 488 16.14 -35.48 3.35
N LEU A 489 15.43 -35.30 4.46
CA LEU A 489 14.66 -36.41 5.02
C LEU A 489 13.48 -36.78 4.13
N LYS A 490 12.82 -35.79 3.51
CA LYS A 490 11.72 -36.10 2.62
C LYS A 490 12.20 -36.85 1.38
N LEU A 491 13.37 -36.47 0.84
CA LEU A 491 13.90 -37.18 -0.31
C LEU A 491 14.35 -38.58 0.06
N GLY A 492 14.92 -38.73 1.26
CA GLY A 492 15.27 -40.07 1.73
C GLY A 492 14.05 -40.96 1.90
N PHE A 493 12.96 -40.40 2.44
CA PHE A 493 11.72 -41.16 2.57
C PHE A 493 11.16 -41.54 1.21
N ILE A 494 11.23 -40.62 0.24
CA ILE A 494 10.77 -40.92 -1.12
C ILE A 494 11.60 -42.05 -1.73
N ALA A 495 12.92 -42.01 -1.53
CA ALA A 495 13.77 -43.08 -2.06
C ALA A 495 13.49 -44.41 -1.37
N GLN A 496 13.25 -44.39 -0.06
CA GLN A 496 12.89 -45.63 0.64
C GLN A 496 11.56 -46.17 0.15
N SER A 497 10.61 -45.29 -0.18
CA SER A 497 9.38 -45.73 -0.82
C SER A 497 9.65 -46.32 -2.20
N CYS A 498 10.63 -45.77 -2.91
CA CYS A 498 11.03 -46.34 -4.19
C CYS A 498 11.55 -47.76 -4.01
N LEU A 499 12.36 -47.98 -2.97
CA LEU A 499 12.81 -49.34 -2.66
C LEU A 499 11.65 -50.24 -2.27
N ALA A 500 10.73 -49.73 -1.45
CA ALA A 500 9.58 -50.50 -1.00
C ALA A 500 8.42 -49.54 -0.80
N GLN A 501 7.39 -49.67 -1.63
CA GLN A 501 6.26 -48.76 -1.57
C GLN A 501 5.54 -48.87 -0.23
N GLY A 502 5.04 -47.73 0.26
CA GLY A 502 4.32 -47.70 1.51
C GLY A 502 5.17 -47.61 2.75
N LEU A 503 6.50 -47.48 2.61
CA LEU A 503 7.35 -47.40 3.78
C LEU A 503 7.43 -45.99 4.35
N SER A 504 7.17 -44.97 3.53
CA SER A 504 7.20 -43.59 4.02
C SER A 504 6.14 -43.36 5.09
N THR A 505 4.91 -43.82 4.84
CA THR A 505 3.86 -43.67 5.84
C THR A 505 4.13 -44.53 7.07
N MET A 506 4.71 -45.72 6.87
CA MET A 506 5.09 -46.56 8.01
C MET A 506 6.09 -45.87 8.91
N LEU A 507 7.11 -45.23 8.32
CA LEU A 507 8.09 -44.50 9.11
C LEU A 507 7.48 -43.28 9.77
N ALA A 508 6.64 -42.54 9.02
CA ALA A 508 6.08 -41.30 9.55
C ALA A 508 5.15 -41.58 10.74
N ASN A 509 4.35 -42.64 10.65
CA ASN A 509 3.44 -42.96 11.76
C ASN A 509 4.18 -43.43 13.00
N LEU A 510 5.41 -43.91 12.86
CA LEU A 510 6.17 -44.34 14.02
C LEU A 510 6.61 -43.15 14.87
N PHE A 511 7.02 -42.06 14.24
CA PHE A 511 7.46 -40.88 14.97
C PHE A 511 6.31 -40.08 15.56
N SER A 512 5.08 -40.32 15.11
CA SER A 512 3.92 -39.56 15.55
C SER A 512 3.22 -40.28 16.69
N MET A 513 2.94 -39.54 17.76
CA MET A 513 2.25 -40.11 18.92
C MET A 513 0.76 -40.19 18.63
N ARG A 514 0.23 -41.40 18.61
CA ARG A 514 -1.17 -41.63 18.28
C ARG A 514 -1.84 -42.46 19.37
N SER A 515 -3.12 -42.18 19.60
CA SER A 515 -3.88 -42.86 20.64
C SER A 515 -4.37 -44.21 20.14
N PHE A 516 -5.26 -44.84 20.89
CA PHE A 516 -5.79 -46.17 20.59
C PHE A 516 -7.27 -46.01 20.28
N ILE A 517 -7.61 -45.99 18.99
CA ILE A 517 -8.97 -45.68 18.54
C ILE A 517 -9.55 -46.90 17.84
N LYS A 518 -10.82 -47.18 18.14
CA LYS A 518 -11.55 -48.30 17.53
C LYS A 518 -12.77 -47.79 16.78
N ILE A 519 -13.10 -48.49 15.71
CA ILE A 519 -14.23 -48.15 14.84
C ILE A 519 -15.18 -49.34 14.82
N GLU A 520 -16.48 -49.06 15.01
CA GLU A 520 -17.46 -50.13 15.10
C GLU A 520 -17.55 -50.91 13.79
N GLU A 521 -17.74 -50.20 12.68
CA GLU A 521 -17.90 -50.86 11.39
C GLU A 521 -16.58 -51.39 10.87
N ASP A 522 -16.64 -52.51 10.17
CA ASP A 522 -15.45 -53.15 9.60
C ASP A 522 -15.10 -52.43 8.30
N THR A 523 -14.13 -51.51 8.38
CA THR A 523 -13.63 -50.78 7.23
C THR A 523 -12.11 -50.84 7.24
N TRP A 524 -11.51 -50.26 6.20
CA TRP A 524 -10.05 -50.18 6.14
C TRP A 524 -9.50 -49.27 7.23
N GLN A 525 -10.25 -48.21 7.58
CA GLN A 525 -9.79 -47.27 8.61
C GLN A 525 -9.64 -47.95 9.97
N LYS A 526 -10.47 -48.95 10.25
CA LYS A 526 -10.36 -49.66 11.53
C LYS A 526 -9.01 -50.34 11.67
N TYR A 527 -8.64 -51.15 10.67
CA TYR A 527 -7.36 -51.83 10.71
C TYR A 527 -6.20 -50.85 10.64
N TYR A 528 -6.35 -49.78 9.84
CA TYR A 528 -5.29 -48.79 9.74
C TYR A 528 -5.05 -48.11 11.09
N LEU A 529 -6.12 -47.74 11.79
CA LEU A 529 -5.99 -47.10 13.09
C LEU A 529 -5.47 -48.07 14.14
N GLU A 530 -5.82 -49.35 14.02
CA GLU A 530 -5.22 -50.35 14.90
C GLU A 530 -3.70 -50.40 14.69
N GLY A 531 -3.26 -50.39 13.44
CA GLY A 531 -1.83 -50.43 13.18
C GLY A 531 -1.10 -49.18 13.62
N VAL A 532 -1.68 -48.01 13.32
CA VAL A 532 -0.99 -46.73 13.53
C VAL A 532 -0.70 -46.47 15.00
N SER A 533 -1.52 -47.01 15.90
CA SER A 533 -1.42 -46.72 17.33
C SER A 533 -0.10 -47.16 17.95
N ASN A 534 0.79 -47.76 17.14
CA ASN A 534 2.06 -48.26 17.63
C ASN A 534 3.16 -47.24 17.32
N GLU A 535 3.88 -46.83 18.37
CA GLU A 535 5.00 -45.91 18.26
C GLU A 535 6.30 -46.63 18.62
N MET A 536 7.42 -46.01 18.25
CA MET A 536 8.74 -46.57 18.51
C MET A 536 9.31 -45.95 19.78
N TYR A 537 9.65 -46.79 20.74
CA TYR A 537 10.21 -46.38 22.03
C TYR A 537 11.55 -47.05 22.24
N THR A 538 12.30 -46.55 23.23
CA THR A 538 13.61 -47.08 23.55
C THR A 538 13.69 -47.35 25.05
N GLU A 539 14.32 -48.47 25.42
CA GLU A 539 14.41 -48.81 26.83
C GLU A 539 15.60 -49.73 27.07
N TYR A 540 16.29 -49.52 28.18
CA TYR A 540 17.37 -50.43 28.57
C TYR A 540 16.77 -51.76 29.02
N LEU A 541 17.26 -52.86 28.42
CA LEU A 541 16.64 -54.15 28.62
C LEU A 541 17.01 -54.74 29.97
N SER A 542 16.26 -55.77 30.37
CA SER A 542 16.45 -56.45 31.63
C SER A 542 17.70 -57.31 31.61
N SER A 543 18.18 -57.66 32.81
CA SER A 543 19.35 -58.52 32.94
C SER A 543 19.02 -59.99 32.77
N ALA A 544 17.74 -60.37 32.81
CA ALA A 544 17.37 -61.77 32.62
C ALA A 544 17.65 -62.22 31.18
N PHE A 545 17.46 -61.32 30.22
CA PHE A 545 17.69 -61.66 28.82
C PHE A 545 19.15 -61.92 28.51
N VAL A 546 20.08 -61.40 29.33
CA VAL A 546 21.50 -61.50 29.03
C VAL A 546 21.91 -62.96 28.92
N GLY A 547 22.73 -63.26 27.91
CA GLY A 547 23.13 -64.62 27.65
C GLY A 547 22.44 -65.29 26.49
N LEU A 548 21.60 -64.57 25.75
CA LEU A 548 20.84 -65.11 24.64
C LEU A 548 21.16 -64.34 23.36
N SER A 549 20.49 -64.69 22.28
CA SER A 549 20.64 -64.03 21.00
C SER A 549 19.46 -63.11 20.73
N PHE A 550 19.69 -62.15 19.83
CA PHE A 550 18.67 -61.15 19.53
C PHE A 550 17.38 -61.74 18.98
N PRO A 551 17.40 -62.68 18.02
CA PRO A 551 16.11 -63.28 17.60
C PRO A 551 15.40 -63.99 18.74
N THR A 552 16.15 -64.62 19.65
CA THR A 552 15.53 -65.28 20.79
C THR A 552 14.79 -64.28 21.67
N VAL A 553 15.43 -63.14 21.95
CA VAL A 553 14.78 -62.12 22.75
C VAL A 553 13.58 -61.53 22.00
N CYS A 554 13.68 -61.41 20.67
CA CYS A 554 12.54 -60.93 19.90
C CYS A 554 11.34 -61.86 20.04
N GLU A 555 11.58 -63.17 19.90
CA GLU A 555 10.48 -64.12 20.04
C GLU A 555 9.92 -64.12 21.46
N LEU A 556 10.80 -64.05 22.47
CA LEU A 556 10.33 -64.02 23.85
C LEU A 556 9.50 -62.79 24.15
N CYS A 557 9.91 -61.63 23.65
CA CYS A 557 9.15 -60.40 23.84
C CYS A 557 7.85 -60.40 23.07
N PHE A 558 7.81 -60.97 21.87
CA PHE A 558 6.58 -60.98 21.08
C PHE A 558 5.56 -61.97 21.64
N VAL A 559 6.01 -63.14 22.07
CA VAL A 559 5.10 -64.18 22.55
C VAL A 559 4.67 -63.92 23.99
N LYS A 560 5.62 -63.60 24.87
CA LYS A 560 5.28 -63.43 26.28
C LYS A 560 4.85 -62.00 26.59
N LEU A 561 5.72 -61.02 26.29
CA LEU A 561 5.47 -59.64 26.62
C LEU A 561 4.71 -58.88 25.53
N LYS A 562 4.46 -59.52 24.38
CA LYS A 562 3.78 -58.88 23.25
C LYS A 562 4.51 -57.61 22.81
N LEU A 563 5.83 -57.72 22.70
CA LEU A 563 6.68 -56.59 22.33
C LEU A 563 7.56 -57.00 21.16
N LEU A 564 7.77 -56.06 20.24
CA LEU A 564 8.51 -56.30 19.01
C LEU A 564 9.78 -55.44 19.01
N MET A 565 10.93 -56.08 18.88
CA MET A 565 12.21 -55.38 18.81
C MET A 565 12.70 -55.27 17.38
N ILE A 566 13.34 -54.15 17.07
CA ILE A 566 13.83 -53.89 15.72
C ILE A 566 15.33 -53.62 15.75
N ALA A 567 15.83 -53.12 16.88
CA ALA A 567 17.23 -52.76 16.98
C ALA A 567 17.65 -52.82 18.45
N ILE A 568 18.96 -52.98 18.66
CA ILE A 568 19.54 -53.05 20.00
C ILE A 568 20.86 -52.30 20.04
N GLU A 569 21.50 -52.32 21.20
CA GLU A 569 22.84 -51.83 21.41
C GLU A 569 23.74 -52.97 21.87
N TYR A 570 24.91 -53.09 21.26
CA TYR A 570 25.86 -54.15 21.58
C TYR A 570 27.07 -53.57 22.30
N LYS A 571 27.45 -54.20 23.40
CA LYS A 571 28.60 -53.75 24.19
C LYS A 571 29.90 -54.32 23.63
N ARG A 578 26.33 -47.79 20.58
CA ARG A 578 26.17 -48.09 19.16
C ARG A 578 24.80 -48.69 18.88
N ILE A 579 24.22 -48.30 17.75
CA ILE A 579 22.89 -48.77 17.34
C ILE A 579 23.07 -49.84 16.27
N LEU A 580 22.49 -51.01 16.51
CA LEU A 580 22.52 -52.11 15.54
C LEU A 580 21.09 -52.47 15.19
N ILE A 581 20.74 -52.33 13.92
CA ILE A 581 19.37 -52.53 13.45
C ILE A 581 19.22 -53.97 12.98
N ASN A 582 18.35 -54.72 13.66
CA ASN A 582 18.11 -56.13 13.38
C ASN A 582 19.41 -56.93 13.28
N PRO A 583 20.17 -57.04 14.36
CA PRO A 583 21.41 -57.81 14.31
C PRO A 583 21.14 -59.30 14.11
N GLY A 584 22.11 -59.97 13.52
CA GLY A 584 21.97 -61.39 13.21
C GLY A 584 21.92 -62.25 14.45
N ASN A 585 21.69 -63.54 14.22
CA ASN A 585 21.59 -64.49 15.32
C ASN A 585 22.92 -64.70 16.03
N HIS A 586 24.04 -64.38 15.37
CA HIS A 586 25.34 -64.62 15.95
C HIS A 586 25.64 -63.63 17.08
N LEU A 587 25.12 -62.41 16.98
CA LEU A 587 25.29 -61.44 18.06
C LEU A 587 24.57 -61.90 19.31
N LYS A 588 25.15 -61.61 20.48
CA LYS A 588 24.59 -62.01 21.76
C LYS A 588 24.30 -60.79 22.62
N ILE A 589 23.13 -60.79 23.25
CA ILE A 589 22.75 -59.68 24.13
C ILE A 589 23.61 -59.70 25.39
N GLN A 590 23.86 -58.51 25.94
CA GLN A 590 24.73 -58.35 27.09
C GLN A 590 24.02 -57.49 28.14
N GLU A 591 24.72 -57.27 29.26
CA GLU A 591 24.16 -56.47 30.34
C GLU A 591 24.06 -55.00 29.94
N GLY A 592 23.01 -54.34 30.40
CA GLY A 592 22.81 -52.94 30.05
C GLY A 592 22.42 -52.70 28.62
N THR A 593 21.83 -53.70 27.95
CA THR A 593 21.46 -53.56 26.55
C THR A 593 20.28 -52.60 26.40
N LEU A 594 20.40 -51.67 25.46
CA LEU A 594 19.35 -50.73 25.12
C LEU A 594 18.66 -51.22 23.85
N GLY A 595 17.36 -51.49 23.94
CA GLY A 595 16.60 -52.01 22.82
C GLY A 595 15.51 -51.05 22.39
N PHE A 596 15.14 -51.15 21.11
CA PHE A 596 14.09 -50.33 20.53
C PHE A 596 12.87 -51.21 20.26
N PHE A 597 11.72 -50.78 20.77
CA PHE A 597 10.49 -51.52 20.67
C PHE A 597 9.45 -50.72 19.90
N ILE A 598 8.46 -51.42 19.38
CA ILE A 598 7.28 -50.81 18.77
C ILE A 598 6.07 -51.24 19.59
N ALA A 599 5.40 -50.28 20.22
CA ALA A 599 4.31 -50.60 21.12
C ALA A 599 3.38 -49.39 21.24
N SER A 600 2.18 -49.65 21.76
CA SER A 600 1.18 -48.60 21.88
C SER A 600 1.56 -47.58 22.94
N ASP A 601 2.04 -48.03 24.09
CA ASP A 601 2.32 -47.15 25.21
C ASP A 601 3.64 -47.56 25.86
N ALA A 602 4.23 -46.60 26.60
CA ALA A 602 5.49 -46.86 27.28
C ALA A 602 5.33 -47.82 28.46
N LYS A 603 4.13 -47.88 29.07
CA LYS A 603 3.91 -48.87 30.12
C LYS A 603 3.98 -50.29 29.57
N GLU A 604 3.63 -50.48 28.30
CA GLU A 604 3.75 -51.79 27.69
C GLU A 604 5.20 -52.19 27.52
N VAL A 605 6.04 -51.29 27.02
CA VAL A 605 7.46 -51.60 26.85
C VAL A 605 8.17 -51.69 28.20
N LYS A 606 7.60 -51.08 29.25
CA LYS A 606 8.20 -51.16 30.58
C LYS A 606 8.28 -52.60 31.08
N ARG A 607 7.42 -53.47 30.55
CA ARG A 607 7.45 -54.88 30.96
C ARG A 607 8.72 -55.60 30.51
N ALA A 608 9.39 -55.10 29.47
CA ALA A 608 10.61 -55.75 29.02
C ALA A 608 11.71 -55.68 30.07
N PHE A 609 11.84 -54.53 30.73
CA PHE A 609 12.84 -54.39 31.78
C PHE A 609 12.47 -55.14 33.05
N PHE A 610 11.19 -55.39 33.27
CA PHE A 610 10.72 -56.11 34.46
C PHE A 610 10.54 -57.60 34.23
N TYR A 611 10.89 -58.10 33.04
CA TYR A 611 10.74 -59.52 32.75
C TYR A 611 11.72 -60.34 33.58
N CYS A 612 11.21 -61.37 34.23
CA CYS A 612 12.02 -62.28 35.04
C CYS A 612 11.91 -63.68 34.47
N LYS A 613 13.08 -64.30 34.21
CA LYS A 613 13.08 -65.65 33.67
C LYS A 613 12.50 -66.65 34.66
N ALA A 614 12.85 -66.52 35.93
CA ALA A 614 12.34 -67.43 36.95
C ALA A 614 10.82 -67.27 37.11
N CYS A 615 10.33 -66.04 37.11
CA CYS A 615 8.90 -65.80 37.28
C CYS A 615 8.09 -66.24 36.07
N HIS A 616 8.72 -66.38 34.89
CA HIS A 616 8.05 -66.80 33.68
C HIS A 616 8.68 -68.05 33.09
N ASP A 617 9.18 -68.94 33.95
CA ASP A 617 9.80 -70.18 33.49
C ASP A 617 8.77 -71.12 32.89
N VAL A 683 35.84 -43.83 -10.38
CA VAL A 683 36.37 -45.14 -10.04
C VAL A 683 36.10 -45.46 -8.58
N LYS A 684 35.48 -44.51 -7.88
CA LYS A 684 35.15 -44.68 -6.47
C LYS A 684 33.78 -45.34 -6.36
N LYS A 685 33.77 -46.66 -6.13
CA LYS A 685 32.52 -47.41 -6.04
C LYS A 685 32.02 -47.59 -4.62
N TYR A 686 32.86 -47.32 -3.62
CA TYR A 686 32.45 -47.41 -2.23
C TYR A 686 32.99 -46.20 -1.47
N ASP A 687 32.19 -45.72 -0.52
CA ASP A 687 32.61 -44.58 0.29
C ASP A 687 33.75 -44.97 1.22
N SER A 688 34.19 -44.02 2.04
CA SER A 688 35.28 -44.30 2.98
C SER A 688 34.89 -45.40 3.94
N THR A 689 33.67 -45.36 4.48
CA THR A 689 33.20 -46.45 5.33
C THR A 689 32.98 -47.72 4.53
N GLY A 690 32.47 -47.59 3.31
CA GLY A 690 32.26 -48.75 2.45
C GLY A 690 30.86 -49.31 2.53
N MET A 691 29.85 -48.44 2.43
CA MET A 691 28.45 -48.87 2.51
C MET A 691 27.61 -48.14 1.47
N PHE A 692 28.23 -47.76 0.35
CA PHE A 692 27.55 -46.96 -0.68
C PHE A 692 28.10 -47.33 -2.05
N HIS A 693 27.35 -46.96 -3.08
CA HIS A 693 27.74 -47.15 -4.47
C HIS A 693 27.94 -45.80 -5.15
N TRP A 694 28.89 -45.76 -6.08
CA TRP A 694 29.20 -44.54 -6.84
C TRP A 694 30.09 -44.93 -8.01
N CYS A 695 30.29 -43.99 -8.93
CA CYS A 695 31.11 -44.23 -10.11
C CYS A 695 31.80 -42.93 -10.50
N ALA A 696 32.57 -43.00 -11.58
CA ALA A 696 33.35 -41.86 -12.04
C ALA A 696 32.43 -40.78 -12.62
N PRO A 697 32.86 -39.52 -12.61
CA PRO A 697 32.05 -38.46 -13.21
C PRO A 697 31.89 -38.65 -14.71
N LYS A 698 30.78 -38.15 -15.23
CA LYS A 698 30.45 -38.26 -16.65
C LYS A 698 30.09 -36.89 -17.21
N GLU A 699 30.27 -36.76 -18.52
CA GLU A 699 29.97 -35.51 -19.21
C GLU A 699 28.47 -35.24 -19.20
N ILE A 700 28.11 -33.96 -19.34
CA ILE A 700 26.71 -33.57 -19.33
C ILE A 700 25.94 -34.25 -20.45
N GLU A 701 26.49 -34.27 -21.65
CA GLU A 701 25.83 -34.88 -22.78
C GLU A 701 26.04 -36.39 -22.85
N LYS A 702 26.90 -36.94 -21.98
CA LYS A 702 27.19 -38.37 -22.03
C LYS A 702 25.99 -39.19 -21.57
N VAL A 703 25.18 -38.67 -20.65
CA VAL A 703 24.07 -39.40 -20.07
C VAL A 703 22.71 -38.79 -20.40
N ILE A 704 22.69 -37.66 -21.10
CA ILE A 704 21.42 -37.04 -21.48
C ILE A 704 20.82 -37.81 -22.64
N LEU A 705 19.55 -38.20 -22.50
CA LEU A 705 18.82 -38.90 -23.55
C LEU A 705 17.77 -37.98 -24.14
N THR A 706 17.76 -37.88 -25.47
CA THR A 706 16.78 -37.07 -26.18
C THR A 706 15.53 -37.90 -26.46
N ARG A 707 14.64 -37.39 -27.30
CA ARG A 707 13.44 -38.14 -27.65
C ARG A 707 13.80 -39.44 -28.36
N SER A 708 14.61 -39.36 -29.42
CA SER A 708 15.02 -40.56 -30.12
C SER A 708 15.91 -41.44 -29.25
N GLU A 709 16.87 -40.83 -28.55
CA GLU A 709 17.79 -41.61 -27.73
C GLU A 709 17.03 -42.39 -26.65
N ALA A 710 15.99 -41.79 -26.09
CA ALA A 710 15.11 -42.55 -25.21
C ALA A 710 14.27 -43.55 -25.99
N ALA A 711 14.00 -43.28 -27.27
CA ALA A 711 13.18 -44.19 -28.06
C ALA A 711 13.88 -45.54 -28.28
N MET A 712 15.13 -45.51 -28.75
CA MET A 712 15.82 -46.79 -28.95
C MET A 712 16.24 -47.41 -27.63
N THR A 713 16.78 -46.62 -26.71
CA THR A 713 17.25 -47.16 -25.43
C THR A 713 16.05 -47.57 -24.58
N VAL A 714 15.90 -48.87 -24.36
CA VAL A 714 14.78 -49.40 -23.59
C VAL A 714 15.12 -49.28 -22.10
N LEU A 715 14.25 -48.62 -21.35
CA LEU A 715 14.42 -48.43 -19.91
C LEU A 715 13.35 -49.24 -19.19
N SER A 716 13.77 -50.29 -18.49
CA SER A 716 12.86 -51.14 -17.74
C SER A 716 13.44 -51.37 -16.36
N GLY A 717 12.55 -51.51 -15.37
CA GLY A 717 13.00 -51.68 -13.99
C GLY A 717 13.79 -50.50 -13.49
N HIS A 718 13.34 -49.29 -13.78
CA HIS A 718 14.05 -48.06 -13.43
C HIS A 718 13.13 -47.17 -12.59
N VAL A 719 13.62 -45.97 -12.28
CA VAL A 719 12.89 -45.02 -11.45
C VAL A 719 12.78 -43.70 -12.21
N VAL A 720 11.53 -43.24 -12.39
CA VAL A 720 11.25 -41.98 -13.07
C VAL A 720 11.02 -40.90 -12.04
N VAL A 721 11.60 -39.74 -12.28
CA VAL A 721 11.47 -38.58 -11.39
C VAL A 721 11.12 -37.38 -12.26
N CYS A 722 9.96 -36.78 -12.00
CA CYS A 722 9.43 -35.69 -12.82
C CYS A 722 9.63 -34.37 -12.08
N ILE A 723 10.54 -33.54 -12.57
CA ILE A 723 10.84 -32.24 -11.99
C ILE A 723 10.02 -31.17 -12.70
N PHE A 724 9.38 -30.31 -11.92
CA PHE A 724 8.74 -29.12 -12.46
C PHE A 724 9.47 -27.88 -11.95
N GLY A 725 9.61 -26.90 -12.84
CA GLY A 725 10.29 -25.67 -12.48
C GLY A 725 10.60 -24.84 -13.70
N ASP A 726 11.23 -23.70 -13.44
CA ASP A 726 11.60 -22.75 -14.47
C ASP A 726 12.94 -22.13 -14.11
N VAL A 727 13.30 -21.05 -14.80
CA VAL A 727 14.57 -20.37 -14.52
C VAL A 727 14.58 -19.75 -13.13
N SER A 728 13.43 -19.24 -12.67
CA SER A 728 13.35 -18.58 -11.38
C SER A 728 13.04 -19.53 -10.22
N SER A 729 12.87 -20.82 -10.51
CA SER A 729 12.54 -21.78 -9.45
C SER A 729 13.76 -22.06 -8.58
N ALA A 730 13.49 -22.50 -7.36
CA ALA A 730 14.54 -22.79 -6.38
C ALA A 730 15.03 -24.23 -6.55
N LEU A 731 16.19 -24.50 -5.95
CA LEU A 731 16.78 -25.83 -6.02
C LEU A 731 16.12 -26.78 -5.02
N ILE A 732 16.48 -28.06 -5.14
CA ILE A 732 15.88 -29.12 -4.34
C ILE A 732 16.91 -29.87 -3.52
N GLY A 733 18.03 -30.23 -4.13
CA GLY A 733 19.04 -31.02 -3.44
C GLY A 733 18.86 -32.51 -3.66
N LEU A 734 18.83 -32.92 -4.93
CA LEU A 734 18.44 -34.28 -5.32
C LEU A 734 19.48 -35.33 -4.94
N ARG A 735 20.59 -34.97 -4.30
CA ARG A 735 21.60 -35.97 -3.95
C ARG A 735 21.05 -37.00 -2.96
N ASN A 736 20.29 -36.55 -1.97
CA ASN A 736 19.73 -37.47 -0.99
C ASN A 736 18.58 -38.29 -1.56
N LEU A 737 18.07 -37.92 -2.74
CA LEU A 737 17.07 -38.75 -3.39
C LEU A 737 17.70 -40.03 -3.96
N VAL A 738 18.93 -39.93 -4.44
CA VAL A 738 19.61 -41.07 -5.06
C VAL A 738 20.60 -41.74 -4.13
N MET A 739 20.99 -41.09 -3.03
CA MET A 739 22.03 -41.66 -2.17
C MET A 739 21.63 -42.99 -1.54
N PRO A 740 20.45 -43.15 -0.92
CA PRO A 740 20.14 -44.45 -0.31
C PRO A 740 19.87 -45.56 -1.31
N LEU A 741 19.55 -45.24 -2.56
CA LEU A 741 19.43 -46.28 -3.58
C LEU A 741 20.76 -46.96 -3.86
N ARG A 742 21.87 -46.31 -3.49
CA ARG A 742 23.22 -46.81 -3.75
C ARG A 742 23.84 -47.47 -2.53
N ALA A 743 23.05 -47.77 -1.50
CA ALA A 743 23.56 -48.44 -0.32
C ALA A 743 24.13 -49.81 -0.68
N SER A 744 25.26 -50.15 -0.09
CA SER A 744 25.98 -51.36 -0.48
C SER A 744 25.44 -52.62 0.18
N ASN A 745 24.51 -52.50 1.12
CA ASN A 745 23.87 -53.70 1.66
C ASN A 745 22.86 -54.31 0.70
N PHE A 746 22.70 -53.72 -0.49
CA PHE A 746 21.89 -54.28 -1.56
C PHE A 746 22.82 -54.85 -2.63
N HIS A 747 22.37 -55.89 -3.31
CA HIS A 747 23.15 -56.46 -4.39
C HIS A 747 23.28 -55.47 -5.53
N TYR A 748 24.42 -55.54 -6.24
CA TYR A 748 24.65 -54.59 -7.34
C TYR A 748 23.65 -54.79 -8.46
N HIS A 749 23.29 -56.04 -8.74
CA HIS A 749 22.30 -56.31 -9.79
C HIS A 749 20.91 -55.85 -9.42
N GLU A 750 20.68 -55.47 -8.16
CA GLU A 750 19.40 -54.94 -7.72
C GLU A 750 19.31 -53.42 -7.82
N LEU A 751 20.34 -52.76 -8.35
CA LEU A 751 20.28 -51.32 -8.51
C LEU A 751 19.28 -50.94 -9.59
N LYS A 752 18.85 -49.67 -9.55
CA LYS A 752 17.80 -49.17 -10.43
C LYS A 752 18.31 -47.97 -11.21
N HIS A 753 18.00 -47.94 -12.50
CA HIS A 753 18.31 -46.78 -13.33
C HIS A 753 17.44 -45.59 -12.91
N ILE A 754 18.01 -44.39 -13.06
CA ILE A 754 17.34 -43.16 -12.65
C ILE A 754 17.19 -42.25 -13.87
N VAL A 755 15.96 -41.82 -14.12
CA VAL A 755 15.68 -40.90 -15.23
C VAL A 755 14.90 -39.72 -14.66
N PHE A 756 15.28 -38.51 -15.08
CA PHE A 756 14.63 -37.28 -14.70
C PHE A 756 14.03 -36.62 -15.93
N VAL A 757 12.81 -36.09 -15.79
CA VAL A 757 12.11 -35.44 -16.89
C VAL A 757 11.76 -34.03 -16.46
N GLY A 758 12.14 -33.04 -17.26
CA GLY A 758 11.81 -31.67 -16.93
C GLY A 758 12.29 -30.69 -17.98
N SER A 759 12.00 -29.42 -17.73
CA SER A 759 12.40 -28.36 -18.64
C SER A 759 13.90 -28.08 -18.52
N ILE A 760 14.59 -28.10 -19.66
CA ILE A 760 16.05 -28.15 -19.68
C ILE A 760 16.71 -26.98 -18.95
N GLU A 761 16.00 -25.86 -18.78
CA GLU A 761 16.59 -24.73 -18.07
C GLU A 761 16.89 -25.09 -16.61
N TYR A 762 15.90 -25.66 -15.92
CA TYR A 762 16.10 -26.03 -14.53
C TYR A 762 17.14 -27.14 -14.39
N LEU A 763 17.12 -28.11 -15.31
CA LEU A 763 18.11 -29.19 -15.27
C LEU A 763 19.52 -28.65 -15.46
N LYS A 764 19.72 -27.74 -16.41
CA LYS A 764 21.06 -27.18 -16.59
C LYS A 764 21.42 -26.25 -15.44
N ARG A 765 20.42 -25.71 -14.74
CA ARG A 765 20.71 -24.91 -13.55
C ARG A 765 21.24 -25.79 -12.41
N GLU A 766 20.63 -26.94 -12.19
CA GLU A 766 21.03 -27.75 -11.05
C GLU A 766 22.07 -28.82 -11.39
N TRP A 767 22.43 -28.96 -12.67
CA TRP A 767 23.32 -30.05 -13.09
C TRP A 767 24.71 -29.96 -12.46
N GLU A 768 25.11 -28.80 -11.96
CA GLU A 768 26.43 -28.66 -11.36
C GLU A 768 26.61 -29.57 -10.14
N THR A 769 25.51 -30.01 -9.53
CA THR A 769 25.55 -30.89 -8.37
C THR A 769 25.14 -32.32 -8.70
N LEU A 770 25.00 -32.65 -9.99
CA LEU A 770 24.51 -33.97 -10.39
C LEU A 770 25.31 -34.57 -11.54
N HIS A 771 26.48 -34.00 -11.85
CA HIS A 771 27.31 -34.49 -12.95
C HIS A 771 28.25 -35.61 -12.52
N ASN A 772 28.26 -35.99 -11.24
CA ASN A 772 29.17 -37.00 -10.72
C ASN A 772 28.52 -38.35 -10.51
N PHE A 773 27.24 -38.50 -10.85
CA PHE A 773 26.54 -39.74 -10.55
C PHE A 773 26.26 -40.53 -11.82
N PRO A 774 26.28 -41.86 -11.74
CA PRO A 774 26.01 -42.70 -12.91
C PRO A 774 24.53 -43.06 -13.02
N LYS A 775 24.18 -43.61 -14.18
CA LYS A 775 22.81 -44.08 -14.47
C LYS A 775 21.79 -42.98 -14.22
N VAL A 776 22.13 -41.76 -14.63
CA VAL A 776 21.27 -40.60 -14.43
C VAL A 776 20.99 -40.00 -15.80
N SER A 777 19.75 -40.14 -16.27
CA SER A 777 19.36 -39.61 -17.57
C SER A 777 18.53 -38.35 -17.39
N ILE A 778 18.74 -37.38 -18.30
CA ILE A 778 18.01 -36.12 -18.30
C ILE A 778 17.19 -36.04 -19.58
N LEU A 779 15.91 -35.72 -19.45
CA LEU A 779 15.04 -35.57 -20.62
C LEU A 779 14.38 -34.19 -20.62
N PRO A 780 14.73 -33.33 -21.57
CA PRO A 780 14.04 -32.04 -21.67
C PRO A 780 12.61 -32.20 -22.12
N GLY A 781 11.78 -31.23 -21.73
CA GLY A 781 10.36 -31.26 -22.07
C GLY A 781 9.49 -30.98 -20.88
N THR A 782 8.30 -31.58 -20.84
CA THR A 782 7.38 -31.41 -19.73
C THR A 782 6.81 -32.78 -19.33
N PRO A 783 6.72 -33.05 -18.02
CA PRO A 783 6.12 -34.33 -17.59
C PRO A 783 4.65 -34.45 -17.94
N LEU A 784 3.96 -33.36 -18.26
CA LEU A 784 2.57 -33.44 -18.68
C LEU A 784 2.41 -33.97 -20.10
N SER A 785 3.50 -34.10 -20.85
CA SER A 785 3.43 -34.63 -22.21
C SER A 785 3.38 -36.15 -22.16
N ARG A 786 2.40 -36.73 -22.85
CA ARG A 786 2.26 -38.19 -22.87
C ARG A 786 3.40 -38.86 -23.66
N ALA A 787 3.85 -38.20 -24.73
CA ALA A 787 4.91 -38.79 -25.57
C ALA A 787 6.20 -38.97 -24.78
N ASP A 788 6.54 -37.99 -23.93
CA ASP A 788 7.74 -38.10 -23.12
C ASP A 788 7.65 -39.29 -22.17
N LEU A 789 6.48 -39.48 -21.54
CA LEU A 789 6.31 -40.59 -20.61
C LEU A 789 6.33 -41.93 -21.35
N ARG A 790 5.80 -41.98 -22.57
CA ARG A 790 5.93 -43.20 -23.37
C ARG A 790 7.38 -43.49 -23.71
N ALA A 791 8.15 -42.44 -24.04
CA ALA A 791 9.57 -42.63 -24.33
C ALA A 791 10.32 -43.13 -23.11
N VAL A 792 10.00 -42.61 -21.92
CA VAL A 792 10.63 -43.09 -20.69
C VAL A 792 10.20 -44.51 -20.36
N ASN A 793 9.11 -45.00 -20.96
CA ASN A 793 8.51 -46.28 -20.62
C ASN A 793 8.08 -46.30 -19.15
N ILE A 794 7.14 -45.42 -18.83
CA ILE A 794 6.67 -45.25 -17.46
C ILE A 794 5.99 -46.51 -16.95
N ASN A 795 5.28 -47.23 -17.82
CA ASN A 795 4.60 -48.45 -17.40
C ASN A 795 5.57 -49.53 -16.95
N LEU A 796 6.82 -49.50 -17.43
CA LEU A 796 7.82 -50.49 -17.07
C LEU A 796 8.70 -50.08 -15.90
N CYS A 797 8.54 -48.86 -15.39
CA CYS A 797 9.42 -48.38 -14.33
C CYS A 797 9.08 -49.02 -13.00
N ASP A 798 10.08 -49.09 -12.12
CA ASP A 798 9.85 -49.59 -10.77
C ASP A 798 9.00 -48.62 -9.95
N MET A 799 9.25 -47.32 -10.10
CA MET A 799 8.49 -46.33 -9.34
C MET A 799 8.67 -44.96 -9.98
N CYS A 800 7.62 -44.16 -9.91
CA CYS A 800 7.63 -42.79 -10.41
C CYS A 800 7.35 -41.82 -9.27
N VAL A 801 8.16 -40.77 -9.18
CA VAL A 801 7.97 -39.72 -8.18
C VAL A 801 7.85 -38.39 -8.90
N ILE A 802 7.09 -37.49 -8.29
CA ILE A 802 6.77 -36.19 -8.87
C ILE A 802 7.17 -35.10 -7.89
N LEU A 803 7.98 -34.14 -8.35
CA LEU A 803 8.43 -33.04 -7.52
C LEU A 803 8.27 -31.73 -8.29
N SER A 804 7.85 -30.68 -7.61
CA SER A 804 7.66 -29.37 -8.22
C SER A 804 8.48 -28.34 -7.46
N ALA A 805 9.33 -27.62 -8.19
CA ALA A 805 10.07 -26.51 -7.60
C ALA A 805 9.23 -25.23 -7.53
N ASN A 806 8.06 -25.20 -8.16
CA ASN A 806 7.16 -24.07 -8.09
C ASN A 806 6.35 -24.05 -6.80
N GLN A 807 6.66 -24.95 -5.85
CA GLN A 807 5.95 -24.99 -4.58
C GLN A 807 6.27 -23.77 -3.72
N ASN A 808 7.26 -22.98 -4.09
CA ASN A 808 7.65 -21.79 -3.33
C ASN A 808 7.23 -20.49 -3.99
N ASN A 809 7.33 -20.40 -5.32
CA ASN A 809 6.99 -19.17 -6.01
C ASN A 809 5.49 -18.94 -6.12
N ILE A 810 4.69 -19.99 -5.99
CA ILE A 810 3.24 -19.85 -6.10
C ILE A 810 2.68 -19.39 -4.76
N ASP A 811 2.00 -18.23 -4.76
CA ASP A 811 1.55 -17.64 -3.51
C ASP A 811 0.34 -18.38 -2.94
N ASP A 812 -0.62 -18.74 -3.78
CA ASP A 812 -1.85 -19.36 -3.30
C ASP A 812 -1.54 -20.79 -2.87
N THR A 813 -1.97 -21.14 -1.65
CA THR A 813 -1.63 -22.44 -1.09
C THR A 813 -2.22 -23.59 -1.90
N SER A 814 -3.46 -23.44 -2.36
CA SER A 814 -4.10 -24.50 -3.13
C SER A 814 -3.45 -24.68 -4.50
N LEU A 815 -2.73 -23.67 -4.97
CA LEU A 815 -2.12 -23.70 -6.29
C LEU A 815 -0.66 -24.13 -6.28
N GLN A 816 -0.06 -24.35 -5.10
CA GLN A 816 1.32 -24.84 -5.08
C GLN A 816 1.41 -26.30 -5.48
N ASP A 817 0.30 -27.03 -5.47
CA ASP A 817 0.25 -28.40 -5.95
C ASP A 817 -0.26 -28.48 -7.39
N LYS A 818 0.10 -27.49 -8.19
CA LYS A 818 -0.34 -27.43 -9.59
C LYS A 818 0.10 -28.67 -10.35
N GLU A 819 1.41 -28.78 -10.55
CA GLU A 819 1.94 -29.76 -11.49
C GLU A 819 1.95 -31.15 -10.90
N CYS A 820 2.15 -31.26 -9.58
CA CYS A 820 2.12 -32.57 -8.94
C CYS A 820 0.77 -33.25 -9.15
N ILE A 821 -0.32 -32.56 -8.83
CA ILE A 821 -1.66 -33.13 -9.01
C ILE A 821 -1.95 -33.35 -10.49
N LEU A 822 -1.59 -32.37 -11.34
CA LEU A 822 -1.90 -32.52 -12.76
C LEU A 822 -1.19 -33.74 -13.35
N ALA A 823 0.10 -33.92 -13.03
CA ALA A 823 0.86 -35.05 -13.57
C ALA A 823 0.39 -36.37 -12.97
N SER A 824 0.03 -36.37 -11.68
CA SER A 824 -0.49 -37.60 -11.07
C SER A 824 -1.76 -38.05 -11.78
N LEU A 825 -2.69 -37.13 -12.01
CA LEU A 825 -3.91 -37.49 -12.73
C LEU A 825 -3.62 -37.83 -14.19
N ASN A 826 -2.59 -37.22 -14.78
CA ASN A 826 -2.22 -37.54 -16.16
C ASN A 826 -1.74 -38.97 -16.28
N ILE A 827 -0.86 -39.39 -15.36
CA ILE A 827 -0.34 -40.76 -15.40
C ILE A 827 -1.43 -41.76 -15.04
N LYS A 828 -2.29 -41.42 -14.07
CA LYS A 828 -3.37 -42.33 -13.69
C LYS A 828 -4.31 -42.58 -14.87
N SER A 829 -4.58 -41.53 -15.65
CA SER A 829 -5.48 -41.66 -16.80
C SER A 829 -4.79 -42.23 -18.04
N MET A 830 -3.49 -42.47 -17.98
CA MET A 830 -2.77 -43.02 -19.13
C MET A 830 -3.29 -44.41 -19.48
N GLN A 831 -3.29 -44.72 -20.77
CA GLN A 831 -3.67 -46.02 -21.28
C GLN A 831 -2.47 -46.68 -21.95
N PHE A 832 -2.22 -47.94 -21.62
CA PHE A 832 -1.06 -48.66 -22.11
C PHE A 832 -1.50 -49.93 -22.82
N ASP A 833 -0.73 -50.32 -23.82
CA ASP A 833 -0.99 -51.54 -24.60
C ASP A 833 0.11 -52.56 -24.33
N ASP A 834 -0.30 -53.80 -24.10
CA ASP A 834 0.66 -54.86 -23.82
C ASP A 834 0.50 -56.02 -24.80
N ILE A 870 -4.86 -53.91 -21.84
CA ILE A 870 -5.08 -52.53 -21.44
C ILE A 870 -4.83 -52.37 -19.94
N THR A 871 -3.70 -51.78 -19.60
CA THR A 871 -3.31 -51.54 -18.21
C THR A 871 -3.45 -50.04 -17.94
N THR A 872 -4.44 -49.69 -17.12
CA THR A 872 -4.65 -48.29 -16.77
C THR A 872 -3.57 -47.83 -15.78
N GLY A 873 -3.45 -46.51 -15.66
CA GLY A 873 -2.36 -45.91 -14.90
C GLY A 873 -2.56 -45.83 -13.41
N VAL A 874 -3.72 -46.22 -12.89
CA VAL A 874 -3.93 -46.16 -11.45
C VAL A 874 -3.19 -47.25 -10.70
N ASN A 875 -2.71 -48.28 -11.41
CA ASN A 875 -1.92 -49.34 -10.81
C ASN A 875 -0.43 -49.04 -10.78
N ILE A 876 0.00 -47.97 -11.44
CA ILE A 876 1.42 -47.61 -11.43
C ILE A 876 1.79 -47.03 -10.07
N PRO A 877 2.84 -47.53 -9.41
CA PRO A 877 3.23 -46.98 -8.11
C PRO A 877 3.78 -45.56 -8.27
N ILE A 878 3.08 -44.59 -7.69
CA ILE A 878 3.45 -43.19 -7.76
C ILE A 878 3.38 -42.59 -6.37
N ILE A 879 4.41 -41.82 -5.99
CA ILE A 879 4.39 -41.03 -4.77
C ILE A 879 4.49 -39.57 -5.16
N THR A 880 3.62 -38.75 -4.58
CA THR A 880 3.52 -37.34 -4.93
C THR A 880 3.82 -36.50 -3.69
N GLU A 881 4.71 -35.53 -3.85
CA GLU A 881 5.05 -34.60 -2.78
C GLU A 881 4.07 -33.43 -2.82
N LEU A 882 3.31 -33.25 -1.74
CA LEU A 882 2.34 -32.17 -1.63
C LEU A 882 2.75 -31.25 -0.49
N VAL A 883 2.77 -29.95 -0.77
CA VAL A 883 3.01 -28.99 0.30
C VAL A 883 1.74 -28.73 1.09
N ASN A 884 0.60 -28.66 0.40
CA ASN A 884 -0.70 -28.45 1.04
C ASN A 884 -1.33 -29.81 1.28
N ASP A 885 -1.59 -30.13 2.55
CA ASP A 885 -2.19 -31.42 2.90
C ASP A 885 -3.60 -31.54 2.34
N THR A 886 -4.35 -30.44 2.35
CA THR A 886 -5.75 -30.48 1.92
C THR A 886 -5.89 -30.91 0.46
N ASN A 887 -4.87 -30.69 -0.36
CA ASN A 887 -4.93 -31.10 -1.76
C ASN A 887 -4.87 -32.62 -1.93
N VAL A 888 -4.56 -33.36 -0.86
CA VAL A 888 -4.45 -34.81 -0.95
C VAL A 888 -5.78 -35.45 -1.35
N GLN A 889 -6.89 -34.73 -1.22
CA GLN A 889 -8.18 -35.26 -1.65
C GLN A 889 -8.26 -35.40 -3.16
N PHE A 890 -7.47 -34.62 -3.90
CA PHE A 890 -7.52 -34.68 -5.36
C PHE A 890 -6.69 -35.81 -5.94
N LEU A 891 -5.83 -36.45 -5.15
CA LEU A 891 -4.93 -37.46 -5.69
C LEU A 891 -5.68 -38.70 -6.14
N ASP A 892 -6.68 -39.13 -5.39
CA ASP A 892 -7.42 -40.35 -5.69
C ASP A 892 -8.91 -40.03 -5.78
N GLN A 893 -9.61 -40.79 -6.63
CA GLN A 893 -11.02 -40.56 -6.89
C GLN A 893 -11.92 -41.65 -6.32
N ASP A 894 -11.36 -42.69 -5.70
CA ASP A 894 -12.14 -43.81 -5.18
C ASP A 894 -12.14 -43.84 -3.65
N ASP A 895 -12.23 -42.67 -3.03
CA ASP A 895 -12.31 -42.58 -1.57
C ASP A 895 -13.22 -41.42 -1.18
N ASP A 896 -13.71 -41.47 0.05
CA ASP A 896 -14.60 -40.44 0.58
C ASP A 896 -13.75 -39.31 1.15
N ASP A 897 -13.65 -38.21 0.41
CA ASP A 897 -12.84 -37.08 0.84
C ASP A 897 -13.53 -36.28 1.92
N ASP A 898 -12.75 -35.72 2.82
CA ASP A 898 -13.26 -34.91 3.92
C ASP A 898 -12.20 -33.89 4.34
N PRO A 899 -12.50 -32.59 4.27
CA PRO A 899 -11.51 -31.59 4.67
C PRO A 899 -11.06 -31.69 6.12
N ASP A 900 -11.96 -32.11 7.02
CA ASP A 900 -11.60 -32.22 8.43
C ASP A 900 -10.77 -33.45 8.73
N THR A 901 -10.74 -34.43 7.82
CA THR A 901 -9.94 -35.62 8.04
C THR A 901 -8.45 -35.30 7.97
N GLU A 902 -7.69 -35.79 8.94
CA GLU A 902 -6.26 -35.51 8.98
C GLU A 902 -5.53 -36.24 7.86
N LEU A 903 -4.32 -35.77 7.56
CA LEU A 903 -3.59 -36.28 6.41
C LEU A 903 -3.26 -37.76 6.55
N TYR A 904 -2.88 -38.19 7.76
CA TYR A 904 -2.53 -39.59 7.96
C TYR A 904 -3.73 -40.51 7.80
N LEU A 905 -4.93 -40.02 8.10
CA LEU A 905 -6.14 -40.81 7.94
C LEU A 905 -6.54 -40.98 6.48
N THR A 906 -6.04 -40.13 5.59
CA THR A 906 -6.45 -40.19 4.19
C THR A 906 -5.92 -41.45 3.52
N GLN A 907 -6.70 -41.96 2.57
CA GLN A 907 -6.31 -43.15 1.83
C GLN A 907 -5.04 -42.98 1.02
N PRO A 908 -4.86 -41.90 0.23
CA PRO A 908 -3.61 -41.78 -0.55
C PRO A 908 -2.36 -41.76 0.29
N PHE A 909 -2.41 -41.16 1.49
CA PHE A 909 -1.24 -41.21 2.37
C PHE A 909 -1.05 -42.60 2.96
N ALA A 910 -2.16 -43.25 3.36
CA ALA A 910 -2.07 -44.58 3.95
C ALA A 910 -1.55 -45.62 2.95
N CYS A 911 -1.64 -45.34 1.66
CA CYS A 911 -1.15 -46.24 0.62
C CYS A 911 0.26 -45.92 0.17
N GLY A 912 0.92 -44.94 0.78
CA GLY A 912 2.26 -44.59 0.37
C GLY A 912 2.35 -43.87 -0.95
N THR A 913 1.26 -43.22 -1.37
CA THR A 913 1.24 -42.50 -2.64
C THR A 913 1.33 -40.99 -2.46
N ALA A 914 1.24 -40.50 -1.22
CA ALA A 914 1.34 -39.07 -0.94
C ALA A 914 2.27 -38.86 0.24
N PHE A 915 3.06 -37.79 0.19
CA PHE A 915 3.96 -37.45 1.28
C PHE A 915 4.02 -35.94 1.43
N ALA A 916 4.06 -35.48 2.67
CA ALA A 916 4.17 -34.06 2.97
C ALA A 916 5.17 -33.86 4.10
N VAL A 917 5.81 -32.69 4.11
CA VAL A 917 6.78 -32.39 5.15
C VAL A 917 6.11 -32.18 6.51
N SER A 918 4.80 -31.94 6.53
CA SER A 918 4.11 -31.67 7.79
C SER A 918 4.19 -32.87 8.72
N VAL A 919 4.10 -34.08 8.18
CA VAL A 919 4.20 -35.28 9.01
C VAL A 919 5.58 -35.41 9.64
N LEU A 920 6.57 -34.69 9.10
CA LEU A 920 7.90 -34.68 9.70
C LEU A 920 7.99 -33.78 10.92
N ASP A 921 7.00 -32.91 11.14
CA ASP A 921 7.03 -32.01 12.30
C ASP A 921 7.00 -32.78 13.62
N SER A 922 6.55 -34.04 13.59
CA SER A 922 6.58 -34.88 14.79
C SER A 922 7.98 -35.27 15.21
N LEU A 923 8.99 -35.01 14.38
CA LEU A 923 10.34 -35.47 14.69
C LEU A 923 10.90 -34.80 15.94
N MET A 924 10.66 -33.49 16.11
CA MET A 924 11.19 -32.74 17.25
C MET A 924 11.04 -33.48 18.57
N SER A 925 9.81 -33.80 18.97
CA SER A 925 9.60 -34.53 20.21
C SER A 925 10.36 -35.84 20.21
N ALA A 926 10.23 -36.62 19.12
CA ALA A 926 11.00 -37.85 19.01
C ALA A 926 12.49 -37.57 19.00
N THR A 927 12.90 -36.43 18.43
CA THR A 927 14.32 -36.07 18.46
C THR A 927 14.76 -35.62 19.84
N TYR A 928 13.83 -35.16 20.68
CA TYR A 928 14.21 -34.66 21.99
C TYR A 928 14.28 -35.80 23.00
N PHE A 929 13.25 -36.63 23.08
CA PHE A 929 13.20 -37.67 24.10
C PHE A 929 14.22 -38.77 23.86
N ASN A 930 14.79 -38.85 22.66
CA ASN A 930 15.86 -39.81 22.36
C ASN A 930 16.76 -39.19 21.31
N ASP A 931 17.98 -38.82 21.70
CA ASP A 931 18.89 -38.11 20.81
C ASP A 931 19.38 -38.98 19.66
N ASN A 932 19.33 -40.30 19.79
CA ASN A 932 19.80 -41.20 18.77
C ASN A 932 18.75 -41.52 17.71
N ILE A 933 17.55 -40.94 17.82
CA ILE A 933 16.50 -41.21 16.85
C ILE A 933 16.87 -40.64 15.48
N LEU A 934 17.43 -39.43 15.45
CA LEU A 934 17.76 -38.81 14.17
C LEU A 934 18.84 -39.60 13.43
N THR A 935 19.88 -40.04 14.14
CA THR A 935 20.92 -40.81 13.47
C THR A 935 20.42 -42.20 13.09
N LEU A 936 19.51 -42.78 13.88
CA LEU A 936 18.88 -44.03 13.48
C LEU A 936 18.08 -43.86 12.20
N ILE A 937 17.35 -42.75 12.08
CA ILE A 937 16.60 -42.47 10.85
C ILE A 937 17.56 -42.28 9.68
N ARG A 938 18.68 -41.59 9.92
CA ARG A 938 19.62 -41.36 8.83
C ARG A 938 20.34 -42.63 8.40
N THR A 939 20.55 -43.57 9.33
CA THR A 939 21.21 -44.83 8.99
C THR A 939 20.26 -45.90 8.50
N LEU A 940 18.95 -45.75 8.74
CA LEU A 940 17.96 -46.67 8.22
C LEU A 940 17.31 -46.17 6.93
N VAL A 941 17.37 -44.86 6.67
CA VAL A 941 16.72 -44.25 5.51
C VAL A 941 17.74 -43.89 4.44
N THR A 942 18.78 -43.13 4.80
CA THR A 942 19.81 -42.77 3.83
C THR A 942 20.78 -43.92 3.57
N GLY A 943 20.79 -44.93 4.43
CA GLY A 943 21.59 -46.13 4.18
C GLY A 943 22.93 -46.14 4.87
N GLY A 944 22.99 -45.66 6.11
CA GLY A 944 24.23 -45.70 6.86
C GLY A 944 25.10 -44.48 6.72
N ALA A 945 24.52 -43.30 6.98
CA ALA A 945 25.28 -42.06 6.91
C ALA A 945 26.20 -41.90 8.11
N THR A 946 27.40 -42.48 8.01
CA THR A 946 28.34 -42.43 9.10
C THR A 946 28.90 -41.02 9.28
N PRO A 947 29.25 -40.63 10.50
CA PRO A 947 29.81 -39.28 10.72
C PRO A 947 31.14 -39.04 10.01
N GLU A 948 31.89 -40.08 9.64
CA GLU A 948 33.07 -39.86 8.81
C GLU A 948 32.69 -39.29 7.46
N LEU A 949 31.63 -39.81 6.85
CA LEU A 949 31.16 -39.29 5.58
C LEU A 949 30.68 -37.85 5.72
N GLU A 950 29.99 -37.55 6.83
CA GLU A 950 29.54 -36.18 7.06
C GLU A 950 30.73 -35.23 7.23
N ALA A 951 31.77 -35.68 7.93
CA ALA A 951 32.98 -34.87 8.07
C ALA A 951 33.63 -34.63 6.72
N LEU A 952 33.70 -35.67 5.89
CA LEU A 952 34.27 -35.51 4.55
C LEU A 952 33.47 -34.53 3.71
N ILE A 953 32.14 -34.62 3.78
CA ILE A 953 31.27 -33.71 3.02
C ILE A 953 31.45 -32.28 3.51
N ALA A 954 31.50 -32.09 4.84
CA ALA A 954 31.69 -30.75 5.38
C ALA A 954 33.05 -30.18 4.99
N GLU A 955 34.07 -31.04 4.90
CA GLU A 955 35.39 -30.57 4.51
C GLU A 955 35.45 -30.21 3.04
N GLU A 956 34.80 -30.99 2.17
CA GLU A 956 34.92 -30.81 0.74
C GLU A 956 33.73 -30.11 0.09
N ASN A 957 32.60 -30.02 0.78
CA ASN A 957 31.35 -29.47 0.26
C ASN A 957 30.81 -30.25 -0.94
N ALA A 958 31.42 -31.39 -1.27
CA ALA A 958 30.99 -32.23 -2.37
C ALA A 958 31.67 -33.58 -2.22
N LEU A 959 31.30 -34.50 -3.11
CA LEU A 959 31.86 -35.85 -3.13
C LEU A 959 32.82 -35.97 -4.31
N ARG A 960 34.03 -36.44 -4.03
CA ARG A 960 35.07 -36.60 -5.04
C ARG A 960 35.44 -38.07 -5.19
N GLY A 961 36.17 -38.37 -6.25
CA GLY A 961 36.57 -39.74 -6.53
C GLY A 961 37.74 -40.19 -5.67
N GLY A 962 37.98 -41.50 -5.72
CA GLY A 962 39.08 -42.07 -4.96
C GLY A 962 39.32 -43.51 -5.37
N TYR A 963 40.52 -43.99 -5.08
CA TYR A 963 40.90 -45.35 -5.42
C TYR A 963 40.29 -46.34 -4.44
N SER A 964 40.15 -47.59 -4.89
CA SER A 964 39.51 -48.61 -4.09
C SER A 964 40.40 -49.04 -2.92
N THR A 965 39.74 -49.49 -1.85
CA THR A 965 40.41 -50.01 -0.67
C THR A 965 39.75 -51.34 -0.29
N PRO A 966 40.53 -52.40 -0.06
CA PRO A 966 39.91 -53.69 0.30
C PRO A 966 39.14 -53.67 1.61
N GLN A 967 39.36 -52.67 2.46
CA GLN A 967 38.70 -52.60 3.76
C GLN A 967 37.21 -52.29 3.66
N THR A 968 36.71 -51.94 2.47
CA THR A 968 35.33 -51.53 2.28
C THR A 968 34.40 -52.70 1.97
N LEU A 969 34.75 -53.91 2.42
CA LEU A 969 33.95 -55.10 2.14
C LEU A 969 33.57 -55.90 3.37
N ALA A 970 33.82 -55.37 4.58
CA ALA A 970 33.53 -56.11 5.81
C ALA A 970 32.42 -55.49 6.64
N ASN A 971 32.19 -54.18 6.53
CA ASN A 971 31.18 -53.49 7.32
C ASN A 971 29.87 -53.31 6.56
N ARG A 972 29.74 -53.93 5.39
CA ARG A 972 28.56 -53.76 4.55
C ARG A 972 27.49 -54.81 4.81
N ASP A 973 27.73 -55.73 5.74
CA ASP A 973 26.76 -56.78 6.08
C ASP A 973 25.78 -56.20 7.09
N ARG A 974 24.57 -55.89 6.63
CA ARG A 974 23.53 -55.32 7.47
C ARG A 974 22.20 -55.97 7.10
N CYS A 975 21.11 -55.39 7.58
CA CYS A 975 19.76 -55.85 7.26
C CYS A 975 19.10 -54.84 6.35
N ARG A 976 18.71 -55.28 5.16
CA ARG A 976 18.03 -54.44 4.19
C ARG A 976 16.52 -54.49 4.43
N VAL A 977 15.86 -53.37 4.16
CA VAL A 977 14.41 -53.28 4.29
C VAL A 977 13.79 -53.43 2.91
N ALA A 978 12.75 -54.27 2.83
CA ALA A 978 12.05 -54.51 1.57
C ALA A 978 10.67 -55.06 1.89
N GLN A 979 9.98 -55.59 0.89
CA GLN A 979 8.68 -56.20 1.08
C GLN A 979 8.65 -57.54 0.38
N LEU A 980 7.91 -58.48 0.96
CA LEU A 980 7.79 -59.83 0.41
C LEU A 980 6.34 -60.24 0.34
N ALA A 981 6.03 -61.12 -0.61
CA ALA A 981 4.68 -61.53 -0.92
C ALA A 981 4.37 -62.87 -0.27
N LEU A 982 3.15 -63.00 0.26
CA LEU A 982 2.68 -64.22 0.87
C LEU A 982 1.81 -65.06 -0.07
N LEU A 983 1.61 -64.60 -1.32
CA LEU A 983 0.80 -65.35 -2.26
C LEU A 983 1.45 -66.68 -2.63
N ASP A 984 2.76 -66.67 -2.85
CA ASP A 984 3.49 -67.86 -3.26
C ASP A 984 4.63 -68.12 -2.28
N GLY A 985 5.45 -69.11 -2.61
CA GLY A 985 6.59 -69.45 -1.81
C GLY A 985 6.22 -70.22 -0.56
N PRO A 986 7.14 -70.28 0.40
CA PRO A 986 6.88 -71.05 1.62
C PRO A 986 5.96 -70.35 2.62
N PHE A 987 5.53 -69.11 2.33
CA PHE A 987 4.59 -68.41 3.17
C PHE A 987 3.14 -68.62 2.76
N ALA A 988 2.89 -69.31 1.64
CA ALA A 988 1.53 -69.49 1.16
C ALA A 988 0.72 -70.41 2.06
N ASP A 989 1.34 -71.49 2.55
CA ASP A 989 0.61 -72.44 3.40
C ASP A 989 0.16 -71.79 4.70
N LEU A 990 1.02 -70.98 5.31
CA LEU A 990 0.64 -70.26 6.52
C LEU A 990 -0.16 -68.99 6.22
N GLY A 991 -0.21 -68.57 4.97
CA GLY A 991 -0.96 -67.39 4.58
C GLY A 991 -2.38 -67.65 4.13
N ASP A 992 -2.74 -68.91 3.90
CA ASP A 992 -4.10 -69.27 3.46
C ASP A 992 -4.99 -69.43 4.68
N GLY A 993 -5.42 -68.29 5.22
CA GLY A 993 -6.29 -68.27 6.38
C GLY A 993 -5.58 -68.36 7.72
N GLY A 994 -4.25 -68.38 7.73
CA GLY A 994 -3.53 -68.46 8.97
C GLY A 994 -3.46 -67.13 9.70
N CYS A 995 -2.81 -67.15 10.86
CA CYS A 995 -2.66 -65.95 11.66
C CYS A 995 -1.29 -65.32 11.42
N TYR A 996 -1.21 -64.01 11.70
CA TYR A 996 0.04 -63.28 11.49
C TYR A 996 1.15 -63.79 12.39
N GLY A 997 0.81 -64.13 13.64
CA GLY A 997 1.84 -64.50 14.61
C GLY A 997 2.60 -65.74 14.21
N ASP A 998 1.90 -66.77 13.72
CA ASP A 998 2.57 -67.99 13.32
C ASP A 998 3.56 -67.75 12.18
N LEU A 999 3.13 -67.00 11.15
CA LEU A 999 4.01 -66.71 10.03
C LEU A 999 5.19 -65.87 10.47
N PHE A 1000 4.96 -64.88 11.33
CA PHE A 1000 6.06 -64.05 11.83
C PHE A 1000 7.07 -64.87 12.60
N CYS A 1001 6.59 -65.75 13.49
CA CYS A 1001 7.49 -66.58 14.27
C CYS A 1001 8.28 -67.54 13.39
N LYS A 1002 7.60 -68.17 12.42
CA LYS A 1002 8.30 -69.10 11.53
C LYS A 1002 9.36 -68.37 10.70
N ALA A 1003 9.01 -67.20 10.18
CA ALA A 1003 9.97 -66.44 9.38
C ALA A 1003 11.16 -66.00 10.22
N LEU A 1004 10.91 -65.55 11.46
CA LEU A 1004 11.99 -65.16 12.35
C LEU A 1004 12.90 -66.35 12.67
N LYS A 1005 12.30 -67.51 12.92
CA LYS A 1005 13.10 -68.69 13.23
C LYS A 1005 13.95 -69.12 12.04
N THR A 1006 13.40 -69.06 10.83
CA THR A 1006 14.03 -69.68 9.68
C THR A 1006 14.93 -68.71 8.90
N TYR A 1007 14.36 -67.60 8.41
CA TYR A 1007 15.07 -66.71 7.51
C TYR A 1007 15.62 -65.47 8.20
N ASN A 1008 15.72 -65.49 9.53
CA ASN A 1008 16.17 -64.33 10.30
C ASN A 1008 15.34 -63.11 9.98
N MET A 1009 14.04 -63.33 9.79
CA MET A 1009 13.11 -62.32 9.33
C MET A 1009 12.67 -61.42 10.49
N LEU A 1010 12.04 -60.30 10.14
CA LEU A 1010 11.46 -59.40 11.13
C LEU A 1010 10.32 -58.65 10.45
N CYS A 1011 9.10 -59.07 10.74
CA CYS A 1011 7.90 -58.45 10.18
C CYS A 1011 7.38 -57.43 11.19
N PHE A 1012 7.32 -56.17 10.77
CA PHE A 1012 6.80 -55.09 11.61
C PHE A 1012 5.53 -54.48 11.05
N GLY A 1013 4.98 -55.04 9.98
CA GLY A 1013 3.76 -54.50 9.41
C GLY A 1013 3.31 -55.36 8.24
N ILE A 1014 2.07 -55.09 7.82
CA ILE A 1014 1.44 -55.79 6.71
C ILE A 1014 1.01 -54.76 5.67
N TYR A 1015 1.43 -54.98 4.42
CA TYR A 1015 1.01 -54.14 3.29
C TYR A 1015 -0.15 -54.85 2.60
N ARG A 1016 -1.35 -54.54 3.08
CA ARG A 1016 -2.56 -55.30 2.74
C ARG A 1016 -3.41 -54.52 1.74
N LEU A 1017 -3.87 -55.21 0.71
CA LEU A 1017 -4.74 -54.59 -0.29
C LEU A 1017 -6.02 -54.09 0.36
N ARG A 1018 -6.47 -52.92 -0.07
CA ARG A 1018 -7.63 -52.29 0.56
C ARG A 1018 -8.88 -53.15 0.45
N ASP A 1019 -9.05 -53.83 -0.69
CA ASP A 1019 -10.21 -54.68 -0.92
C ASP A 1019 -9.92 -56.16 -0.63
N ALA A 1020 -8.75 -56.47 -0.08
CA ALA A 1020 -8.43 -57.86 0.24
C ALA A 1020 -9.36 -58.40 1.32
N HIS A 1021 -9.68 -57.59 2.33
CA HIS A 1021 -10.58 -58.02 3.38
C HIS A 1021 -12.03 -58.07 2.92
N LEU A 1022 -12.37 -57.37 1.84
CA LEU A 1022 -13.73 -57.38 1.32
C LEU A 1022 -14.03 -58.71 0.62
N SER A 1023 -15.26 -59.18 0.79
CA SER A 1023 -15.67 -60.44 0.17
C SER A 1023 -15.69 -60.32 -1.35
N THR A 1024 -16.20 -59.20 -1.86
CA THR A 1024 -16.29 -59.02 -3.31
C THR A 1024 -14.90 -58.83 -3.90
N PRO A 1025 -14.53 -59.62 -4.91
CA PRO A 1025 -13.19 -59.46 -5.52
C PRO A 1025 -13.20 -58.32 -6.53
N SER A 1026 -12.44 -57.28 -6.23
CA SER A 1026 -12.35 -56.09 -7.08
C SER A 1026 -11.05 -56.09 -7.88
N GLN A 1027 -10.93 -55.12 -8.77
CA GLN A 1027 -9.74 -54.93 -9.58
C GLN A 1027 -8.74 -53.97 -8.95
N CYS A 1028 -9.01 -53.51 -7.73
CA CYS A 1028 -8.12 -52.56 -7.08
C CYS A 1028 -6.76 -53.19 -6.80
N THR A 1029 -5.73 -52.35 -6.82
CA THR A 1029 -4.35 -52.78 -6.62
C THR A 1029 -3.68 -52.12 -5.42
N LYS A 1030 -3.99 -50.85 -5.14
CA LYS A 1030 -3.32 -50.14 -4.07
C LYS A 1030 -3.57 -50.79 -2.72
N ARG A 1031 -2.55 -50.73 -1.85
CA ARG A 1031 -2.58 -51.36 -0.54
C ARG A 1031 -2.23 -50.34 0.53
N TYR A 1032 -2.73 -50.59 1.73
CA TYR A 1032 -2.44 -49.77 2.91
C TYR A 1032 -1.51 -50.53 3.86
N VAL A 1033 -1.11 -49.84 4.92
CA VAL A 1033 -0.13 -50.36 5.87
C VAL A 1033 -0.80 -50.53 7.23
N ILE A 1034 -0.67 -51.73 7.81
CA ILE A 1034 -1.06 -51.99 9.19
C ILE A 1034 0.22 -52.25 9.97
N THR A 1035 0.46 -51.44 11.00
CA THR A 1035 1.72 -51.48 11.72
C THR A 1035 1.60 -52.36 12.97
N ASN A 1036 2.52 -53.30 13.09
CA ASN A 1036 2.62 -54.20 14.25
C ASN A 1036 1.31 -54.91 14.52
N PRO A 1037 0.86 -55.81 13.63
CA PRO A 1037 -0.38 -56.53 13.90
C PRO A 1037 -0.18 -57.54 15.02
N PRO A 1038 -1.24 -57.87 15.76
CA PRO A 1038 -1.10 -58.81 16.88
C PRO A 1038 -0.85 -60.23 16.40
N TYR A 1039 -0.57 -61.11 17.36
CA TYR A 1039 -0.30 -62.51 17.05
C TYR A 1039 -1.53 -63.17 16.45
N GLU A 1040 -2.72 -62.88 16.99
CA GLU A 1040 -3.96 -63.50 16.54
C GLU A 1040 -4.60 -62.76 15.37
N PHE A 1041 -3.85 -61.86 14.72
CA PHE A 1041 -4.41 -61.12 13.59
C PHE A 1041 -4.61 -62.05 12.40
N GLU A 1042 -5.81 -62.00 11.83
CA GLU A 1042 -6.11 -62.82 10.66
C GLU A 1042 -5.32 -62.33 9.45
N LEU A 1043 -4.80 -63.27 8.67
CA LEU A 1043 -3.93 -62.97 7.55
C LEU A 1043 -4.60 -63.37 6.24
N VAL A 1044 -4.37 -62.58 5.21
CA VAL A 1044 -4.93 -62.79 3.88
C VAL A 1044 -3.81 -63.20 2.94
N PRO A 1045 -4.02 -64.23 2.10
CA PRO A 1045 -2.90 -64.72 1.25
C PRO A 1045 -2.33 -63.66 0.32
N THR A 1046 -3.11 -62.68 -0.10
CA THR A 1046 -2.66 -61.65 -1.02
C THR A 1046 -2.01 -60.46 -0.31
N ASP A 1047 -1.51 -60.66 0.91
CA ASP A 1047 -0.89 -59.60 1.68
C ASP A 1047 0.61 -59.53 1.41
N LEU A 1048 1.15 -58.33 1.53
CA LEU A 1048 2.59 -58.09 1.49
C LEU A 1048 3.05 -57.73 2.90
N ILE A 1049 4.24 -58.18 3.27
CA ILE A 1049 4.80 -57.90 4.59
C ILE A 1049 6.13 -57.19 4.42
N PHE A 1050 6.51 -56.40 5.42
CA PHE A 1050 7.77 -55.68 5.40
C PHE A 1050 8.85 -56.52 6.06
N CYS A 1051 10.02 -56.58 5.42
CA CYS A 1051 11.05 -57.54 5.75
C CYS A 1051 12.40 -56.87 5.92
N LEU A 1052 13.18 -57.40 6.87
CA LEU A 1052 14.58 -57.02 7.05
C LEU A 1052 15.42 -58.26 6.83
N MET A 1053 16.32 -58.21 5.85
CA MET A 1053 17.06 -59.36 5.37
C MET A 1053 18.57 -59.13 5.52
N GLN A 1054 19.33 -60.16 5.17
CA GLN A 1054 20.78 -60.14 5.23
C GLN A 1054 21.34 -59.80 3.85
N PHE A 1055 22.66 -59.93 3.68
CA PHE A 1055 23.32 -59.56 2.44
C PHE A 1055 24.43 -60.56 2.12
N ASP A 1056 24.69 -60.73 0.83
CA ASP A 1056 25.79 -61.56 0.33
C ASP A 1056 26.64 -60.74 -0.63
N HIS A 1057 27.97 -60.88 -0.50
CA HIS A 1057 28.90 -60.01 -1.20
C HIS A 1057 29.36 -60.54 -2.55
N ASN A 1058 28.89 -61.72 -2.96
CA ASN A 1058 29.32 -62.34 -4.21
C ASN A 1058 28.14 -62.61 -5.14
N ALA A 1059 27.25 -61.62 -5.27
CA ALA A 1059 26.11 -61.73 -6.17
C ALA A 1059 26.31 -60.97 -7.47
N GLY A 1060 27.36 -60.17 -7.57
CA GLY A 1060 27.63 -59.39 -8.78
C GLY A 1060 28.32 -60.19 -9.87
N GLN B 19 -55.13 42.21 14.06
CA GLN B 19 -54.16 43.15 14.61
C GLN B 19 -52.74 42.70 14.28
N ARG B 20 -52.58 41.44 13.91
CA ARG B 20 -51.29 40.87 13.55
C ARG B 20 -51.14 40.88 12.04
N MET B 21 -50.01 41.38 11.57
CA MET B 21 -49.74 41.64 10.16
C MET B 21 -48.47 40.96 9.68
N TRP B 22 -48.32 39.66 9.92
CA TRP B 22 -47.13 38.96 9.48
C TRP B 22 -47.31 38.27 8.14
N TRP B 23 -48.54 37.86 7.80
CA TRP B 23 -48.79 37.25 6.52
C TRP B 23 -48.50 38.21 5.37
N ALA B 24 -48.62 39.52 5.59
CA ALA B 24 -48.29 40.46 4.52
C ALA B 24 -46.82 40.40 4.14
N PHE B 25 -45.93 40.57 5.11
CA PHE B 25 -44.49 40.54 4.83
C PHE B 25 -44.08 39.16 4.34
N LEU B 26 -44.66 38.11 4.91
CA LEU B 26 -44.36 36.76 4.44
C LEU B 26 -44.76 36.61 2.97
N ALA B 27 -45.97 37.05 2.62
CA ALA B 27 -46.54 36.72 1.32
C ALA B 27 -46.03 37.62 0.21
N SER B 28 -45.54 38.82 0.52
CA SER B 28 -44.88 39.62 -0.52
C SER B 28 -43.70 38.86 -1.10
N SER B 29 -42.77 38.45 -0.24
CA SER B 29 -41.63 37.65 -0.68
C SER B 29 -42.08 36.29 -1.22
N MET B 30 -43.11 35.70 -0.59
CA MET B 30 -43.53 34.37 -0.97
C MET B 30 -44.04 34.35 -2.40
N VAL B 31 -44.99 35.25 -2.72
CA VAL B 31 -45.49 35.42 -4.06
C VAL B 31 -44.42 35.95 -5.01
N THR B 32 -43.41 36.69 -4.52
CA THR B 32 -42.31 37.06 -5.41
C THR B 32 -41.59 35.82 -5.93
N PHE B 33 -41.18 34.94 -5.01
CA PHE B 33 -40.46 33.72 -5.40
C PHE B 33 -41.34 32.81 -6.26
N PHE B 34 -42.60 32.64 -5.87
CA PHE B 34 -43.51 31.81 -6.66
C PHE B 34 -43.78 32.41 -8.03
N GLY B 35 -44.06 33.71 -8.13
CA GLY B 35 -44.27 34.31 -9.44
C GLY B 35 -43.05 34.21 -10.32
N GLY B 36 -41.86 34.33 -9.73
CA GLY B 36 -40.65 34.14 -10.52
C GLY B 36 -40.54 32.73 -11.09
N LEU B 37 -40.72 31.72 -10.24
CA LEU B 37 -40.69 30.35 -10.73
C LEU B 37 -41.79 30.11 -11.76
N PHE B 38 -42.97 30.68 -11.52
CA PHE B 38 -44.09 30.47 -12.42
C PHE B 38 -43.81 31.06 -13.79
N ILE B 39 -43.29 32.29 -13.84
CA ILE B 39 -42.95 32.93 -15.10
C ILE B 39 -41.86 32.15 -15.83
N ILE B 40 -40.86 31.66 -15.09
CA ILE B 40 -39.81 30.89 -15.73
C ILE B 40 -40.37 29.61 -16.35
N LEU B 41 -41.17 28.86 -15.58
CA LEU B 41 -41.71 27.63 -16.13
C LEU B 41 -42.69 27.93 -17.25
N LEU B 42 -43.33 29.10 -17.21
CA LEU B 42 -44.28 29.46 -18.26
C LEU B 42 -43.55 29.74 -19.56
N TRP B 43 -42.44 30.48 -19.48
CA TRP B 43 -41.60 30.68 -20.65
C TRP B 43 -41.08 29.35 -21.21
N ARG B 44 -40.66 28.44 -20.32
CA ARG B 44 -40.17 27.15 -20.79
C ARG B 44 -41.28 26.34 -21.47
N THR B 45 -42.48 26.32 -20.89
CA THR B 45 -43.59 25.59 -21.49
C THR B 45 -44.02 26.22 -22.80
N LEU B 46 -43.93 27.55 -22.91
CA LEU B 46 -44.26 28.22 -24.16
C LEU B 46 -43.26 27.85 -25.25
N LYS B 47 -41.97 27.89 -24.93
CA LYS B 47 -40.97 27.38 -25.87
C LYS B 47 -41.27 25.94 -26.26
N TYR B 48 -41.66 25.10 -25.29
CA TYR B 48 -41.88 23.69 -25.60
C TYR B 48 -43.06 23.50 -26.55
N LEU B 49 -44.20 24.13 -26.25
CA LEU B 49 -45.36 24.05 -27.12
C LEU B 49 -45.07 24.63 -28.49
N TRP B 50 -44.32 25.72 -28.55
CA TRP B 50 -44.01 26.36 -29.83
C TRP B 50 -43.12 25.47 -30.68
N THR B 51 -42.15 24.79 -30.05
CA THR B 51 -41.30 23.87 -30.78
C THR B 51 -42.10 22.66 -31.27
N VAL B 52 -43.01 22.14 -30.44
CA VAL B 52 -43.76 20.95 -30.82
C VAL B 52 -44.73 21.26 -31.96
N CYS B 53 -45.49 22.35 -31.84
CA CYS B 53 -46.47 22.68 -32.87
C CYS B 53 -45.81 23.35 -34.07
N CYS B 54 -44.59 23.84 -33.89
CA CYS B 54 -43.90 24.64 -34.91
C CYS B 54 -42.40 24.65 -34.60
N ALA B 89 -20.36 37.92 -37.99
CA ALA B 89 -20.27 37.30 -36.68
C ALA B 89 -20.16 38.35 -35.59
N GLU B 90 -21.28 39.01 -35.31
CA GLU B 90 -21.36 40.05 -34.29
C GLU B 90 -22.25 39.58 -33.15
N VAL B 91 -21.73 39.67 -31.92
CA VAL B 91 -22.50 39.27 -30.76
C VAL B 91 -23.63 40.26 -30.51
N GLY B 92 -24.65 39.81 -29.78
CA GLY B 92 -25.84 40.63 -29.58
C GLY B 92 -25.71 41.58 -28.41
N TRP B 93 -26.70 42.47 -28.31
CA TRP B 93 -26.77 43.41 -27.19
C TRP B 93 -27.02 42.68 -25.87
N MET B 94 -27.90 41.68 -25.87
CA MET B 94 -28.06 40.78 -24.73
C MET B 94 -26.74 40.12 -24.34
N THR B 95 -26.00 39.59 -25.33
CA THR B 95 -24.75 38.93 -25.03
C THR B 95 -23.73 39.91 -24.45
N SER B 96 -23.64 41.12 -25.02
CA SER B 96 -22.71 42.11 -24.52
C SER B 96 -23.07 42.54 -23.10
N VAL B 97 -24.36 42.75 -22.82
CA VAL B 97 -24.77 43.14 -21.49
C VAL B 97 -24.50 42.02 -20.48
N LYS B 98 -24.74 40.77 -20.89
CA LYS B 98 -24.45 39.64 -20.01
C LYS B 98 -22.96 39.55 -19.71
N ASP B 99 -22.11 39.76 -20.71
CA ASP B 99 -20.67 39.76 -20.48
C ASP B 99 -20.26 40.89 -19.56
N TRP B 100 -20.85 42.08 -19.74
CA TRP B 100 -20.59 43.21 -18.87
C TRP B 100 -20.94 42.89 -17.42
N ALA B 101 -22.13 42.32 -17.20
CA ALA B 101 -22.56 41.99 -15.84
C ALA B 101 -21.66 40.92 -15.23
N GLY B 102 -21.29 39.91 -16.02
CA GLY B 102 -20.41 38.88 -15.52
C GLY B 102 -19.03 39.41 -15.16
N VAL B 103 -18.50 40.32 -15.98
CA VAL B 103 -17.21 40.93 -15.68
C VAL B 103 -17.30 41.75 -14.40
N MET B 104 -18.38 42.51 -14.23
CA MET B 104 -18.54 43.32 -13.03
C MET B 104 -18.70 42.49 -11.76
N ILE B 105 -19.54 41.44 -11.78
CA ILE B 105 -19.74 40.64 -10.57
C ILE B 105 -18.54 39.76 -10.24
N SER B 106 -17.62 39.56 -11.19
CA SER B 106 -16.43 38.76 -10.96
C SER B 106 -15.23 39.60 -10.56
N ALA B 107 -15.41 40.91 -10.39
CA ALA B 107 -14.35 41.81 -9.93
C ALA B 107 -13.13 41.77 -10.85
N GLN B 108 -13.38 41.76 -12.16
CA GLN B 108 -12.31 41.79 -13.14
C GLN B 108 -11.87 43.20 -13.51
N THR B 109 -12.58 44.22 -13.03
CA THR B 109 -12.22 45.62 -13.25
C THR B 109 -12.24 46.34 -11.92
N LEU B 110 -11.84 47.62 -11.95
CA LEU B 110 -11.83 48.41 -10.72
C LEU B 110 -13.25 48.58 -10.18
N THR B 111 -14.21 48.88 -11.05
CA THR B 111 -15.60 48.99 -10.61
C THR B 111 -16.12 47.68 -10.06
N GLY B 112 -15.74 46.56 -10.67
CA GLY B 112 -16.15 45.26 -10.15
C GLY B 112 -15.56 44.98 -8.77
N ARG B 113 -14.28 45.31 -8.57
CA ARG B 113 -13.67 45.13 -7.26
C ARG B 113 -14.35 46.00 -6.21
N VAL B 114 -14.66 47.25 -6.57
CA VAL B 114 -15.36 48.13 -5.64
C VAL B 114 -16.73 47.56 -5.30
N LEU B 115 -17.45 47.05 -6.32
CA LEU B 115 -18.77 46.46 -6.07
C LEU B 115 -18.67 45.26 -5.16
N VAL B 116 -17.66 44.40 -5.36
CA VAL B 116 -17.51 43.21 -4.54
C VAL B 116 -17.18 43.58 -3.09
N VAL B 117 -16.29 44.55 -2.91
CA VAL B 117 -15.96 45.01 -1.56
C VAL B 117 -17.19 45.61 -0.88
N LEU B 118 -17.98 46.38 -1.64
CA LEU B 118 -19.21 46.95 -1.09
C LEU B 118 -20.20 45.85 -0.72
N VAL B 119 -20.27 44.80 -1.52
CA VAL B 119 -21.16 43.67 -1.21
C VAL B 119 -20.76 43.04 0.12
N PHE B 120 -19.45 42.79 0.29
CA PHE B 120 -18.94 42.25 1.54
C PHE B 120 -19.30 43.15 2.73
N ALA B 121 -18.96 44.43 2.62
CA ALA B 121 -19.18 45.36 3.73
C ALA B 121 -20.65 45.51 4.05
N LEU B 122 -21.51 45.57 3.03
CA LEU B 122 -22.93 45.77 3.27
C LEU B 122 -23.62 44.51 3.76
N SER B 123 -23.12 43.33 3.39
CA SER B 123 -23.62 42.10 4.01
C SER B 123 -23.31 42.10 5.50
N ILE B 124 -22.08 42.48 5.86
CA ILE B 124 -21.74 42.56 7.28
C ILE B 124 -22.61 43.60 7.98
N GLY B 125 -22.82 44.75 7.33
CA GLY B 125 -23.63 45.80 7.93
C GLY B 125 -25.08 45.40 8.11
N ALA B 126 -25.65 44.69 7.13
CA ALA B 126 -27.02 44.21 7.27
C ALA B 126 -27.13 43.18 8.39
N LEU B 127 -26.13 42.31 8.53
CA LEU B 127 -26.14 41.37 9.64
C LEU B 127 -26.08 42.10 10.98
N VAL B 128 -25.25 43.15 11.07
CA VAL B 128 -25.16 43.92 12.30
C VAL B 128 -26.47 44.64 12.59
N ILE B 129 -27.12 45.16 11.55
CA ILE B 129 -28.41 45.82 11.72
C ILE B 129 -29.46 44.83 12.23
N TYR B 130 -29.44 43.62 11.70
CA TYR B 130 -30.35 42.59 12.21
C TYR B 130 -30.05 42.27 13.67
N PHE B 131 -28.77 42.19 14.03
CA PHE B 131 -28.41 41.95 15.42
C PHE B 131 -28.96 43.05 16.32
N ILE B 132 -28.83 44.31 15.88
CA ILE B 132 -29.34 45.43 16.67
C ILE B 132 -30.86 45.37 16.79
N ASP B 133 -31.54 45.08 15.70
CA ASP B 133 -33.01 45.09 15.68
C ASP B 133 -33.62 43.86 16.34
N SER B 134 -32.83 42.80 16.58
CA SER B 134 -33.39 41.61 17.23
C SER B 134 -33.90 41.91 18.63
N SER B 135 -33.33 42.91 19.30
CA SER B 135 -33.79 43.27 20.65
C SER B 135 -35.16 43.92 20.63
N ASN B 136 -35.59 44.47 19.50
CA ASN B 136 -36.89 45.11 19.40
C ASN B 136 -38.00 44.07 19.45
N PRO B 137 -39.22 44.48 19.80
CA PRO B 137 -40.35 43.54 19.80
C PRO B 137 -40.57 42.93 18.43
N ILE B 138 -41.30 41.80 18.43
CA ILE B 138 -41.51 41.06 17.19
C ILE B 138 -42.26 41.91 16.17
N GLU B 139 -43.31 42.59 16.61
CA GLU B 139 -44.07 43.50 15.76
C GLU B 139 -44.17 44.85 16.46
N SER B 140 -43.76 45.91 15.76
CA SER B 140 -43.75 47.25 16.34
C SER B 140 -44.06 48.24 15.23
N CYS B 141 -43.99 49.53 15.56
CA CYS B 141 -44.27 50.60 14.62
C CYS B 141 -42.98 51.33 14.27
N GLN B 142 -42.85 51.71 13.00
CA GLN B 142 -41.69 52.44 12.50
C GLN B 142 -42.13 53.76 11.88
N ASN B 143 -41.18 54.69 11.78
CA ASN B 143 -41.45 56.03 11.31
C ASN B 143 -40.85 56.34 9.94
N PHE B 144 -39.64 55.84 9.67
CA PHE B 144 -38.85 56.07 8.46
C PHE B 144 -38.34 57.51 8.34
N TYR B 145 -38.71 58.40 9.25
CA TYR B 145 -38.28 59.79 9.17
C TYR B 145 -37.54 60.26 10.41
N LYS B 146 -37.34 59.39 11.41
CA LYS B 146 -36.60 59.75 12.60
C LYS B 146 -35.55 58.72 12.98
N ASP B 147 -35.65 57.49 12.49
CA ASP B 147 -34.71 56.42 12.83
C ASP B 147 -33.71 56.27 11.68
N PHE B 148 -32.43 56.43 12.00
CA PHE B 148 -31.39 56.33 10.98
C PHE B 148 -31.16 54.89 10.56
N THR B 149 -31.39 53.94 11.48
CA THR B 149 -31.15 52.53 11.19
C THR B 149 -32.03 52.04 10.05
N LEU B 150 -33.30 52.46 10.03
CA LEU B 150 -34.20 52.05 8.96
C LEU B 150 -33.74 52.59 7.60
N GLN B 151 -33.28 53.85 7.56
CA GLN B 151 -32.79 54.41 6.31
C GLN B 151 -31.53 53.70 5.84
N ILE B 152 -30.63 53.36 6.76
CA ILE B 152 -29.45 52.60 6.40
C ILE B 152 -29.84 51.23 5.86
N ASP B 153 -30.82 50.60 6.49
CA ASP B 153 -31.30 49.29 6.02
C ASP B 153 -31.90 49.40 4.62
N MET B 154 -32.64 50.47 4.35
CA MET B 154 -33.18 50.67 3.01
C MET B 154 -32.08 50.88 1.98
N ALA B 155 -31.05 51.66 2.32
CA ALA B 155 -29.95 51.82 1.40
C ALA B 155 -29.27 50.48 1.11
N PHE B 156 -29.07 49.68 2.15
CA PHE B 156 -28.45 48.37 1.99
C PHE B 156 -29.33 47.46 1.11
N ASN B 157 -30.63 47.48 1.34
CA ASN B 157 -31.53 46.63 0.57
C ASN B 157 -31.65 47.06 -0.88
N VAL B 158 -31.60 48.37 -1.15
CA VAL B 158 -31.59 48.85 -2.54
C VAL B 158 -30.31 48.39 -3.22
N PHE B 159 -29.17 48.49 -2.54
CA PHE B 159 -27.93 48.00 -3.11
C PHE B 159 -28.00 46.50 -3.38
N PHE B 160 -28.57 45.74 -2.45
CA PHE B 160 -28.70 44.29 -2.64
C PHE B 160 -29.62 43.97 -3.80
N LEU B 161 -30.69 44.75 -3.98
CA LEU B 161 -31.58 44.53 -5.12
C LEU B 161 -30.87 44.79 -6.44
N LEU B 162 -30.08 45.87 -6.50
CA LEU B 162 -29.30 46.13 -7.71
C LEU B 162 -28.29 45.02 -7.97
N TYR B 163 -27.64 44.54 -6.91
CA TYR B 163 -26.69 43.43 -7.06
C TYR B 163 -27.39 42.18 -7.55
N PHE B 164 -28.59 41.91 -7.05
CA PHE B 164 -29.36 40.76 -7.53
C PHE B 164 -29.70 40.91 -9.00
N GLY B 165 -30.07 42.12 -9.43
CA GLY B 165 -30.32 42.35 -10.84
C GLY B 165 -29.10 42.08 -11.70
N LEU B 166 -27.94 42.56 -11.26
CA LEU B 166 -26.71 42.29 -11.98
C LEU B 166 -26.42 40.79 -12.06
N ARG B 167 -26.59 40.09 -10.94
CA ARG B 167 -26.34 38.65 -10.90
C ARG B 167 -27.31 37.90 -11.82
N PHE B 168 -28.57 38.31 -11.84
CA PHE B 168 -29.55 37.69 -12.72
C PHE B 168 -29.19 37.90 -14.18
N ILE B 169 -28.75 39.11 -14.52
CA ILE B 169 -28.33 39.37 -15.90
C ILE B 169 -27.14 38.50 -16.27
N ALA B 170 -26.17 38.39 -15.36
CA ALA B 170 -24.96 37.61 -15.63
C ALA B 170 -25.19 36.10 -15.58
N ALA B 171 -26.34 35.64 -15.12
CA ALA B 171 -26.57 34.22 -14.93
C ALA B 171 -26.73 33.49 -16.26
N ASN B 172 -26.06 32.35 -16.39
CA ASN B 172 -26.20 31.54 -17.60
C ASN B 172 -27.59 30.91 -17.67
N ASP B 173 -28.03 30.29 -16.57
CA ASP B 173 -29.34 29.64 -16.50
C ASP B 173 -30.19 30.37 -15.47
N LYS B 174 -31.34 30.87 -15.90
CA LYS B 174 -32.19 31.66 -15.01
C LYS B 174 -32.94 30.78 -14.03
N LEU B 175 -33.35 29.59 -14.45
CA LEU B 175 -34.11 28.71 -13.57
C LEU B 175 -33.28 28.27 -12.37
N TRP B 176 -32.04 27.85 -12.61
CA TRP B 176 -31.18 27.42 -11.51
C TRP B 176 -30.65 28.61 -10.71
N PHE B 177 -30.54 29.78 -11.33
CA PHE B 177 -30.19 30.98 -10.57
C PHE B 177 -31.29 31.36 -9.60
N TRP B 178 -32.56 31.20 -10.02
CA TRP B 178 -33.69 31.54 -9.17
C TRP B 178 -33.74 30.70 -7.90
N LEU B 179 -33.16 29.51 -7.91
CA LEU B 179 -33.18 28.61 -6.77
C LEU B 179 -31.89 28.68 -5.95
N GLU B 180 -31.01 29.63 -6.25
CA GLU B 180 -29.78 29.78 -5.48
C GLU B 180 -30.09 30.31 -4.09
N VAL B 181 -29.17 30.02 -3.15
CA VAL B 181 -29.36 30.44 -1.76
C VAL B 181 -29.38 31.95 -1.66
N ASN B 182 -28.46 32.62 -2.36
CA ASN B 182 -28.41 34.09 -2.33
C ASN B 182 -29.69 34.69 -2.92
N SER B 183 -30.19 34.10 -4.01
CA SER B 183 -31.42 34.60 -4.61
C SER B 183 -32.59 34.46 -3.65
N VAL B 184 -32.70 33.32 -2.97
CA VAL B 184 -33.78 33.10 -2.01
C VAL B 184 -33.66 34.08 -0.85
N VAL B 185 -32.44 34.33 -0.38
CA VAL B 185 -32.22 35.28 0.70
C VAL B 185 -32.68 36.67 0.27
N ASP B 186 -32.33 37.09 -0.95
CA ASP B 186 -32.78 38.39 -1.43
C ASP B 186 -34.29 38.44 -1.54
N PHE B 187 -34.91 37.37 -2.06
CA PHE B 187 -36.36 37.31 -2.18
C PHE B 187 -37.04 37.50 -0.84
N PHE B 188 -36.56 36.79 0.18
CA PHE B 188 -37.20 36.84 1.49
C PHE B 188 -36.68 37.96 2.38
N THR B 189 -35.74 38.78 1.88
CA THR B 189 -35.23 39.90 2.64
C THR B 189 -35.73 41.26 2.15
N VAL B 190 -35.67 41.53 0.85
CA VAL B 190 -35.89 42.89 0.36
C VAL B 190 -37.38 43.28 0.32
N PRO B 191 -38.27 42.47 -0.25
CA PRO B 191 -39.70 42.83 -0.26
C PRO B 191 -40.27 43.03 1.14
N PRO B 192 -39.83 42.27 2.16
CA PRO B 192 -40.30 42.59 3.53
C PRO B 192 -40.07 44.04 3.94
N VAL B 193 -38.84 44.54 3.84
CA VAL B 193 -38.59 45.92 4.25
C VAL B 193 -39.29 46.90 3.31
N PHE B 194 -39.38 46.56 2.03
CA PHE B 194 -40.07 47.43 1.08
C PHE B 194 -41.53 47.62 1.48
N VAL B 195 -42.20 46.54 1.88
CA VAL B 195 -43.59 46.64 2.33
C VAL B 195 -43.67 47.33 3.68
N SER B 196 -42.71 47.04 4.57
CA SER B 196 -42.73 47.61 5.91
C SER B 196 -42.67 49.13 5.86
N VAL B 197 -41.89 49.67 4.93
CA VAL B 197 -41.68 51.12 4.92
C VAL B 197 -42.99 51.86 4.68
N TYR B 198 -43.89 51.30 3.88
CA TYR B 198 -45.16 51.98 3.64
C TYR B 198 -46.17 51.60 4.72
N LEU B 199 -46.16 50.33 5.14
CA LEU B 199 -47.13 49.91 6.15
C LEU B 199 -46.88 50.55 7.52
N ASN B 200 -45.73 51.19 7.71
CA ASN B 200 -45.31 51.86 8.94
C ASN B 200 -45.19 50.91 10.12
N ARG B 201 -45.25 49.61 9.89
CA ARG B 201 -45.10 48.61 10.94
C ARG B 201 -44.00 47.63 10.56
N SER B 202 -43.18 47.27 11.55
CA SER B 202 -42.04 46.39 11.34
C SER B 202 -42.26 45.06 12.04
N TRP B 203 -42.01 43.98 11.32
CA TRP B 203 -42.05 42.62 11.84
C TRP B 203 -40.67 42.01 11.69
N LEU B 204 -40.25 41.24 12.71
CA LEU B 204 -38.91 40.65 12.67
C LEU B 204 -38.75 39.74 11.47
N GLY B 205 -39.74 38.90 11.20
CA GLY B 205 -39.78 38.15 9.96
C GLY B 205 -38.58 37.23 9.78
N LEU B 206 -38.06 37.22 8.55
CA LEU B 206 -36.99 36.31 8.16
C LEU B 206 -35.66 37.03 7.96
N ARG B 207 -35.39 38.05 8.77
CA ARG B 207 -34.14 38.79 8.64
C ARG B 207 -32.92 37.95 9.00
N PHE B 208 -33.10 36.87 9.77
CA PHE B 208 -31.97 36.01 10.10
C PHE B 208 -31.34 35.41 8.86
N LEU B 209 -32.11 35.28 7.78
CA LEU B 209 -31.58 34.76 6.52
C LEU B 209 -30.46 35.63 5.98
N ARG B 210 -30.36 36.89 6.44
CA ARG B 210 -29.23 37.73 6.05
C ARG B 210 -27.91 37.09 6.39
N ALA B 211 -27.86 36.31 7.48
CA ALA B 211 -26.61 35.64 7.85
C ALA B 211 -26.13 34.71 6.74
N LEU B 212 -27.06 34.14 5.96
CA LEU B 212 -26.68 33.26 4.88
C LEU B 212 -25.81 33.95 3.84
N ARG B 213 -25.88 35.29 3.75
CA ARG B 213 -25.02 36.01 2.82
C ARG B 213 -23.55 35.75 3.11
N LEU B 214 -23.21 35.44 4.37
CA LEU B 214 -21.83 35.13 4.73
C LEU B 214 -21.28 33.97 3.91
N ILE B 215 -22.14 33.07 3.43
CA ILE B 215 -21.67 31.94 2.63
C ILE B 215 -20.96 32.43 1.38
N GLN B 216 -21.36 33.58 0.84
CA GLN B 216 -20.71 34.08 -0.37
C GLN B 216 -19.32 34.64 -0.09
N PHE B 217 -18.99 34.92 1.17
CA PHE B 217 -17.77 35.65 1.49
C PHE B 217 -16.54 35.00 0.88
N SER B 218 -16.41 33.68 1.05
CA SER B 218 -15.25 32.97 0.50
C SER B 218 -15.11 33.23 -0.99
N GLU B 219 -16.21 33.10 -1.74
CA GLU B 219 -16.14 33.35 -3.18
C GLU B 219 -15.67 34.76 -3.47
N ILE B 220 -16.15 35.73 -2.66
CA ILE B 220 -15.70 37.11 -2.81
C ILE B 220 -14.19 37.19 -2.68
N LEU B 221 -13.64 36.51 -1.67
CA LEU B 221 -12.20 36.56 -1.45
C LEU B 221 -11.42 35.88 -2.57
N GLN B 222 -12.09 35.04 -3.37
CA GLN B 222 -11.44 34.46 -4.54
C GLN B 222 -11.55 35.36 -5.76
N PHE B 223 -12.54 36.26 -5.80
CA PHE B 223 -12.64 37.20 -6.92
C PHE B 223 -11.60 38.32 -6.81
N LEU B 224 -11.17 38.64 -5.60
CA LEU B 224 -10.19 39.70 -5.36
C LEU B 224 -8.76 39.19 -5.37
N ASN B 225 -8.55 37.93 -5.74
CA ASN B 225 -7.22 37.31 -5.80
C ASN B 225 -6.53 37.30 -4.42
N ILE B 226 -7.33 37.27 -3.35
CA ILE B 226 -6.79 37.20 -2.01
C ILE B 226 -6.62 35.75 -1.56
N LEU B 227 -7.56 34.88 -1.91
CA LEU B 227 -7.52 33.47 -1.56
C LEU B 227 -6.96 32.70 -2.76
N LYS B 228 -5.76 32.16 -2.60
CA LYS B 228 -5.12 31.36 -3.63
C LYS B 228 -4.67 29.99 -3.15
N THR B 229 -4.20 29.90 -1.90
CA THR B 229 -3.78 28.62 -1.34
C THR B 229 -4.98 27.74 -1.06
N SER B 230 -4.83 26.44 -1.30
CA SER B 230 -5.92 25.50 -1.06
C SER B 230 -6.31 25.47 0.42
N ASN B 231 -5.32 25.50 1.31
CA ASN B 231 -5.61 25.47 2.75
C ASN B 231 -6.40 26.70 3.19
N SER B 232 -6.00 27.87 2.71
CA SER B 232 -6.72 29.10 3.06
C SER B 232 -8.14 29.08 2.54
N ILE B 233 -8.33 28.61 1.30
CA ILE B 233 -9.66 28.54 0.72
C ILE B 233 -10.53 27.59 1.51
N LYS B 234 -9.99 26.42 1.87
CA LYS B 234 -10.75 25.45 2.66
C LYS B 234 -11.11 26.02 4.02
N LEU B 235 -10.17 26.69 4.68
CA LEU B 235 -10.44 27.25 6.00
C LEU B 235 -11.53 28.32 5.93
N VAL B 236 -11.44 29.21 4.95
CA VAL B 236 -12.45 30.26 4.82
C VAL B 236 -13.81 29.66 4.49
N ASN B 237 -13.85 28.66 3.60
CA ASN B 237 -15.10 27.99 3.28
C ASN B 237 -15.74 27.39 4.52
N LEU B 238 -14.96 26.63 5.28
CA LEU B 238 -15.49 25.96 6.47
C LEU B 238 -15.97 26.98 7.50
N LEU B 239 -15.17 28.01 7.75
CA LEU B 239 -15.56 29.02 8.74
C LEU B 239 -16.83 29.75 8.31
N SER B 240 -16.91 30.15 7.04
CA SER B 240 -18.08 30.87 6.57
C SER B 240 -19.34 30.00 6.66
N ILE B 241 -19.25 28.75 6.19
CA ILE B 241 -20.42 27.88 6.22
C ILE B 241 -20.85 27.62 7.65
N PHE B 242 -19.90 27.33 8.54
CA PHE B 242 -20.22 27.01 9.92
C PHE B 242 -20.88 28.19 10.62
N ILE B 243 -20.25 29.38 10.53
CA ILE B 243 -20.79 30.55 11.22
C ILE B 243 -22.14 30.94 10.63
N SER B 244 -22.28 30.89 9.31
CA SER B 244 -23.55 31.26 8.68
C SER B 244 -24.66 30.32 9.11
N THR B 245 -24.39 29.01 9.10
CA THR B 245 -25.41 28.04 9.51
C THR B 245 -25.80 28.25 10.97
N TRP B 246 -24.79 28.45 11.84
CA TRP B 246 -25.05 28.66 13.26
C TRP B 246 -25.93 29.89 13.47
N LEU B 247 -25.55 31.02 12.88
CA LEU B 247 -26.29 32.26 13.09
C LEU B 247 -27.68 32.20 12.50
N THR B 248 -27.84 31.61 11.31
CA THR B 248 -29.15 31.52 10.69
C THR B 248 -30.09 30.62 11.48
N ALA B 249 -29.59 29.47 11.95
CA ALA B 249 -30.41 28.59 12.76
C ALA B 249 -30.78 29.25 14.08
N ALA B 250 -29.84 29.99 14.68
CA ALA B 250 -30.14 30.70 15.91
C ALA B 250 -31.22 31.75 15.69
N GLY B 251 -31.15 32.48 14.58
CA GLY B 251 -32.18 33.46 14.27
C GLY B 251 -33.54 32.83 14.03
N PHE B 252 -33.57 31.69 13.33
CA PHE B 252 -34.83 30.99 13.12
C PHE B 252 -35.44 30.55 14.45
N ILE B 253 -34.61 29.99 15.33
CA ILE B 253 -35.10 29.57 16.64
C ILE B 253 -35.61 30.77 17.44
N HIS B 254 -34.88 31.89 17.38
CA HIS B 254 -35.30 33.10 18.06
C HIS B 254 -36.67 33.55 17.57
N LEU B 255 -36.86 33.58 16.25
CA LEU B 255 -38.13 34.02 15.70
C LEU B 255 -39.27 33.09 16.12
N VAL B 256 -39.09 31.78 15.97
CA VAL B 256 -40.19 30.86 16.26
C VAL B 256 -40.50 30.83 17.76
N GLU B 257 -39.48 30.97 18.61
CA GLU B 257 -39.73 30.93 20.05
C GLU B 257 -40.37 32.22 20.55
N ASN B 258 -39.96 33.37 20.02
CA ASN B 258 -40.54 34.63 20.48
C ASN B 258 -41.93 34.87 19.91
N SER B 259 -42.18 34.44 18.67
CA SER B 259 -43.49 34.64 18.07
C SER B 259 -44.52 33.68 18.66
N GLY B 260 -44.16 32.42 18.84
CA GLY B 260 -45.08 31.41 19.33
C GLY B 260 -45.73 30.64 18.20
N ASP B 261 -46.51 29.64 18.59
CA ASP B 261 -47.19 28.79 17.62
C ASP B 261 -48.37 29.53 17.01
N PRO B 262 -48.45 29.68 15.69
CA PRO B 262 -49.57 30.43 15.09
C PRO B 262 -50.93 29.82 15.38
N TRP B 263 -51.03 28.49 15.45
CA TRP B 263 -52.32 27.85 15.66
C TRP B 263 -52.77 27.84 17.12
N GLU B 264 -51.90 28.25 18.05
CA GLU B 264 -52.26 28.34 19.45
C GLU B 264 -52.46 29.78 19.90
N ASN B 265 -52.81 30.67 18.98
CA ASN B 265 -53.02 32.10 19.26
C ASN B 265 -51.76 32.74 19.84
N PHE B 266 -50.59 32.22 19.47
CA PHE B 266 -49.29 32.75 19.88
C PHE B 266 -49.18 32.82 21.40
N GLN B 267 -49.73 31.81 22.08
CA GLN B 267 -49.65 31.71 23.53
C GLN B 267 -48.50 30.83 23.99
N ASN B 268 -47.72 30.26 23.06
CA ASN B 268 -46.58 29.42 23.38
C ASN B 268 -45.26 30.20 23.33
N ASN B 269 -45.32 31.52 23.23
CA ASN B 269 -44.11 32.31 23.07
C ASN B 269 -43.21 32.19 24.28
N GLN B 270 -41.90 32.20 24.03
CA GLN B 270 -40.89 32.13 25.07
C GLN B 270 -39.97 33.34 24.94
N ALA B 271 -39.74 34.02 26.06
CA ALA B 271 -38.91 35.23 26.06
C ALA B 271 -37.44 34.82 25.96
N LEU B 272 -36.98 34.64 24.73
CA LEU B 272 -35.60 34.27 24.46
C LEU B 272 -34.93 35.37 23.65
N THR B 273 -33.79 35.84 24.14
CA THR B 273 -32.99 36.80 23.40
C THR B 273 -32.19 36.08 22.32
N TYR B 274 -31.65 36.87 21.38
CA TYR B 274 -30.87 36.28 20.29
C TYR B 274 -29.60 35.63 20.81
N TRP B 275 -28.94 36.26 21.79
CA TRP B 275 -27.75 35.65 22.38
C TRP B 275 -28.08 34.34 23.07
N GLU B 276 -29.23 34.28 23.75
CA GLU B 276 -29.64 33.06 24.41
C GLU B 276 -29.87 31.94 23.39
N CYS B 277 -30.47 32.27 22.25
CA CYS B 277 -30.67 31.27 21.21
C CYS B 277 -29.35 30.83 20.58
N VAL B 278 -28.43 31.77 20.40
CA VAL B 278 -27.10 31.42 19.89
C VAL B 278 -26.41 30.45 20.83
N TYR B 279 -26.48 30.73 22.13
CA TYR B 279 -25.91 29.83 23.13
C TYR B 279 -26.61 28.48 23.12
N LEU B 280 -27.94 28.48 22.95
CA LEU B 280 -28.70 27.23 22.92
C LEU B 280 -28.27 26.35 21.76
N LEU B 281 -28.11 26.94 20.57
CA LEU B 281 -27.69 26.12 19.44
C LEU B 281 -26.22 25.76 19.49
N MET B 282 -25.40 26.57 20.17
CA MET B 282 -24.04 26.11 20.49
C MET B 282 -24.08 24.86 21.36
N VAL B 283 -24.92 24.86 22.39
CA VAL B 283 -25.01 23.71 23.28
C VAL B 283 -25.56 22.50 22.55
N THR B 284 -26.59 22.71 21.72
CA THR B 284 -27.22 21.59 21.02
C THR B 284 -26.30 21.01 19.96
N MET B 285 -25.72 21.86 19.12
CA MET B 285 -24.96 21.41 17.96
C MET B 285 -23.71 20.64 18.36
N SER B 286 -23.22 20.84 19.58
CA SER B 286 -22.07 20.11 20.09
C SER B 286 -22.47 18.84 20.85
N THR B 287 -23.75 18.51 20.88
CA THR B 287 -24.30 17.35 21.57
C THR B 287 -24.08 17.40 23.08
N VAL B 288 -23.81 18.58 23.64
CA VAL B 288 -23.62 18.69 25.08
C VAL B 288 -24.95 18.58 25.80
N GLY B 289 -25.85 19.52 25.55
CA GLY B 289 -27.17 19.49 26.14
C GLY B 289 -27.15 19.98 27.57
N TYR B 290 -28.01 20.91 27.90
CA TYR B 290 -28.10 21.36 29.28
C TYR B 290 -29.52 21.34 29.82
N GLY B 291 -30.51 21.70 29.00
CA GLY B 291 -31.86 21.83 29.46
C GLY B 291 -32.18 23.12 30.17
N ASP B 292 -31.18 23.98 30.39
CA ASP B 292 -31.45 25.30 30.96
C ASP B 292 -32.24 26.16 29.99
N VAL B 293 -31.93 26.07 28.70
CA VAL B 293 -32.69 26.72 27.65
C VAL B 293 -32.97 25.68 26.57
N TYR B 294 -34.21 25.65 26.08
CA TYR B 294 -34.58 24.72 25.03
C TYR B 294 -35.82 25.26 24.32
N ALA B 295 -36.05 24.75 23.12
CA ALA B 295 -37.22 25.13 22.34
C ALA B 295 -38.47 24.46 22.91
N LYS B 296 -39.51 25.26 23.11
CA LYS B 296 -40.76 24.76 23.68
C LYS B 296 -41.91 24.70 22.69
N THR B 297 -41.86 25.49 21.62
CA THR B 297 -42.93 25.49 20.63
C THR B 297 -42.79 24.30 19.68
N THR B 298 -43.88 24.00 18.97
CA THR B 298 -43.86 22.88 18.03
C THR B 298 -42.95 23.17 16.84
N LEU B 299 -43.01 24.38 16.29
CA LEU B 299 -42.12 24.74 15.19
C LEU B 299 -40.67 24.73 15.64
N GLY B 300 -40.39 25.24 16.84
CA GLY B 300 -39.05 25.20 17.36
C GLY B 300 -38.53 23.78 17.52
N ARG B 301 -39.39 22.86 17.99
CA ARG B 301 -38.95 21.48 18.15
C ARG B 301 -38.79 20.75 16.83
N LEU B 302 -39.63 21.05 15.83
CA LEU B 302 -39.41 20.49 14.50
C LEU B 302 -38.09 20.96 13.91
N PHE B 303 -37.82 22.26 14.03
CA PHE B 303 -36.54 22.78 13.54
C PHE B 303 -35.38 22.19 14.31
N MET B 304 -35.55 21.96 15.62
CA MET B 304 -34.51 21.30 16.39
C MET B 304 -34.28 19.87 15.91
N VAL B 305 -35.36 19.17 15.55
CA VAL B 305 -35.21 17.81 15.05
C VAL B 305 -34.40 17.79 13.76
N PHE B 306 -34.68 18.71 12.83
CA PHE B 306 -33.91 18.76 11.60
C PHE B 306 -32.47 19.23 11.84
N PHE B 307 -32.31 20.27 12.68
CA PHE B 307 -30.99 20.83 12.92
C PHE B 307 -30.12 19.87 13.70
N ILE B 308 -30.70 18.97 14.49
CA ILE B 308 -29.88 17.96 15.17
C ILE B 308 -29.05 17.21 14.13
N LEU B 309 -29.72 16.53 13.20
CA LEU B 309 -29.03 15.85 12.12
C LEU B 309 -28.03 16.79 11.43
N GLY B 310 -28.55 17.88 10.84
CA GLY B 310 -27.70 18.75 10.05
C GLY B 310 -26.51 19.35 10.77
N GLY B 311 -26.80 20.16 11.78
CA GLY B 311 -25.76 20.85 12.51
C GLY B 311 -24.83 19.93 13.29
N LEU B 312 -25.34 18.80 13.79
CA LEU B 312 -24.47 17.87 14.48
C LEU B 312 -23.44 17.29 13.53
N ALA B 313 -23.89 16.86 12.33
CA ALA B 313 -22.92 16.37 11.35
C ALA B 313 -21.95 17.46 10.96
N MET B 314 -22.45 18.68 10.74
CA MET B 314 -21.57 19.78 10.32
C MET B 314 -20.54 20.10 11.40
N PHE B 315 -20.95 20.17 12.66
CA PHE B 315 -20.03 20.44 13.76
C PHE B 315 -18.96 19.36 13.84
N ALA B 316 -19.38 18.10 13.85
CA ALA B 316 -18.44 17.00 14.00
C ALA B 316 -17.43 16.96 12.86
N SER B 317 -17.87 17.24 11.64
CA SER B 317 -16.97 17.17 10.50
C SER B 317 -16.24 18.48 10.21
N TYR B 318 -16.59 19.57 10.89
CA TYR B 318 -15.99 20.88 10.61
C TYR B 318 -15.04 21.36 11.69
N VAL B 319 -15.44 21.28 12.96
CA VAL B 319 -14.64 21.90 14.02
C VAL B 319 -13.24 21.31 14.11
N PRO B 320 -13.04 19.98 14.12
CA PRO B 320 -11.66 19.47 14.09
C PRO B 320 -10.88 19.92 12.87
N GLU B 321 -11.53 19.98 11.70
CA GLU B 321 -10.83 20.40 10.49
C GLU B 321 -10.42 21.87 10.57
N ILE B 322 -11.31 22.73 11.06
CA ILE B 322 -10.97 24.14 11.22
C ILE B 322 -9.83 24.31 12.22
N ILE B 323 -9.89 23.56 13.32
CA ILE B 323 -8.85 23.67 14.34
C ILE B 323 -7.50 23.21 13.78
N GLU B 324 -7.50 22.11 13.02
CA GLU B 324 -6.24 21.61 12.47
C GLU B 324 -5.71 22.52 11.37
N LEU B 325 -6.60 23.20 10.64
CA LEU B 325 -6.15 24.14 9.62
C LEU B 325 -5.55 25.39 10.25
N ILE B 326 -6.18 25.91 11.30
CA ILE B 326 -5.67 27.11 11.95
C ILE B 326 -4.37 26.80 12.70
N GLY B 327 -4.33 25.67 13.41
CA GLY B 327 -3.19 25.35 14.25
C GLY B 327 -1.90 25.09 13.51
N ASN B 328 -1.96 24.42 12.36
CA ASN B 328 -0.75 24.06 11.63
C ASN B 328 -0.08 25.29 11.01
N ARG B 329 1.25 25.28 11.01
CA ARG B 329 2.10 26.32 10.46
C ARG B 329 3.54 25.88 10.67
N LYS B 330 4.48 26.64 10.11
CA LYS B 330 5.88 26.37 10.33
C LYS B 330 6.24 26.61 11.79
N LYS B 331 7.04 25.70 12.34
CA LYS B 331 7.48 25.82 13.73
C LYS B 331 8.92 26.31 13.86
N TYR B 332 9.78 25.96 12.93
CA TYR B 332 11.18 26.39 12.91
C TYR B 332 11.45 27.22 11.67
N GLY B 333 10.53 28.11 11.33
CA GLY B 333 10.62 28.95 10.15
C GLY B 333 11.37 30.24 10.34
N GLY B 334 11.99 30.45 11.49
CA GLY B 334 12.76 31.66 11.74
C GLY B 334 14.11 31.63 11.06
N SER B 335 14.89 32.67 11.33
CA SER B 335 16.22 32.83 10.77
C SER B 335 17.25 32.96 11.89
N TYR B 336 18.38 32.28 11.73
CA TYR B 336 19.44 32.35 12.72
C TYR B 336 20.02 33.76 12.77
N SER B 337 20.26 34.25 13.99
CA SER B 337 20.80 35.58 14.22
C SER B 337 22.25 35.43 14.66
N ALA B 338 23.18 35.85 13.81
CA ALA B 338 24.60 35.77 14.14
C ALA B 338 24.94 36.73 15.27
N VAL B 339 25.88 36.30 16.12
CA VAL B 339 26.33 37.08 17.26
C VAL B 339 27.80 37.40 17.07
N SER B 340 28.16 38.68 17.25
CA SER B 340 29.53 39.11 17.06
C SER B 340 30.45 38.45 18.07
N GLY B 341 31.63 38.05 17.61
CA GLY B 341 32.59 37.38 18.46
C GLY B 341 32.42 35.89 18.61
N ARG B 342 31.37 35.32 18.01
CA ARG B 342 31.10 33.90 18.09
C ARG B 342 30.82 33.36 16.69
N LYS B 343 31.43 32.21 16.38
CA LYS B 343 31.26 31.58 15.10
C LYS B 343 30.19 30.48 15.18
N HIS B 344 29.65 30.13 14.01
CA HIS B 344 28.63 29.10 13.93
C HIS B 344 28.86 28.24 12.70
N ILE B 345 28.46 26.98 12.80
CA ILE B 345 28.54 26.03 11.70
C ILE B 345 27.13 25.56 11.37
N VAL B 346 26.97 25.08 10.13
CA VAL B 346 25.68 24.61 9.63
C VAL B 346 25.82 23.13 9.30
N VAL B 347 24.87 22.33 9.81
CA VAL B 347 24.87 20.89 9.62
C VAL B 347 23.60 20.51 8.87
N CYS B 348 23.77 19.79 7.77
CA CYS B 348 22.66 19.34 6.94
C CYS B 348 22.91 17.90 6.53
N GLY B 349 22.00 17.36 5.72
CA GLY B 349 22.15 15.99 5.24
C GLY B 349 21.28 15.01 5.99
N HIS B 350 21.82 13.84 6.29
CA HIS B 350 21.09 12.80 7.01
C HIS B 350 21.00 13.21 8.48
N ILE B 351 19.88 13.81 8.86
CA ILE B 351 19.66 14.31 10.21
C ILE B 351 18.67 13.38 10.90
N THR B 352 19.20 12.55 11.81
CA THR B 352 18.37 11.66 12.62
C THR B 352 18.80 11.81 14.08
N LEU B 353 18.06 11.16 14.96
CA LEU B 353 18.37 11.24 16.39
C LEU B 353 19.74 10.65 16.69
N GLU B 354 20.06 9.50 16.09
CA GLU B 354 21.34 8.83 16.37
C GLU B 354 22.50 9.65 15.84
N SER B 355 22.42 10.11 14.59
CA SER B 355 23.52 10.86 14.00
C SER B 355 23.73 12.19 14.73
N VAL B 356 22.65 12.89 15.05
CA VAL B 356 22.78 14.16 15.77
C VAL B 356 23.35 13.93 17.16
N SER B 357 22.89 12.89 17.85
CA SER B 357 23.41 12.60 19.18
C SER B 357 24.90 12.28 19.14
N ASN B 358 25.32 11.46 18.17
CA ASN B 358 26.74 11.15 18.05
C ASN B 358 27.57 12.39 17.73
N PHE B 359 27.07 13.22 16.80
CA PHE B 359 27.79 14.43 16.44
C PHE B 359 27.92 15.38 17.63
N LEU B 360 26.86 15.53 18.40
CA LEU B 360 26.91 16.43 19.55
C LEU B 360 27.81 15.87 20.64
N LYS B 361 27.80 14.55 20.85
CA LYS B 361 28.69 13.95 21.84
C LYS B 361 30.15 14.13 21.45
N ASP B 362 30.46 13.96 20.17
CA ASP B 362 31.85 14.04 19.73
C ASP B 362 32.28 15.47 19.37
N PHE B 363 31.37 16.43 19.38
CA PHE B 363 31.68 17.82 19.03
C PHE B 363 31.78 18.72 20.26
N LEU B 364 30.95 18.49 21.27
CA LEU B 364 30.91 19.34 22.45
C LEU B 364 31.57 18.69 23.66
N HIS B 365 32.47 17.75 23.45
CA HIS B 365 33.14 17.08 24.55
C HIS B 365 34.02 18.06 25.33
N LYS B 366 34.08 17.84 26.64
CA LYS B 366 34.88 18.70 27.51
C LYS B 366 36.37 18.53 27.29
N ASP B 367 36.79 17.49 26.57
CA ASP B 367 38.21 17.29 26.29
C ASP B 367 38.80 18.38 25.40
N ARG B 368 37.97 19.06 24.62
CA ARG B 368 38.43 20.15 23.76
C ARG B 368 38.57 21.44 24.57
N ASP B 369 39.08 22.48 23.91
CA ASP B 369 39.19 23.78 24.56
C ASP B 369 37.80 24.39 24.75
N ASP B 370 37.75 25.52 25.44
CA ASP B 370 36.50 26.24 25.64
C ASP B 370 36.08 26.92 24.35
N VAL B 371 35.71 26.14 23.34
CA VAL B 371 35.35 26.68 22.05
C VAL B 371 33.88 27.07 22.05
N ASN B 372 33.59 28.33 21.71
CA ASN B 372 32.23 28.82 21.62
C ASN B 372 31.83 28.86 20.15
N VAL B 373 31.44 27.70 19.63
CA VAL B 373 31.00 27.54 18.25
C VAL B 373 29.58 27.01 18.27
N GLU B 374 28.65 27.81 17.76
CA GLU B 374 27.25 27.40 17.70
C GLU B 374 27.04 26.42 16.56
N ILE B 375 26.05 25.55 16.73
CA ILE B 375 25.68 24.56 15.73
C ILE B 375 24.24 24.85 15.29
N VAL B 376 24.05 24.95 13.98
CA VAL B 376 22.73 25.23 13.40
C VAL B 376 22.41 24.10 12.45
N PHE B 377 21.37 23.33 12.76
CA PHE B 377 20.92 22.25 11.91
C PHE B 377 19.88 22.77 10.92
N LEU B 378 19.99 22.32 9.68
CA LEU B 378 19.04 22.68 8.63
C LEU B 378 18.47 21.39 8.05
N HIS B 379 17.19 21.12 8.32
CA HIS B 379 16.60 19.87 7.86
C HIS B 379 15.18 20.10 7.37
N ASN B 380 14.84 19.48 6.24
CA ASN B 380 13.51 19.63 5.66
C ASN B 380 12.43 18.86 6.41
N ILE B 381 12.81 17.96 7.31
CA ILE B 381 11.86 17.15 8.07
C ILE B 381 11.82 17.67 9.50
N SER B 382 10.62 17.89 10.01
CA SER B 382 10.47 18.35 11.39
C SER B 382 10.94 17.28 12.36
N PRO B 383 11.69 17.65 13.40
CA PRO B 383 12.19 16.66 14.35
C PRO B 383 11.07 16.04 15.17
N ASN B 384 11.31 14.81 15.62
CA ASN B 384 10.35 14.11 16.47
C ASN B 384 10.56 14.56 17.92
N LEU B 385 9.86 13.90 18.85
CA LEU B 385 9.93 14.31 20.25
C LEU B 385 11.31 14.07 20.85
N GLU B 386 11.94 12.95 20.50
CA GLU B 386 13.28 12.65 21.02
C GLU B 386 14.31 13.65 20.54
N LEU B 387 14.26 14.00 19.25
CA LEU B 387 15.19 15.00 18.73
C LEU B 387 14.94 16.36 19.35
N GLU B 388 13.67 16.72 19.57
CA GLU B 388 13.35 17.98 20.24
C GLU B 388 13.90 17.99 21.66
N ALA B 389 13.78 16.89 22.39
CA ALA B 389 14.33 16.81 23.74
C ALA B 389 15.84 16.93 23.71
N LEU B 390 16.49 16.28 22.74
CA LEU B 390 17.95 16.39 22.62
C LEU B 390 18.37 17.83 22.33
N PHE B 391 17.62 18.52 21.48
CA PHE B 391 17.91 19.93 21.21
C PHE B 391 17.69 20.78 22.46
N LYS B 392 16.65 20.46 23.25
CA LYS B 392 16.42 21.19 24.49
C LYS B 392 17.55 20.99 25.48
N ARG B 393 18.13 19.78 25.52
CA ARG B 393 19.25 19.54 26.42
C ARG B 393 20.45 20.42 26.05
N HIS B 394 20.71 20.58 24.76
CA HIS B 394 21.74 21.50 24.28
C HIS B 394 21.11 22.83 23.87
N PHE B 395 20.54 23.50 24.87
CA PHE B 395 19.72 24.68 24.61
C PHE B 395 20.54 25.85 24.08
N THR B 396 21.72 26.09 24.67
CA THR B 396 22.53 27.25 24.33
C THR B 396 23.59 26.97 23.28
N GLN B 397 23.69 25.72 22.80
CA GLN B 397 24.71 25.37 21.82
C GLN B 397 24.16 24.92 20.48
N VAL B 398 22.89 24.53 20.41
CA VAL B 398 22.32 23.92 19.21
C VAL B 398 21.02 24.64 18.88
N GLU B 399 20.85 25.01 17.60
CA GLU B 399 19.60 25.54 17.10
C GLU B 399 19.20 24.75 15.86
N PHE B 400 17.90 24.67 15.61
CA PHE B 400 17.36 23.90 14.50
C PHE B 400 16.48 24.78 13.62
N TYR B 401 16.49 24.49 12.32
CA TYR B 401 15.65 25.19 11.37
C TYR B 401 15.19 24.23 10.29
N GLN B 402 13.96 24.41 9.85
CA GLN B 402 13.32 23.55 8.87
C GLN B 402 13.47 24.17 7.48
N GLY B 403 13.98 23.39 6.54
CA GLY B 403 14.16 23.87 5.20
C GLY B 403 14.99 22.88 4.40
N SER B 404 15.00 23.11 3.09
CA SER B 404 15.72 22.26 2.15
C SER B 404 17.04 22.92 1.76
N VAL B 405 18.07 22.10 1.60
CA VAL B 405 19.36 22.62 1.15
C VAL B 405 19.27 23.14 -0.27
N LEU B 406 18.45 22.51 -1.11
CA LEU B 406 18.28 22.95 -2.49
C LEU B 406 17.54 24.28 -2.61
N ASN B 407 16.95 24.77 -1.52
CA ASN B 407 16.25 26.05 -1.56
C ASN B 407 17.20 27.16 -1.12
N PRO B 408 17.48 28.14 -1.98
CA PRO B 408 18.39 29.24 -1.57
C PRO B 408 17.87 30.05 -0.40
N HIS B 409 16.55 30.19 -0.25
CA HIS B 409 16.01 30.98 0.86
C HIS B 409 16.33 30.33 2.20
N ASP B 410 16.20 29.01 2.29
CA ASP B 410 16.55 28.32 3.52
C ASP B 410 18.04 28.45 3.84
N LEU B 411 18.89 28.40 2.81
CA LEU B 411 20.32 28.62 3.02
C LEU B 411 20.60 30.04 3.48
N ALA B 412 19.80 31.01 3.03
CA ALA B 412 19.98 32.39 3.48
C ALA B 412 19.46 32.57 4.90
N ARG B 413 18.48 31.77 5.31
CA ARG B 413 17.90 31.93 6.64
C ARG B 413 18.92 31.61 7.74
N VAL B 414 19.75 30.59 7.53
CA VAL B 414 20.68 30.14 8.57
C VAL B 414 21.98 30.94 8.50
N LYS B 415 22.00 31.97 7.67
CA LYS B 415 23.16 32.86 7.51
C LYS B 415 24.41 32.08 7.15
N ILE B 416 24.29 31.27 6.09
CA ILE B 416 25.40 30.46 5.60
C ILE B 416 26.56 31.33 5.13
N GLU B 417 26.28 32.56 4.67
CA GLU B 417 27.35 33.44 4.22
C GLU B 417 28.35 33.74 5.33
N SER B 418 27.91 33.71 6.59
CA SER B 418 28.79 33.95 7.72
C SER B 418 29.15 32.66 8.46
N ALA B 419 28.67 31.51 8.00
CA ALA B 419 28.97 30.25 8.66
C ALA B 419 30.44 29.90 8.49
N ASP B 420 31.04 29.33 9.55
CA ASP B 420 32.44 28.92 9.47
C ASP B 420 32.62 27.71 8.57
N ALA B 421 31.68 26.78 8.58
CA ALA B 421 31.76 25.60 7.73
C ALA B 421 30.36 25.01 7.57
N CYS B 422 30.22 24.13 6.60
CA CYS B 422 28.99 23.39 6.37
C CYS B 422 29.30 21.91 6.36
N LEU B 423 28.59 21.14 7.18
CA LEU B 423 28.81 19.71 7.35
C LEU B 423 27.60 18.96 6.81
N ILE B 424 27.86 17.97 5.95
CA ILE B 424 26.81 17.17 5.33
C ILE B 424 26.98 15.73 5.76
N LEU B 425 25.92 15.14 6.28
CA LEU B 425 25.92 13.77 6.76
C LEU B 425 25.15 12.87 5.80
N ALA B 426 25.62 11.64 5.64
CA ALA B 426 25.05 10.70 4.70
C ALA B 426 24.48 9.49 5.43
N ASN B 427 23.47 8.88 4.83
CA ASN B 427 22.88 7.65 5.37
C ASN B 427 23.69 6.47 4.87
N LYS B 428 24.60 5.98 5.72
CA LYS B 428 25.50 4.91 5.33
C LYS B 428 24.80 3.57 5.17
N TYR B 429 23.55 3.45 5.60
CA TYR B 429 22.82 2.19 5.55
C TYR B 429 21.68 2.21 4.54
N CYS B 430 21.78 3.06 3.53
CA CYS B 430 20.75 3.13 2.49
C CYS B 430 20.74 1.85 1.66
N ALA B 431 19.55 1.50 1.15
CA ALA B 431 19.43 0.33 0.29
C ALA B 431 20.22 0.52 -1.00
N ASP B 432 20.15 1.71 -1.58
CA ASP B 432 20.88 2.02 -2.81
C ASP B 432 21.94 3.07 -2.52
N PRO B 433 23.22 2.70 -2.45
CA PRO B 433 24.27 3.70 -2.19
C PRO B 433 24.35 4.78 -3.27
N ASP B 434 24.07 4.44 -4.52
CA ASP B 434 24.17 5.41 -5.59
C ASP B 434 23.19 6.57 -5.41
N ALA B 435 21.97 6.26 -4.99
CA ALA B 435 20.96 7.30 -4.79
C ALA B 435 21.38 8.27 -3.69
N GLU B 436 21.88 7.74 -2.57
CA GLU B 436 22.33 8.60 -1.47
C GLU B 436 23.55 9.43 -1.88
N ASP B 437 24.48 8.81 -2.61
CA ASP B 437 25.64 9.56 -3.09
C ASP B 437 25.22 10.69 -4.00
N ALA B 438 24.25 10.44 -4.89
CA ALA B 438 23.77 11.48 -5.79
C ALA B 438 23.05 12.58 -5.03
N SER B 439 22.24 12.22 -4.04
CA SER B 439 21.56 13.24 -3.24
C SER B 439 22.55 14.12 -2.51
N ASN B 440 23.61 13.52 -1.95
CA ASN B 440 24.66 14.31 -1.33
C ASN B 440 25.38 15.17 -2.35
N ILE B 441 25.55 14.66 -3.58
CA ILE B 441 26.20 15.42 -4.64
C ILE B 441 25.42 16.69 -4.94
N MET B 442 24.10 16.59 -5.05
CA MET B 442 23.30 17.79 -5.31
C MET B 442 23.13 18.67 -4.08
N ARG B 443 23.22 18.12 -2.87
CA ARG B 443 23.31 18.99 -1.70
C ARG B 443 24.58 19.84 -1.76
N VAL B 444 25.71 19.21 -2.12
CA VAL B 444 26.96 19.94 -2.31
C VAL B 444 26.82 20.96 -3.42
N ILE B 445 26.16 20.57 -4.52
CA ILE B 445 25.98 21.48 -5.64
C ILE B 445 25.18 22.71 -5.23
N SER B 446 24.10 22.50 -4.47
CA SER B 446 23.27 23.62 -4.03
C SER B 446 24.02 24.55 -3.08
N ILE B 447 24.72 23.99 -2.10
CA ILE B 447 25.43 24.84 -1.15
C ILE B 447 26.55 25.60 -1.82
N LYS B 448 27.24 24.97 -2.78
CA LYS B 448 28.26 25.70 -3.53
C LYS B 448 27.65 26.74 -4.46
N ASN B 449 26.45 26.48 -4.97
CA ASN B 449 25.76 27.45 -5.81
C ASN B 449 25.40 28.70 -5.03
N TYR B 450 24.92 28.52 -3.79
CA TYR B 450 24.60 29.69 -2.97
C TYR B 450 25.86 30.43 -2.57
N HIS B 451 26.77 29.76 -1.86
CA HIS B 451 28.05 30.34 -1.48
C HIS B 451 29.16 29.40 -1.94
N PRO B 452 30.00 29.82 -2.90
CA PRO B 452 31.05 28.93 -3.39
C PRO B 452 32.25 28.84 -2.45
N LYS B 453 32.48 29.89 -1.67
CA LYS B 453 33.63 29.94 -0.78
C LYS B 453 33.40 29.23 0.55
N ILE B 454 32.20 28.71 0.79
CA ILE B 454 31.93 28.02 2.06
C ILE B 454 32.70 26.70 2.09
N ARG B 455 33.12 26.31 3.30
CA ARG B 455 33.83 25.05 3.48
C ARG B 455 32.83 23.91 3.60
N ILE B 456 33.07 22.82 2.87
CA ILE B 456 32.20 21.67 2.85
C ILE B 456 32.96 20.46 3.38
N ILE B 457 32.40 19.81 4.39
CA ILE B 457 32.90 18.54 4.89
C ILE B 457 31.75 17.54 4.72
N THR B 458 31.92 16.59 3.80
CA THR B 458 30.84 15.68 3.44
C THR B 458 31.34 14.25 3.34
N GLN B 459 30.42 13.31 3.56
CA GLN B 459 30.72 11.89 3.47
C GLN B 459 30.34 11.37 2.10
N MET B 460 31.21 10.53 1.53
CA MET B 460 30.96 9.89 0.25
C MET B 460 31.00 8.38 0.44
N LEU B 461 29.94 7.70 -0.01
CA LEU B 461 29.86 6.26 0.17
C LEU B 461 30.74 5.48 -0.80
N GLN B 462 30.97 6.02 -2.00
CA GLN B 462 31.74 5.32 -3.02
C GLN B 462 32.78 6.26 -3.61
N TYR B 463 33.88 5.67 -4.10
CA TYR B 463 34.98 6.45 -4.65
C TYR B 463 34.66 7.00 -6.03
N HIS B 464 33.95 6.22 -6.86
CA HIS B 464 33.58 6.70 -8.18
C HIS B 464 32.60 7.86 -8.11
N ASN B 465 31.69 7.85 -7.12
CA ASN B 465 30.84 9.01 -6.91
C ASN B 465 31.60 10.15 -6.25
N LYS B 466 32.66 9.83 -5.48
CA LYS B 466 33.50 10.87 -4.91
C LYS B 466 34.25 11.64 -5.99
N ALA B 467 34.67 10.93 -7.04
CA ALA B 467 35.40 11.58 -8.13
C ALA B 467 34.55 12.62 -8.86
N HIS B 468 33.22 12.52 -8.77
CA HIS B 468 32.36 13.51 -9.39
C HIS B 468 32.53 14.88 -8.75
N LEU B 469 32.74 14.91 -7.43
CA LEU B 469 32.86 16.19 -6.73
C LEU B 469 34.09 16.96 -7.17
N LEU B 470 35.16 16.26 -7.58
CA LEU B 470 36.37 16.93 -8.02
C LEU B 470 36.17 17.74 -9.30
N ASN B 471 35.07 17.50 -10.03
CA ASN B 471 34.77 18.22 -11.24
C ASN B 471 33.98 19.51 -10.99
N ILE B 472 33.58 19.77 -9.77
CA ILE B 472 32.84 21.01 -9.45
C ILE B 472 33.83 22.17 -9.41
N PRO B 473 33.56 23.27 -10.11
CA PRO B 473 34.50 24.40 -10.08
C PRO B 473 34.72 24.97 -8.69
N SER B 474 33.70 24.96 -7.83
CA SER B 474 33.82 25.49 -6.49
C SER B 474 34.47 24.52 -5.52
N TRP B 475 34.59 23.24 -5.89
CA TRP B 475 35.20 22.24 -5.03
C TRP B 475 36.72 22.43 -5.03
N ASN B 476 37.25 22.97 -3.94
CA ASN B 476 38.67 23.26 -3.82
C ASN B 476 39.23 22.52 -2.60
N TRP B 477 40.27 21.72 -2.81
CA TRP B 477 40.88 21.00 -1.70
C TRP B 477 41.68 21.92 -0.79
N LYS B 478 42.27 22.98 -1.35
CA LYS B 478 43.06 23.90 -0.54
C LYS B 478 42.20 24.62 0.48
N GLU B 479 40.99 25.02 0.10
CA GLU B 479 40.10 25.72 1.03
C GLU B 479 39.66 24.83 2.18
N GLY B 480 39.51 23.53 1.93
CA GLY B 480 39.09 22.62 2.98
C GLY B 480 37.89 21.77 2.62
N ASP B 481 37.59 21.66 1.33
CA ASP B 481 36.50 20.80 0.87
C ASP B 481 36.91 19.35 1.06
N ASP B 482 36.46 18.75 2.15
CA ASP B 482 36.89 17.43 2.57
C ASP B 482 35.79 16.42 2.30
N ALA B 483 36.00 15.57 1.31
CA ALA B 483 35.08 14.46 0.99
C ALA B 483 35.61 13.21 1.66
N ILE B 484 35.20 13.01 2.91
CA ILE B 484 35.58 11.81 3.65
C ILE B 484 34.91 10.61 2.99
N CYS B 485 35.69 9.77 2.33
CA CYS B 485 35.16 8.60 1.64
C CYS B 485 35.15 7.43 2.62
N LEU B 486 33.95 6.99 2.99
CA LEU B 486 33.81 5.93 3.98
C LEU B 486 34.41 4.61 3.47
N ALA B 487 34.12 4.25 2.22
CA ALA B 487 34.68 3.03 1.66
C ALA B 487 36.20 3.12 1.53
N GLU B 488 36.71 4.25 1.04
CA GLU B 488 38.14 4.42 0.86
C GLU B 488 38.87 4.35 2.20
N LEU B 489 38.37 5.10 3.20
CA LEU B 489 39.03 5.12 4.49
C LEU B 489 38.92 3.77 5.21
N LYS B 490 37.78 3.10 5.09
CA LYS B 490 37.63 1.80 5.72
C LYS B 490 38.56 0.77 5.08
N LEU B 491 38.72 0.81 3.75
CA LEU B 491 39.63 -0.11 3.09
C LEU B 491 41.08 0.21 3.44
N GLY B 492 41.41 1.50 3.57
CA GLY B 492 42.75 1.86 4.00
C GLY B 492 43.04 1.39 5.41
N PHE B 493 42.06 1.50 6.31
CA PHE B 493 42.23 1.01 7.68
C PHE B 493 42.40 -0.50 7.69
N ILE B 494 41.63 -1.21 6.85
CA ILE B 494 41.76 -2.66 6.76
C ILE B 494 43.16 -3.04 6.26
N ALA B 495 43.66 -2.32 5.26
CA ALA B 495 45.01 -2.60 4.76
C ALA B 495 46.07 -2.30 5.80
N GLN B 496 45.91 -1.22 6.56
CA GLN B 496 46.85 -0.92 7.63
C GLN B 496 46.81 -1.99 8.72
N SER B 497 45.63 -2.53 8.99
CA SER B 497 45.54 -3.68 9.90
C SER B 497 46.24 -4.89 9.31
N CYS B 498 46.17 -5.06 7.99
CA CYS B 498 46.92 -6.13 7.34
C CYS B 498 48.41 -5.97 7.54
N LEU B 499 48.91 -4.73 7.43
CA LEU B 499 50.32 -4.46 7.72
C LEU B 499 50.63 -4.73 9.18
N ALA B 500 49.77 -4.28 10.09
CA ALA B 500 49.96 -4.46 11.53
C ALA B 500 48.60 -4.61 12.17
N GLN B 501 48.32 -5.81 12.70
CA GLN B 501 47.02 -6.07 13.29
C GLN B 501 46.77 -5.18 14.50
N GLY B 502 45.51 -4.78 14.67
CA GLY B 502 45.12 -3.93 15.79
C GLY B 502 45.36 -2.46 15.60
N LEU B 503 45.78 -2.03 14.42
CA LEU B 503 46.03 -0.61 14.18
C LEU B 503 44.76 0.14 13.83
N SER B 504 43.75 -0.55 13.27
CA SER B 504 42.49 0.11 12.93
C SER B 504 41.81 0.67 14.15
N THR B 505 41.72 -0.12 15.23
CA THR B 505 41.11 0.37 16.46
C THR B 505 41.95 1.46 17.10
N MET B 506 43.28 1.35 17.01
CA MET B 506 44.16 2.39 17.53
C MET B 506 43.91 3.72 16.83
N LEU B 507 43.78 3.69 15.50
CA LEU B 507 43.50 4.92 14.76
C LEU B 507 42.10 5.44 15.07
N ALA B 508 41.11 4.55 15.13
CA ALA B 508 39.73 4.98 15.34
C ALA B 508 39.56 5.62 16.71
N ASN B 509 40.19 5.07 17.74
CA ASN B 509 40.05 5.63 19.08
C ASN B 509 40.73 6.98 19.20
N LEU B 510 41.69 7.29 18.34
CA LEU B 510 42.36 8.59 18.38
C LEU B 510 41.42 9.70 17.94
N PHE B 511 40.63 9.46 16.89
CA PHE B 511 39.71 10.48 16.39
C PHE B 511 38.49 10.66 17.28
N SER B 512 38.22 9.71 18.17
CA SER B 512 37.01 9.75 19.00
C SER B 512 37.33 10.38 20.34
N MET B 513 36.51 11.35 20.74
CA MET B 513 36.68 12.02 22.03
C MET B 513 36.15 11.13 23.15
N ARG B 514 37.03 10.72 24.05
CA ARG B 514 36.67 9.83 25.13
C ARG B 514 37.11 10.40 26.47
N SER B 515 36.30 10.14 27.50
CA SER B 515 36.56 10.66 28.84
C SER B 515 37.61 9.80 29.53
N PHE B 516 37.78 10.03 30.84
CA PHE B 516 38.79 9.34 31.65
C PHE B 516 38.03 8.48 32.66
N ILE B 517 37.92 7.19 32.38
CA ILE B 517 37.09 6.27 33.15
C ILE B 517 37.99 5.22 33.81
N LYS B 518 37.71 4.93 35.08
CA LYS B 518 38.44 3.93 35.84
C LYS B 518 37.49 2.82 36.31
N ILE B 519 38.04 1.61 36.39
CA ILE B 519 37.29 0.43 36.80
C ILE B 519 37.98 -0.16 38.02
N GLU B 520 37.18 -0.46 39.06
CA GLU B 520 37.74 -0.95 40.31
C GLU B 520 38.46 -2.29 40.12
N GLU B 521 37.78 -3.26 39.52
CA GLU B 521 38.36 -4.58 39.36
C GLU B 521 39.41 -4.59 38.26
N ASP B 522 40.43 -5.42 38.44
CA ASP B 522 41.53 -5.54 37.48
C ASP B 522 41.08 -6.46 36.34
N THR B 523 40.65 -5.85 35.24
CA THR B 523 40.23 -6.58 34.06
C THR B 523 40.91 -5.95 32.84
N TRP B 524 40.68 -6.55 31.67
CA TRP B 524 41.22 -6.00 30.44
C TRP B 524 40.57 -4.66 30.10
N GLN B 525 39.30 -4.49 30.45
CA GLN B 525 38.59 -3.25 30.15
C GLN B 525 39.21 -2.07 30.88
N LYS B 526 39.77 -2.29 32.07
CA LYS B 526 40.40 -1.20 32.82
C LYS B 526 41.58 -0.63 32.05
N TYR B 527 42.51 -1.49 31.63
CA TYR B 527 43.67 -1.03 30.87
C TYR B 527 43.25 -0.47 29.51
N TYR B 528 42.26 -1.10 28.87
CA TYR B 528 41.81 -0.61 27.58
C TYR B 528 41.22 0.81 27.70
N LEU B 529 40.42 1.04 28.73
CA LEU B 529 39.84 2.36 28.94
C LEU B 529 40.90 3.38 29.34
N GLU B 530 41.92 2.95 30.08
CA GLU B 530 43.04 3.83 30.36
C GLU B 530 43.72 4.26 29.07
N GLY B 531 43.95 3.32 28.16
CA GLY B 531 44.60 3.65 26.90
C GLY B 531 43.74 4.54 26.01
N VAL B 532 42.46 4.20 25.88
CA VAL B 532 41.56 4.86 24.92
C VAL B 532 41.39 6.34 25.22
N SER B 533 41.51 6.74 26.49
CA SER B 533 41.23 8.11 26.91
C SER B 533 42.15 9.14 26.28
N ASN B 534 43.10 8.69 25.44
CA ASN B 534 44.07 9.58 24.81
C ASN B 534 43.62 9.90 23.40
N GLU B 535 43.49 11.19 23.10
CA GLU B 535 43.13 11.69 21.78
C GLU B 535 44.31 12.43 21.17
N MET B 536 44.23 12.65 19.86
CA MET B 536 45.27 13.34 19.11
C MET B 536 44.89 14.81 18.96
N TYR B 537 45.76 15.70 19.42
CA TYR B 537 45.57 17.15 19.37
C TYR B 537 46.74 17.79 18.63
N THR B 538 46.55 19.05 18.25
CA THR B 538 47.57 19.81 17.53
C THR B 538 47.78 21.14 18.23
N GLU B 539 49.04 21.57 18.31
CA GLU B 539 49.33 22.83 18.98
C GLU B 539 50.66 23.39 18.47
N TYR B 540 50.71 24.71 18.31
CA TYR B 540 51.97 25.36 17.97
C TYR B 540 52.92 25.33 19.16
N LEU B 541 54.13 24.82 18.94
CA LEU B 541 55.05 24.55 20.03
C LEU B 541 55.68 25.84 20.55
N SER B 542 56.29 25.73 21.73
CA SER B 542 56.93 26.85 22.39
C SER B 542 58.24 27.21 21.70
N SER B 543 58.70 28.43 21.96
CA SER B 543 59.97 28.91 21.41
C SER B 543 61.18 28.40 22.18
N ALA B 544 60.99 27.86 23.38
CA ALA B 544 62.11 27.33 24.15
C ALA B 544 62.69 26.09 23.48
N PHE B 545 61.84 25.27 22.86
CA PHE B 545 62.29 24.05 22.20
C PHE B 545 63.15 24.34 20.97
N VAL B 546 63.03 25.53 20.38
CA VAL B 546 63.72 25.82 19.14
C VAL B 546 65.22 25.69 19.32
N GLY B 547 65.88 25.06 18.34
CA GLY B 547 67.30 24.79 18.43
C GLY B 547 67.66 23.36 18.75
N LEU B 548 66.69 22.45 18.84
CA LEU B 548 66.91 21.06 19.17
C LEU B 548 66.39 20.16 18.06
N SER B 549 66.47 18.85 18.29
CA SER B 549 65.99 17.86 17.35
C SER B 549 64.67 17.27 17.83
N PHE B 550 63.92 16.71 16.87
CA PHE B 550 62.60 16.16 17.19
C PHE B 550 62.63 15.05 18.23
N PRO B 551 63.52 14.06 18.16
CA PRO B 551 63.56 13.08 19.26
C PRO B 551 63.86 13.69 20.61
N THR B 552 64.71 14.72 20.64
CA THR B 552 65.01 15.40 21.91
C THR B 552 63.75 16.04 22.49
N VAL B 553 62.97 16.72 21.64
CA VAL B 553 61.73 17.33 22.12
C VAL B 553 60.73 16.26 22.54
N CYS B 554 60.72 15.12 21.84
CA CYS B 554 59.84 14.02 22.24
C CYS B 554 60.19 13.53 23.64
N GLU B 555 61.47 13.29 23.90
CA GLU B 555 61.88 12.84 25.22
C GLU B 555 61.58 13.89 26.29
N LEU B 556 61.86 15.16 25.98
CA LEU B 556 61.58 16.22 26.95
C LEU B 556 60.10 16.33 27.28
N CYS B 557 59.24 16.23 26.26
CA CYS B 557 57.80 16.26 26.48
C CYS B 557 57.28 15.04 27.21
N PHE B 558 57.84 13.86 26.95
CA PHE B 558 57.36 12.65 27.61
C PHE B 558 57.82 12.58 29.06
N VAL B 559 59.05 12.99 29.35
CA VAL B 559 59.59 12.90 30.70
C VAL B 559 59.12 14.05 31.56
N LYS B 560 59.19 15.28 31.06
CA LYS B 560 58.84 16.44 31.87
C LYS B 560 57.35 16.75 31.78
N LEU B 561 56.85 16.99 30.58
CA LEU B 561 55.45 17.38 30.39
C LEU B 561 54.50 16.20 30.23
N LYS B 562 55.02 14.97 30.19
CA LYS B 562 54.20 13.77 30.01
C LYS B 562 53.38 13.85 28.72
N LEU B 563 54.02 14.29 27.64
CA LEU B 563 53.37 14.47 26.36
C LEU B 563 54.15 13.71 25.28
N LEU B 564 53.42 13.10 24.36
CA LEU B 564 54.00 12.26 23.31
C LEU B 564 53.74 12.91 21.96
N MET B 565 54.81 13.16 21.21
CA MET B 565 54.70 13.73 19.87
C MET B 565 54.86 12.65 18.81
N ILE B 566 54.13 12.81 17.71
CA ILE B 566 54.15 11.83 16.63
C ILE B 566 54.53 12.51 15.32
N ALA B 567 54.24 13.81 15.20
CA ALA B 567 54.49 14.53 13.96
C ALA B 567 54.66 16.01 14.28
N ILE B 568 55.34 16.71 13.38
CA ILE B 568 55.60 18.15 13.52
C ILE B 568 55.46 18.83 12.17
N GLU B 569 55.70 20.13 12.17
CA GLU B 569 55.81 20.94 10.95
C GLU B 569 57.20 21.56 10.88
N TYR B 570 57.82 21.47 9.71
CA TYR B 570 59.17 21.98 9.49
C TYR B 570 59.11 23.21 8.60
N LYS B 571 59.79 24.27 9.00
CA LYS B 571 59.84 25.51 8.24
C LYS B 571 60.92 25.45 7.17
N ARG B 578 53.63 22.22 6.20
CA ARG B 578 53.88 20.83 5.82
C ARG B 578 53.87 19.92 7.05
N ILE B 579 53.31 18.72 6.88
CA ILE B 579 53.20 17.75 7.96
C ILE B 579 54.30 16.70 7.78
N LEU B 580 55.11 16.49 8.81
CA LEU B 580 56.15 15.49 8.80
C LEU B 580 55.91 14.53 9.95
N ILE B 581 55.67 13.26 9.62
CA ILE B 581 55.31 12.25 10.61
C ILE B 581 56.58 11.56 11.10
N ASN B 582 56.86 11.69 12.39
CA ASN B 582 58.05 11.13 13.01
C ASN B 582 59.32 11.46 12.23
N PRO B 583 59.70 12.73 12.13
CA PRO B 583 60.92 13.08 11.39
C PRO B 583 62.16 12.57 12.11
N GLY B 584 63.21 12.33 11.33
CA GLY B 584 64.44 11.78 11.86
C GLY B 584 65.16 12.76 12.78
N ASN B 585 66.24 12.27 13.37
CA ASN B 585 67.02 13.08 14.30
C ASN B 585 67.74 14.22 13.60
N HIS B 586 67.93 14.13 12.28
CA HIS B 586 68.67 15.16 11.57
C HIS B 586 67.86 16.44 11.42
N LEU B 587 66.54 16.32 11.33
CA LEU B 587 65.69 17.51 11.28
C LEU B 587 65.76 18.27 12.60
N LYS B 588 65.68 19.60 12.52
CA LYS B 588 65.77 20.45 13.68
C LYS B 588 64.50 21.30 13.81
N ILE B 589 63.98 21.39 15.03
CA ILE B 589 62.79 22.19 15.28
C ILE B 589 63.12 23.67 15.13
N GLN B 590 62.12 24.45 14.71
CA GLN B 590 62.28 25.87 14.44
C GLN B 590 61.17 26.65 15.13
N GLU B 591 61.22 27.98 14.98
CA GLU B 591 60.22 28.84 15.58
C GLU B 591 58.86 28.65 14.90
N GLY B 592 57.79 28.73 15.70
CA GLY B 592 56.46 28.55 15.16
C GLY B 592 56.13 27.13 14.77
N THR B 593 56.81 26.15 15.35
CA THR B 593 56.59 24.76 14.98
C THR B 593 55.24 24.27 15.50
N LEU B 594 54.50 23.62 14.64
CA LEU B 594 53.21 23.01 14.98
C LEU B 594 53.41 21.52 15.19
N GLY B 595 53.12 21.03 16.38
CA GLY B 595 53.31 19.63 16.72
C GLY B 595 52.01 18.94 17.05
N PHE B 596 51.99 17.63 16.82
CA PHE B 596 50.84 16.78 17.11
C PHE B 596 51.13 15.93 18.32
N PHE B 597 50.25 15.98 19.30
CA PHE B 597 50.41 15.27 20.56
C PHE B 597 49.28 14.28 20.76
N ILE B 598 49.52 13.28 21.61
CA ILE B 598 48.50 12.36 22.06
C ILE B 598 48.37 12.54 23.57
N ALA B 599 47.19 12.97 24.00
CA ALA B 599 46.99 13.30 25.41
C ALA B 599 45.51 13.20 25.75
N SER B 600 45.22 13.14 27.04
CA SER B 600 43.84 12.99 27.50
C SER B 600 43.02 14.25 27.26
N ASP B 601 43.60 15.42 27.54
CA ASP B 601 42.87 16.68 27.44
C ASP B 601 43.75 17.74 26.81
N ALA B 602 43.11 18.78 26.28
CA ALA B 602 43.83 19.88 25.67
C ALA B 602 44.59 20.73 26.68
N LYS B 603 44.13 20.78 27.93
CA LYS B 603 44.88 21.49 28.95
C LYS B 603 46.23 20.82 29.22
N GLU B 604 46.30 19.49 29.02
CA GLU B 604 47.57 18.79 29.18
C GLU B 604 48.56 19.18 28.08
N VAL B 605 48.10 19.22 26.83
CA VAL B 605 48.98 19.60 25.73
C VAL B 605 49.30 21.09 25.78
N LYS B 606 48.46 21.89 26.45
CA LYS B 606 48.74 23.32 26.56
C LYS B 606 50.06 23.59 27.28
N ARG B 607 50.52 22.63 28.09
CA ARG B 607 51.79 22.80 28.80
C ARG B 607 52.99 22.82 27.85
N ALA B 608 52.86 22.22 26.66
CA ALA B 608 53.97 22.21 25.72
C ALA B 608 54.33 23.62 25.27
N PHE B 609 53.32 24.44 24.99
CA PHE B 609 53.57 25.83 24.57
C PHE B 609 54.04 26.70 25.72
N PHE B 610 53.72 26.34 26.97
CA PHE B 610 54.12 27.11 28.13
C PHE B 610 55.42 26.60 28.76
N TYR B 611 56.06 25.60 28.16
CA TYR B 611 57.30 25.07 28.71
C TYR B 611 58.41 26.11 28.59
N CYS B 612 59.13 26.32 29.70
CA CYS B 612 60.25 27.25 29.74
C CYS B 612 61.51 26.49 30.12
N LYS B 613 62.56 26.63 29.31
CA LYS B 613 63.82 25.95 29.60
C LYS B 613 64.44 26.45 30.89
N ALA B 614 64.42 27.77 31.11
CA ALA B 614 64.99 28.33 32.33
C ALA B 614 64.21 27.89 33.57
N CYS B 615 62.88 27.87 33.47
CA CYS B 615 62.07 27.47 34.62
C CYS B 615 62.17 25.98 34.92
N HIS B 616 62.61 25.17 33.96
CA HIS B 616 62.76 23.73 34.15
C HIS B 616 64.19 23.27 33.87
N ASP B 617 65.16 24.12 34.18
CA ASP B 617 66.56 23.79 33.96
C ASP B 617 67.02 22.68 34.90
N VAL B 683 55.20 -1.20 -16.48
CA VAL B 683 56.60 -0.88 -16.24
C VAL B 683 56.71 0.30 -15.27
N LYS B 684 55.57 0.80 -14.83
CA LYS B 684 55.52 1.92 -13.88
C LYS B 684 55.56 1.36 -12.47
N LYS B 685 56.75 1.36 -11.85
CA LYS B 685 56.90 0.82 -10.51
C LYS B 685 56.80 1.88 -9.41
N TYR B 686 56.88 3.15 -9.77
CA TYR B 686 56.72 4.23 -8.80
C TYR B 686 55.81 5.31 -9.38
N ASP B 687 55.01 5.91 -8.51
CA ASP B 687 54.12 6.98 -8.94
C ASP B 687 54.92 8.23 -9.32
N SER B 688 54.20 9.29 -9.69
CA SER B 688 54.87 10.53 -10.06
C SER B 688 55.68 11.09 -8.89
N THR B 689 55.10 11.07 -7.68
CA THR B 689 55.85 11.49 -6.51
C THR B 689 56.96 10.49 -6.19
N GLY B 690 56.68 9.20 -6.34
CA GLY B 690 57.67 8.17 -6.09
C GLY B 690 57.60 7.59 -4.70
N MET B 691 56.40 7.20 -4.26
CA MET B 691 56.20 6.65 -2.94
C MET B 691 55.23 5.47 -2.99
N PHE B 692 55.17 4.77 -4.12
CA PHE B 692 54.22 3.69 -4.31
C PHE B 692 54.83 2.63 -5.22
N HIS B 693 54.22 1.45 -5.19
CA HIS B 693 54.62 0.33 -6.04
C HIS B 693 53.49 0.00 -7.03
N TRP B 694 53.89 -0.45 -8.22
CA TRP B 694 52.95 -0.83 -9.27
C TRP B 694 53.71 -1.58 -10.34
N CYS B 695 52.98 -2.18 -11.27
CA CYS B 695 53.58 -2.94 -12.36
C CYS B 695 52.70 -2.82 -13.60
N ALA B 696 53.14 -3.49 -14.67
CA ALA B 696 52.44 -3.42 -15.94
C ALA B 696 51.11 -4.16 -15.86
N PRO B 697 50.14 -3.79 -16.71
CA PRO B 697 48.86 -4.50 -16.73
C PRO B 697 49.02 -5.94 -17.17
N LYS B 698 48.13 -6.80 -16.68
CA LYS B 698 48.15 -8.22 -16.99
C LYS B 698 46.79 -8.67 -17.47
N GLU B 699 46.78 -9.76 -18.24
CA GLU B 699 45.56 -10.32 -18.79
C GLU B 699 44.68 -10.87 -17.66
N ILE B 700 43.38 -10.96 -17.94
CA ILE B 700 42.43 -11.46 -16.94
C ILE B 700 42.77 -12.89 -16.53
N GLU B 701 43.06 -13.75 -17.50
CA GLU B 701 43.40 -15.14 -17.21
C GLU B 701 44.86 -15.32 -16.82
N LYS B 702 45.69 -14.29 -16.93
CA LYS B 702 47.10 -14.42 -16.62
C LYS B 702 47.33 -14.61 -15.13
N VAL B 703 46.48 -14.03 -14.28
CA VAL B 703 46.66 -14.07 -12.84
C VAL B 703 45.55 -14.84 -12.13
N ILE B 704 44.55 -15.31 -12.84
CA ILE B 704 43.47 -16.07 -12.22
C ILE B 704 43.97 -17.49 -11.94
N LEU B 705 43.78 -17.94 -10.69
CA LEU B 705 44.17 -19.28 -10.28
C LEU B 705 42.92 -20.11 -10.04
N THR B 706 42.87 -21.29 -10.65
CA THR B 706 41.75 -22.21 -10.47
C THR B 706 42.01 -23.10 -9.26
N ARG B 707 41.20 -24.15 -9.10
CA ARG B 707 41.39 -25.06 -7.97
C ARG B 707 42.75 -25.74 -8.07
N SER B 708 43.06 -26.36 -9.21
CA SER B 708 44.35 -27.00 -9.39
C SER B 708 45.48 -25.98 -9.39
N GLU B 709 45.30 -24.87 -10.11
CA GLU B 709 46.35 -23.86 -10.19
C GLU B 709 46.71 -23.33 -8.80
N ALA B 710 45.71 -23.15 -7.95
CA ALA B 710 46.00 -22.84 -6.55
C ALA B 710 46.58 -24.03 -5.82
N ALA B 711 46.28 -25.25 -6.27
CA ALA B 711 46.80 -26.43 -5.58
C ALA B 711 48.32 -26.54 -5.71
N MET B 712 48.84 -26.46 -6.95
CA MET B 712 50.30 -26.54 -7.09
C MET B 712 50.99 -25.27 -6.62
N THR B 713 50.45 -24.10 -6.97
CA THR B 713 51.08 -22.84 -6.59
C THR B 713 50.92 -22.63 -5.09
N VAL B 714 52.03 -22.68 -4.36
CA VAL B 714 52.02 -22.51 -2.91
C VAL B 714 51.99 -21.02 -2.59
N LEU B 715 51.00 -20.60 -1.81
CA LEU B 715 50.84 -19.21 -1.40
C LEU B 715 51.11 -19.12 0.09
N SER B 716 52.21 -18.48 0.47
CA SER B 716 52.58 -18.29 1.86
C SER B 716 52.97 -16.84 2.08
N GLY B 717 52.69 -16.34 3.28
CA GLY B 717 52.97 -14.94 3.59
C GLY B 717 52.21 -13.99 2.70
N HIS B 718 50.93 -14.26 2.46
CA HIS B 718 50.10 -13.48 1.57
C HIS B 718 48.88 -12.96 2.32
N VAL B 719 47.98 -12.30 1.59
CA VAL B 719 46.77 -11.71 2.16
C VAL B 719 45.57 -12.25 1.42
N VAL B 720 44.64 -12.85 2.17
CA VAL B 720 43.41 -13.39 1.61
C VAL B 720 42.28 -12.39 1.83
N VAL B 721 41.46 -12.20 0.79
CA VAL B 721 40.33 -11.29 0.82
C VAL B 721 39.13 -12.04 0.27
N CYS B 722 38.09 -12.18 1.08
CA CYS B 722 36.92 -12.97 0.73
C CYS B 722 35.77 -12.04 0.38
N ILE B 723 35.41 -11.98 -0.90
CA ILE B 723 34.33 -11.15 -1.39
C ILE B 723 33.05 -11.97 -1.46
N PHE B 724 31.96 -11.40 -0.94
CA PHE B 724 30.64 -11.96 -1.11
C PHE B 724 29.80 -11.03 -1.97
N GLY B 725 29.00 -11.62 -2.85
CA GLY B 725 28.15 -10.84 -3.73
C GLY B 725 27.59 -11.68 -4.84
N ASP B 726 26.79 -11.03 -5.67
CA ASP B 726 26.12 -11.67 -6.80
C ASP B 726 26.11 -10.70 -7.98
N VAL B 727 25.29 -11.01 -8.99
CA VAL B 727 25.20 -10.15 -10.16
C VAL B 727 24.59 -8.80 -9.81
N SER B 728 23.63 -8.78 -8.88
CA SER B 728 22.94 -7.55 -8.51
C SER B 728 23.64 -6.78 -7.39
N SER B 729 24.74 -7.29 -6.87
CA SER B 729 25.44 -6.62 -5.77
C SER B 729 26.16 -5.36 -6.28
N ALA B 730 26.40 -4.45 -5.35
CA ALA B 730 27.07 -3.19 -5.67
C ALA B 730 28.59 -3.35 -5.58
N LEU B 731 29.29 -2.38 -6.15
CA LEU B 731 30.75 -2.39 -6.15
C LEU B 731 31.29 -1.92 -4.82
N ILE B 732 32.61 -2.05 -4.64
CA ILE B 732 33.30 -1.73 -3.39
C ILE B 732 34.37 -0.68 -3.59
N GLY B 733 35.20 -0.84 -4.62
CA GLY B 733 36.30 0.08 -4.84
C GLY B 733 37.59 -0.40 -4.20
N LEU B 734 38.00 -1.63 -4.56
CA LEU B 734 39.09 -2.33 -3.89
C LEU B 734 40.47 -1.73 -4.15
N ARG B 735 40.57 -0.63 -4.92
CA ARG B 735 41.88 -0.05 -5.20
C ARG B 735 42.54 0.45 -3.93
N ASN B 736 41.78 1.11 -3.05
CA ASN B 736 42.35 1.62 -1.81
C ASN B 736 42.64 0.51 -0.81
N LEU B 737 42.14 -0.69 -1.05
CA LEU B 737 42.50 -1.82 -0.19
C LEU B 737 43.94 -2.26 -0.45
N VAL B 738 44.39 -2.18 -1.70
CA VAL B 738 45.73 -2.63 -2.07
C VAL B 738 46.71 -1.48 -2.21
N MET B 739 46.25 -0.24 -2.31
CA MET B 739 47.15 0.88 -2.55
C MET B 739 48.18 1.09 -1.44
N PRO B 740 47.81 1.14 -0.16
CA PRO B 740 48.83 1.37 0.88
C PRO B 740 49.78 0.20 1.09
N LEU B 741 49.40 -1.02 0.69
CA LEU B 741 50.34 -2.14 0.76
C LEU B 741 51.51 -1.94 -0.19
N ARG B 742 51.36 -1.07 -1.18
CA ARG B 742 52.39 -0.82 -2.19
C ARG B 742 53.21 0.43 -1.91
N ALA B 743 53.10 0.99 -0.70
CA ALA B 743 53.88 2.17 -0.36
C ALA B 743 55.37 1.86 -0.44
N SER B 744 56.13 2.81 -0.97
CA SER B 744 57.54 2.58 -1.24
C SER B 744 58.44 2.78 -0.03
N ASN B 745 57.91 3.25 1.10
CA ASN B 745 58.72 3.30 2.31
C ASN B 745 58.87 1.93 2.95
N PHE B 746 58.33 0.88 2.34
CA PHE B 746 58.55 -0.50 2.75
C PHE B 746 59.49 -1.16 1.75
N HIS B 747 60.28 -2.12 2.24
CA HIS B 747 61.17 -2.85 1.35
C HIS B 747 60.36 -3.68 0.37
N TYR B 748 60.92 -3.87 -0.83
CA TYR B 748 60.20 -4.61 -1.86
C TYR B 748 60.02 -6.08 -1.46
N HIS B 749 61.01 -6.66 -0.80
CA HIS B 749 60.89 -8.04 -0.35
C HIS B 749 59.86 -8.20 0.77
N GLU B 750 59.38 -7.12 1.34
CA GLU B 750 58.35 -7.17 2.38
C GLU B 750 56.94 -7.06 1.81
N LEU B 751 56.79 -7.02 0.49
CA LEU B 751 55.46 -6.98 -0.10
C LEU B 751 54.73 -8.30 0.09
N LYS B 752 53.41 -8.26 -0.03
CA LYS B 752 52.56 -9.41 0.24
C LYS B 752 51.70 -9.72 -0.97
N HIS B 753 51.59 -11.00 -1.30
CA HIS B 753 50.70 -11.45 -2.37
C HIS B 753 49.25 -11.26 -1.94
N ILE B 754 48.40 -10.98 -2.93
CA ILE B 754 46.98 -10.70 -2.69
C ILE B 754 46.14 -11.71 -3.46
N VAL B 755 45.26 -12.40 -2.74
CA VAL B 755 44.34 -13.36 -3.34
C VAL B 755 42.92 -13.00 -2.92
N PHE B 756 42.00 -13.05 -3.89
CA PHE B 756 40.59 -12.78 -3.67
C PHE B 756 39.80 -14.04 -3.97
N VAL B 757 38.81 -14.32 -3.14
CA VAL B 757 37.96 -15.51 -3.30
C VAL B 757 36.51 -15.06 -3.37
N GLY B 758 35.81 -15.48 -4.42
CA GLY B 758 34.41 -15.11 -4.55
C GLY B 758 33.77 -15.72 -5.77
N SER B 759 32.48 -15.42 -5.93
CA SER B 759 31.72 -15.93 -7.06
C SER B 759 32.09 -15.16 -8.33
N ILE B 760 32.43 -15.90 -9.38
CA ILE B 760 33.09 -15.33 -10.56
C ILE B 760 32.27 -14.23 -11.23
N GLU B 761 30.95 -14.21 -11.02
CA GLU B 761 30.14 -13.16 -11.64
C GLU B 761 30.53 -11.79 -11.10
N TYR B 762 30.62 -11.65 -9.79
CA TYR B 762 30.98 -10.36 -9.20
C TYR B 762 32.42 -9.98 -9.55
N LEU B 763 33.33 -10.96 -9.55
CA LEU B 763 34.71 -10.68 -9.91
C LEU B 763 34.82 -10.19 -11.36
N LYS B 764 34.12 -10.84 -12.29
CA LYS B 764 34.18 -10.36 -13.66
C LYS B 764 33.44 -9.04 -13.82
N ARG B 765 32.50 -8.74 -12.92
CA ARG B 765 31.84 -7.44 -12.96
C ARG B 765 32.81 -6.32 -12.56
N GLU B 766 33.60 -6.55 -11.51
CA GLU B 766 34.47 -5.47 -11.03
C GLU B 766 35.88 -5.52 -11.60
N TRP B 767 36.21 -6.54 -12.39
CA TRP B 767 37.58 -6.71 -12.86
C TRP B 767 38.06 -5.57 -13.75
N GLU B 768 37.14 -4.79 -14.33
CA GLU B 768 37.55 -3.68 -15.19
C GLU B 768 38.39 -2.65 -14.45
N THR B 769 38.31 -2.60 -13.12
CA THR B 769 39.09 -1.67 -12.31
C THR B 769 40.22 -2.35 -11.56
N LEU B 770 40.52 -3.62 -11.87
CA LEU B 770 41.53 -4.37 -11.13
C LEU B 770 42.45 -5.17 -12.05
N HIS B 771 42.44 -4.90 -13.35
CA HIS B 771 43.27 -5.61 -14.30
C HIS B 771 44.66 -5.01 -14.45
N ASN B 772 44.95 -3.91 -13.76
CA ASN B 772 46.24 -3.22 -13.89
C ASN B 772 47.18 -3.49 -12.73
N PHE B 773 46.79 -4.35 -11.77
CA PHE B 773 47.62 -4.54 -10.60
C PHE B 773 48.29 -5.92 -10.61
N PRO B 774 49.49 -6.04 -10.06
CA PRO B 774 50.18 -7.32 -10.02
C PRO B 774 49.90 -8.08 -8.73
N LYS B 775 50.30 -9.35 -8.73
CA LYS B 775 50.18 -10.23 -7.57
C LYS B 775 48.73 -10.28 -7.06
N VAL B 776 47.79 -10.31 -7.99
CA VAL B 776 46.37 -10.32 -7.66
C VAL B 776 45.77 -11.59 -8.26
N SER B 777 45.40 -12.53 -7.40
CA SER B 777 44.80 -13.78 -7.85
C SER B 777 43.29 -13.77 -7.60
N ILE B 778 42.55 -14.35 -8.53
CA ILE B 778 41.09 -14.47 -8.44
C ILE B 778 40.74 -15.95 -8.36
N LEU B 779 39.91 -16.32 -7.38
CA LEU B 779 39.44 -17.69 -7.24
C LEU B 779 37.92 -17.76 -7.25
N PRO B 780 37.32 -18.35 -8.27
CA PRO B 780 35.87 -18.53 -8.27
C PRO B 780 35.43 -19.54 -7.23
N GLY B 781 34.19 -19.39 -6.78
CA GLY B 781 33.65 -20.27 -5.76
C GLY B 781 32.97 -19.51 -4.63
N THR B 782 33.03 -20.06 -3.42
CA THR B 782 32.45 -19.42 -2.26
C THR B 782 33.44 -19.48 -1.10
N PRO B 783 33.60 -18.38 -0.35
CA PRO B 783 34.48 -18.43 0.83
C PRO B 783 34.00 -19.35 1.93
N LEU B 784 32.73 -19.77 1.91
CA LEU B 784 32.24 -20.73 2.89
C LEU B 784 32.72 -22.15 2.62
N SER B 785 33.32 -22.40 1.46
CA SER B 785 33.83 -23.73 1.14
C SER B 785 35.19 -23.94 1.79
N ARG B 786 35.34 -25.05 2.51
CA ARG B 786 36.60 -25.33 3.18
C ARG B 786 37.71 -25.68 2.19
N ALA B 787 37.35 -26.36 1.09
CA ALA B 787 38.35 -26.77 0.11
C ALA B 787 39.02 -25.56 -0.53
N ASP B 788 38.23 -24.51 -0.82
CA ASP B 788 38.80 -23.30 -1.40
C ASP B 788 39.81 -22.66 -0.45
N LEU B 789 39.48 -22.60 0.84
CA LEU B 789 40.38 -22.00 1.81
C LEU B 789 41.63 -22.85 2.01
N ARG B 790 41.51 -24.17 1.93
CA ARG B 790 42.70 -25.02 1.96
C ARG B 790 43.57 -24.77 0.74
N ALA B 791 42.96 -24.61 -0.43
CA ALA B 791 43.72 -24.32 -1.65
C ALA B 791 44.46 -22.99 -1.53
N VAL B 792 43.80 -21.97 -0.95
CA VAL B 792 44.44 -20.68 -0.75
C VAL B 792 45.55 -20.76 0.30
N ASN B 793 45.56 -21.83 1.11
CA ASN B 793 46.47 -21.95 2.26
C ASN B 793 46.25 -20.80 3.24
N ILE B 794 45.03 -20.77 3.80
CA ILE B 794 44.64 -19.70 4.70
C ILE B 794 45.47 -19.71 5.97
N ASN B 795 45.87 -20.89 6.46
CA ASN B 795 46.68 -20.97 7.66
C ASN B 795 48.05 -20.32 7.49
N LEU B 796 48.56 -20.24 6.26
CA LEU B 796 49.86 -19.66 6.00
C LEU B 796 49.81 -18.18 5.63
N CYS B 797 48.61 -17.60 5.51
CA CYS B 797 48.50 -16.22 5.05
C CYS B 797 48.88 -15.26 6.16
N ASP B 798 49.32 -14.06 5.75
CA ASP B 798 49.63 -13.01 6.72
C ASP B 798 48.37 -12.48 7.38
N MET B 799 47.29 -12.33 6.61
CA MET B 799 46.05 -11.80 7.17
C MET B 799 44.91 -12.11 6.21
N CYS B 800 43.73 -12.35 6.78
CA CYS B 800 42.52 -12.60 6.03
C CYS B 800 41.47 -11.54 6.37
N VAL B 801 40.85 -10.97 5.34
CA VAL B 801 39.79 -9.99 5.50
C VAL B 801 38.55 -10.50 4.78
N ILE B 802 37.39 -10.12 5.30
CA ILE B 802 36.10 -10.58 4.80
C ILE B 802 35.24 -9.37 4.48
N LEU B 803 34.73 -9.32 3.25
CA LEU B 803 33.87 -8.21 2.81
C LEU B 803 32.66 -8.80 2.09
N SER B 804 31.51 -8.18 2.32
CA SER B 804 30.26 -8.62 1.70
C SER B 804 29.63 -7.46 0.95
N ALA B 805 29.36 -7.66 -0.33
CA ALA B 805 28.63 -6.66 -1.11
C ALA B 805 27.12 -6.74 -0.90
N ASN B 806 26.63 -7.79 -0.24
CA ASN B 806 25.22 -7.93 0.10
C ASN B 806 24.83 -7.09 1.30
N GLN B 807 25.73 -6.25 1.80
CA GLN B 807 25.42 -5.40 2.94
C GLN B 807 24.41 -4.31 2.59
N ASN B 808 24.12 -4.11 1.31
CA ASN B 808 23.18 -3.10 0.86
C ASN B 808 21.84 -3.68 0.40
N ASN B 809 21.86 -4.82 -0.29
CA ASN B 809 20.63 -5.40 -0.80
C ASN B 809 19.79 -6.08 0.28
N ILE B 810 20.40 -6.44 1.41
CA ILE B 810 19.68 -7.10 2.49
C ILE B 810 18.98 -6.05 3.33
N ASP B 811 17.64 -6.17 3.43
CA ASP B 811 16.86 -5.14 4.12
C ASP B 811 17.02 -5.23 5.62
N ASP B 812 16.97 -6.43 6.18
CA ASP B 812 17.01 -6.59 7.64
C ASP B 812 18.43 -6.29 8.13
N THR B 813 18.51 -5.43 9.14
CA THR B 813 19.82 -4.97 9.62
C THR B 813 20.65 -6.11 10.19
N SER B 814 20.01 -7.01 10.95
CA SER B 814 20.74 -8.12 11.55
C SER B 814 21.22 -9.11 10.50
N LEU B 815 20.62 -9.10 9.31
CA LEU B 815 20.96 -10.05 8.26
C LEU B 815 21.96 -9.50 7.25
N GLN B 816 22.37 -8.23 7.35
CA GLN B 816 23.38 -7.72 6.44
C GLN B 816 24.76 -8.25 6.76
N ASP B 817 24.96 -8.81 7.95
CA ASP B 817 26.20 -9.46 8.33
C ASP B 817 26.12 -10.98 8.15
N LYS B 818 25.39 -11.41 7.12
CA LYS B 818 25.22 -12.84 6.85
C LYS B 818 26.56 -13.53 6.63
N GLU B 819 27.22 -13.19 5.53
CA GLU B 819 28.36 -13.97 5.07
C GLU B 819 29.60 -13.62 5.87
N CYS B 820 29.73 -12.38 6.33
CA CYS B 820 30.89 -12.01 7.15
C CYS B 820 30.95 -12.86 8.41
N ILE B 821 29.85 -12.92 9.16
CA ILE B 821 29.82 -13.70 10.39
C ILE B 821 29.96 -15.18 10.07
N LEU B 822 29.25 -15.66 9.04
CA LEU B 822 29.32 -17.09 8.72
C LEU B 822 30.74 -17.51 8.36
N ALA B 823 31.44 -16.72 7.54
CA ALA B 823 32.78 -17.07 7.13
C ALA B 823 33.78 -16.91 8.27
N SER B 824 33.57 -15.90 9.14
CA SER B 824 34.44 -15.74 10.29
C SER B 824 34.37 -16.97 11.20
N LEU B 825 33.14 -17.42 11.49
CA LEU B 825 32.99 -18.62 12.31
C LEU B 825 33.48 -19.86 11.57
N ASN B 826 33.37 -19.89 10.25
CA ASN B 826 33.88 -21.02 9.48
C ASN B 826 35.39 -21.14 9.60
N ILE B 827 36.10 -20.02 9.45
CA ILE B 827 37.55 -20.04 9.54
C ILE B 827 38.00 -20.31 10.97
N LYS B 828 37.30 -19.73 11.95
CA LYS B 828 37.65 -19.97 13.35
C LYS B 828 37.52 -21.45 13.71
N SER B 829 36.51 -22.12 13.18
CA SER B 829 36.29 -23.54 13.46
C SER B 829 37.14 -24.46 12.59
N MET B 830 37.91 -23.91 11.65
CA MET B 830 38.74 -24.73 10.78
C MET B 830 39.81 -25.46 11.60
N GLN B 831 40.13 -26.67 11.16
CA GLN B 831 41.19 -27.48 11.76
C GLN B 831 42.30 -27.69 10.75
N PHE B 832 43.53 -27.48 11.18
CA PHE B 832 44.69 -27.56 10.30
C PHE B 832 45.69 -28.56 10.86
N ASP B 833 46.42 -29.21 9.95
CA ASP B 833 47.43 -30.18 10.30
C ASP B 833 48.81 -29.65 9.92
N ASP B 834 49.76 -29.79 10.83
CA ASP B 834 51.12 -29.31 10.61
C ASP B 834 52.14 -30.43 10.76
N ILE B 870 47.88 -29.64 15.57
CA ILE B 870 46.52 -29.17 15.38
C ILE B 870 46.41 -27.69 15.76
N THR B 871 46.33 -26.83 14.75
CA THR B 871 46.22 -25.39 14.95
C THR B 871 44.79 -24.97 14.60
N THR B 872 44.02 -24.60 15.61
CA THR B 872 42.66 -24.15 15.39
C THR B 872 42.65 -22.76 14.76
N GLY B 873 41.49 -22.40 14.20
CA GLY B 873 41.38 -21.19 13.41
C GLY B 873 41.16 -19.91 14.18
N VAL B 874 41.00 -19.97 15.50
CA VAL B 874 40.80 -18.75 16.28
C VAL B 874 42.09 -17.95 16.42
N ASN B 875 43.24 -18.53 16.13
CA ASN B 875 44.51 -17.82 16.16
C ASN B 875 44.86 -17.14 14.85
N ILE B 876 44.09 -17.40 13.79
CA ILE B 876 44.35 -16.77 12.49
C ILE B 876 43.92 -15.30 12.57
N PRO B 877 44.79 -14.35 12.19
CA PRO B 877 44.40 -12.94 12.22
C PRO B 877 43.35 -12.65 11.15
N ILE B 878 42.16 -12.27 11.60
CA ILE B 878 41.04 -11.98 10.71
C ILE B 878 40.42 -10.66 11.14
N ILE B 879 40.13 -9.79 10.17
CA ILE B 879 39.36 -8.58 10.40
C ILE B 879 38.08 -8.67 9.58
N THR B 880 36.95 -8.38 10.22
CA THR B 880 35.64 -8.53 9.60
C THR B 880 34.95 -7.17 9.56
N GLU B 881 34.45 -6.81 8.39
CA GLU B 881 33.70 -5.57 8.21
C GLU B 881 32.23 -5.83 8.54
N LEU B 882 31.71 -5.14 9.54
CA LEU B 882 30.33 -5.28 9.96
C LEU B 882 29.61 -3.95 9.77
N VAL B 883 28.45 -3.99 9.11
CA VAL B 883 27.64 -2.79 9.01
C VAL B 883 26.84 -2.57 10.29
N ASN B 884 26.32 -3.63 10.88
CA ASN B 884 25.58 -3.57 12.13
C ASN B 884 26.53 -3.81 13.29
N ASP B 885 26.67 -2.81 14.17
CA ASP B 885 27.57 -2.95 15.31
C ASP B 885 27.13 -4.03 16.26
N THR B 886 25.81 -4.17 16.45
CA THR B 886 25.28 -5.14 17.41
C THR B 886 25.67 -6.57 17.07
N ASN B 887 25.93 -6.86 15.80
CA ASN B 887 26.34 -8.20 15.40
C ASN B 887 27.75 -8.56 15.87
N VAL B 888 28.50 -7.58 16.37
CA VAL B 888 29.87 -7.83 16.81
C VAL B 888 29.92 -8.83 17.96
N GLN B 889 28.79 -9.05 18.63
CA GLN B 889 28.75 -10.05 19.71
C GLN B 889 28.91 -11.46 19.18
N PHE B 890 28.56 -11.69 17.91
CA PHE B 890 28.64 -13.03 17.33
C PHE B 890 30.04 -13.39 16.85
N LEU B 891 30.95 -12.41 16.76
CA LEU B 891 32.27 -12.68 16.18
C LEU B 891 33.10 -13.58 17.07
N ASP B 892 33.04 -13.37 18.39
CA ASP B 892 33.85 -14.14 19.33
C ASP B 892 32.95 -14.78 20.38
N GLN B 893 33.37 -15.94 20.87
CA GLN B 893 32.60 -16.72 21.83
C GLN B 893 33.19 -16.73 23.23
N ASP B 894 34.34 -16.10 23.45
CA ASP B 894 35.02 -16.11 24.74
C ASP B 894 34.97 -14.75 25.42
N ASP B 895 33.85 -14.04 25.30
CA ASP B 895 33.68 -12.75 25.96
C ASP B 895 32.23 -12.60 26.41
N ASP B 896 32.02 -11.69 27.36
CA ASP B 896 30.70 -11.43 27.91
C ASP B 896 30.01 -10.40 27.03
N ASP B 897 29.08 -10.86 26.20
CA ASP B 897 28.38 -9.98 25.28
C ASP B 897 27.31 -9.17 26.00
N ASP B 898 27.09 -7.95 25.53
CA ASP B 898 26.10 -7.06 26.10
C ASP B 898 25.59 -6.09 25.04
N PRO B 899 24.29 -6.09 24.74
CA PRO B 899 23.78 -5.17 23.70
C PRO B 899 24.01 -3.72 24.02
N ASP B 900 23.97 -3.32 25.29
CA ASP B 900 24.16 -1.92 25.66
C ASP B 900 25.63 -1.50 25.60
N THR B 901 26.56 -2.44 25.56
CA THR B 901 27.97 -2.10 25.47
C THR B 901 28.29 -1.51 24.10
N GLU B 902 29.02 -0.40 24.09
CA GLU B 902 29.36 0.26 22.85
C GLU B 902 30.38 -0.55 22.06
N LEU B 903 30.46 -0.26 20.77
CA LEU B 903 31.28 -1.07 19.86
C LEU B 903 32.75 -1.03 20.24
N TYR B 904 33.25 0.16 20.62
CA TYR B 904 34.66 0.27 20.97
C TYR B 904 35.00 -0.49 22.24
N LEU B 905 34.04 -0.64 23.15
CA LEU B 905 34.27 -1.40 24.37
C LEU B 905 34.31 -2.91 24.14
N THR B 906 33.79 -3.38 23.00
CA THR B 906 33.72 -4.81 22.75
C THR B 906 35.11 -5.39 22.53
N GLN B 907 35.28 -6.64 22.96
CA GLN B 907 36.57 -7.33 22.79
C GLN B 907 36.96 -7.51 21.33
N PRO B 908 36.09 -7.99 20.42
CA PRO B 908 36.53 -8.16 19.03
C PRO B 908 37.00 -6.88 18.36
N PHE B 909 36.39 -5.74 18.68
CA PHE B 909 36.89 -4.48 18.14
C PHE B 909 38.20 -4.07 18.79
N ALA B 910 38.32 -4.26 20.11
CA ALA B 910 39.55 -3.90 20.81
C ALA B 910 40.73 -4.73 20.37
N CYS B 911 40.50 -5.89 19.77
CA CYS B 911 41.56 -6.75 19.28
C CYS B 911 41.88 -6.53 17.81
N GLY B 912 41.24 -5.58 17.15
CA GLY B 912 41.50 -5.34 15.75
C GLY B 912 40.92 -6.39 14.82
N THR B 913 39.90 -7.13 15.27
CA THR B 913 39.29 -8.16 14.46
C THR B 913 37.95 -7.74 13.87
N ALA B 914 37.41 -6.60 14.28
CA ALA B 914 36.15 -6.09 13.77
C ALA B 914 36.30 -4.61 13.45
N PHE B 915 35.66 -4.17 12.37
CA PHE B 915 35.68 -2.78 11.97
C PHE B 915 34.32 -2.40 11.40
N ALA B 916 33.87 -1.19 11.71
CA ALA B 916 32.62 -0.67 11.21
C ALA B 916 32.81 0.78 10.80
N VAL B 917 32.00 1.23 9.84
CA VAL B 917 32.10 2.62 9.39
C VAL B 917 31.57 3.59 10.43
N SER B 918 30.81 3.11 11.40
CA SER B 918 30.23 4.00 12.41
C SER B 918 31.32 4.71 13.21
N VAL B 919 32.40 4.00 13.54
CA VAL B 919 33.50 4.61 14.28
C VAL B 919 34.17 5.71 13.47
N LEU B 920 33.95 5.75 12.16
CA LEU B 920 34.47 6.83 11.33
C LEU B 920 33.64 8.10 11.44
N ASP B 921 32.43 8.02 11.99
CA ASP B 921 31.59 9.21 12.12
C ASP B 921 32.22 10.27 13.01
N SER B 922 33.18 9.88 13.86
CA SER B 922 33.89 10.84 14.69
C SER B 922 34.82 11.74 13.89
N LEU B 923 35.03 11.44 12.60
CA LEU B 923 36.00 12.21 11.81
C LEU B 923 35.58 13.65 11.64
N MET B 924 34.29 13.90 11.40
CA MET B 924 33.78 15.26 11.17
C MET B 924 34.34 16.28 12.15
N SER B 925 34.10 16.09 13.44
CA SER B 925 34.61 17.02 14.44
C SER B 925 36.14 17.13 14.33
N ALA B 926 36.83 15.98 14.27
CA ALA B 926 38.27 16.00 14.08
C ALA B 926 38.63 16.66 12.75
N THR B 927 37.80 16.49 11.72
CA THR B 927 38.06 17.13 10.45
C THR B 927 37.77 18.63 10.51
N TYR B 928 36.93 19.06 11.45
CA TYR B 928 36.59 20.47 11.52
C TYR B 928 37.62 21.25 12.34
N PHE B 929 37.94 20.78 13.54
CA PHE B 929 38.82 21.52 14.43
C PHE B 929 40.26 21.56 13.92
N ASN B 930 40.61 20.70 12.96
CA ASN B 930 41.94 20.72 12.35
C ASN B 930 41.80 20.24 10.92
N ASP B 931 41.95 21.15 9.96
CA ASP B 931 41.72 20.81 8.56
C ASP B 931 42.76 19.85 7.99
N ASN B 932 43.93 19.76 8.61
CA ASN B 932 45.00 18.89 8.13
C ASN B 932 44.88 17.46 8.66
N ILE B 933 43.85 17.16 9.45
CA ILE B 933 43.70 15.81 9.99
C ILE B 933 43.39 14.82 8.88
N LEU B 934 42.52 15.20 7.93
CA LEU B 934 42.14 14.27 6.87
C LEU B 934 43.34 13.92 5.98
N THR B 935 44.15 14.93 5.62
CA THR B 935 45.31 14.64 4.78
C THR B 935 46.38 13.90 5.57
N LEU B 936 46.49 14.14 6.88
CA LEU B 936 47.38 13.34 7.70
C LEU B 936 46.95 11.88 7.72
N ILE B 937 45.64 11.63 7.83
CA ILE B 937 45.12 10.27 7.81
C ILE B 937 45.39 9.63 6.45
N ARG B 938 45.22 10.40 5.37
CA ARG B 938 45.44 9.84 4.04
C ARG B 938 46.92 9.57 3.77
N THR B 939 47.82 10.34 4.38
CA THR B 939 49.25 10.12 4.17
C THR B 939 49.86 9.13 5.16
N LEU B 940 49.16 8.84 6.26
CA LEU B 940 49.61 7.82 7.20
C LEU B 940 48.93 6.47 6.97
N VAL B 941 47.79 6.46 6.31
CA VAL B 941 47.00 5.24 6.10
C VAL B 941 47.14 4.75 4.66
N THR B 942 46.86 5.61 3.68
CA THR B 942 47.01 5.21 2.28
C THR B 942 48.46 5.20 1.83
N GLY B 943 49.36 5.83 2.59
CA GLY B 943 50.77 5.75 2.29
C GLY B 943 51.33 6.92 1.51
N GLY B 944 50.87 8.13 1.81
CA GLY B 944 51.40 9.31 1.15
C GLY B 944 50.64 9.72 -0.10
N ALA B 945 49.33 9.90 0.02
CA ALA B 945 48.50 10.32 -1.11
C ALA B 945 48.71 11.80 -1.41
N THR B 946 49.74 12.12 -2.19
CA THR B 946 50.04 13.50 -2.50
C THR B 946 48.98 14.09 -3.43
N PRO B 947 48.73 15.40 -3.33
CA PRO B 947 47.74 16.01 -4.23
C PRO B 947 48.08 15.95 -5.70
N GLU B 948 49.37 15.77 -6.07
CA GLU B 948 49.69 15.55 -7.47
C GLU B 948 49.06 14.26 -7.98
N LEU B 949 49.13 13.19 -7.17
CA LEU B 949 48.50 11.93 -7.55
C LEU B 949 46.98 12.07 -7.65
N GLU B 950 46.38 12.83 -6.73
CA GLU B 950 44.94 13.07 -6.81
C GLU B 950 44.57 13.85 -8.07
N ALA B 951 45.38 14.84 -8.44
CA ALA B 951 45.14 15.58 -9.67
C ALA B 951 45.25 14.66 -10.88
N LEU B 952 46.26 13.79 -10.90
CA LEU B 952 46.40 12.85 -12.00
C LEU B 952 45.20 11.91 -12.09
N ILE B 953 44.74 11.41 -10.93
CA ILE B 953 43.58 10.51 -10.93
C ILE B 953 42.33 11.24 -11.42
N ALA B 954 42.14 12.48 -10.96
CA ALA B 954 40.97 13.23 -11.40
C ALA B 954 41.03 13.53 -12.90
N GLU B 955 42.24 13.72 -13.42
CA GLU B 955 42.38 13.99 -14.85
C GLU B 955 42.13 12.74 -15.68
N GLU B 956 42.61 11.59 -15.23
CA GLU B 956 42.55 10.37 -16.01
C GLU B 956 41.45 9.40 -15.60
N ASN B 957 40.86 9.58 -14.41
CA ASN B 957 39.86 8.67 -13.83
C ASN B 957 40.40 7.26 -13.61
N ALA B 958 41.70 7.05 -13.80
CA ALA B 958 42.33 5.75 -13.61
C ALA B 958 43.83 5.96 -13.56
N LEU B 959 44.55 4.88 -13.29
CA LEU B 959 46.01 4.89 -13.23
C LEU B 959 46.56 4.20 -14.47
N ARG B 960 47.48 4.87 -15.15
CA ARG B 960 48.11 4.37 -16.37
C ARG B 960 49.60 4.17 -16.16
N GLY B 961 50.22 3.46 -17.09
CA GLY B 961 51.64 3.18 -17.01
C GLY B 961 52.50 4.36 -17.41
N GLY B 962 53.79 4.23 -17.12
CA GLY B 962 54.75 5.26 -17.45
C GLY B 962 56.15 4.78 -17.25
N TYR B 963 57.08 5.47 -17.93
CA TYR B 963 58.48 5.11 -17.85
C TYR B 963 59.10 5.61 -16.54
N SER B 964 60.19 4.95 -16.14
CA SER B 964 60.83 5.26 -14.87
C SER B 964 61.54 6.62 -14.92
N THR B 965 61.63 7.25 -13.74
CA THR B 965 62.34 8.51 -13.57
C THR B 965 63.25 8.37 -12.36
N PRO B 966 64.53 8.75 -12.47
CA PRO B 966 65.43 8.62 -11.31
C PRO B 966 65.04 9.49 -10.13
N GLN B 967 64.19 10.50 -10.32
CA GLN B 967 63.80 11.40 -9.26
C GLN B 967 62.90 10.75 -8.22
N THR B 968 62.42 9.54 -8.46
CA THR B 968 61.49 8.86 -7.57
C THR B 968 62.18 8.04 -6.49
N LEU B 969 63.40 8.40 -6.11
CA LEU B 969 64.15 7.64 -5.11
C LEU B 969 64.67 8.48 -3.96
N ALA B 970 64.26 9.74 -3.85
CA ALA B 970 64.76 10.62 -2.80
C ALA B 970 63.71 11.01 -1.77
N ASN B 971 62.43 11.01 -2.15
CA ASN B 971 61.35 11.41 -1.26
C ASN B 971 60.65 10.22 -0.60
N ARG B 972 61.21 9.02 -0.75
CA ARG B 972 60.60 7.81 -0.21
C ARG B 972 61.10 7.45 1.18
N ASP B 973 62.01 8.25 1.74
CA ASP B 973 62.53 8.00 3.08
C ASP B 973 61.57 8.60 4.10
N ARG B 974 60.80 7.74 4.75
CA ARG B 974 59.81 8.15 5.74
C ARG B 974 59.86 7.17 6.91
N CYS B 975 58.87 7.25 7.78
CA CYS B 975 58.74 6.35 8.92
C CYS B 975 57.57 5.40 8.67
N ARG B 976 57.86 4.11 8.64
CA ARG B 976 56.84 3.09 8.45
C ARG B 976 56.26 2.67 9.79
N VAL B 977 54.98 2.32 9.78
CA VAL B 977 54.28 1.86 10.98
C VAL B 977 54.23 0.34 10.94
N ALA B 978 54.55 -0.28 12.07
CA ALA B 978 54.54 -1.74 12.19
C ALA B 978 54.44 -2.08 13.67
N GLN B 979 54.68 -3.36 14.00
CA GLN B 979 54.69 -3.81 15.38
C GLN B 979 55.92 -4.65 15.62
N LEU B 980 56.45 -4.56 16.84
CA LEU B 980 57.64 -5.30 17.22
C LEU B 980 57.40 -6.01 18.54
N ALA B 981 58.11 -7.13 18.72
CA ALA B 981 57.94 -8.02 19.85
C ALA B 981 59.01 -7.77 20.92
N LEU B 982 58.59 -7.80 22.18
CA LEU B 982 59.48 -7.63 23.31
C LEU B 982 59.91 -8.96 23.93
N LEU B 983 59.47 -10.09 23.38
CA LEU B 983 59.85 -11.38 23.92
C LEU B 983 61.34 -11.65 23.74
N ASP B 984 61.89 -11.31 22.58
CA ASP B 984 63.28 -11.55 22.27
C ASP B 984 63.96 -10.25 21.88
N GLY B 985 65.21 -10.36 21.45
CA GLY B 985 65.97 -9.22 21.01
C GLY B 985 66.46 -8.37 22.15
N PRO B 986 66.86 -7.13 21.84
CA PRO B 986 67.40 -6.24 22.89
C PRO B 986 66.34 -5.63 23.79
N PHE B 987 65.06 -5.88 23.53
CA PHE B 987 63.99 -5.39 24.39
C PHE B 987 63.58 -6.40 25.47
N ALA B 988 64.17 -7.60 25.45
CA ALA B 988 63.78 -8.62 26.42
C ALA B 988 64.24 -8.26 27.82
N ASP B 989 65.46 -7.74 27.95
CA ASP B 989 65.99 -7.41 29.28
C ASP B 989 65.16 -6.33 29.97
N LEU B 990 64.76 -5.31 29.22
CA LEU B 990 63.89 -4.26 29.76
C LEU B 990 62.43 -4.67 29.79
N GLY B 991 62.07 -5.76 29.12
CA GLY B 991 60.70 -6.24 29.11
C GLY B 991 60.36 -7.27 30.17
N ASP B 992 61.36 -7.80 30.86
CA ASP B 992 61.14 -8.81 31.89
C ASP B 992 60.87 -8.09 33.22
N GLY B 993 59.63 -7.63 33.35
CA GLY B 993 59.21 -6.94 34.55
C GLY B 993 59.53 -5.46 34.59
N GLY B 994 60.11 -4.90 33.52
CA GLY B 994 60.43 -3.49 33.50
C GLY B 994 59.21 -2.62 33.25
N CYS B 995 59.47 -1.31 33.23
CA CYS B 995 58.41 -0.34 32.99
C CYS B 995 58.41 0.09 31.52
N TYR B 996 57.25 0.57 31.06
CA TYR B 996 57.11 1.00 29.67
C TYR B 996 58.00 2.19 29.36
N GLY B 997 58.12 3.13 30.31
CA GLY B 997 58.85 4.36 30.04
C GLY B 997 60.30 4.13 29.73
N ASP B 998 60.96 3.25 30.49
CA ASP B 998 62.38 2.98 30.25
C ASP B 998 62.60 2.39 28.87
N LEU B 999 61.78 1.41 28.48
CA LEU B 999 61.93 0.80 27.16
C LEU B 999 61.65 1.81 26.05
N PHE B 1000 60.61 2.63 26.22
CA PHE B 1000 60.29 3.64 25.23
C PHE B 1000 61.45 4.63 25.07
N CYS B 1001 62.00 5.10 26.19
CA CYS B 1001 63.10 6.06 26.12
C CYS B 1001 64.33 5.45 25.47
N LYS B 1002 64.67 4.21 25.84
CA LYS B 1002 65.83 3.55 25.26
C LYS B 1002 65.65 3.34 23.75
N ALA B 1003 64.45 2.89 23.35
CA ALA B 1003 64.19 2.69 21.93
C ALA B 1003 64.26 4.00 21.16
N LEU B 1004 63.69 5.07 21.72
CA LEU B 1004 63.76 6.38 21.07
C LEU B 1004 65.20 6.86 20.93
N LYS B 1005 66.00 6.68 21.98
CA LYS B 1005 67.40 7.11 21.93
C LYS B 1005 68.19 6.31 20.89
N THR B 1006 67.94 5.01 20.80
CA THR B 1006 68.82 4.14 20.02
C THR B 1006 68.34 3.95 18.58
N TYR B 1007 67.12 3.43 18.40
CA TYR B 1007 66.63 3.04 17.08
C TYR B 1007 65.72 4.07 16.45
N ASN B 1008 65.72 5.31 16.96
CA ASN B 1008 64.82 6.37 16.46
C ASN B 1008 63.38 5.91 16.52
N MET B 1009 63.05 5.18 17.58
CA MET B 1009 61.76 4.55 17.74
C MET B 1009 60.72 5.53 18.25
N LEU B 1010 59.45 5.12 18.17
CA LEU B 1010 58.35 5.92 18.72
C LEU B 1010 57.23 4.95 19.07
N CYS B 1011 57.09 4.64 20.36
CA CYS B 1011 56.04 3.75 20.84
C CYS B 1011 54.85 4.58 21.29
N PHE B 1012 53.70 4.37 20.66
CA PHE B 1012 52.48 5.08 21.02
C PHE B 1012 51.41 4.14 21.59
N GLY B 1013 51.74 2.87 21.78
CA GLY B 1013 50.77 1.94 22.32
C GLY B 1013 51.40 0.58 22.53
N ILE B 1014 50.67 -0.27 23.23
CA ILE B 1014 51.07 -1.63 23.54
C ILE B 1014 50.01 -2.58 23.03
N TYR B 1015 50.42 -3.57 22.24
CA TYR B 1015 49.54 -4.63 21.76
C TYR B 1015 49.72 -5.83 22.69
N ARG B 1016 48.93 -5.85 23.76
CA ARG B 1016 49.12 -6.76 24.87
C ARG B 1016 48.10 -7.90 24.83
N LEU B 1017 48.58 -9.12 25.03
CA LEU B 1017 47.69 -10.28 25.06
C LEU B 1017 46.68 -10.14 26.20
N ARG B 1018 45.44 -10.55 25.91
CA ARG B 1018 44.36 -10.36 26.88
C ARG B 1018 44.63 -11.09 28.18
N ASP B 1019 45.22 -12.28 28.09
CA ASP B 1019 45.53 -13.09 29.27
C ASP B 1019 46.97 -12.93 29.74
N ALA B 1020 47.73 -12.01 29.13
CA ALA B 1020 49.10 -11.80 29.57
C ALA B 1020 49.16 -11.29 31.00
N HIS B 1021 48.25 -10.39 31.38
CA HIS B 1021 48.24 -9.87 32.74
C HIS B 1021 47.69 -10.88 33.73
N LEU B 1022 46.97 -11.89 33.26
CA LEU B 1022 46.42 -12.91 34.15
C LEU B 1022 47.53 -13.86 34.62
N SER B 1023 47.44 -14.28 35.87
CA SER B 1023 48.44 -15.20 36.42
C SER B 1023 48.37 -16.56 35.74
N THR B 1024 47.17 -17.06 35.49
CA THR B 1024 47.03 -18.37 34.87
C THR B 1024 47.46 -18.31 33.41
N PRO B 1025 48.37 -19.18 32.97
CA PRO B 1025 48.80 -19.17 31.57
C PRO B 1025 47.80 -19.91 30.69
N SER B 1026 47.16 -19.17 29.79
CA SER B 1026 46.16 -19.73 28.89
C SER B 1026 46.73 -19.91 27.49
N GLN B 1027 45.93 -20.52 26.63
CA GLN B 1027 46.29 -20.74 25.23
C GLN B 1027 45.80 -19.63 24.32
N CYS B 1028 45.22 -18.57 24.87
CA CYS B 1028 44.70 -17.47 24.08
C CYS B 1028 45.83 -16.75 23.33
N THR B 1029 45.50 -16.24 22.15
CA THR B 1029 46.46 -15.55 21.30
C THR B 1029 46.09 -14.10 21.02
N LYS B 1030 44.80 -13.78 20.90
CA LYS B 1030 44.38 -12.45 20.54
C LYS B 1030 44.82 -11.43 21.57
N ARG B 1031 45.16 -10.22 21.10
CA ARG B 1031 45.67 -9.15 21.93
C ARG B 1031 44.84 -7.89 21.72
N TYR B 1032 44.81 -7.04 22.74
CA TYR B 1032 44.15 -5.75 22.69
C TYR B 1032 45.18 -4.63 22.65
N VAL B 1033 44.68 -3.40 22.50
CA VAL B 1033 45.52 -2.22 22.33
C VAL B 1033 45.35 -1.30 23.52
N ILE B 1034 46.47 -0.91 24.14
CA ILE B 1034 46.49 0.14 25.15
C ILE B 1034 47.22 1.33 24.56
N THR B 1035 46.54 2.48 24.48
CA THR B 1035 47.07 3.65 23.79
C THR B 1035 47.77 4.58 24.77
N ASN B 1036 49.02 4.94 24.45
CA ASN B 1036 49.83 5.88 25.21
C ASN B 1036 49.91 5.48 26.68
N PRO B 1037 50.57 4.37 27.02
CA PRO B 1037 50.71 4.00 28.42
C PRO B 1037 51.66 4.94 29.14
N PRO B 1038 51.49 5.12 30.45
CA PRO B 1038 52.36 6.05 31.18
C PRO B 1038 53.77 5.50 31.33
N TYR B 1039 54.65 6.36 31.86
CA TYR B 1039 56.04 5.98 32.06
C TYR B 1039 56.16 4.84 33.06
N GLU B 1040 55.38 4.88 34.14
CA GLU B 1040 55.45 3.88 35.19
C GLU B 1040 54.55 2.67 34.91
N PHE B 1041 54.07 2.53 33.69
CA PHE B 1041 53.22 1.40 33.34
C PHE B 1041 54.01 0.10 33.36
N GLU B 1042 53.50 -0.90 34.07
CA GLU B 1042 54.16 -2.19 34.13
C GLU B 1042 54.09 -2.89 32.77
N LEU B 1043 55.20 -3.52 32.39
CA LEU B 1043 55.33 -4.13 31.08
C LEU B 1043 55.46 -5.64 31.21
N VAL B 1044 54.90 -6.36 30.25
CA VAL B 1044 54.88 -7.82 30.23
C VAL B 1044 55.78 -8.27 29.07
N PRO B 1045 56.66 -9.26 29.27
CA PRO B 1045 57.59 -9.64 28.19
C PRO B 1045 56.92 -10.09 26.91
N THR B 1046 55.70 -10.65 26.99
CA THR B 1046 55.00 -11.13 25.81
C THR B 1046 54.17 -10.04 25.13
N ASP B 1047 54.50 -8.78 25.34
CA ASP B 1047 53.76 -7.67 24.74
C ASP B 1047 54.34 -7.30 23.38
N LEU B 1048 53.47 -6.79 22.53
CA LEU B 1048 53.85 -6.19 21.25
C LEU B 1048 53.67 -4.69 21.34
N ILE B 1049 54.55 -3.93 20.71
CA ILE B 1049 54.46 -2.48 20.72
C ILE B 1049 54.40 -1.98 19.28
N PHE B 1050 53.78 -0.81 19.10
CA PHE B 1050 53.66 -0.20 17.78
C PHE B 1050 54.85 0.71 17.51
N CYS B 1051 55.41 0.60 16.31
CA CYS B 1051 56.71 1.17 16.01
C CYS B 1051 56.64 1.99 14.73
N LEU B 1052 57.41 3.08 14.69
CA LEU B 1052 57.65 3.87 13.49
C LEU B 1052 59.15 3.83 13.20
N MET B 1053 59.50 3.32 12.02
CA MET B 1053 60.88 3.02 11.66
C MET B 1053 61.29 3.81 10.42
N GLN B 1054 62.56 3.64 10.05
CA GLN B 1054 63.14 4.30 8.88
C GLN B 1054 63.11 3.33 7.69
N PHE B 1055 63.79 3.70 6.61
CA PHE B 1055 63.78 2.91 5.39
C PHE B 1055 65.16 2.93 4.75
N ASP B 1056 65.47 1.84 4.03
CA ASP B 1056 66.70 1.72 3.26
C ASP B 1056 66.35 1.33 1.82
N HIS B 1057 67.02 1.96 0.87
CA HIS B 1057 66.64 1.85 -0.54
C HIS B 1057 67.37 0.73 -1.29
N ASN B 1058 68.28 0.00 -0.63
CA ASN B 1058 69.07 -1.04 -1.28
C ASN B 1058 68.85 -2.40 -0.61
N ALA B 1059 67.60 -2.73 -0.33
CA ALA B 1059 67.25 -4.02 0.24
C ALA B 1059 66.69 -5.00 -0.78
N GLY B 1060 66.41 -4.54 -2.00
CA GLY B 1060 65.87 -5.41 -3.03
C GLY B 1060 66.92 -6.23 -3.75
N GLN C 19 -61.97 -4.15 34.07
CA GLN C 19 -62.45 -3.12 33.15
C GLN C 19 -61.44 -2.88 32.03
N ARG C 20 -60.21 -3.33 32.24
CA ARG C 20 -59.13 -3.21 31.26
C ARG C 20 -59.02 -4.51 30.48
N MET C 21 -58.97 -4.37 29.16
CA MET C 21 -59.05 -5.49 28.22
C MET C 21 -57.87 -5.50 27.25
N TRP C 22 -56.64 -5.42 27.75
CA TRP C 22 -55.48 -5.41 26.86
C TRP C 22 -54.88 -6.80 26.68
N TRP C 23 -55.02 -7.66 27.69
CA TRP C 23 -54.51 -9.02 27.57
C TRP C 23 -55.20 -9.78 26.45
N ALA C 24 -56.46 -9.44 26.13
CA ALA C 24 -57.13 -10.12 25.02
C ALA C 24 -56.43 -9.86 23.69
N PHE C 25 -56.27 -8.58 23.34
CA PHE C 25 -55.62 -8.26 22.07
C PHE C 25 -54.18 -8.72 22.06
N LEU C 26 -53.49 -8.60 23.19
CA LEU C 26 -52.13 -9.11 23.27
C LEU C 26 -52.09 -10.61 23.00
N ALA C 27 -52.98 -11.36 23.65
CA ALA C 27 -52.86 -12.81 23.67
C ALA C 27 -53.41 -13.47 22.41
N SER C 28 -54.32 -12.80 21.69
CA SER C 28 -54.72 -13.34 20.39
C SER C 28 -53.52 -13.49 19.47
N SER C 29 -52.79 -12.39 19.26
CA SER C 29 -51.57 -12.43 18.46
C SER C 29 -50.51 -13.30 19.12
N MET C 30 -50.43 -13.26 20.46
CA MET C 30 -49.38 -13.97 21.16
C MET C 30 -49.52 -15.47 20.95
N VAL C 31 -50.71 -16.01 21.21
CA VAL C 31 -51.01 -17.40 20.96
C VAL C 31 -51.01 -17.73 19.47
N THR C 32 -51.28 -16.76 18.58
CA THR C 32 -51.12 -17.03 17.16
C THR C 32 -49.67 -17.38 16.84
N PHE C 33 -48.73 -16.53 17.26
CA PHE C 33 -47.31 -16.76 16.98
C PHE C 33 -46.82 -18.03 17.66
N PHE C 34 -47.20 -18.22 18.93
CA PHE C 34 -46.81 -19.45 19.64
C PHE C 34 -47.40 -20.70 19.02
N GLY C 35 -48.68 -20.71 18.69
CA GLY C 35 -49.27 -21.87 18.05
C GLY C 35 -48.63 -22.19 16.70
N GLY C 36 -48.26 -21.14 15.95
CA GLY C 36 -47.55 -21.37 14.71
C GLY C 36 -46.21 -22.04 14.92
N LEU C 37 -45.40 -21.51 15.84
CA LEU C 37 -44.12 -22.14 16.14
C LEU C 37 -44.32 -23.55 16.66
N PHE C 38 -45.33 -23.75 17.49
CA PHE C 38 -45.58 -25.05 18.09
C PHE C 38 -45.94 -26.09 17.03
N ILE C 39 -46.83 -25.71 16.10
CA ILE C 39 -47.22 -26.61 15.02
C ILE C 39 -46.02 -26.93 14.13
N ILE C 40 -45.19 -25.92 13.84
CA ILE C 40 -44.02 -26.17 13.00
C ILE C 40 -43.07 -27.15 13.69
N LEU C 41 -42.76 -26.90 14.97
CA LEU C 41 -41.85 -27.81 15.65
C LEU C 41 -42.48 -29.19 15.83
N LEU C 42 -43.81 -29.24 15.91
CA LEU C 42 -44.49 -30.52 16.06
C LEU C 42 -44.39 -31.34 14.79
N TRP C 43 -44.59 -30.70 13.64
CA TRP C 43 -44.38 -31.37 12.37
C TRP C 43 -42.94 -31.85 12.23
N ARG C 44 -41.97 -31.01 12.63
CA ARG C 44 -40.58 -31.43 12.54
C ARG C 44 -40.27 -32.62 13.46
N THR C 45 -40.79 -32.60 14.69
CA THR C 45 -40.55 -33.70 15.61
C THR C 45 -41.25 -34.97 15.13
N LEU C 46 -42.41 -34.83 14.48
CA LEU C 46 -43.10 -35.99 13.94
C LEU C 46 -42.31 -36.60 12.79
N LYS C 47 -41.81 -35.77 11.87
CA LYS C 47 -40.89 -36.27 10.85
C LYS C 47 -39.69 -36.96 11.49
N TYR C 48 -39.14 -36.39 12.56
CA TYR C 48 -37.94 -36.97 13.17
C TYR C 48 -38.22 -38.34 13.76
N LEU C 49 -39.28 -38.45 14.57
CA LEU C 49 -39.65 -39.72 15.16
C LEU C 49 -40.00 -40.75 14.09
N TRP C 50 -40.68 -40.32 13.02
CA TRP C 50 -41.07 -41.24 11.97
C TRP C 50 -39.85 -41.77 11.22
N THR C 51 -38.87 -40.90 10.99
CA THR C 51 -37.63 -41.35 10.35
C THR C 51 -36.85 -42.30 11.24
N VAL C 52 -36.81 -42.01 12.54
CA VAL C 52 -36.02 -42.84 13.46
C VAL C 52 -36.65 -44.22 13.61
N CYS C 53 -37.96 -44.26 13.85
CA CYS C 53 -38.64 -45.55 14.06
C CYS C 53 -38.90 -46.24 12.73
N CYS C 54 -38.86 -45.50 11.63
CA CYS C 54 -39.24 -46.01 10.31
C CYS C 54 -38.64 -45.11 9.24
N ALA C 89 -41.33 -36.98 -15.26
CA ALA C 89 -40.78 -35.85 -14.52
C ALA C 89 -41.74 -34.67 -14.53
N GLU C 90 -42.82 -34.79 -13.77
CA GLU C 90 -43.84 -33.75 -13.67
C GLU C 90 -43.82 -33.17 -12.26
N VAL C 91 -43.76 -31.84 -12.17
CA VAL C 91 -43.76 -31.18 -10.86
C VAL C 91 -45.14 -31.28 -10.24
N GLY C 92 -45.19 -31.13 -8.92
CA GLY C 92 -46.43 -31.31 -8.19
C GLY C 92 -47.29 -30.07 -8.15
N TRP C 93 -48.52 -30.26 -7.66
CA TRP C 93 -49.44 -29.15 -7.48
C TRP C 93 -48.94 -28.17 -6.42
N MET C 94 -48.40 -28.69 -5.31
CA MET C 94 -47.71 -27.87 -4.33
C MET C 94 -46.58 -27.07 -4.96
N THR C 95 -45.74 -27.72 -5.78
CA THR C 95 -44.63 -27.03 -6.41
C THR C 95 -45.11 -25.94 -7.36
N SER C 96 -46.15 -26.24 -8.16
CA SER C 96 -46.69 -25.24 -9.07
C SER C 96 -47.29 -24.06 -8.33
N VAL C 97 -48.02 -24.32 -7.25
CA VAL C 97 -48.62 -23.23 -6.47
C VAL C 97 -47.53 -22.39 -5.81
N LYS C 98 -46.48 -23.04 -5.30
CA LYS C 98 -45.36 -22.30 -4.71
C LYS C 98 -44.68 -21.42 -5.74
N ASP C 99 -44.46 -21.94 -6.95
CA ASP C 99 -43.87 -21.13 -8.02
C ASP C 99 -44.77 -19.96 -8.38
N TRP C 100 -46.08 -20.20 -8.45
CA TRP C 100 -47.04 -19.13 -8.73
C TRP C 100 -46.96 -18.03 -7.68
N ALA C 101 -46.96 -18.41 -6.40
CA ALA C 101 -46.89 -17.42 -5.33
C ALA C 101 -45.56 -16.67 -5.36
N GLY C 102 -44.46 -17.36 -5.62
CA GLY C 102 -43.17 -16.70 -5.69
C GLY C 102 -43.09 -15.72 -6.85
N VAL C 103 -43.67 -16.10 -8.00
CA VAL C 103 -43.69 -15.21 -9.15
C VAL C 103 -44.52 -13.97 -8.84
N MET C 104 -45.68 -14.16 -8.18
CA MET C 104 -46.53 -13.03 -7.85
C MET C 104 -45.89 -12.09 -6.83
N ILE C 105 -45.29 -12.61 -5.76
CA ILE C 105 -44.72 -11.73 -4.75
C ILE C 105 -43.43 -11.06 -5.23
N SER C 106 -42.81 -11.56 -6.31
CA SER C 106 -41.60 -10.98 -6.84
C SER C 106 -41.88 -9.99 -7.97
N ALA C 107 -43.15 -9.71 -8.27
CA ALA C 107 -43.54 -8.73 -9.28
C ALA C 107 -42.95 -9.05 -10.65
N GLN C 108 -42.99 -10.34 -11.02
CA GLN C 108 -42.54 -10.76 -12.33
C GLN C 108 -43.62 -10.70 -13.39
N THR C 109 -44.86 -10.40 -13.01
CA THR C 109 -45.97 -10.25 -13.95
C THR C 109 -46.69 -8.95 -13.63
N LEU C 110 -47.67 -8.62 -14.47
CA LEU C 110 -48.45 -7.40 -14.24
C LEU C 110 -49.22 -7.47 -12.93
N THR C 111 -49.84 -8.62 -12.65
CA THR C 111 -50.55 -8.78 -11.39
C THR C 111 -49.60 -8.71 -10.20
N GLY C 112 -48.40 -9.26 -10.34
CA GLY C 112 -47.41 -9.16 -9.28
C GLY C 112 -46.97 -7.72 -9.03
N ARG C 113 -46.75 -6.97 -10.10
CA ARG C 113 -46.38 -5.56 -9.95
C ARG C 113 -47.50 -4.77 -9.28
N VAL C 114 -48.75 -5.03 -9.67
CA VAL C 114 -49.88 -4.37 -9.05
C VAL C 114 -49.96 -4.72 -7.57
N LEU C 115 -49.74 -5.99 -7.24
CA LEU C 115 -49.77 -6.41 -5.84
C LEU C 115 -48.68 -5.74 -5.03
N VAL C 116 -47.47 -5.62 -5.60
CA VAL C 116 -46.36 -4.99 -4.89
C VAL C 116 -46.63 -3.51 -4.67
N VAL C 117 -47.14 -2.83 -5.69
CA VAL C 117 -47.47 -1.41 -5.53
C VAL C 117 -48.57 -1.23 -4.49
N LEU C 118 -49.56 -2.12 -4.48
CA LEU C 118 -50.61 -2.06 -3.47
C LEU C 118 -50.05 -2.30 -2.08
N VAL C 119 -49.09 -3.21 -1.96
CA VAL C 119 -48.45 -3.47 -0.66
C VAL C 119 -47.76 -2.20 -0.16
N PHE C 120 -47.01 -1.55 -1.03
CA PHE C 120 -46.35 -0.29 -0.68
C PHE C 120 -47.37 0.76 -0.21
N ALA C 121 -48.39 1.00 -1.04
CA ALA C 121 -49.36 2.04 -0.75
C ALA C 121 -50.13 1.73 0.53
N LEU C 122 -50.50 0.47 0.75
CA LEU C 122 -51.29 0.12 1.91
C LEU C 122 -50.45 0.08 3.18
N SER C 123 -49.16 -0.22 3.08
CA SER C 123 -48.28 -0.05 4.24
C SER C 123 -48.21 1.41 4.65
N ILE C 124 -48.05 2.31 3.67
CA ILE C 124 -48.05 3.74 3.98
C ILE C 124 -49.39 4.16 4.58
N GLY C 125 -50.49 3.65 4.02
CA GLY C 125 -51.80 4.01 4.52
C GLY C 125 -52.06 3.52 5.93
N ALA C 126 -51.62 2.29 6.24
CA ALA C 126 -51.75 1.77 7.59
C ALA C 126 -50.91 2.57 8.58
N LEU C 127 -49.71 2.98 8.17
CA LEU C 127 -48.91 3.85 9.04
C LEU C 127 -49.61 5.18 9.30
N VAL C 128 -50.20 5.76 8.25
CA VAL C 128 -50.92 7.02 8.42
C VAL C 128 -52.13 6.83 9.33
N ILE C 129 -52.84 5.70 9.19
CA ILE C 129 -53.98 5.42 10.05
C ILE C 129 -53.55 5.30 11.50
N TYR C 130 -52.41 4.64 11.74
CA TYR C 130 -51.88 4.57 13.10
C TYR C 130 -51.52 5.95 13.63
N PHE C 131 -50.94 6.80 12.78
CA PHE C 131 -50.63 8.17 13.20
C PHE C 131 -51.90 8.90 13.60
N ILE C 132 -52.96 8.76 12.81
CA ILE C 132 -54.22 9.42 13.13
C ILE C 132 -54.82 8.89 14.43
N ASP C 133 -54.79 7.57 14.62
CA ASP C 133 -55.41 6.96 15.79
C ASP C 133 -54.58 7.10 17.05
N SER C 134 -53.30 7.48 16.94
CA SER C 134 -52.48 7.66 18.13
C SER C 134 -53.04 8.74 19.05
N SER C 135 -53.73 9.74 18.51
CA SER C 135 -54.30 10.80 19.33
C SER C 135 -55.47 10.32 20.18
N ASN C 136 -56.09 9.21 19.80
CA ASN C 136 -57.22 8.68 20.55
C ASN C 136 -56.74 8.10 21.89
N PRO C 137 -57.64 7.97 22.86
CA PRO C 137 -57.25 7.36 24.14
C PRO C 137 -56.73 5.93 23.95
N ILE C 138 -56.01 5.47 24.98
CA ILE C 138 -55.37 4.15 24.90
C ILE C 138 -56.42 3.06 24.72
N GLU C 139 -57.49 3.11 25.50
CA GLU C 139 -58.59 2.17 25.38
C GLU C 139 -59.89 2.96 25.24
N SER C 140 -60.66 2.66 24.19
CA SER C 140 -61.89 3.38 23.91
C SER C 140 -62.88 2.41 23.28
N CYS C 141 -64.03 2.93 22.86
CA CYS C 141 -65.09 2.13 22.24
C CYS C 141 -65.19 2.47 20.77
N GLN C 142 -65.43 1.44 19.95
CA GLN C 142 -65.57 1.59 18.52
C GLN C 142 -66.93 1.05 18.07
N ASN C 143 -67.37 1.49 16.90
CA ASN C 143 -68.69 1.15 16.39
C ASN C 143 -68.65 0.23 15.17
N PHE C 144 -67.68 0.42 14.27
CA PHE C 144 -67.52 -0.31 13.02
C PHE C 144 -68.60 0.01 11.98
N TYR C 145 -69.60 0.80 12.32
CA TYR C 145 -70.68 1.12 11.40
C TYR C 145 -70.85 2.61 11.17
N LYS C 146 -70.02 3.45 11.79
CA LYS C 146 -70.09 4.89 11.57
C LYS C 146 -68.73 5.51 11.30
N ASP C 147 -67.63 4.85 11.66
CA ASP C 147 -66.28 5.38 11.45
C ASP C 147 -65.68 4.75 10.21
N PHE C 148 -65.31 5.59 9.24
CA PHE C 148 -64.73 5.10 7.99
C PHE C 148 -63.31 4.61 8.20
N THR C 149 -62.59 5.18 9.16
CA THR C 149 -61.20 4.82 9.38
C THR C 149 -61.07 3.35 9.79
N LEU C 150 -61.98 2.86 10.64
CA LEU C 150 -61.94 1.47 11.05
C LEU C 150 -62.18 0.53 9.88
N GLN C 151 -63.13 0.87 9.00
CA GLN C 151 -63.38 0.04 7.82
C GLN C 151 -62.19 0.02 6.88
N ILE C 152 -61.55 1.19 6.70
CA ILE C 152 -60.34 1.24 5.88
C ILE C 152 -59.24 0.38 6.49
N ASP C 153 -59.10 0.44 7.82
CA ASP C 153 -58.10 -0.37 8.50
C ASP C 153 -58.39 -1.86 8.33
N MET C 154 -59.66 -2.25 8.39
CA MET C 154 -60.01 -3.65 8.16
C MET C 154 -59.70 -4.08 6.73
N ALA C 155 -59.99 -3.23 5.75
CA ALA C 155 -59.63 -3.57 4.37
C ALA C 155 -58.12 -3.75 4.24
N PHE C 156 -57.36 -2.84 4.84
CA PHE C 156 -55.90 -2.94 4.80
C PHE C 156 -55.40 -4.22 5.47
N ASN C 157 -55.99 -4.56 6.61
CA ASN C 157 -55.55 -5.75 7.34
C ASN C 157 -55.92 -7.04 6.62
N VAL C 158 -57.08 -7.06 5.95
CA VAL C 158 -57.45 -8.22 5.14
C VAL C 158 -56.46 -8.38 3.99
N PHE C 159 -56.12 -7.28 3.33
CA PHE C 159 -55.12 -7.34 2.26
C PHE C 159 -53.79 -7.85 2.79
N PHE C 160 -53.37 -7.36 3.97
CA PHE C 160 -52.10 -7.80 4.54
C PHE C 160 -52.14 -9.27 4.91
N LEU C 161 -53.29 -9.76 5.39
CA LEU C 161 -53.43 -11.19 5.69
C LEU C 161 -53.31 -12.03 4.43
N LEU C 162 -53.95 -11.60 3.34
CA LEU C 162 -53.81 -12.32 2.07
C LEU C 162 -52.37 -12.30 1.58
N TYR C 163 -51.70 -11.15 1.72
CA TYR C 163 -50.30 -11.05 1.31
C TYR C 163 -49.42 -11.97 2.16
N PHE C 164 -49.71 -12.07 3.45
CA PHE C 164 -48.97 -12.99 4.31
C PHE C 164 -49.19 -14.43 3.88
N GLY C 165 -50.42 -14.78 3.51
CA GLY C 165 -50.67 -16.12 3.01
C GLY C 165 -49.88 -16.42 1.75
N LEU C 166 -49.84 -15.47 0.82
CA LEU C 166 -49.05 -15.65 -0.39
C LEU C 166 -47.57 -15.81 -0.07
N ARG C 167 -47.06 -14.99 0.85
CA ARG C 167 -45.65 -15.08 1.22
C ARG C 167 -45.33 -16.41 1.89
N PHE C 168 -46.23 -16.88 2.75
CA PHE C 168 -46.04 -18.18 3.39
C PHE C 168 -46.01 -19.30 2.37
N ILE C 169 -46.91 -19.25 1.38
CA ILE C 169 -46.91 -20.27 0.34
C ILE C 169 -45.61 -20.24 -0.44
N ALA C 170 -45.14 -19.04 -0.78
CA ALA C 170 -43.92 -18.90 -1.56
C ALA C 170 -42.65 -19.17 -0.76
N ALA C 171 -42.74 -19.31 0.55
CA ALA C 171 -41.55 -19.44 1.37
C ALA C 171 -40.90 -20.81 1.20
N ASN C 172 -39.58 -20.81 1.05
CA ASN C 172 -38.84 -22.08 0.96
C ASN C 172 -38.86 -22.81 2.29
N ASP C 173 -38.52 -22.11 3.37
CA ASP C 173 -38.48 -22.68 4.71
C ASP C 173 -39.55 -22.00 5.57
N LYS C 174 -40.46 -22.81 6.10
CA LYS C 174 -41.57 -22.24 6.87
C LYS C 174 -41.14 -21.79 8.26
N LEU C 175 -40.20 -22.53 8.87
CA LEU C 175 -39.76 -22.19 10.22
C LEU C 175 -39.07 -20.83 10.24
N TRP C 176 -38.15 -20.60 9.31
CA TRP C 176 -37.46 -19.32 9.27
C TRP C 176 -38.34 -18.20 8.72
N PHE C 177 -39.34 -18.53 7.91
CA PHE C 177 -40.30 -17.52 7.48
C PHE C 177 -41.16 -17.06 8.66
N TRP C 178 -41.51 -17.99 9.55
CA TRP C 178 -42.34 -17.64 10.71
C TRP C 178 -41.65 -16.65 11.64
N LEU C 179 -40.32 -16.61 11.63
CA LEU C 179 -39.57 -15.71 12.50
C LEU C 179 -39.13 -14.43 11.79
N GLU C 180 -39.62 -14.19 10.58
CA GLU C 180 -39.26 -12.98 9.87
C GLU C 180 -39.94 -11.77 10.52
N VAL C 181 -39.33 -10.60 10.31
CA VAL C 181 -39.85 -9.37 10.91
C VAL C 181 -41.24 -9.06 10.37
N ASN C 182 -41.43 -9.20 9.06
CA ASN C 182 -42.73 -8.93 8.46
C ASN C 182 -43.78 -9.90 8.99
N SER C 183 -43.42 -11.18 9.15
CA SER C 183 -44.36 -12.15 9.68
C SER C 183 -44.77 -11.80 11.11
N VAL C 184 -43.80 -11.41 11.94
CA VAL C 184 -44.10 -11.04 13.32
C VAL C 184 -44.98 -9.79 13.36
N VAL C 185 -44.72 -8.83 12.48
CA VAL C 185 -45.54 -7.62 12.41
C VAL C 185 -46.98 -7.99 12.05
N ASP C 186 -47.16 -8.87 11.06
CA ASP C 186 -48.50 -9.31 10.70
C ASP C 186 -49.18 -10.02 11.86
N PHE C 187 -48.44 -10.90 12.54
CA PHE C 187 -48.99 -11.63 13.68
C PHE C 187 -49.50 -10.68 14.75
N PHE C 188 -48.71 -9.67 15.09
CA PHE C 188 -49.08 -8.76 16.16
C PHE C 188 -49.91 -7.58 15.69
N THR C 189 -50.24 -7.51 14.40
CA THR C 189 -51.07 -6.44 13.87
C THR C 189 -52.49 -6.89 13.53
N VAL C 190 -52.66 -7.99 12.81
CA VAL C 190 -53.97 -8.32 12.23
C VAL C 190 -54.93 -8.91 13.26
N PRO C 191 -54.55 -9.92 14.05
CA PRO C 191 -55.47 -10.47 15.06
C PRO C 191 -55.96 -9.42 16.05
N PRO C 192 -55.13 -8.44 16.44
CA PRO C 192 -55.68 -7.37 17.30
C PRO C 192 -56.91 -6.68 16.74
N VAL C 193 -56.85 -6.19 15.50
CA VAL C 193 -58.02 -5.50 14.93
C VAL C 193 -59.15 -6.49 14.70
N PHE C 194 -58.83 -7.73 14.34
CA PHE C 194 -59.87 -8.73 14.14
C PHE C 194 -60.67 -8.95 15.41
N VAL C 195 -59.98 -9.04 16.56
CA VAL C 195 -60.67 -9.20 17.84
C VAL C 195 -61.39 -7.92 18.22
N SER C 196 -60.77 -6.76 17.96
CA SER C 196 -61.35 -5.48 18.34
C SER C 196 -62.70 -5.27 17.67
N VAL C 197 -62.83 -5.70 16.42
CA VAL C 197 -64.06 -5.41 15.68
C VAL C 197 -65.27 -6.06 16.33
N TYR C 198 -65.09 -7.24 16.93
CA TYR C 198 -66.23 -7.88 17.59
C TYR C 198 -66.35 -7.39 19.03
N LEU C 199 -65.22 -7.20 19.71
CA LEU C 199 -65.28 -6.75 21.09
C LEU C 199 -65.82 -5.33 21.24
N ASN C 200 -65.93 -4.58 20.14
CA ASN C 200 -66.42 -3.21 20.09
C ASN C 200 -65.56 -2.24 20.88
N ARG C 201 -64.39 -2.67 21.36
CA ARG C 201 -63.46 -1.80 22.08
C ARG C 201 -62.10 -1.84 21.41
N SER C 202 -61.46 -0.67 21.32
CA SER C 202 -60.18 -0.51 20.66
C SER C 202 -59.10 -0.17 21.67
N TRP C 203 -57.98 -0.89 21.57
CA TRP C 203 -56.79 -0.63 22.36
C TRP C 203 -55.65 -0.28 21.42
N LEU C 204 -54.82 0.69 21.83
CA LEU C 204 -53.73 1.13 20.97
C LEU C 204 -52.78 -0.02 20.66
N GLY C 205 -52.43 -0.80 21.68
CA GLY C 205 -51.70 -2.04 21.46
C GLY C 205 -50.36 -1.84 20.77
N LEU C 206 -50.08 -2.72 19.81
CA LEU C 206 -48.79 -2.77 19.14
C LEU C 206 -48.87 -2.28 17.69
N ARG C 207 -49.73 -1.28 17.43
CA ARG C 207 -49.87 -0.77 16.07
C ARG C 207 -48.61 -0.08 15.57
N PHE C 208 -47.74 0.38 16.48
CA PHE C 208 -46.50 1.02 16.05
C PHE C 208 -45.63 0.08 15.24
N LEU C 209 -45.80 -1.23 15.43
CA LEU C 209 -45.05 -2.21 14.65
C LEU C 209 -45.35 -2.10 13.17
N ARG C 210 -46.46 -1.46 12.80
CA ARG C 210 -46.75 -1.22 11.39
C ARG C 210 -45.62 -0.45 10.72
N ALA C 211 -44.95 0.44 11.46
CA ALA C 211 -43.83 1.18 10.89
C ALA C 211 -42.73 0.25 10.38
N LEU C 212 -42.58 -0.92 11.01
CA LEU C 212 -41.57 -1.87 10.57
C LEU C 212 -41.80 -2.33 9.13
N ARG C 213 -43.03 -2.24 8.63
CA ARG C 213 -43.28 -2.61 7.24
C ARG C 213 -42.45 -1.77 6.28
N LEU C 214 -42.08 -0.55 6.68
CA LEU C 214 -41.23 0.29 5.85
C LEU C 214 -39.91 -0.37 5.50
N ILE C 215 -39.43 -1.31 6.34
CA ILE C 215 -38.19 -1.99 6.05
C ILE C 215 -38.27 -2.74 4.73
N GLN C 216 -39.46 -3.23 4.37
CA GLN C 216 -39.60 -3.97 3.12
C GLN C 216 -39.53 -3.06 1.90
N PHE C 217 -39.69 -1.74 2.08
CA PHE C 217 -39.88 -0.84 0.94
C PHE C 217 -38.74 -0.97 -0.07
N SER C 218 -37.50 -0.96 0.42
CA SER C 218 -36.35 -1.08 -0.47
C SER C 218 -36.46 -2.32 -1.35
N GLU C 219 -36.76 -3.47 -0.75
CA GLU C 219 -36.90 -4.68 -1.53
C GLU C 219 -37.98 -4.53 -2.59
N ILE C 220 -39.09 -3.87 -2.23
CA ILE C 220 -40.15 -3.62 -3.20
C ILE C 220 -39.59 -2.85 -4.39
N LEU C 221 -38.80 -1.82 -4.12
CA LEU C 221 -38.23 -1.02 -5.20
C LEU C 221 -37.26 -1.80 -6.06
N GLN C 222 -36.73 -2.92 -5.55
CA GLN C 222 -35.89 -3.79 -6.36
C GLN C 222 -36.70 -4.80 -7.17
N PHE C 223 -37.93 -5.10 -6.74
CA PHE C 223 -38.77 -6.00 -7.52
C PHE C 223 -39.36 -5.31 -8.74
N LEU C 224 -39.52 -3.99 -8.69
CA LEU C 224 -40.08 -3.21 -9.78
C LEU C 224 -39.02 -2.70 -10.75
N ASN C 225 -37.77 -3.13 -10.58
CA ASN C 225 -36.65 -2.71 -11.43
C ASN C 225 -36.42 -1.21 -11.38
N ILE C 226 -36.77 -0.59 -10.26
CA ILE C 226 -36.53 0.84 -10.06
C ILE C 226 -35.16 1.09 -9.45
N LEU C 227 -34.76 0.25 -8.49
CA LEU C 227 -33.47 0.37 -7.82
C LEU C 227 -32.49 -0.58 -8.50
N LYS C 228 -31.51 -0.02 -9.18
CA LYS C 228 -30.47 -0.81 -9.85
C LYS C 228 -29.07 -0.37 -9.45
N THR C 229 -28.84 0.92 -9.25
CA THR C 229 -27.52 1.40 -8.84
C THR C 229 -27.24 1.02 -7.39
N SER C 230 -25.98 0.68 -7.11
CA SER C 230 -25.60 0.30 -5.75
C SER C 230 -25.80 1.45 -4.78
N ASN C 231 -25.45 2.68 -5.20
CA ASN C 231 -25.60 3.83 -4.32
C ASN C 231 -27.07 4.08 -3.98
N SER C 232 -27.95 4.00 -4.97
CA SER C 232 -29.38 4.20 -4.71
C SER C 232 -29.93 3.13 -3.79
N ILE C 233 -29.52 1.87 -4.01
CA ILE C 233 -29.99 0.78 -3.15
C ILE C 233 -29.53 0.99 -1.72
N LYS C 234 -28.26 1.37 -1.55
CA LYS C 234 -27.73 1.60 -0.21
C LYS C 234 -28.45 2.77 0.47
N LEU C 235 -28.70 3.85 -0.26
CA LEU C 235 -29.38 5.00 0.31
C LEU C 235 -30.80 4.65 0.74
N VAL C 236 -31.52 3.93 -0.11
CA VAL C 236 -32.90 3.55 0.23
C VAL C 236 -32.91 2.61 1.42
N ASN C 237 -31.98 1.65 1.45
CA ASN C 237 -31.89 0.73 2.58
C ASN C 237 -31.66 1.49 3.88
N LEU C 238 -30.67 2.39 3.88
CA LEU C 238 -30.34 3.13 5.10
C LEU C 238 -31.51 4.00 5.54
N LEU C 239 -32.13 4.71 4.60
CA LEU C 239 -33.24 5.59 4.96
C LEU C 239 -34.41 4.79 5.52
N SER C 240 -34.75 3.68 4.86
CA SER C 240 -35.88 2.87 5.32
C SER C 240 -35.62 2.30 6.70
N ILE C 241 -34.43 1.73 6.91
CA ILE C 241 -34.12 1.13 8.21
C ILE C 241 -34.13 2.20 9.30
N PHE C 242 -33.51 3.35 9.03
CA PHE C 242 -33.41 4.41 10.02
C PHE C 242 -34.80 4.94 10.40
N ILE C 243 -35.60 5.29 9.39
CA ILE C 243 -36.91 5.86 9.67
C ILE C 243 -37.82 4.83 10.35
N SER C 244 -37.77 3.58 9.90
CA SER C 244 -38.60 2.55 10.50
C SER C 244 -38.24 2.32 11.96
N THR C 245 -36.94 2.23 12.26
CA THR C 245 -36.51 2.04 13.63
C THR C 245 -36.92 3.22 14.50
N TRP C 246 -36.71 4.44 14.00
CA TRP C 246 -37.08 5.63 14.75
C TRP C 246 -38.57 5.65 15.07
N LEU C 247 -39.40 5.44 14.05
CA LEU C 247 -40.85 5.51 14.26
C LEU C 247 -41.35 4.38 15.16
N THR C 248 -40.82 3.17 14.98
CA THR C 248 -41.28 2.05 15.80
C THR C 248 -40.88 2.24 17.26
N ALA C 249 -39.65 2.68 17.51
CA ALA C 249 -39.23 2.95 18.88
C ALA C 249 -40.04 4.07 19.50
N ALA C 250 -40.33 5.12 18.72
CA ALA C 250 -41.17 6.19 19.23
C ALA C 250 -42.56 5.70 19.59
N GLY C 251 -43.14 4.84 18.75
CA GLY C 251 -44.45 4.29 19.07
C GLY C 251 -44.44 3.41 20.31
N PHE C 252 -43.39 2.60 20.47
CA PHE C 252 -43.27 1.78 21.67
C PHE C 252 -43.19 2.65 22.91
N ILE C 253 -42.37 3.71 22.86
CA ILE C 253 -42.24 4.62 24.00
C ILE C 253 -43.58 5.29 24.28
N HIS C 254 -44.29 5.72 23.23
CA HIS C 254 -45.59 6.33 23.40
C HIS C 254 -46.56 5.40 24.11
N LEU C 255 -46.60 4.14 23.67
CA LEU C 255 -47.51 3.17 24.28
C LEU C 255 -47.17 2.94 25.76
N VAL C 256 -45.89 2.68 26.05
CA VAL C 256 -45.54 2.35 27.43
C VAL C 256 -45.70 3.55 28.35
N GLU C 257 -45.44 4.77 27.85
CA GLU C 257 -45.56 5.95 28.69
C GLU C 257 -47.02 6.32 28.93
N ASN C 258 -47.87 6.20 27.91
CA ASN C 258 -49.27 6.56 28.10
C ASN C 258 -50.04 5.49 28.87
N SER C 259 -49.71 4.21 28.68
CA SER C 259 -50.42 3.16 29.40
C SER C 259 -50.00 3.11 30.87
N GLY C 260 -48.71 3.25 31.15
CA GLY C 260 -48.21 3.14 32.50
C GLY C 260 -47.73 1.75 32.84
N ASP C 261 -47.15 1.62 34.04
CA ASP C 261 -46.64 0.34 34.49
C ASP C 261 -47.79 -0.59 34.89
N PRO C 262 -47.89 -1.79 34.31
CA PRO C 262 -49.01 -2.67 34.66
C PRO C 262 -49.04 -3.07 36.12
N TRP C 263 -47.87 -3.24 36.75
CA TRP C 263 -47.84 -3.70 38.14
C TRP C 263 -48.08 -2.58 39.14
N GLU C 264 -48.12 -1.33 38.70
CA GLU C 264 -48.42 -0.19 39.57
C GLU C 264 -49.84 0.34 39.36
N ASN C 265 -50.75 -0.51 38.89
CA ASN C 265 -52.14 -0.13 38.62
C ASN C 265 -52.23 1.02 37.61
N PHE C 266 -51.25 1.09 36.71
CA PHE C 266 -51.21 2.08 35.64
C PHE C 266 -51.28 3.51 36.19
N GLN C 267 -50.63 3.72 37.33
CA GLN C 267 -50.56 5.05 37.94
C GLN C 267 -49.31 5.81 37.55
N ASN C 268 -48.43 5.21 36.74
CA ASN C 268 -47.20 5.85 36.29
C ASN C 268 -47.35 6.47 34.91
N ASN C 269 -48.57 6.55 34.39
CA ASN C 269 -48.77 7.03 33.02
C ASN C 269 -48.33 8.48 32.88
N GLN C 270 -47.79 8.80 31.71
CA GLN C 270 -47.35 10.15 31.38
C GLN C 270 -48.06 10.59 30.11
N ALA C 271 -48.62 11.80 30.14
CA ALA C 271 -49.38 12.33 29.00
C ALA C 271 -48.39 12.78 27.93
N LEU C 272 -47.98 11.85 27.09
CA LEU C 272 -47.05 12.11 25.99
C LEU C 272 -47.74 11.84 24.67
N THR C 273 -47.71 12.83 23.77
CA THR C 273 -48.21 12.63 22.43
C THR C 273 -47.19 11.89 21.58
N TYR C 274 -47.63 11.39 20.43
CA TYR C 274 -46.73 10.66 19.56
C TYR C 274 -45.62 11.56 19.01
N TRP C 275 -45.96 12.80 18.67
CA TRP C 275 -44.93 13.73 18.20
C TRP C 275 -43.91 14.02 19.29
N GLU C 276 -44.37 14.15 20.54
CA GLU C 276 -43.45 14.38 21.64
C GLU C 276 -42.50 13.20 21.82
N CYS C 277 -43.00 11.98 21.67
CA CYS C 277 -42.13 10.81 21.77
C CYS C 277 -41.16 10.73 20.60
N VAL C 278 -41.61 11.10 19.40
CA VAL C 278 -40.72 11.13 18.24
C VAL C 278 -39.59 12.12 18.48
N TYR C 279 -39.93 13.31 19.00
CA TYR C 279 -38.91 14.30 19.33
C TYR C 279 -37.98 13.80 20.43
N LEU C 280 -38.53 13.09 21.43
CA LEU C 280 -37.73 12.56 22.51
C LEU C 280 -36.68 11.56 22.01
N LEU C 281 -37.10 10.66 21.12
CA LEU C 281 -36.14 9.69 20.60
C LEU C 281 -35.20 10.30 19.58
N MET C 282 -35.61 11.38 18.90
CA MET C 282 -34.65 12.16 18.13
C MET C 282 -33.57 12.74 19.02
N VAL C 283 -33.96 13.31 20.16
CA VAL C 283 -33.00 13.90 21.08
C VAL C 283 -32.09 12.83 21.68
N THR C 284 -32.67 11.69 22.06
CA THR C 284 -31.89 10.63 22.70
C THR C 284 -30.94 9.97 21.72
N MET C 285 -31.44 9.58 20.54
CA MET C 285 -30.66 8.80 19.60
C MET C 285 -29.45 9.56 19.06
N SER C 286 -29.48 10.89 19.12
CA SER C 286 -28.36 11.72 18.71
C SER C 286 -27.41 12.04 19.86
N THR C 287 -27.66 11.49 21.05
CA THR C 287 -26.85 11.71 22.25
C THR C 287 -26.87 13.16 22.71
N VAL C 288 -27.85 13.94 22.28
CA VAL C 288 -27.93 15.33 22.71
C VAL C 288 -28.42 15.41 24.15
N GLY C 289 -29.64 14.95 24.40
CA GLY C 289 -30.19 14.93 25.74
C GLY C 289 -30.69 16.29 26.16
N TYR C 290 -31.91 16.36 26.64
CA TYR C 290 -32.41 17.63 27.14
C TYR C 290 -33.00 17.52 28.53
N GLY C 291 -33.71 16.43 28.82
CA GLY C 291 -34.42 16.29 30.07
C GLY C 291 -35.75 17.00 30.12
N ASP C 292 -36.12 17.74 29.08
CA ASP C 292 -37.45 18.34 29.04
C ASP C 292 -38.53 17.26 28.91
N VAL C 293 -38.26 16.23 28.12
CA VAL C 293 -39.12 15.06 28.03
C VAL C 293 -38.25 13.82 28.18
N TYR C 294 -38.72 12.86 28.97
CA TYR C 294 -37.99 11.62 29.18
C TYR C 294 -38.97 10.55 29.65
N ALA C 295 -38.54 9.30 29.51
CA ALA C 295 -39.35 8.18 29.96
C ALA C 295 -39.29 8.07 31.47
N LYS C 296 -40.46 7.93 32.11
CA LYS C 296 -40.55 7.85 33.55
C LYS C 296 -40.94 6.48 34.06
N THR C 297 -41.58 5.64 33.24
CA THR C 297 -41.98 4.31 33.67
C THR C 297 -40.80 3.35 33.61
N THR C 298 -40.96 2.21 34.29
CA THR C 298 -39.91 1.21 34.30
C THR C 298 -39.73 0.56 32.93
N LEU C 299 -40.83 0.23 32.26
CA LEU C 299 -40.74 -0.33 30.92
C LEU C 299 -40.14 0.67 29.95
N GLY C 300 -40.53 1.94 30.07
CA GLY C 300 -39.95 2.96 29.22
C GLY C 300 -38.46 3.10 29.42
N ARG C 301 -38.01 3.03 30.68
CA ARG C 301 -36.58 3.16 30.95
C ARG C 301 -35.79 1.92 30.51
N LEU C 302 -36.38 0.73 30.64
CA LEU C 302 -35.72 -0.46 30.09
C LEU C 302 -35.57 -0.36 28.59
N PHE C 303 -36.64 0.05 27.90
CA PHE C 303 -36.55 0.22 26.46
C PHE C 303 -35.57 1.31 26.09
N MET C 304 -35.47 2.37 26.90
CA MET C 304 -34.48 3.40 26.66
C MET C 304 -33.07 2.84 26.82
N VAL C 305 -32.87 1.97 27.80
CA VAL C 305 -31.55 1.37 28.00
C VAL C 305 -31.14 0.56 26.78
N PHE C 306 -32.06 -0.25 26.24
CA PHE C 306 -31.73 -1.03 25.05
C PHE C 306 -31.56 -0.14 23.82
N PHE C 307 -32.47 0.83 23.65
CA PHE C 307 -32.44 1.68 22.47
C PHE C 307 -31.23 2.60 22.48
N ILE C 308 -30.69 2.93 23.65
CA ILE C 308 -29.47 3.73 23.69
C ILE C 308 -28.39 3.03 22.86
N LEU C 309 -28.03 1.81 23.25
CA LEU C 309 -27.07 1.03 22.48
C LEU C 309 -27.48 0.98 21.01
N GLY C 310 -28.65 0.39 20.74
CA GLY C 310 -29.05 0.16 19.37
C GLY C 310 -29.12 1.40 18.49
N GLY C 311 -30.04 2.31 18.85
CA GLY C 311 -30.25 3.50 18.06
C GLY C 311 -29.06 4.44 18.01
N LEU C 312 -28.28 4.51 19.09
CA LEU C 312 -27.08 5.36 19.05
C LEU C 312 -26.09 4.84 18.03
N ALA C 313 -25.84 3.53 18.04
CA ALA C 313 -24.95 2.97 17.02
C ALA C 313 -25.51 3.19 15.63
N MET C 314 -26.82 2.97 15.46
CA MET C 314 -27.44 3.13 14.13
C MET C 314 -27.33 4.56 13.64
N PHE C 315 -27.63 5.53 14.52
CA PHE C 315 -27.54 6.94 14.15
C PHE C 315 -26.11 7.30 13.74
N ALA C 316 -25.14 6.94 14.59
CA ALA C 316 -23.76 7.31 14.32
C ALA C 316 -23.25 6.70 13.01
N SER C 317 -23.64 5.46 12.73
CA SER C 317 -23.15 4.81 11.52
C SER C 317 -24.02 5.05 10.29
N TYR C 318 -25.19 5.67 10.44
CA TYR C 318 -26.11 5.87 9.33
C TYR C 318 -26.19 7.30 8.85
N VAL C 319 -26.35 8.27 9.76
CA VAL C 319 -26.62 9.65 9.34
C VAL C 319 -25.49 10.22 8.48
N PRO C 320 -24.21 10.11 8.84
CA PRO C 320 -23.17 10.58 7.92
C PRO C 320 -23.20 9.88 6.57
N GLU C 321 -23.48 8.58 6.55
CA GLU C 321 -23.53 7.84 5.30
C GLU C 321 -24.68 8.30 4.42
N ILE C 322 -25.86 8.50 5.02
CA ILE C 322 -27.00 9.00 4.26
C ILE C 322 -26.72 10.39 3.71
N ILE C 323 -26.12 11.25 4.54
CA ILE C 323 -25.82 12.61 4.11
C ILE C 323 -24.81 12.60 2.96
N GLU C 324 -23.78 11.76 3.05
CA GLU C 324 -22.78 11.71 2.00
C GLU C 324 -23.34 11.08 0.71
N LEU C 325 -24.30 10.16 0.85
CA LEU C 325 -24.91 9.57 -0.34
C LEU C 325 -25.83 10.57 -1.03
N ILE C 326 -26.60 11.33 -0.26
CA ILE C 326 -27.50 12.32 -0.86
C ILE C 326 -26.72 13.47 -1.46
N GLY C 327 -25.71 13.96 -0.73
CA GLY C 327 -24.98 15.14 -1.16
C GLY C 327 -24.17 14.97 -2.42
N ASN C 328 -23.53 13.82 -2.63
CA ASN C 328 -22.67 13.63 -3.78
C ASN C 328 -23.48 13.52 -5.07
N ARG C 329 -22.92 14.08 -6.14
CA ARG C 329 -23.48 14.09 -7.48
C ARG C 329 -22.49 14.81 -8.38
N LYS C 330 -22.77 14.81 -9.67
CA LYS C 330 -21.93 15.55 -10.60
C LYS C 330 -22.06 17.05 -10.36
N LYS C 331 -20.93 17.75 -10.40
CA LYS C 331 -20.91 19.19 -10.19
C LYS C 331 -20.77 19.98 -11.48
N TYR C 332 -20.04 19.45 -12.45
CA TYR C 332 -19.85 20.07 -13.75
C TYR C 332 -20.45 19.21 -14.86
N GLY C 333 -21.62 18.65 -14.60
CA GLY C 333 -22.29 17.76 -15.52
C GLY C 333 -23.16 18.43 -16.56
N GLY C 334 -23.14 19.76 -16.63
CA GLY C 334 -23.92 20.47 -17.62
C GLY C 334 -23.30 20.43 -19.00
N SER C 335 -23.93 21.15 -19.91
CA SER C 335 -23.49 21.22 -21.30
C SER C 335 -23.24 22.67 -21.68
N TYR C 336 -22.13 22.90 -22.40
CA TYR C 336 -21.80 24.25 -22.85
C TYR C 336 -22.84 24.74 -23.85
N SER C 337 -23.23 26.00 -23.70
CA SER C 337 -24.22 26.63 -24.56
C SER C 337 -23.50 27.62 -25.47
N ALA C 338 -23.46 27.30 -26.76
CA ALA C 338 -22.80 28.18 -27.72
C ALA C 338 -23.58 29.49 -27.88
N VAL C 339 -22.83 30.57 -28.10
CA VAL C 339 -23.40 31.90 -28.26
C VAL C 339 -23.07 32.39 -29.67
N SER C 340 -24.09 32.87 -30.38
CA SER C 340 -23.90 33.34 -31.74
C SER C 340 -22.96 34.55 -31.76
N GLY C 341 -22.08 34.56 -32.76
CA GLY C 341 -21.11 35.63 -32.92
C GLY C 341 -19.84 35.46 -32.11
N ARG C 342 -19.74 34.40 -31.32
CA ARG C 342 -18.56 34.15 -30.49
C ARG C 342 -18.12 32.70 -30.67
N LYS C 343 -16.82 32.51 -30.86
CA LYS C 343 -16.25 31.18 -31.04
C LYS C 343 -15.72 30.65 -29.72
N HIS C 344 -15.57 29.33 -29.64
CA HIS C 344 -15.06 28.67 -28.45
C HIS C 344 -14.13 27.54 -28.85
N ILE C 345 -13.16 27.27 -27.98
CA ILE C 345 -12.22 26.17 -28.17
C ILE C 345 -12.36 25.22 -26.99
N VAL C 346 -11.94 23.99 -27.21
CA VAL C 346 -12.04 22.92 -26.21
C VAL C 346 -10.63 22.46 -25.88
N VAL C 347 -10.32 22.41 -24.58
CA VAL C 347 -9.00 22.01 -24.09
C VAL C 347 -9.16 20.75 -23.25
N CYS C 348 -8.38 19.72 -23.59
CA CYS C 348 -8.40 18.45 -22.89
C CYS C 348 -6.97 17.98 -22.70
N GLY C 349 -6.83 16.79 -22.12
CA GLY C 349 -5.51 16.22 -21.90
C GLY C 349 -5.01 16.37 -20.48
N HIS C 350 -3.73 16.70 -20.34
CA HIS C 350 -3.13 16.89 -19.02
C HIS C 350 -3.58 18.23 -18.46
N ILE C 351 -4.62 18.19 -17.62
CA ILE C 351 -5.22 19.39 -17.06
C ILE C 351 -4.83 19.46 -15.59
N THR C 352 -3.89 20.36 -15.27
CA THR C 352 -3.46 20.62 -13.91
C THR C 352 -3.49 22.12 -13.67
N LEU C 353 -3.24 22.51 -12.42
CA LEU C 353 -3.24 23.93 -12.08
C LEU C 353 -2.15 24.68 -12.83
N GLU C 354 -0.95 24.10 -12.89
CA GLU C 354 0.17 24.78 -13.54
C GLU C 354 -0.05 24.91 -15.03
N SER C 355 -0.45 23.83 -15.69
CA SER C 355 -0.66 23.87 -17.14
C SER C 355 -1.79 24.82 -17.52
N VAL C 356 -2.90 24.76 -16.77
CA VAL C 356 -4.03 25.64 -17.06
C VAL C 356 -3.65 27.10 -16.82
N SER C 357 -2.91 27.36 -15.74
CA SER C 357 -2.49 28.73 -15.45
C SER C 357 -1.58 29.27 -16.54
N ASN C 358 -0.63 28.46 -17.00
CA ASN C 358 0.27 28.89 -18.07
C ASN C 358 -0.50 29.12 -19.36
N PHE C 359 -1.43 28.22 -19.70
CA PHE C 359 -2.21 28.37 -20.91
C PHE C 359 -3.06 29.63 -20.88
N LEU C 360 -3.68 29.91 -19.73
CA LEU C 360 -4.52 31.10 -19.62
C LEU C 360 -3.69 32.38 -19.65
N LYS C 361 -2.50 32.35 -19.03
CA LYS C 361 -1.63 33.52 -19.07
C LYS C 361 -1.16 33.80 -20.49
N ASP C 362 -0.82 32.76 -21.25
CA ASP C 362 -0.31 32.95 -22.60
C ASP C 362 -1.38 33.03 -23.66
N PHE C 363 -2.64 32.80 -23.29
CA PHE C 363 -3.76 32.83 -24.23
C PHE C 363 -4.60 34.10 -24.14
N LEU C 364 -4.78 34.63 -22.94
CA LEU C 364 -5.62 35.80 -22.71
C LEU C 364 -4.81 37.07 -22.45
N HIS C 365 -3.55 37.10 -22.91
CA HIS C 365 -2.72 38.27 -22.69
C HIS C 365 -3.27 39.48 -23.44
N LYS C 366 -3.11 40.66 -22.83
CA LYS C 366 -3.58 41.90 -23.43
C LYS C 366 -2.80 42.29 -24.67
N ASP C 367 -1.65 41.67 -24.93
CA ASP C 367 -0.87 41.99 -26.11
C ASP C 367 -1.58 41.59 -27.40
N ARG C 368 -2.51 40.65 -27.35
CA ARG C 368 -3.26 40.23 -28.53
C ARG C 368 -4.40 41.20 -28.78
N ASP C 369 -5.10 40.99 -29.89
CA ASP C 369 -6.27 41.80 -30.20
C ASP C 369 -7.42 41.49 -29.23
N ASP C 370 -8.49 42.26 -29.35
CA ASP C 370 -9.66 42.02 -28.52
C ASP C 370 -10.42 40.79 -29.02
N VAL C 371 -9.82 39.63 -28.85
CA VAL C 371 -10.40 38.38 -29.36
C VAL C 371 -11.37 37.83 -28.31
N ASN C 372 -12.61 37.60 -28.73
CA ASN C 372 -13.64 37.02 -27.86
C ASN C 372 -13.77 35.54 -28.21
N VAL C 373 -12.85 34.74 -27.65
CA VAL C 373 -12.84 33.30 -27.86
C VAL C 373 -12.95 32.64 -26.49
N GLU C 374 -14.05 31.93 -26.27
CA GLU C 374 -14.26 31.22 -25.02
C GLU C 374 -13.41 29.96 -24.96
N ILE C 375 -13.04 29.57 -23.74
CA ILE C 375 -12.26 28.37 -23.50
C ILE C 375 -13.10 27.43 -22.66
N VAL C 376 -13.21 26.18 -23.10
CA VAL C 376 -13.99 25.16 -22.42
C VAL C 376 -13.06 23.99 -22.13
N PHE C 377 -12.81 23.73 -20.85
CA PHE C 377 -11.98 22.63 -20.44
C PHE C 377 -12.85 21.39 -20.24
N LEU C 378 -12.34 20.24 -20.70
CA LEU C 378 -13.01 18.96 -20.53
C LEU C 378 -12.06 18.02 -19.82
N HIS C 379 -12.36 17.68 -18.57
CA HIS C 379 -11.45 16.83 -17.80
C HIS C 379 -12.23 15.84 -16.95
N ASN C 380 -11.77 14.59 -16.92
CA ASN C 380 -12.44 13.54 -16.18
C ASN C 380 -12.22 13.64 -14.68
N ILE C 381 -11.28 14.48 -14.23
CA ILE C 381 -10.98 14.64 -12.82
C ILE C 381 -11.51 15.98 -12.35
N SER C 382 -12.24 15.97 -11.24
CA SER C 382 -12.79 17.22 -10.70
C SER C 382 -11.66 18.12 -10.23
N PRO C 383 -11.73 19.42 -10.52
CA PRO C 383 -10.65 20.33 -10.11
C PRO C 383 -10.60 20.51 -8.61
N ASN C 384 -9.40 20.83 -8.12
CA ASN C 384 -9.21 21.09 -6.71
C ASN C 384 -9.59 22.54 -6.41
N LEU C 385 -9.32 22.99 -5.18
CA LEU C 385 -9.74 24.33 -4.78
C LEU C 385 -8.96 25.40 -5.53
N GLU C 386 -7.66 25.19 -5.75
CA GLU C 386 -6.86 26.18 -6.47
C GLU C 386 -7.31 26.31 -7.92
N LEU C 387 -7.59 25.19 -8.59
CA LEU C 387 -8.09 25.26 -9.96
C LEU C 387 -9.46 25.92 -10.01
N GLU C 388 -10.32 25.64 -9.02
CA GLU C 388 -11.62 26.30 -8.97
C GLU C 388 -11.48 27.80 -8.80
N ALA C 389 -10.54 28.23 -7.95
CA ALA C 389 -10.30 29.66 -7.77
C ALA C 389 -9.78 30.29 -9.05
N LEU C 390 -8.88 29.60 -9.75
CA LEU C 390 -8.37 30.10 -11.01
C LEU C 390 -9.47 30.24 -12.05
N PHE C 391 -10.39 29.27 -12.09
CA PHE C 391 -11.53 29.36 -12.99
C PHE C 391 -12.45 30.52 -12.60
N LYS C 392 -12.63 30.74 -11.29
CA LYS C 392 -13.44 31.87 -10.84
C LYS C 392 -12.83 33.19 -11.24
N ARG C 393 -11.49 33.29 -11.21
CA ARG C 393 -10.84 34.52 -11.64
C ARG C 393 -11.12 34.83 -13.10
N HIS C 394 -11.09 33.80 -13.95
CA HIS C 394 -11.48 33.94 -15.36
C HIS C 394 -12.94 33.51 -15.54
N PHE C 395 -13.82 34.27 -14.91
CA PHE C 395 -15.22 33.87 -14.82
C PHE C 395 -15.93 33.92 -16.18
N THR C 396 -15.68 34.97 -16.96
CA THR C 396 -16.38 35.18 -18.22
C THR C 396 -15.63 34.63 -19.42
N GLN C 397 -14.44 34.06 -19.23
CA GLN C 397 -13.65 33.56 -20.35
C GLN C 397 -13.41 32.06 -20.32
N VAL C 398 -13.58 31.40 -19.17
CA VAL C 398 -13.23 30.00 -19.01
C VAL C 398 -14.40 29.26 -18.38
N GLU C 399 -14.75 28.12 -18.96
CA GLU C 399 -15.74 27.22 -18.37
C GLU C 399 -15.14 25.82 -18.28
N PHE C 400 -15.60 25.04 -17.32
CA PHE C 400 -15.08 23.70 -17.07
C PHE C 400 -16.20 22.69 -17.09
N TYR C 401 -15.88 21.48 -17.56
CA TYR C 401 -16.83 20.38 -17.58
C TYR C 401 -16.10 19.08 -17.30
N GLN C 402 -16.77 18.20 -16.56
CA GLN C 402 -16.20 16.92 -16.16
C GLN C 402 -16.65 15.84 -17.12
N GLY C 403 -15.69 15.09 -17.63
CA GLY C 403 -15.98 14.03 -18.58
C GLY C 403 -14.72 13.51 -19.21
N SER C 404 -14.86 12.37 -19.89
CA SER C 404 -13.74 11.71 -20.54
C SER C 404 -13.78 12.00 -22.03
N VAL C 405 -12.59 12.17 -22.63
CA VAL C 405 -12.51 12.38 -24.06
C VAL C 405 -12.96 11.15 -24.82
N LEU C 406 -12.69 9.96 -24.28
CA LEU C 406 -13.10 8.72 -24.93
C LEU C 406 -14.60 8.50 -24.91
N ASN C 407 -15.36 9.30 -24.14
CA ASN C 407 -16.81 9.17 -24.09
C ASN C 407 -17.43 10.12 -25.11
N PRO C 408 -18.17 9.62 -26.10
CA PRO C 408 -18.81 10.52 -27.08
C PRO C 408 -19.80 11.49 -26.46
N HIS C 409 -20.50 11.09 -25.39
CA HIS C 409 -21.48 11.96 -24.77
C HIS C 409 -20.82 13.21 -24.18
N ASP C 410 -19.68 13.04 -23.52
CA ASP C 410 -18.95 14.20 -22.98
C ASP C 410 -18.47 15.11 -24.10
N LEU C 411 -18.02 14.53 -25.22
CA LEU C 411 -17.64 15.36 -26.36
C LEU C 411 -18.82 16.10 -26.94
N ALA C 412 -20.02 15.51 -26.89
CA ALA C 412 -21.21 16.19 -27.37
C ALA C 412 -21.67 17.28 -26.40
N ARG C 413 -21.36 17.12 -25.11
CA ARG C 413 -21.80 18.09 -24.12
C ARG C 413 -21.14 19.45 -24.34
N VAL C 414 -19.86 19.46 -24.69
CA VAL C 414 -19.09 20.70 -24.82
C VAL C 414 -19.27 21.30 -26.21
N LYS C 415 -20.18 20.73 -26.99
CA LYS C 415 -20.50 21.20 -28.34
C LYS C 415 -19.23 21.29 -29.21
N ILE C 416 -18.51 20.16 -29.26
CA ILE C 416 -17.30 20.07 -30.05
C ILE C 416 -17.57 20.26 -31.54
N GLU C 417 -18.78 19.91 -31.99
CA GLU C 417 -19.12 20.08 -33.41
C GLU C 417 -19.03 21.54 -33.85
N SER C 418 -19.23 22.47 -32.93
CA SER C 418 -19.12 23.90 -33.23
C SER C 418 -17.84 24.52 -32.68
N ALA C 419 -16.97 23.74 -32.05
CA ALA C 419 -15.74 24.27 -31.51
C ALA C 419 -14.79 24.67 -32.64
N ASP C 420 -14.07 25.78 -32.42
CA ASP C 420 -13.12 26.24 -33.42
C ASP C 420 -11.90 25.32 -33.51
N ALA C 421 -11.45 24.80 -32.36
CA ALA C 421 -10.31 23.89 -32.34
C ALA C 421 -10.35 23.09 -31.04
N CYS C 422 -9.56 22.02 -31.03
CA CYS C 422 -9.41 21.19 -29.83
C CYS C 422 -7.93 21.10 -29.51
N LEU C 423 -7.57 21.42 -28.27
CA LEU C 423 -6.19 21.44 -27.82
C LEU C 423 -5.98 20.34 -26.79
N ILE C 424 -4.94 19.53 -26.98
CA ILE C 424 -4.63 18.42 -26.10
C ILE C 424 -3.27 18.67 -25.48
N LEU C 425 -3.20 18.59 -24.16
CA LEU C 425 -1.97 18.82 -23.41
C LEU C 425 -1.44 17.51 -22.86
N ALA C 426 -0.12 17.37 -22.83
CA ALA C 426 0.54 16.14 -22.41
C ALA C 426 1.37 16.39 -21.16
N ASN C 427 1.52 15.33 -20.36
CA ASN C 427 2.36 15.39 -19.16
C ASN C 427 3.79 15.11 -19.58
N LYS C 428 4.59 16.17 -19.74
CA LYS C 428 5.95 16.04 -20.22
C LYS C 428 6.88 15.40 -19.21
N TYR C 429 6.44 15.24 -17.95
CA TYR C 429 7.30 14.71 -16.89
C TYR C 429 6.84 13.33 -16.43
N CYS C 430 6.14 12.58 -17.29
CA CYS C 430 5.71 11.25 -16.94
C CYS C 430 6.89 10.30 -16.80
N ALA C 431 6.74 9.31 -15.92
CA ALA C 431 7.78 8.30 -15.75
C ALA C 431 8.00 7.50 -17.03
N ASP C 432 6.91 7.12 -17.69
CA ASP C 432 6.99 6.38 -18.95
C ASP C 432 6.47 7.24 -20.09
N PRO C 433 7.34 7.78 -20.94
CA PRO C 433 6.86 8.60 -22.07
C PRO C 433 5.96 7.83 -23.03
N ASP C 434 6.20 6.53 -23.22
CA ASP C 434 5.40 5.76 -24.17
C ASP C 434 3.94 5.69 -23.74
N ALA C 435 3.69 5.51 -22.44
CA ALA C 435 2.31 5.42 -21.96
C ALA C 435 1.56 6.73 -22.19
N GLU C 436 2.21 7.86 -21.89
CA GLU C 436 1.56 9.16 -22.11
C GLU C 436 1.35 9.43 -23.60
N ASP C 437 2.32 9.07 -24.43
CA ASP C 437 2.15 9.24 -25.87
C ASP C 437 0.97 8.41 -26.37
N ALA C 438 0.85 7.17 -25.89
CA ALA C 438 -0.26 6.32 -26.30
C ALA C 438 -1.60 6.87 -25.83
N SER C 439 -1.65 7.37 -24.60
CA SER C 439 -2.89 7.95 -24.08
C SER C 439 -3.31 9.15 -24.91
N ASN C 440 -2.35 10.01 -25.28
CA ASN C 440 -2.65 11.12 -26.17
C ASN C 440 -3.09 10.63 -27.55
N ILE C 441 -2.50 9.53 -28.01
CA ILE C 441 -2.87 8.97 -29.31
C ILE C 441 -4.34 8.56 -29.31
N MET C 442 -4.79 7.89 -28.24
CA MET C 442 -6.20 7.51 -28.19
C MET C 442 -7.12 8.67 -27.86
N ARG C 443 -6.63 9.72 -27.18
CA ARG C 443 -7.43 10.93 -27.09
C ARG C 443 -7.67 11.52 -28.47
N VAL C 444 -6.62 11.58 -29.29
CA VAL C 444 -6.76 12.04 -30.67
C VAL C 444 -7.70 11.14 -31.45
N ILE C 445 -7.57 9.83 -31.25
CA ILE C 445 -8.42 8.87 -31.95
C ILE C 445 -9.89 9.11 -31.61
N SER C 446 -10.18 9.30 -30.32
CA SER C 446 -11.56 9.50 -29.89
C SER C 446 -12.13 10.82 -30.44
N ILE C 447 -11.37 11.90 -30.36
CA ILE C 447 -11.89 13.18 -30.84
C ILE C 447 -12.08 13.16 -32.35
N LYS C 448 -11.17 12.49 -33.08
CA LYS C 448 -11.37 12.35 -34.51
C LYS C 448 -12.54 11.42 -34.84
N ASN C 449 -12.78 10.42 -33.99
CA ASN C 449 -13.92 9.53 -34.20
C ASN C 449 -15.23 10.27 -34.04
N TYR C 450 -15.33 11.16 -33.04
CA TYR C 450 -16.55 11.93 -32.88
C TYR C 450 -16.72 12.93 -34.02
N HIS C 451 -15.77 13.84 -34.17
CA HIS C 451 -15.76 14.80 -35.27
C HIS C 451 -14.43 14.70 -36.01
N PRO C 452 -14.42 14.26 -37.26
CA PRO C 452 -13.14 14.12 -37.97
C PRO C 452 -12.61 15.45 -38.49
N LYS C 453 -13.50 16.40 -38.74
CA LYS C 453 -13.10 17.69 -39.31
C LYS C 453 -12.61 18.68 -38.26
N ILE C 454 -12.65 18.32 -36.98
CA ILE C 454 -12.19 19.24 -35.94
C ILE C 454 -10.68 19.39 -36.01
N ARG C 455 -10.19 20.59 -35.67
CA ARG C 455 -8.77 20.86 -35.66
C ARG C 455 -8.15 20.39 -34.35
N ILE C 456 -7.03 19.67 -34.46
CA ILE C 456 -6.35 19.11 -33.30
C ILE C 456 -4.96 19.72 -33.21
N ILE C 457 -4.65 20.29 -32.05
CA ILE C 457 -3.31 20.76 -31.74
C ILE C 457 -2.87 19.98 -30.50
N THR C 458 -1.90 19.09 -30.67
CA THR C 458 -1.51 18.18 -29.59
C THR C 458 0.00 18.09 -29.48
N GLN C 459 0.46 17.77 -28.26
CA GLN C 459 1.88 17.59 -27.99
C GLN C 459 2.26 16.12 -28.08
N MET C 460 3.40 15.85 -28.71
CA MET C 460 3.93 14.51 -28.83
C MET C 460 5.31 14.46 -28.19
N LEU C 461 5.50 13.51 -27.26
CA LEU C 461 6.77 13.43 -26.54
C LEU C 461 7.88 12.82 -27.38
N GLN C 462 7.55 11.91 -28.30
CA GLN C 462 8.54 11.21 -29.10
C GLN C 462 8.16 11.25 -30.57
N TYR C 463 9.16 11.18 -31.44
CA TYR C 463 8.94 11.26 -32.88
C TYR C 463 8.36 9.97 -33.44
N HIS C 464 8.82 8.82 -32.92
CA HIS C 464 8.29 7.55 -33.40
C HIS C 464 6.82 7.39 -33.03
N ASN C 465 6.40 7.89 -31.87
CA ASN C 465 4.99 7.91 -31.53
C ASN C 465 4.24 8.98 -32.32
N LYS C 466 4.94 10.07 -32.69
CA LYS C 466 4.33 11.08 -33.53
C LYS C 466 3.98 10.53 -34.92
N ALA C 467 4.85 9.67 -35.45
CA ALA C 467 4.61 9.09 -36.77
C ALA C 467 3.35 8.24 -36.81
N HIS C 468 2.88 7.75 -35.65
CA HIS C 468 1.65 6.97 -35.62
C HIS C 468 0.44 7.83 -36.01
N LEU C 469 0.44 9.10 -35.62
CA LEU C 469 -0.69 9.98 -35.91
C LEU C 469 -0.86 10.20 -37.40
N LEU C 470 0.24 10.18 -38.17
CA LEU C 470 0.15 10.39 -39.60
C LEU C 470 -0.60 9.28 -40.31
N ASN C 471 -0.82 8.15 -39.66
CA ASN C 471 -1.55 7.03 -40.24
C ASN C 471 -3.06 7.11 -39.99
N ILE C 472 -3.52 8.09 -39.22
CA ILE C 472 -4.95 8.26 -38.98
C ILE C 472 -5.59 8.87 -40.22
N PRO C 473 -6.68 8.30 -40.74
CA PRO C 473 -7.33 8.89 -41.93
C PRO C 473 -7.81 10.31 -41.71
N SER C 474 -8.25 10.65 -40.51
CA SER C 474 -8.75 11.99 -40.23
C SER C 474 -7.63 12.99 -39.95
N TRP C 475 -6.41 12.51 -39.71
CA TRP C 475 -5.28 13.39 -39.43
C TRP C 475 -4.82 14.04 -40.72
N ASN C 476 -5.14 15.32 -40.89
CA ASN C 476 -4.79 16.07 -42.10
C ASN C 476 -3.96 17.28 -41.71
N TRP C 477 -2.78 17.40 -42.34
CA TRP C 477 -1.92 18.55 -42.05
C TRP C 477 -2.46 19.83 -42.66
N LYS C 478 -3.15 19.74 -43.80
CA LYS C 478 -3.68 20.94 -44.44
C LYS C 478 -4.75 21.60 -43.58
N GLU C 479 -5.60 20.81 -42.92
CA GLU C 479 -6.64 21.38 -42.08
C GLU C 479 -6.07 22.10 -40.87
N GLY C 480 -4.95 21.61 -40.34
CA GLY C 480 -4.33 22.24 -39.18
C GLY C 480 -4.05 21.30 -38.04
N ASP C 481 -4.03 20.00 -38.32
CA ASP C 481 -3.68 19.00 -37.30
C ASP C 481 -2.21 19.13 -36.99
N ASP C 482 -1.89 19.82 -35.90
CA ASP C 482 -0.53 20.18 -35.55
C ASP C 482 -0.06 19.33 -34.38
N ALA C 483 0.85 18.40 -34.66
CA ALA C 483 1.47 17.57 -33.63
C ALA C 483 2.80 18.20 -33.26
N ILE C 484 2.77 19.12 -32.30
CA ILE C 484 3.98 19.77 -31.80
C ILE C 484 4.81 18.70 -31.08
N CYS C 485 5.93 18.32 -31.68
CA CYS C 485 6.79 17.31 -31.10
C CYS C 485 7.81 18.01 -30.19
N LEU C 486 7.69 17.76 -28.88
CA LEU C 486 8.57 18.44 -27.93
C LEU C 486 10.02 18.04 -28.12
N ALA C 487 10.28 16.74 -28.29
CA ALA C 487 11.66 16.29 -28.51
C ALA C 487 12.21 16.83 -29.82
N GLU C 488 11.42 16.76 -30.89
CA GLU C 488 11.87 17.22 -32.20
C GLU C 488 12.17 18.72 -32.18
N LEU C 489 11.26 19.51 -31.62
CA LEU C 489 11.45 20.96 -31.59
C LEU C 489 12.59 21.35 -30.67
N LYS C 490 12.74 20.66 -29.53
CA LYS C 490 13.83 20.97 -28.62
C LYS C 490 15.18 20.63 -29.24
N LEU C 491 15.26 19.51 -29.98
CA LEU C 491 16.51 19.17 -30.65
C LEU C 491 16.81 20.13 -31.78
N GLY C 492 15.78 20.57 -32.50
CA GLY C 492 15.99 21.57 -33.52
C GLY C 492 16.48 22.89 -32.96
N PHE C 493 15.92 23.30 -31.82
CA PHE C 493 16.38 24.52 -31.16
C PHE C 493 17.83 24.38 -30.70
N ILE C 494 18.19 23.20 -30.17
CA ILE C 494 19.55 22.96 -29.75
C ILE C 494 20.51 23.03 -30.94
N ALA C 495 20.11 22.46 -32.07
CA ALA C 495 20.95 22.52 -33.27
C ALA C 495 21.07 23.95 -33.79
N GLN C 496 19.99 24.72 -33.75
CA GLN C 496 20.07 26.12 -34.15
C GLN C 496 20.97 26.92 -33.22
N SER C 497 20.97 26.60 -31.93
CA SER C 497 21.93 27.19 -31.01
C SER C 497 23.35 26.78 -31.36
N CYS C 498 23.52 25.54 -31.82
CA CYS C 498 24.84 25.11 -32.28
C CYS C 498 25.30 25.94 -33.47
N LEU C 499 24.40 26.23 -34.40
CA LEU C 499 24.73 27.12 -35.52
C LEU C 499 25.05 28.52 -35.02
N ALA C 500 24.23 29.04 -34.10
CA ALA C 500 24.43 30.38 -33.56
C ALA C 500 23.96 30.38 -32.12
N GLN C 501 24.90 30.55 -31.19
CA GLN C 501 24.58 30.48 -29.77
C GLN C 501 23.61 31.60 -29.38
N GLY C 502 22.70 31.30 -28.45
CA GLY C 502 21.74 32.27 -27.98
C GLY C 502 20.50 32.41 -28.83
N LEU C 503 20.33 31.59 -29.87
CA LEU C 503 19.16 31.70 -30.73
C LEU C 503 17.96 30.96 -30.15
N SER C 504 18.20 29.95 -29.31
CA SER C 504 17.09 29.21 -28.71
C SER C 504 16.24 30.11 -27.82
N THR C 505 16.88 30.91 -26.98
CA THR C 505 16.12 31.84 -26.14
C THR C 505 15.46 32.93 -26.96
N MET C 506 16.12 33.38 -28.03
CA MET C 506 15.52 34.38 -28.91
C MET C 506 14.23 33.84 -29.56
N LEU C 507 14.26 32.59 -30.01
CA LEU C 507 13.06 31.99 -30.60
C LEU C 507 11.99 31.76 -29.54
N ALA C 508 12.39 31.27 -28.36
CA ALA C 508 11.41 30.95 -27.32
C ALA C 508 10.69 32.20 -26.83
N ASN C 509 11.43 33.31 -26.66
CA ASN C 509 10.79 34.54 -26.19
C ASN C 509 9.85 35.14 -27.21
N LEU C 510 10.01 34.79 -28.49
CA LEU C 510 9.10 35.31 -29.52
C LEU C 510 7.71 34.69 -29.40
N PHE C 511 7.65 33.38 -29.12
CA PHE C 511 6.37 32.71 -29.00
C PHE C 511 5.66 33.01 -27.69
N SER C 512 6.36 33.55 -26.71
CA SER C 512 5.79 33.81 -25.39
C SER C 512 5.28 35.25 -25.31
N MET C 513 4.06 35.41 -24.83
CA MET C 513 3.46 36.73 -24.68
C MET C 513 3.99 37.38 -23.42
N ARG C 514 4.70 38.50 -23.56
CA ARG C 514 5.31 39.18 -22.44
C ARG C 514 4.92 40.65 -22.43
N SER C 515 4.78 41.20 -21.23
CA SER C 515 4.35 42.58 -21.05
C SER C 515 5.54 43.52 -21.24
N PHE C 516 5.34 44.79 -20.90
CA PHE C 516 6.36 45.83 -21.09
C PHE C 516 6.78 46.30 -19.70
N ILE C 517 7.93 45.81 -19.23
CA ILE C 517 8.37 46.02 -17.85
C ILE C 517 9.67 46.82 -17.87
N LYS C 518 9.77 47.80 -16.97
CA LYS C 518 10.95 48.63 -16.83
C LYS C 518 11.53 48.50 -15.43
N ILE C 519 12.85 48.61 -15.36
CA ILE C 519 13.60 48.49 -14.11
C ILE C 519 14.37 49.79 -13.89
N GLU C 520 14.27 50.34 -12.68
CA GLU C 520 14.90 51.62 -12.38
C GLU C 520 16.41 51.55 -12.52
N GLU C 521 17.04 50.58 -11.86
CA GLU C 521 18.49 50.47 -11.87
C GLU C 521 18.98 49.93 -13.21
N ASP C 522 20.15 50.40 -13.63
CA ASP C 522 20.76 49.97 -14.89
C ASP C 522 21.45 48.64 -14.67
N THR C 523 20.77 47.55 -15.03
CA THR C 523 21.30 46.20 -14.94
C THR C 523 21.07 45.50 -16.27
N TRP C 524 21.58 44.26 -16.36
CA TRP C 524 21.35 43.46 -17.56
C TRP C 524 19.88 43.09 -17.71
N GLN C 525 19.17 42.89 -16.59
CA GLN C 525 17.76 42.53 -16.65
C GLN C 525 16.93 43.61 -17.29
N LYS C 526 17.30 44.88 -17.13
CA LYS C 526 16.54 45.97 -17.73
C LYS C 526 16.56 45.86 -19.25
N TYR C 527 17.75 45.74 -19.85
CA TYR C 527 17.85 45.61 -21.30
C TYR C 527 17.22 44.31 -21.78
N TYR C 528 17.41 43.23 -21.01
CA TYR C 528 16.81 41.95 -21.41
C TYR C 528 15.29 42.03 -21.45
N LEU C 529 14.69 42.66 -20.43
CA LEU C 529 13.25 42.79 -20.39
C LEU C 529 12.75 43.75 -21.46
N GLU C 530 13.54 44.78 -21.79
CA GLU C 530 13.19 45.63 -22.93
C GLU C 530 13.14 44.82 -24.22
N GLY C 531 14.13 43.96 -24.43
CA GLY C 531 14.15 43.14 -25.64
C GLY C 531 13.03 42.12 -25.68
N VAL C 532 12.80 41.42 -24.56
CA VAL C 532 11.87 40.29 -24.54
C VAL C 532 10.44 40.71 -24.84
N SER C 533 10.07 41.95 -24.54
CA SER C 533 8.70 42.42 -24.66
C SER C 533 8.18 42.40 -26.10
N ASN C 534 9.02 41.97 -27.05
CA ASN C 534 8.65 41.94 -28.46
C ASN C 534 8.22 40.53 -28.85
N GLU C 535 7.01 40.40 -29.38
CA GLU C 535 6.46 39.15 -29.87
C GLU C 535 6.31 39.20 -31.38
N MET C 536 6.13 38.02 -31.97
CA MET C 536 5.97 37.90 -33.42
C MET C 536 4.49 37.81 -33.75
N TYR C 537 4.02 38.73 -34.60
CA TYR C 537 2.64 38.82 -35.03
C TYR C 537 2.58 38.73 -36.56
N THR C 538 1.37 38.51 -37.07
CA THR C 538 1.13 38.40 -38.50
C THR C 538 -0.02 39.31 -38.90
N GLU C 539 0.12 39.98 -40.05
CA GLU C 539 -0.93 40.89 -40.49
C GLU C 539 -0.86 41.07 -41.99
N TYR C 540 -2.03 41.14 -42.63
CA TYR C 540 -2.08 41.46 -44.04
C TYR C 540 -1.71 42.92 -44.28
N LEU C 541 -0.73 43.15 -45.15
CA LEU C 541 -0.15 44.47 -45.31
C LEU C 541 -1.07 45.40 -46.10
N SER C 542 -0.77 46.69 -46.02
CA SER C 542 -1.55 47.72 -46.69
C SER C 542 -1.30 47.70 -48.19
N SER C 543 -2.23 48.31 -48.93
CA SER C 543 -2.11 48.41 -50.38
C SER C 543 -1.17 49.53 -50.82
N ALA C 544 -0.82 50.45 -49.92
CA ALA C 544 0.11 51.52 -50.29
C ALA C 544 1.50 50.98 -50.56
N PHE C 545 1.91 49.94 -49.83
CA PHE C 545 3.24 49.36 -50.00
C PHE C 545 3.39 48.66 -51.34
N VAL C 546 2.29 48.26 -51.98
CA VAL C 546 2.36 47.47 -53.20
C VAL C 546 3.11 48.24 -54.27
N GLY C 547 3.98 47.55 -54.99
CA GLY C 547 4.83 48.17 -55.99
C GLY C 547 6.27 48.41 -55.58
N LEU C 548 6.67 47.93 -54.41
CA LEU C 548 8.02 48.13 -53.89
C LEU C 548 8.66 46.77 -53.60
N SER C 549 9.87 46.82 -53.06
CA SER C 549 10.61 45.62 -52.70
C SER C 549 10.57 45.41 -51.19
N PHE C 550 10.82 44.16 -50.78
CA PHE C 550 10.74 43.80 -49.37
C PHE C 550 11.72 44.59 -48.49
N PRO C 551 12.99 44.76 -48.85
CA PRO C 551 13.86 45.60 -48.01
C PRO C 551 13.36 47.03 -47.90
N THR C 552 12.78 47.58 -48.98
CA THR C 552 12.24 48.93 -48.93
C THR C 552 11.10 49.03 -47.92
N VAL C 553 10.20 48.04 -47.91
CA VAL C 553 9.11 48.04 -46.94
C VAL C 553 9.65 47.84 -45.54
N CYS C 554 10.70 47.04 -45.39
CA CYS C 554 11.31 46.87 -44.07
C CYS C 554 11.86 48.19 -43.53
N GLU C 555 12.58 48.93 -44.37
CA GLU C 555 13.11 50.22 -43.93
C GLU C 555 11.99 51.21 -43.64
N LEU C 556 10.96 51.24 -44.49
CA LEU C 556 9.84 52.15 -44.27
C LEU C 556 9.11 51.84 -42.96
N CYS C 557 8.90 50.55 -42.67
CA CYS C 557 8.24 50.16 -41.43
C CYS C 557 9.11 50.42 -40.21
N PHE C 558 10.42 50.23 -40.31
CA PHE C 558 11.30 50.44 -39.16
C PHE C 558 11.49 51.92 -38.86
N VAL C 559 11.62 52.75 -39.89
CA VAL C 559 11.88 54.18 -39.70
C VAL C 559 10.60 54.94 -39.38
N LYS C 560 9.53 54.69 -40.14
CA LYS C 560 8.29 55.45 -39.96
C LYS C 560 7.38 54.80 -38.92
N LEU C 561 7.02 53.54 -39.14
CA LEU C 561 6.08 52.85 -38.25
C LEU C 561 6.76 52.14 -37.09
N LYS C 562 8.10 52.13 -37.05
CA LYS C 562 8.86 51.44 -36.00
C LYS C 562 8.49 49.96 -35.92
N LEU C 563 8.41 49.33 -37.09
CA LEU C 563 8.03 47.93 -37.20
C LEU C 563 9.09 47.18 -38.00
N LEU C 564 9.38 45.96 -37.59
CA LEU C 564 10.42 45.14 -38.19
C LEU C 564 9.79 43.91 -38.83
N MET C 565 10.04 43.72 -40.12
CA MET C 565 9.53 42.56 -40.85
C MET C 565 10.63 41.52 -41.02
N ILE C 566 10.22 40.25 -40.97
CA ILE C 566 11.16 39.14 -41.09
C ILE C 566 10.76 38.22 -42.23
N ALA C 567 9.48 38.20 -42.56
CA ALA C 567 8.97 37.30 -43.59
C ALA C 567 7.69 37.88 -44.17
N ILE C 568 7.37 37.45 -45.40
CA ILE C 568 6.17 37.90 -46.10
C ILE C 568 5.56 36.73 -46.86
N GLU C 569 4.47 37.03 -47.56
CA GLU C 569 3.83 36.11 -48.50
C GLU C 569 3.86 36.71 -49.90
N TYR C 570 4.26 35.91 -50.88
CA TYR C 570 4.36 36.35 -52.27
C TYR C 570 3.26 35.71 -53.10
N LYS C 571 2.57 36.52 -53.88
CA LYS C 571 1.48 36.03 -54.74
C LYS C 571 2.04 35.52 -56.07
N ARG C 578 1.97 31.12 -49.33
CA ARG C 578 3.35 30.68 -49.16
C ARG C 578 4.11 31.64 -48.26
N ILE C 579 4.98 31.09 -47.42
CA ILE C 579 5.77 31.86 -46.46
C ILE C 579 7.18 31.99 -47.02
N LEU C 580 7.66 33.23 -47.14
CA LEU C 580 9.02 33.50 -47.59
C LEU C 580 9.74 34.29 -46.51
N ILE C 581 10.80 33.71 -45.96
CA ILE C 581 11.53 34.29 -44.84
C ILE C 581 12.67 35.16 -45.38
N ASN C 582 12.60 36.45 -45.09
CA ASN C 582 13.58 37.42 -45.56
C ASN C 582 13.85 37.30 -47.06
N PRO C 583 12.86 37.55 -47.91
CA PRO C 583 13.08 37.45 -49.35
C PRO C 583 14.04 38.53 -49.83
N GLY C 584 14.73 38.24 -50.94
CA GLY C 584 15.71 39.14 -51.47
C GLY C 584 15.09 40.42 -52.03
N ASN C 585 15.97 41.32 -52.46
CA ASN C 585 15.52 42.60 -52.99
C ASN C 585 14.80 42.44 -54.33
N HIS C 586 15.03 41.33 -55.03
CA HIS C 586 14.43 41.16 -56.35
C HIS C 586 12.94 40.88 -56.26
N LEU C 587 12.49 40.23 -55.18
CA LEU C 587 11.07 40.00 -54.99
C LEU C 587 10.35 41.32 -54.76
N LYS C 588 9.12 41.42 -55.26
CA LYS C 588 8.32 42.63 -55.15
C LYS C 588 7.02 42.34 -54.40
N ILE C 589 6.67 43.24 -53.48
CA ILE C 589 5.43 43.10 -52.72
C ILE C 589 4.23 43.31 -53.63
N GLN C 590 3.13 42.63 -53.32
CA GLN C 590 1.92 42.66 -54.12
C GLN C 590 0.72 42.94 -53.23
N GLU C 591 -0.45 43.02 -53.86
CA GLU C 591 -1.69 43.27 -53.12
C GLU C 591 -2.05 42.08 -52.25
N GLY C 592 -2.61 42.36 -51.07
CA GLY C 592 -2.97 41.30 -50.16
C GLY C 592 -1.81 40.59 -49.51
N THR C 593 -0.66 41.25 -49.42
CA THR C 593 0.53 40.62 -48.86
C THR C 593 0.38 40.45 -47.35
N LEU C 594 0.70 39.26 -46.87
CA LEU C 594 0.69 38.95 -45.44
C LEU C 594 2.12 38.99 -44.93
N GLY C 595 2.40 39.86 -43.97
CA GLY C 595 3.72 40.04 -43.44
C GLY C 595 3.80 39.69 -41.97
N PHE C 596 5.00 39.29 -41.54
CA PHE C 596 5.25 38.93 -40.15
C PHE C 596 6.12 40.01 -39.51
N PHE C 597 5.65 40.54 -38.39
CA PHE C 597 6.32 41.63 -37.69
C PHE C 597 6.74 41.17 -36.29
N ILE C 598 7.70 41.90 -35.73
CA ILE C 598 8.09 41.74 -34.34
C ILE C 598 7.81 43.06 -33.64
N ALA C 599 6.90 43.03 -32.66
CA ALA C 599 6.47 44.25 -32.01
C ALA C 599 5.92 43.92 -30.63
N SER C 600 5.79 44.95 -29.80
CA SER C 600 5.34 44.77 -28.43
C SER C 600 3.86 44.39 -28.37
N ASP C 601 3.03 45.06 -29.17
CA ASP C 601 1.59 44.86 -29.11
C ASP C 601 1.03 44.83 -30.52
N ALA C 602 -0.17 44.24 -30.64
CA ALA C 602 -0.83 44.15 -31.94
C ALA C 602 -1.33 45.50 -32.43
N LYS C 603 -1.63 46.44 -31.53
CA LYS C 603 -2.00 47.78 -31.97
C LYS C 603 -0.83 48.47 -32.67
N GLU C 604 0.40 48.13 -32.30
CA GLU C 604 1.56 48.69 -32.98
C GLU C 604 1.68 48.18 -34.41
N VAL C 605 1.50 46.87 -34.60
CA VAL C 605 1.56 46.31 -35.95
C VAL C 605 0.35 46.70 -36.77
N LYS C 606 -0.76 47.09 -36.12
CA LYS C 606 -1.95 47.51 -36.85
C LYS C 606 -1.67 48.74 -37.70
N ARG C 607 -0.64 49.53 -37.35
CA ARG C 607 -0.29 50.71 -38.12
C ARG C 607 0.23 50.36 -39.51
N ALA C 608 0.77 49.15 -39.71
CA ALA C 608 1.28 48.77 -41.02
C ALA C 608 0.18 48.71 -42.06
N PHE C 609 -0.99 48.18 -41.68
CA PHE C 609 -2.12 48.11 -42.60
C PHE C 609 -2.77 49.48 -42.83
N PHE C 610 -2.62 50.40 -41.88
CA PHE C 610 -3.19 51.73 -41.99
C PHE C 610 -2.23 52.76 -42.56
N TYR C 611 -1.03 52.34 -42.95
CA TYR C 611 -0.05 53.27 -43.51
C TYR C 611 -0.51 53.79 -44.86
N CYS C 612 -0.46 55.09 -45.03
CA CYS C 612 -0.83 55.75 -46.29
C CYS C 612 0.37 56.50 -46.84
N LYS C 613 0.71 56.23 -48.09
CA LYS C 613 1.85 56.91 -48.71
C LYS C 613 1.58 58.40 -48.84
N ALA C 614 0.38 58.78 -49.25
CA ALA C 614 0.05 60.20 -49.39
C ALA C 614 0.08 60.92 -48.04
N CYS C 615 -0.45 60.28 -47.01
CA CYS C 615 -0.49 60.91 -45.69
C CYS C 615 0.90 61.01 -45.06
N HIS C 616 1.86 60.20 -45.52
CA HIS C 616 3.21 60.22 -44.99
C HIS C 616 4.24 60.49 -46.08
N ASP C 617 3.86 61.31 -47.07
CA ASP C 617 4.77 61.64 -48.16
C ASP C 617 5.92 62.51 -47.68
N VAL C 683 24.84 7.94 -51.40
CA VAL C 683 25.12 8.79 -52.56
C VAL C 683 24.07 9.88 -52.68
N LYS C 684 23.10 9.87 -51.78
CA LYS C 684 22.03 10.87 -51.76
C LYS C 684 22.50 12.07 -50.94
N LYS C 685 22.97 13.12 -51.62
CA LYS C 685 23.47 14.31 -50.94
C LYS C 685 22.42 15.40 -50.80
N TYR C 686 21.30 15.31 -51.51
CA TYR C 686 20.22 16.28 -51.38
C TYR C 686 18.89 15.53 -51.33
N ASP C 687 17.97 16.07 -50.54
CA ASP C 687 16.65 15.48 -50.42
C ASP C 687 15.87 15.66 -51.73
N SER C 688 14.62 15.18 -51.73
CA SER C 688 13.78 15.32 -52.92
C SER C 688 13.57 16.78 -53.27
N THR C 689 13.29 17.62 -52.28
CA THR C 689 13.17 19.06 -52.53
C THR C 689 14.53 19.65 -52.88
N GLY C 690 15.60 19.20 -52.22
CA GLY C 690 16.92 19.69 -52.51
C GLY C 690 17.37 20.82 -51.60
N MET C 691 17.19 20.66 -50.29
CA MET C 691 17.57 21.67 -49.32
C MET C 691 18.23 21.05 -48.10
N PHE C 692 18.88 19.91 -48.28
CA PHE C 692 19.48 19.17 -47.17
C PHE C 692 20.73 18.46 -47.65
N HIS C 693 21.55 18.05 -46.68
CA HIS C 693 22.77 17.28 -46.93
C HIS C 693 22.64 15.88 -46.34
N TRP C 694 23.26 14.91 -47.00
CA TRP C 694 23.24 13.52 -46.56
C TRP C 694 24.30 12.76 -47.35
N CYS C 695 24.58 11.53 -46.94
CA CYS C 695 25.57 10.70 -47.61
C CYS C 695 25.15 9.23 -47.50
N ALA C 696 25.98 8.36 -48.05
CA ALA C 696 25.68 6.94 -48.07
C ALA C 696 25.79 6.34 -46.67
N PRO C 697 25.08 5.24 -46.41
CA PRO C 697 25.19 4.58 -45.10
C PRO C 697 26.59 4.03 -44.86
N LYS C 698 26.97 3.97 -43.59
CA LYS C 698 28.29 3.49 -43.19
C LYS C 698 28.15 2.43 -42.11
N GLU C 699 29.16 1.57 -42.03
CA GLU C 699 29.18 0.49 -41.06
C GLU C 699 29.27 1.04 -39.64
N ILE C 700 28.83 0.24 -38.67
CA ILE C 700 28.84 0.67 -37.28
C ILE C 700 30.26 0.97 -36.81
N GLU C 701 31.20 0.09 -37.14
CA GLU C 701 32.59 0.29 -36.73
C GLU C 701 33.36 1.21 -37.67
N LYS C 702 32.76 1.61 -38.79
CA LYS C 702 33.46 2.46 -39.74
C LYS C 702 33.67 3.87 -39.20
N VAL C 703 32.75 4.36 -38.37
CA VAL C 703 32.80 5.72 -37.86
C VAL C 703 33.01 5.79 -36.35
N ILE C 704 33.05 4.65 -35.66
CA ILE C 704 33.26 4.64 -34.22
C ILE C 704 34.74 4.90 -33.94
N LEU C 705 35.01 5.86 -33.07
CA LEU C 705 36.37 6.20 -32.67
C LEU C 705 36.59 5.77 -31.23
N THR C 706 37.66 5.02 -31.00
CA THR C 706 38.03 4.57 -29.66
C THR C 706 38.89 5.64 -28.98
N ARG C 707 39.49 5.29 -27.84
CA ARG C 707 40.36 6.23 -27.15
C ARG C 707 41.56 6.62 -28.01
N SER C 708 42.28 5.63 -28.53
CA SER C 708 43.42 5.92 -29.39
C SER C 708 42.96 6.53 -30.71
N GLU C 709 41.91 5.99 -31.32
CA GLU C 709 41.44 6.50 -32.60
C GLU C 709 41.04 7.97 -32.49
N ALA C 710 40.43 8.35 -31.37
CA ALA C 710 40.21 9.77 -31.11
C ALA C 710 41.50 10.49 -30.79
N ALA C 711 42.50 9.78 -30.26
CA ALA C 711 43.76 10.43 -29.92
C ALA C 711 44.50 10.92 -31.16
N MET C 712 44.69 10.05 -32.16
CA MET C 712 45.39 10.52 -33.35
C MET C 712 44.50 11.42 -34.21
N THR C 713 43.23 11.06 -34.39
CA THR C 713 42.34 11.85 -35.23
C THR C 713 42.02 13.17 -34.52
N VAL C 714 42.49 14.27 -35.08
CA VAL C 714 42.27 15.59 -34.49
C VAL C 714 40.90 16.09 -34.91
N LEU C 715 40.07 16.44 -33.93
CA LEU C 715 38.72 16.95 -34.18
C LEU C 715 38.68 18.41 -33.76
N SER C 716 38.55 19.30 -34.74
CA SER C 716 38.47 20.73 -34.49
C SER C 716 37.31 21.31 -35.29
N GLY C 717 36.68 22.34 -34.73
CA GLY C 717 35.52 22.94 -35.37
C GLY C 717 34.37 21.98 -35.52
N HIS C 718 34.09 21.19 -34.49
CA HIS C 718 33.08 20.16 -34.52
C HIS C 718 32.06 20.40 -33.40
N VAL C 719 31.12 19.48 -33.25
CA VAL C 719 30.06 19.58 -32.26
C VAL C 719 30.08 18.32 -31.40
N VAL C 720 30.20 18.51 -30.09
CA VAL C 720 30.20 17.42 -29.13
C VAL C 720 28.82 17.29 -28.52
N VAL C 721 28.35 16.05 -28.39
CA VAL C 721 27.04 15.76 -27.82
C VAL C 721 27.24 14.64 -26.80
N CYS C 722 26.90 14.91 -25.55
CA CYS C 722 27.14 13.98 -24.44
C CYS C 722 25.83 13.34 -24.04
N ILE C 723 25.69 12.05 -24.34
CA ILE C 723 24.49 11.27 -24.02
C ILE C 723 24.71 10.58 -22.68
N PHE C 724 23.72 10.67 -21.81
CA PHE C 724 23.68 9.87 -20.58
C PHE C 724 22.52 8.89 -20.65
N GLY C 725 22.76 7.68 -20.16
CA GLY C 725 21.74 6.65 -20.18
C GLY C 725 22.31 5.30 -19.86
N ASP C 726 21.42 4.31 -19.85
CA ASP C 726 21.77 2.94 -19.57
C ASP C 726 20.94 2.02 -20.45
N VAL C 727 20.92 0.73 -20.12
CA VAL C 727 20.15 -0.24 -20.90
C VAL C 727 18.66 0.03 -20.77
N SER C 728 18.19 0.46 -19.61
CA SER C 728 16.78 0.70 -19.37
C SER C 728 16.32 2.11 -19.73
N SER C 729 17.23 2.96 -20.20
CA SER C 729 16.86 4.33 -20.54
C SER C 729 16.05 4.37 -21.83
N ALA C 730 15.27 5.43 -21.99
CA ALA C 730 14.42 5.62 -23.16
C ALA C 730 15.19 6.30 -24.28
N LEU C 731 14.64 6.23 -25.48
CA LEU C 731 15.25 6.83 -26.65
C LEU C 731 14.99 8.33 -26.69
N ILE C 732 15.67 9.01 -27.62
CA ILE C 732 15.61 10.46 -27.75
C ILE C 732 15.11 10.89 -29.12
N GLY C 733 15.64 10.29 -30.18
CA GLY C 733 15.28 10.69 -31.53
C GLY C 733 16.23 11.73 -32.09
N LEU C 734 17.53 11.40 -32.11
CA LEU C 734 18.59 12.34 -32.41
C LEU C 734 18.63 12.77 -33.87
N ARG C 735 17.73 12.29 -34.72
CA ARG C 735 17.75 12.67 -36.14
C ARG C 735 17.52 14.17 -36.31
N ASN C 736 16.57 14.73 -35.57
CA ASN C 736 16.29 16.16 -35.67
C ASN C 736 17.36 17.01 -35.04
N LEU C 737 18.26 16.41 -34.26
CA LEU C 737 19.40 17.16 -33.73
C LEU C 737 20.42 17.46 -34.84
N VAL C 738 20.59 16.54 -35.78
CA VAL C 738 21.57 16.70 -36.85
C VAL C 738 20.95 17.16 -38.16
N MET C 739 19.63 17.06 -38.31
CA MET C 739 18.99 17.38 -39.59
C MET C 739 19.19 18.84 -40.01
N PRO C 740 18.93 19.85 -39.17
CA PRO C 740 19.11 21.23 -39.62
C PRO C 740 20.56 21.65 -39.84
N LEU C 741 21.53 20.95 -39.23
CA LEU C 741 22.93 21.22 -39.51
C LEU C 741 23.27 20.89 -40.96
N ARG C 742 22.46 20.08 -41.63
CA ARG C 742 22.71 19.64 -42.99
C ARG C 742 21.90 20.42 -44.02
N ALA C 743 21.30 21.54 -43.62
CA ALA C 743 20.55 22.35 -44.56
C ALA C 743 21.45 22.86 -45.67
N SER C 744 20.93 22.85 -46.90
CA SER C 744 21.74 23.14 -48.07
C SER C 744 21.89 24.64 -48.34
N ASN C 745 21.18 25.49 -47.59
CA ASN C 745 21.43 26.93 -47.73
C ASN C 745 22.72 27.37 -47.04
N PHE C 746 23.45 26.43 -46.46
CA PHE C 746 24.78 26.68 -45.90
C PHE C 746 25.82 26.09 -46.85
N HIS C 747 27.00 26.70 -46.89
CA HIS C 747 28.08 26.18 -47.71
C HIS C 747 28.53 24.83 -47.18
N TYR C 748 28.99 23.96 -48.08
CA TYR C 748 29.41 22.62 -47.67
C TYR C 748 30.63 22.69 -46.77
N HIS C 749 31.56 23.60 -47.04
CA HIS C 749 32.75 23.75 -46.20
C HIS C 749 32.42 24.30 -44.83
N GLU C 750 31.19 24.77 -44.61
CA GLU C 750 30.76 25.26 -43.30
C GLU C 750 30.11 24.19 -42.45
N LEU C 751 30.06 22.94 -42.92
CA LEU C 751 29.49 21.86 -42.14
C LEU C 751 30.39 21.55 -40.94
N LYS C 752 29.80 20.89 -39.94
CA LYS C 752 30.47 20.60 -38.68
C LYS C 752 30.45 19.10 -38.41
N HIS C 753 31.58 18.58 -37.96
CA HIS C 753 31.66 17.20 -37.53
C HIS C 753 30.86 16.98 -36.25
N ILE C 754 30.30 15.79 -36.10
CA ILE C 754 29.43 15.45 -34.98
C ILE C 754 30.04 14.27 -34.23
N VAL C 755 30.26 14.44 -32.92
CA VAL C 755 30.78 13.38 -32.08
C VAL C 755 29.84 13.21 -30.89
N PHE C 756 29.53 11.95 -30.56
CA PHE C 756 28.70 11.60 -29.43
C PHE C 756 29.53 10.81 -28.42
N VAL C 757 29.33 11.09 -27.14
CA VAL C 757 30.05 10.43 -26.06
C VAL C 757 29.05 9.83 -25.11
N GLY C 758 29.18 8.53 -24.83
CA GLY C 758 28.26 7.90 -23.91
C GLY C 758 28.60 6.43 -23.69
N SER C 759 27.80 5.80 -22.83
CA SER C 759 27.99 4.39 -22.52
C SER C 759 27.50 3.52 -23.67
N ILE C 760 28.37 2.61 -24.13
CA ILE C 760 28.18 1.92 -25.40
C ILE C 760 26.86 1.14 -25.47
N GLU C 761 26.28 0.78 -24.32
CA GLU C 761 25.01 0.06 -24.35
C GLU C 761 23.90 0.89 -24.98
N TYR C 762 23.75 2.14 -24.52
CA TYR C 762 22.72 3.01 -25.06
C TYR C 762 22.98 3.35 -26.51
N LEU C 763 24.26 3.58 -26.87
CA LEU C 763 24.60 3.87 -28.25
C LEU C 763 24.26 2.70 -29.17
N LYS C 764 24.59 1.47 -28.77
CA LYS C 764 24.25 0.33 -29.60
C LYS C 764 22.74 0.08 -29.59
N ARG C 765 22.04 0.53 -28.56
CA ARG C 765 20.59 0.44 -28.56
C ARG C 765 19.96 1.36 -29.59
N GLU C 766 20.45 2.60 -29.69
CA GLU C 766 19.81 3.54 -30.59
C GLU C 766 20.47 3.63 -31.97
N TRP C 767 21.57 2.89 -32.19
CA TRP C 767 22.33 3.02 -33.43
C TRP C 767 21.52 2.58 -34.65
N GLU C 768 20.45 1.81 -34.48
CA GLU C 768 19.66 1.37 -35.61
C GLU C 768 19.04 2.54 -36.38
N THR C 769 18.91 3.70 -35.75
CA THR C 769 18.36 4.89 -36.39
C THR C 769 19.42 5.94 -36.70
N LEU C 770 20.70 5.60 -36.58
CA LEU C 770 21.77 6.56 -36.77
C LEU C 770 22.93 6.00 -37.61
N HIS C 771 22.73 4.87 -38.28
CA HIS C 771 23.77 4.27 -39.09
C HIS C 771 23.81 4.80 -40.52
N ASN C 772 22.91 5.70 -40.88
CA ASN C 772 22.82 6.23 -42.24
C ASN C 772 23.41 7.63 -42.37
N PHE C 773 23.98 8.18 -41.31
CA PHE C 773 24.46 9.56 -41.38
C PHE C 773 25.98 9.61 -41.38
N PRO C 774 26.57 10.59 -42.08
CA PRO C 774 28.02 10.72 -42.11
C PRO C 774 28.54 11.65 -41.01
N LYS C 775 29.86 11.62 -40.84
CA LYS C 775 30.56 12.48 -39.88
C LYS C 775 29.97 12.33 -38.48
N VAL C 776 29.66 11.10 -38.10
CA VAL C 776 29.04 10.81 -36.81
C VAL C 776 29.97 9.82 -36.09
N SER C 777 30.63 10.30 -35.04
CA SER C 777 31.54 9.46 -34.27
C SER C 777 30.90 9.06 -32.95
N ILE C 778 31.15 7.82 -32.53
CA ILE C 778 30.64 7.28 -31.27
C ILE C 778 31.83 6.98 -30.37
N LEU C 779 31.78 7.46 -29.12
CA LEU C 779 32.83 7.19 -28.14
C LEU C 779 32.25 6.54 -26.89
N PRO C 780 32.58 5.28 -26.62
CA PRO C 780 32.13 4.65 -25.38
C PRO C 780 32.83 5.25 -24.17
N GLY C 781 32.15 5.17 -23.03
CA GLY C 781 32.68 5.72 -21.80
C GLY C 781 31.67 6.56 -21.05
N THR C 782 32.13 7.59 -20.36
CA THR C 782 31.25 8.49 -19.63
C THR C 782 31.68 9.93 -19.88
N PRO C 783 30.72 10.82 -20.11
CA PRO C 783 31.07 12.24 -20.29
C PRO C 783 31.68 12.89 -19.05
N LEU C 784 31.51 12.29 -17.88
CA LEU C 784 32.14 12.82 -16.67
C LEU C 784 33.64 12.56 -16.61
N SER C 785 34.16 11.73 -17.51
CA SER C 785 35.59 11.46 -17.54
C SER C 785 36.32 12.58 -18.27
N ARG C 786 37.36 13.12 -17.64
CA ARG C 786 38.12 14.20 -18.26
C ARG C 786 38.94 13.72 -19.45
N ALA C 787 39.46 12.49 -19.37
CA ALA C 787 40.28 11.97 -20.46
C ALA C 787 39.49 11.85 -21.75
N ASP C 788 38.23 11.41 -21.67
CA ASP C 788 37.40 11.32 -22.85
C ASP C 788 37.20 12.69 -23.50
N LEU C 789 36.94 13.71 -22.68
CA LEU C 789 36.74 15.06 -23.23
C LEU C 789 38.03 15.62 -23.81
N ARG C 790 39.18 15.30 -23.22
CA ARG C 790 40.44 15.70 -23.83
C ARG C 790 40.64 15.01 -25.18
N ALA C 791 40.27 13.72 -25.26
CA ALA C 791 40.38 13.00 -26.53
C ALA C 791 39.48 13.61 -27.59
N VAL C 792 38.26 14.00 -27.20
CA VAL C 792 37.34 14.64 -28.14
C VAL C 792 37.84 16.03 -28.54
N ASN C 793 38.77 16.61 -27.78
CA ASN C 793 39.21 17.99 -27.95
C ASN C 793 38.04 18.96 -27.79
N ILE C 794 37.48 18.95 -26.58
CA ILE C 794 36.31 19.76 -26.27
C ILE C 794 36.61 21.25 -26.40
N ASN C 795 37.83 21.67 -26.04
CA ASN C 795 38.19 23.08 -26.13
C ASN C 795 38.18 23.59 -27.56
N LEU C 796 38.37 22.71 -28.54
CA LEU C 796 38.40 23.10 -29.95
C LEU C 796 37.05 22.97 -30.64
N CYS C 797 36.03 22.45 -29.96
CA CYS C 797 34.75 22.21 -30.61
C CYS C 797 33.98 23.50 -30.81
N ASP C 798 33.11 23.49 -31.82
CA ASP C 798 32.25 24.66 -32.05
C ASP C 798 31.20 24.79 -30.94
N MET C 799 30.65 23.67 -30.48
CA MET C 799 29.64 23.75 -29.44
C MET C 799 29.46 22.37 -28.82
N CYS C 800 29.17 22.35 -27.52
CA CYS C 800 28.92 21.12 -26.78
C CYS C 800 27.50 21.16 -26.20
N VAL C 801 26.78 20.05 -26.37
CA VAL C 801 25.44 19.91 -25.83
C VAL C 801 25.42 18.67 -24.95
N ILE C 802 24.56 18.71 -23.93
CA ILE C 802 24.46 17.66 -22.92
C ILE C 802 23.02 17.19 -22.86
N LEU C 803 22.80 15.88 -23.01
CA LEU C 803 21.47 15.30 -22.94
C LEU C 803 21.52 14.06 -22.05
N SER C 804 20.48 13.88 -21.25
CA SER C 804 20.38 12.74 -20.35
C SER C 804 19.09 11.98 -20.63
N ALA C 805 19.20 10.68 -20.90
CA ALA C 805 18.04 9.83 -21.05
C ALA C 805 17.47 9.38 -19.70
N ASN C 806 18.19 9.61 -18.61
CA ASN C 806 17.71 9.30 -17.27
C ASN C 806 16.73 10.34 -16.74
N GLN C 807 16.32 11.30 -17.58
CA GLN C 807 15.37 12.32 -17.16
C GLN C 807 13.97 11.74 -16.94
N ASN C 808 13.74 10.50 -17.34
CA ASN C 808 12.43 9.86 -17.17
C ASN C 808 12.42 8.81 -16.07
N ASN C 809 13.50 8.03 -15.93
CA ASN C 809 13.53 6.96 -14.94
C ASN C 809 13.75 7.49 -13.52
N ILE C 810 14.29 8.70 -13.38
CA ILE C 810 14.54 9.26 -12.06
C ILE C 810 13.26 9.89 -11.53
N ASP C 811 12.80 9.40 -10.38
CA ASP C 811 11.51 9.83 -9.84
C ASP C 811 11.59 11.25 -9.26
N ASP C 812 12.64 11.55 -8.50
CA ASP C 812 12.75 12.84 -7.83
C ASP C 812 13.04 13.91 -8.88
N THR C 813 12.24 15.00 -8.84
CA THR C 813 12.35 16.03 -9.87
C THR C 813 13.71 16.72 -9.83
N SER C 814 14.23 16.99 -8.63
CA SER C 814 15.52 17.67 -8.52
C SER C 814 16.67 16.78 -8.98
N LEU C 815 16.45 15.47 -9.03
CA LEU C 815 17.49 14.53 -9.39
C LEU C 815 17.47 14.12 -10.86
N GLN C 816 16.47 14.57 -11.64
CA GLN C 816 16.47 14.25 -13.06
C GLN C 816 17.53 15.03 -13.83
N ASP C 817 18.06 16.10 -13.25
CA ASP C 817 19.16 16.86 -13.82
C ASP C 817 20.50 16.44 -13.25
N LYS C 818 20.64 15.15 -12.93
CA LYS C 818 21.87 14.62 -12.36
C LYS C 818 23.07 14.89 -13.27
N GLU C 819 23.08 14.22 -14.41
CA GLU C 819 24.28 14.17 -15.23
C GLU C 819 24.47 15.46 -16.02
N CYS C 820 23.36 16.10 -16.40
CA CYS C 820 23.48 17.37 -17.12
C CYS C 820 24.22 18.40 -16.28
N ILE C 821 23.77 18.61 -15.05
CA ILE C 821 24.43 19.58 -14.17
C ILE C 821 25.84 19.13 -13.84
N LEU C 822 26.03 17.84 -13.54
CA LEU C 822 27.35 17.37 -13.18
C LEU C 822 28.36 17.58 -14.32
N ALA C 823 27.96 17.25 -15.54
CA ALA C 823 28.86 17.39 -16.69
C ALA C 823 29.08 18.86 -17.04
N SER C 824 28.05 19.69 -16.89
CA SER C 824 28.22 21.13 -17.14
C SER C 824 29.25 21.71 -16.20
N LEU C 825 29.15 21.40 -14.90
CA LEU C 825 30.14 21.89 -13.95
C LEU C 825 31.50 21.25 -14.19
N ASN C 826 31.53 20.01 -14.68
CA ASN C 826 32.80 19.36 -14.97
C ASN C 826 33.55 20.08 -16.10
N ILE C 827 32.83 20.42 -17.17
CA ILE C 827 33.46 21.10 -18.29
C ILE C 827 33.82 22.52 -17.91
N LYS C 828 32.96 23.20 -17.15
CA LYS C 828 33.27 24.57 -16.72
C LYS C 828 34.54 24.61 -15.89
N SER C 829 34.75 23.61 -15.03
CA SER C 829 35.92 23.55 -14.18
C SER C 829 37.16 23.00 -14.89
N MET C 830 37.02 22.55 -16.13
CA MET C 830 38.15 22.00 -16.87
C MET C 830 39.23 23.06 -17.08
N GLN C 831 40.47 22.63 -17.07
CA GLN C 831 41.62 23.48 -17.33
C GLN C 831 42.33 23.01 -18.59
N PHE C 832 42.63 23.95 -19.48
CA PHE C 832 43.22 23.63 -20.78
C PHE C 832 44.53 24.40 -20.94
N ASP C 833 45.45 23.79 -21.67
CA ASP C 833 46.76 24.38 -21.96
C ASP C 833 46.86 24.68 -23.45
N ASP C 834 47.35 25.88 -23.76
CA ASP C 834 47.48 26.31 -25.14
C ASP C 834 48.93 26.71 -25.45
N ILE C 870 46.22 29.36 -20.20
CA ILE C 870 45.22 28.70 -19.37
C ILE C 870 43.83 29.22 -19.70
N THR C 871 43.06 28.41 -20.43
CA THR C 871 41.69 28.75 -20.80
C THR C 871 40.73 27.91 -19.98
N THR C 872 40.03 28.56 -19.06
CA THR C 872 39.06 27.85 -18.23
C THR C 872 37.82 27.49 -19.04
N GLY C 873 37.04 26.56 -18.49
CA GLY C 873 35.92 25.99 -19.23
C GLY C 873 34.64 26.79 -19.22
N VAL C 874 34.58 27.90 -18.47
CA VAL C 874 33.35 28.69 -18.46
C VAL C 874 33.14 29.47 -19.75
N ASN C 875 34.18 29.60 -20.57
CA ASN C 875 34.07 30.27 -21.86
C ASN C 875 33.65 29.33 -22.99
N ILE C 876 33.61 28.03 -22.73
CA ILE C 876 33.19 27.07 -23.77
C ILE C 876 31.68 27.18 -23.97
N PRO C 877 31.20 27.34 -25.20
CA PRO C 877 29.75 27.42 -25.43
C PRO C 877 29.09 26.07 -25.17
N ILE C 878 28.24 26.03 -24.16
CA ILE C 878 27.54 24.80 -23.75
C ILE C 878 26.06 25.13 -23.59
N ILE C 879 25.20 24.27 -24.13
CA ILE C 879 23.77 24.34 -23.88
C ILE C 879 23.35 23.05 -23.17
N THR C 880 22.59 23.20 -22.09
CA THR C 880 22.20 22.08 -21.25
C THR C 880 20.69 21.95 -21.25
N GLU C 881 20.19 20.75 -21.50
CA GLU C 881 18.76 20.48 -21.46
C GLU C 881 18.37 20.10 -20.03
N LEU C 882 17.49 20.90 -19.43
CA LEU C 882 17.01 20.67 -18.08
C LEU C 882 15.51 20.41 -18.11
N VAL C 883 15.10 19.33 -17.44
CA VAL C 883 13.67 19.07 -17.31
C VAL C 883 13.08 19.91 -16.18
N ASN C 884 13.81 20.07 -15.09
CA ASN C 884 13.38 20.90 -13.96
C ASN C 884 13.95 22.30 -14.13
N ASP C 885 13.07 23.29 -14.23
CA ASP C 885 13.51 24.67 -14.42
C ASP C 885 14.28 25.17 -13.20
N THR C 886 13.84 24.77 -12.00
CA THR C 886 14.46 25.27 -10.78
C THR C 886 15.93 24.90 -10.68
N ASN C 887 16.37 23.83 -11.34
CA ASN C 887 17.77 23.44 -11.31
C ASN C 887 18.66 24.39 -12.11
N VAL C 888 18.07 25.31 -12.87
CA VAL C 888 18.85 26.24 -13.68
C VAL C 888 19.72 27.14 -12.83
N GLN C 889 19.43 27.24 -11.52
CA GLN C 889 20.27 28.05 -10.64
C GLN C 889 21.65 27.42 -10.45
N PHE C 890 21.75 26.11 -10.62
CA PHE C 890 23.03 25.42 -10.42
C PHE C 890 23.96 25.52 -11.62
N LEU C 891 23.46 25.95 -12.78
CA LEU C 891 24.28 25.95 -13.99
C LEU C 891 25.41 26.97 -13.91
N ASP C 892 25.13 28.15 -13.37
CA ASP C 892 26.13 29.22 -13.31
C ASP C 892 26.28 29.68 -11.87
N GLN C 893 27.50 30.13 -11.55
CA GLN C 893 27.84 30.54 -10.19
C GLN C 893 28.03 32.04 -10.04
N ASP C 894 27.93 32.81 -11.12
CA ASP C 894 28.17 34.25 -11.09
C ASP C 894 26.88 35.05 -11.30
N ASP C 895 25.79 34.58 -10.71
CA ASP C 895 24.52 35.29 -10.79
C ASP C 895 23.76 35.12 -9.49
N ASP C 896 22.80 36.02 -9.25
CA ASP C 896 21.98 36.00 -8.05
C ASP C 896 20.80 35.07 -8.29
N ASP C 897 20.86 33.87 -7.73
CA ASP C 897 19.81 32.88 -7.90
C ASP C 897 18.60 33.21 -7.04
N ASP C 898 17.43 32.88 -7.56
CA ASP C 898 16.18 33.11 -6.84
C ASP C 898 15.13 32.09 -7.29
N PRO C 899 14.60 31.29 -6.37
CA PRO C 899 13.61 30.28 -6.77
C PRO C 899 12.34 30.87 -7.39
N ASP C 900 11.93 32.07 -6.96
CA ASP C 900 10.72 32.68 -7.50
C ASP C 900 10.94 33.30 -8.87
N THR C 901 12.20 33.51 -9.27
CA THR C 901 12.48 34.08 -10.58
C THR C 901 12.14 33.07 -11.68
N GLU C 902 11.43 33.53 -12.71
CA GLU C 902 11.02 32.65 -13.80
C GLU C 902 12.23 32.24 -14.64
N LEU C 903 12.06 31.16 -15.39
CA LEU C 903 13.17 30.58 -16.14
C LEU C 903 13.72 31.54 -17.17
N TYR C 904 12.85 32.26 -17.87
CA TYR C 904 13.32 33.17 -18.91
C TYR C 904 14.10 34.35 -18.32
N LEU C 905 13.79 34.74 -17.07
CA LEU C 905 14.53 35.82 -16.43
C LEU C 905 15.92 35.39 -15.98
N THR C 906 16.19 34.10 -15.87
CA THR C 906 17.46 33.62 -15.37
C THR C 906 18.58 33.92 -16.35
N GLN C 907 19.77 34.19 -15.82
CA GLN C 907 20.93 34.46 -16.66
C GLN C 907 21.33 33.29 -17.54
N PRO C 908 21.44 32.05 -17.06
CA PRO C 908 21.84 30.96 -17.95
C PRO C 908 20.90 30.74 -19.13
N PHE C 909 19.59 30.95 -18.95
CA PHE C 909 18.68 30.86 -20.08
C PHE C 909 18.85 32.05 -21.02
N ALA C 910 19.00 33.25 -20.46
CA ALA C 910 19.16 34.44 -21.28
C ALA C 910 20.43 34.42 -22.11
N CYS C 911 21.40 33.60 -21.73
CA CYS C 911 22.66 33.49 -22.46
C CYS C 911 22.65 32.33 -23.45
N GLY C 912 21.54 31.62 -23.59
CA GLY C 912 21.50 30.51 -24.51
C GLY C 912 22.24 29.28 -24.05
N THR C 913 22.47 29.14 -22.74
CA THR C 913 23.19 28.00 -22.20
C THR C 913 22.27 26.99 -21.54
N ALA C 914 20.99 27.30 -21.38
CA ALA C 914 20.02 26.39 -20.78
C ALA C 914 18.75 26.39 -21.62
N PHE C 915 18.14 25.22 -21.75
CA PHE C 915 16.90 25.08 -22.50
C PHE C 915 16.01 24.06 -21.80
N ALA C 916 14.71 24.33 -21.76
CA ALA C 916 13.73 23.43 -21.19
C ALA C 916 12.52 23.36 -22.09
N VAL C 917 11.81 22.24 -22.04
CA VAL C 917 10.61 22.07 -22.86
C VAL C 917 9.47 22.94 -22.36
N SER C 918 9.54 23.42 -21.12
CA SER C 918 8.46 24.22 -20.57
C SER C 918 8.23 25.49 -21.37
N VAL C 919 9.31 26.13 -21.82
CA VAL C 919 9.19 27.35 -22.62
C VAL C 919 8.49 27.07 -23.94
N LEU C 920 8.43 25.80 -24.36
CA LEU C 920 7.71 25.44 -25.57
C LEU C 920 6.19 25.38 -25.36
N ASP C 921 5.74 25.36 -24.10
CA ASP C 921 4.30 25.31 -23.83
C ASP C 921 3.56 26.52 -24.36
N SER C 922 4.28 27.62 -24.61
CA SER C 922 3.68 28.81 -25.20
C SER C 922 3.28 28.61 -26.66
N LEU C 923 3.69 27.50 -27.27
CA LEU C 923 3.44 27.32 -28.70
C LEU C 923 1.95 27.20 -29.01
N MET C 924 1.21 26.48 -28.17
CA MET C 924 -0.23 26.27 -28.40
C MET C 924 -0.97 27.54 -28.82
N SER C 925 -0.94 28.57 -27.97
CA SER C 925 -1.61 29.82 -28.33
C SER C 925 -1.08 30.36 -29.64
N ALA C 926 0.25 30.43 -29.76
CA ALA C 926 0.85 30.86 -31.03
C ALA C 926 0.48 29.92 -32.17
N THR C 927 0.31 28.63 -31.87
CA THR C 927 -0.10 27.68 -32.90
C THR C 927 -1.59 27.85 -33.23
N TYR C 928 -2.38 28.40 -32.31
CA TYR C 928 -3.81 28.54 -32.56
C TYR C 928 -4.12 29.82 -33.34
N PHE C 929 -3.60 30.95 -32.87
CA PHE C 929 -3.93 32.23 -33.49
C PHE C 929 -3.36 32.38 -34.89
N ASN C 930 -2.39 31.54 -35.25
CA ASN C 930 -1.83 31.55 -36.61
C ASN C 930 -1.38 30.13 -36.93
N ASP C 931 -2.10 29.47 -37.84
CA ASP C 931 -1.84 28.07 -38.14
C ASP C 931 -0.51 27.85 -38.85
N ASN C 932 0.04 28.88 -39.48
CA ASN C 932 1.29 28.77 -40.21
C ASN C 932 2.52 28.97 -39.33
N ILE C 933 2.32 29.21 -38.03
CA ILE C 933 3.46 29.42 -37.14
C ILE C 933 4.28 28.15 -36.99
N LEU C 934 3.62 27.01 -36.85
CA LEU C 934 4.36 25.75 -36.66
C LEU C 934 5.20 25.41 -37.87
N THR C 935 4.64 25.56 -39.08
CA THR C 935 5.42 25.26 -40.27
C THR C 935 6.52 26.30 -40.50
N LEU C 936 6.29 27.55 -40.11
CA LEU C 936 7.35 28.55 -40.15
C LEU C 936 8.49 28.16 -39.22
N ILE C 937 8.16 27.68 -38.02
CA ILE C 937 9.19 27.23 -37.08
C ILE C 937 9.93 26.03 -37.64
N ARG C 938 9.22 25.11 -38.28
CA ARG C 938 9.87 23.93 -38.83
C ARG C 938 10.75 24.26 -40.03
N THR C 939 10.40 25.29 -40.79
CA THR C 939 11.20 25.68 -41.95
C THR C 939 12.31 26.66 -41.61
N LEU C 940 12.24 27.32 -40.45
CA LEU C 940 13.31 28.20 -39.99
C LEU C 940 14.26 27.51 -39.02
N VAL C 941 13.82 26.43 -38.38
CA VAL C 941 14.60 25.73 -37.37
C VAL C 941 15.17 24.43 -37.92
N THR C 942 14.32 23.56 -38.46
CA THR C 942 14.79 22.31 -39.05
C THR C 942 15.43 22.51 -40.41
N GLY C 943 15.21 23.66 -41.05
CA GLY C 943 15.88 23.98 -42.29
C GLY C 943 15.09 23.67 -43.55
N GLY C 944 13.78 23.93 -43.52
CA GLY C 944 12.96 23.74 -44.70
C GLY C 944 12.33 22.36 -44.80
N ALA C 945 11.61 21.95 -43.75
CA ALA C 945 10.94 20.66 -43.75
C ALA C 945 9.69 20.70 -44.63
N THR C 946 9.87 20.47 -45.93
CA THR C 946 8.75 20.52 -46.86
C THR C 946 7.81 19.33 -46.64
N PRO C 947 6.51 19.51 -46.92
CA PRO C 947 5.57 18.39 -46.74
C PRO C 947 5.85 17.21 -47.65
N GLU C 948 6.56 17.38 -48.77
CA GLU C 948 6.96 16.22 -49.57
C GLU C 948 7.89 15.32 -48.78
N LEU C 949 8.84 15.91 -48.05
CA LEU C 949 9.75 15.12 -47.22
C LEU C 949 8.99 14.42 -46.10
N GLU C 950 8.00 15.10 -45.51
CA GLU C 950 7.19 14.47 -44.46
C GLU C 950 6.38 13.31 -45.03
N ALA C 951 5.84 13.47 -46.24
CA ALA C 951 5.12 12.36 -46.88
C ALA C 951 6.05 11.19 -47.14
N LEU C 952 7.26 11.46 -47.62
CA LEU C 952 8.23 10.39 -47.85
C LEU C 952 8.59 9.67 -46.55
N ILE C 953 8.79 10.44 -45.48
CA ILE C 953 9.13 9.83 -44.18
C ILE C 953 7.97 8.98 -43.67
N ALA C 954 6.74 9.49 -43.80
CA ALA C 954 5.58 8.73 -43.35
C ALA C 954 5.40 7.45 -44.18
N GLU C 955 5.76 7.52 -45.46
CA GLU C 955 5.63 6.34 -46.31
C GLU C 955 6.70 5.30 -45.98
N GLU C 956 7.93 5.74 -45.72
CA GLU C 956 9.04 4.81 -45.53
C GLU C 956 9.43 4.58 -44.09
N ASN C 957 8.98 5.43 -43.16
CA ASN C 957 9.36 5.40 -41.75
C ASN C 957 10.86 5.61 -41.52
N ALA C 958 11.60 5.95 -42.57
CA ALA C 958 13.03 6.20 -42.48
C ALA C 958 13.47 6.89 -43.76
N LEU C 959 14.74 7.28 -43.80
CA LEU C 959 15.33 7.93 -44.95
C LEU C 959 16.25 6.95 -45.68
N ARG C 960 16.05 6.83 -46.99
CA ARG C 960 16.82 5.92 -47.82
C ARG C 960 17.62 6.70 -48.85
N GLY C 961 18.56 6.01 -49.49
CA GLY C 961 19.40 6.64 -50.48
C GLY C 961 18.71 6.82 -51.82
N GLY C 962 19.35 7.60 -52.68
CA GLY C 962 18.82 7.85 -54.00
C GLY C 962 19.84 8.54 -54.87
N TYR C 963 19.64 8.43 -56.18
CA TYR C 963 20.55 9.03 -57.14
C TYR C 963 20.30 10.54 -57.26
N SER C 964 21.33 11.25 -57.70
CA SER C 964 21.27 12.70 -57.78
C SER C 964 20.33 13.16 -58.91
N THR C 965 19.75 14.34 -58.71
CA THR C 965 18.90 14.98 -59.71
C THR C 965 19.35 16.43 -59.85
N PRO C 966 19.55 16.91 -61.08
CA PRO C 966 19.99 18.31 -61.25
C PRO C 966 18.99 19.33 -60.75
N GLN C 967 17.72 18.96 -60.55
CA GLN C 967 16.69 19.89 -60.12
C GLN C 967 16.86 20.35 -58.68
N THR C 968 17.78 19.75 -57.92
CA THR C 968 17.96 20.05 -56.50
C THR C 968 18.96 21.19 -56.27
N LEU C 969 19.12 22.09 -57.23
CA LEU C 969 20.08 23.19 -57.10
C LEU C 969 19.48 24.56 -57.35
N ALA C 970 18.16 24.68 -57.45
CA ALA C 970 17.53 25.96 -57.73
C ALA C 970 16.69 26.50 -56.59
N ASN C 971 16.18 25.63 -55.72
CA ASN C 971 15.32 26.04 -54.61
C ASN C 971 16.08 26.17 -53.30
N ARG C 972 17.41 26.08 -53.33
CA ARG C 972 18.23 26.12 -52.14
C ARG C 972 18.71 27.52 -51.79
N ASP C 973 18.34 28.53 -52.58
CA ASP C 973 18.72 29.91 -52.32
C ASP C 973 17.73 30.51 -51.33
N ARG C 974 18.17 30.66 -50.08
CA ARG C 974 17.34 31.19 -49.02
C ARG C 974 18.20 32.10 -48.16
N CYS C 975 17.67 32.48 -47.00
CA CYS C 975 18.39 33.31 -46.03
C CYS C 975 18.77 32.46 -44.84
N ARG C 976 20.07 32.36 -44.57
CA ARG C 976 20.58 31.62 -43.44
C ARG C 976 20.65 32.52 -42.20
N VAL C 977 20.43 31.92 -41.04
CA VAL C 977 20.51 32.64 -39.77
C VAL C 977 21.86 32.35 -39.14
N ALA C 978 22.52 33.41 -38.66
CA ALA C 978 23.83 33.29 -38.03
C ALA C 978 24.04 34.52 -37.15
N GLN C 979 25.27 34.73 -36.70
CA GLN C 979 25.63 35.90 -35.92
C GLN C 979 26.90 36.51 -36.49
N LEU C 980 26.99 37.83 -36.41
CA LEU C 980 28.14 38.56 -36.91
C LEU C 980 28.64 39.54 -35.86
N ALA C 981 29.94 39.83 -35.91
CA ALA C 981 30.63 40.64 -34.92
C ALA C 981 30.80 42.07 -35.42
N LEU C 982 30.60 43.02 -34.51
CA LEU C 982 30.77 44.44 -34.80
C LEU C 982 32.13 44.97 -34.36
N LEU C 983 32.99 44.12 -33.80
CA LEU C 983 34.29 44.58 -33.36
C LEU C 983 35.17 45.00 -34.53
N ASP C 984 35.14 44.24 -35.62
CA ASP C 984 35.96 44.50 -36.79
C ASP C 984 35.07 44.63 -38.02
N GLY C 985 35.72 44.74 -39.17
CA GLY C 985 35.02 44.84 -40.43
C GLY C 985 34.39 46.20 -40.66
N PRO C 986 33.46 46.27 -41.60
CA PRO C 986 32.83 47.57 -41.93
C PRO C 986 31.80 48.02 -40.92
N PHE C 987 31.50 47.23 -39.90
CA PHE C 987 30.58 47.61 -38.84
C PHE C 987 31.27 48.26 -37.66
N ALA C 988 32.61 48.32 -37.65
CA ALA C 988 33.33 48.87 -36.51
C ALA C 988 33.14 50.38 -36.40
N ASP C 989 33.16 51.08 -37.54
CA ASP C 989 33.03 52.54 -37.51
C ASP C 989 31.68 52.96 -36.96
N LEU C 990 30.61 52.28 -37.37
CA LEU C 990 29.28 52.56 -36.84
C LEU C 990 29.03 51.91 -35.49
N GLY C 991 29.91 50.99 -35.06
CA GLY C 991 29.77 50.35 -33.78
C GLY C 991 30.51 51.00 -32.63
N ASP C 992 31.39 51.96 -32.92
CA ASP C 992 32.17 52.65 -31.89
C ASP C 992 31.34 53.83 -31.37
N GLY C 993 30.40 53.51 -30.49
CA GLY C 993 29.54 54.51 -29.90
C GLY C 993 28.33 54.90 -30.72
N GLY C 994 28.12 54.27 -31.88
CA GLY C 994 26.97 54.60 -32.70
C GLY C 994 25.69 54.00 -32.19
N CYS C 995 24.60 54.27 -32.90
CA CYS C 995 23.29 53.76 -32.53
C CYS C 995 22.96 52.50 -33.35
N TYR C 996 22.07 51.69 -32.80
CA TYR C 996 21.68 50.45 -33.47
C TYR C 996 20.98 50.73 -34.80
N GLY C 997 20.14 51.75 -34.84
CA GLY C 997 19.34 52.00 -36.03
C GLY C 997 20.17 52.30 -37.26
N ASP C 998 21.21 53.12 -37.11
CA ASP C 998 22.05 53.46 -38.25
C ASP C 998 22.74 52.22 -38.81
N LEU C 999 23.30 51.38 -37.94
CA LEU C 999 23.98 50.17 -38.40
C LEU C 999 22.99 49.22 -39.04
N PHE C 1000 21.80 49.06 -38.45
CA PHE C 1000 20.80 48.18 -39.04
C PHE C 1000 20.39 48.67 -40.42
N CYS C 1001 20.14 49.97 -40.57
CA CYS C 1001 19.74 50.51 -41.86
C CYS C 1001 20.84 50.35 -42.90
N LYS C 1002 22.09 50.64 -42.52
CA LYS C 1002 23.20 50.50 -43.46
C LYS C 1002 23.37 49.05 -43.89
N ALA C 1003 23.30 48.11 -42.93
CA ALA C 1003 23.43 46.70 -43.27
C ALA C 1003 22.30 46.24 -44.18
N LEU C 1004 21.07 46.67 -43.89
CA LEU C 1004 19.93 46.31 -44.74
C LEU C 1004 20.12 46.85 -46.16
N LYS C 1005 20.57 48.11 -46.27
CA LYS C 1005 20.76 48.70 -47.59
C LYS C 1005 21.86 47.99 -48.37
N THR C 1006 22.95 47.60 -47.70
CA THR C 1006 24.13 47.14 -48.41
C THR C 1006 24.17 45.62 -48.59
N TYR C 1007 24.13 44.87 -47.48
CA TYR C 1007 24.34 43.43 -47.51
C TYR C 1007 23.04 42.63 -47.45
N ASN C 1008 21.90 43.28 -47.72
CA ASN C 1008 20.60 42.62 -47.63
C ASN C 1008 20.40 42.01 -46.25
N MET C 1009 20.88 42.70 -45.23
CA MET C 1009 20.91 42.22 -43.87
C MET C 1009 19.55 42.39 -43.20
N LEU C 1010 19.40 41.73 -42.05
CA LEU C 1010 18.20 41.88 -41.24
C LEU C 1010 18.58 41.58 -39.79
N CYS C 1011 18.76 42.62 -38.99
CA CYS C 1011 19.12 42.49 -37.58
C CYS C 1011 17.84 42.53 -36.75
N PHE C 1012 17.57 41.46 -36.02
CA PHE C 1012 16.40 41.37 -35.15
C PHE C 1012 16.78 41.29 -33.68
N GLY C 1013 18.06 41.42 -33.35
CA GLY C 1013 18.49 41.36 -31.96
C GLY C 1013 19.98 41.59 -31.85
N ILE C 1014 20.40 41.80 -30.61
CA ILE C 1014 21.80 42.03 -30.27
C ILE C 1014 22.24 40.99 -29.26
N TYR C 1015 23.35 40.31 -29.55
CA TYR C 1015 23.96 39.35 -28.63
C TYR C 1015 25.08 40.08 -27.90
N ARG C 1016 24.73 40.70 -26.78
CA ARG C 1016 25.59 41.65 -26.10
C ARG C 1016 26.19 41.02 -24.84
N LEU C 1017 27.49 41.21 -24.65
CA LEU C 1017 28.17 40.70 -23.48
C LEU C 1017 27.58 41.31 -22.22
N ARG C 1018 27.44 40.48 -21.17
CA ARG C 1018 26.76 40.93 -19.95
C ARG C 1018 27.49 42.10 -19.31
N ASP C 1019 28.83 42.09 -19.36
CA ASP C 1019 29.64 43.15 -18.77
C ASP C 1019 30.07 44.19 -19.79
N ALA C 1020 29.58 44.11 -21.03
CA ALA C 1020 29.94 45.10 -22.04
C ALA C 1020 29.44 46.49 -21.65
N HIS C 1021 28.23 46.57 -21.10
CA HIS C 1021 27.69 47.86 -20.70
C HIS C 1021 28.34 48.38 -19.42
N LEU C 1022 28.98 47.51 -18.64
CA LEU C 1022 29.63 47.93 -17.41
C LEU C 1022 30.94 48.66 -17.73
N SER C 1023 31.23 49.69 -16.93
CA SER C 1023 32.45 50.46 -17.14
C SER C 1023 33.70 49.62 -16.85
N THR C 1024 33.66 48.81 -15.80
CA THR C 1024 34.82 48.00 -15.43
C THR C 1024 35.00 46.88 -16.45
N PRO C 1025 36.19 46.73 -17.04
CA PRO C 1025 36.42 45.66 -18.02
C PRO C 1025 36.71 44.35 -17.31
N SER C 1026 35.82 43.39 -17.47
CA SER C 1026 35.94 42.08 -16.83
C SER C 1026 36.40 41.03 -17.84
N GLN C 1027 36.65 39.83 -17.34
CA GLN C 1027 37.06 38.71 -18.16
C GLN C 1027 35.89 37.84 -18.61
N CYS C 1028 34.66 38.27 -18.31
CA CYS C 1028 33.49 37.49 -18.67
C CYS C 1028 33.34 37.40 -20.19
N THR C 1029 32.79 36.28 -20.65
CA THR C 1029 32.59 36.02 -22.06
C THR C 1029 31.14 35.83 -22.46
N LYS C 1030 30.32 35.24 -21.60
CA LYS C 1030 28.93 34.93 -21.94
C LYS C 1030 28.15 36.21 -22.24
N ARG C 1031 27.22 36.10 -23.19
CA ARG C 1031 26.42 37.22 -23.66
C ARG C 1031 24.96 36.88 -23.59
N TYR C 1032 24.12 37.90 -23.44
CA TYR C 1032 22.68 37.78 -23.44
C TYR C 1032 22.09 38.33 -24.73
N VAL C 1033 20.78 38.18 -24.87
CA VAL C 1033 20.06 38.55 -26.09
C VAL C 1033 19.10 39.69 -25.79
N ILE C 1034 19.19 40.76 -26.57
CA ILE C 1034 18.20 41.84 -26.56
C ILE C 1034 17.46 41.78 -27.88
N THR C 1035 16.14 41.61 -27.81
CA THR C 1035 15.33 41.39 -29.00
C THR C 1035 14.73 42.69 -29.51
N ASN C 1036 14.94 42.98 -30.79
CA ASN C 1036 14.39 44.14 -31.47
C ASN C 1036 14.73 45.44 -30.74
N PRO C 1037 16.00 45.85 -30.69
CA PRO C 1037 16.34 47.11 -30.04
C PRO C 1037 15.85 48.29 -30.86
N PRO C 1038 15.55 49.42 -30.22
CA PRO C 1038 15.04 50.58 -30.96
C PRO C 1038 16.12 51.21 -31.82
N TYR C 1039 15.68 52.18 -32.63
CA TYR C 1039 16.60 52.89 -33.51
C TYR C 1039 17.65 53.66 -32.72
N GLU C 1040 17.24 54.32 -31.64
CA GLU C 1040 18.13 55.13 -30.83
C GLU C 1040 18.86 54.33 -29.75
N PHE C 1041 18.85 53.00 -29.85
CA PHE C 1041 19.53 52.18 -28.86
C PHE C 1041 21.04 52.33 -28.99
N GLU C 1042 21.70 52.60 -27.87
CA GLU C 1042 23.15 52.74 -27.87
C GLU C 1042 23.81 51.39 -28.14
N LEU C 1043 24.86 51.41 -28.96
CA LEU C 1043 25.53 50.19 -29.41
C LEU C 1043 26.94 50.15 -28.86
N VAL C 1044 27.40 48.94 -28.54
CA VAL C 1044 28.73 48.69 -27.97
C VAL C 1044 29.56 47.97 -29.02
N PRO C 1045 30.81 48.36 -29.25
CA PRO C 1045 31.58 47.72 -30.34
C PRO C 1045 31.77 46.22 -30.18
N THR C 1046 31.77 45.71 -28.95
CA THR C 1046 31.96 44.29 -28.71
C THR C 1046 30.66 43.49 -28.76
N ASP C 1047 29.64 44.01 -29.44
CA ASP C 1047 28.35 43.33 -29.54
C ASP C 1047 28.32 42.41 -30.75
N LEU C 1048 27.53 41.35 -30.63
CA LEU C 1048 27.20 40.45 -31.73
C LEU C 1048 25.75 40.69 -32.13
N ILE C 1049 25.47 40.60 -33.42
CA ILE C 1049 24.10 40.79 -33.92
C ILE C 1049 23.68 39.55 -34.69
N PHE C 1050 22.38 39.31 -34.73
CA PHE C 1050 21.84 38.16 -35.46
C PHE C 1050 21.51 38.56 -36.89
N CYS C 1051 21.90 37.71 -37.83
CA CYS C 1051 21.93 38.05 -39.24
C CYS C 1051 21.22 36.99 -40.07
N LEU C 1052 20.56 37.46 -41.14
CA LEU C 1052 19.99 36.59 -42.16
C LEU C 1052 20.66 36.95 -43.49
N MET C 1053 21.33 35.96 -44.08
CA MET C 1053 22.18 36.17 -45.25
C MET C 1053 21.70 35.34 -46.43
N GLN C 1054 22.39 35.53 -47.55
CA GLN C 1054 22.09 34.81 -48.79
C GLN C 1054 23.00 33.59 -48.92
N PHE C 1055 23.00 32.96 -50.09
CA PHE C 1055 23.76 31.73 -50.30
C PHE C 1055 24.36 31.74 -51.71
N ASP C 1056 25.50 31.07 -51.86
CA ASP C 1056 26.16 30.87 -53.14
C ASP C 1056 26.43 29.38 -53.34
N HIS C 1057 26.17 28.89 -54.55
CA HIS C 1057 26.19 27.45 -54.81
C HIS C 1057 27.53 26.93 -55.29
N ASN C 1058 28.55 27.78 -55.44
CA ASN C 1058 29.84 27.37 -55.96
C ASN C 1058 30.96 27.68 -54.96
N ALA C 1059 30.73 27.36 -53.69
CA ALA C 1059 31.73 27.54 -52.65
C ALA C 1059 32.43 26.24 -52.27
N GLY C 1060 31.95 25.10 -52.76
CA GLY C 1060 32.55 23.82 -52.43
C GLY C 1060 33.76 23.48 -53.29
N GLN D 19 -23.85 4.92 66.55
CA GLN D 19 -24.96 4.06 66.13
C GLN D 19 -24.69 3.49 64.74
N ARG D 20 -23.77 4.11 64.01
CA ARG D 20 -23.40 3.68 62.67
C ARG D 20 -22.14 2.83 62.76
N MET D 21 -22.18 1.66 62.09
CA MET D 21 -21.16 0.64 62.19
C MET D 21 -20.62 0.24 60.83
N TRP D 22 -20.19 1.20 60.00
CA TRP D 22 -19.67 0.87 58.69
C TRP D 22 -18.16 0.75 58.68
N TRP D 23 -17.48 1.48 59.56
CA TRP D 23 -16.03 1.37 59.64
C TRP D 23 -15.58 -0.03 60.02
N ALA D 24 -16.40 -0.78 60.77
CA ALA D 24 -16.04 -2.15 61.11
C ALA D 24 -15.91 -3.02 59.87
N PHE D 25 -16.99 -3.09 59.07
CA PHE D 25 -16.96 -3.93 57.87
C PHE D 25 -15.92 -3.42 56.88
N LEU D 26 -15.79 -2.10 56.76
CA LEU D 26 -14.75 -1.54 55.90
C LEU D 26 -13.37 -1.99 56.35
N ALA D 27 -13.09 -1.88 57.65
CA ALA D 27 -11.73 -2.03 58.14
C ALA D 27 -11.32 -3.49 58.30
N SER D 28 -12.27 -4.40 58.46
CA SER D 28 -11.90 -5.82 58.45
C SER D 28 -11.22 -6.18 57.12
N SER D 29 -11.91 -5.91 56.01
CA SER D 29 -11.31 -6.14 54.69
C SER D 29 -10.11 -5.24 54.46
N MET D 30 -10.17 -4.00 54.96
CA MET D 30 -9.10 -3.05 54.69
C MET D 30 -7.80 -3.53 55.31
N VAL D 31 -7.82 -3.84 56.61
CA VAL D 31 -6.67 -4.40 57.29
C VAL D 31 -6.32 -5.79 56.79
N THR D 32 -7.27 -6.55 56.24
CA THR D 32 -6.89 -7.81 55.60
C THR D 32 -5.95 -7.56 54.43
N PHE D 33 -6.35 -6.67 53.51
CA PHE D 33 -5.54 -6.39 52.34
C PHE D 33 -4.20 -5.76 52.74
N PHE D 34 -4.23 -4.80 53.67
CA PHE D 34 -3.00 -4.18 54.13
C PHE D 34 -2.09 -5.17 54.85
N GLY D 35 -2.60 -5.99 55.76
CA GLY D 35 -1.77 -6.98 56.41
C GLY D 35 -1.17 -7.97 55.44
N GLY D 36 -1.92 -8.34 54.40
CA GLY D 36 -1.36 -9.21 53.38
C GLY D 36 -0.20 -8.58 52.65
N LEU D 37 -0.38 -7.34 52.19
CA LEU D 37 0.73 -6.65 51.52
C LEU D 37 1.90 -6.46 52.47
N PHE D 38 1.61 -6.15 53.74
CA PHE D 38 2.67 -5.90 54.71
C PHE D 38 3.49 -7.16 54.94
N ILE D 39 2.81 -8.30 55.13
CA ILE D 39 3.51 -9.57 55.34
C ILE D 39 4.34 -9.93 54.11
N ILE D 40 3.79 -9.71 52.91
CA ILE D 40 4.55 -10.02 51.70
C ILE D 40 5.81 -9.16 51.62
N LEU D 41 5.67 -7.84 51.82
CA LEU D 41 6.84 -7.00 51.73
C LEU D 41 7.81 -7.30 52.87
N LEU D 42 7.29 -7.78 54.00
CA LEU D 42 8.16 -8.10 55.13
C LEU D 42 9.00 -9.33 54.82
N TRP D 43 8.38 -10.34 54.23
CA TRP D 43 9.13 -11.51 53.78
C TRP D 43 10.18 -11.11 52.74
N ARG D 44 9.82 -10.24 51.80
CA ARG D 44 10.78 -9.81 50.80
C ARG D 44 11.95 -9.04 51.42
N THR D 45 11.66 -8.13 52.35
CA THR D 45 12.73 -7.37 53.00
C THR D 45 13.60 -8.28 53.87
N LEU D 46 13.00 -9.31 54.47
CA LEU D 46 13.78 -10.26 55.27
C LEU D 46 14.73 -11.06 54.37
N LYS D 47 14.23 -11.56 53.24
CA LYS D 47 15.11 -12.18 52.25
C LYS D 47 16.22 -11.22 51.84
N TYR D 48 15.89 -9.95 51.62
CA TYR D 48 16.88 -9.00 51.13
C TYR D 48 17.98 -8.78 52.16
N LEU D 49 17.60 -8.49 53.42
CA LEU D 49 18.58 -8.30 54.48
C LEU D 49 19.40 -9.56 54.71
N TRP D 50 18.77 -10.73 54.63
CA TRP D 50 19.48 -11.98 54.86
C TRP D 50 20.51 -12.23 53.76
N THR D 51 20.15 -11.92 52.52
CA THR D 51 21.10 -12.06 51.42
C THR D 51 22.25 -11.08 51.55
N VAL D 52 21.96 -9.84 51.95
CA VAL D 52 23.00 -8.82 52.04
C VAL D 52 23.98 -9.14 53.17
N CYS D 53 23.45 -9.47 54.36
CA CYS D 53 24.33 -9.75 55.49
C CYS D 53 24.90 -11.15 55.43
N CYS D 54 24.29 -12.02 54.61
CA CYS D 54 24.64 -13.43 54.56
C CYS D 54 24.13 -14.02 53.26
N ALA D 89 16.66 -36.01 41.65
CA ALA D 89 15.85 -34.95 41.07
C ALA D 89 14.37 -35.17 41.38
N GLU D 90 13.99 -34.95 42.63
CA GLU D 90 12.62 -35.11 43.09
C GLU D 90 12.03 -33.75 43.46
N VAL D 91 10.86 -33.45 42.91
CA VAL D 91 10.20 -32.18 43.20
C VAL D 91 9.69 -32.19 44.63
N GLY D 92 9.46 -31.00 45.19
CA GLY D 92 9.07 -30.88 46.57
C GLY D 92 7.58 -31.01 46.79
N TRP D 93 7.23 -31.09 48.08
CA TRP D 93 5.82 -31.14 48.46
C TRP D 93 5.10 -29.83 48.13
N MET D 94 5.76 -28.69 48.37
CA MET D 94 5.26 -27.40 47.90
C MET D 94 5.04 -27.40 46.39
N THR D 95 6.03 -27.89 45.63
CA THR D 95 5.89 -27.90 44.18
C THR D 95 4.74 -28.79 43.73
N SER D 96 4.61 -29.97 44.34
CA SER D 96 3.52 -30.87 43.99
C SER D 96 2.16 -30.27 44.33
N VAL D 97 2.04 -29.63 45.49
CA VAL D 97 0.76 -29.01 45.87
C VAL D 97 0.44 -27.86 44.95
N LYS D 98 1.45 -27.07 44.56
CA LYS D 98 1.22 -25.98 43.62
C LYS D 98 0.75 -26.49 42.27
N ASP D 99 1.38 -27.57 41.79
CA ASP D 99 0.93 -28.17 40.53
C ASP D 99 -0.48 -28.70 40.63
N TRP D 100 -0.82 -29.33 41.76
CA TRP D 100 -2.18 -29.80 41.99
C TRP D 100 -3.20 -28.66 41.94
N ALA D 101 -2.90 -27.56 42.64
CA ALA D 101 -3.81 -26.42 42.65
C ALA D 101 -3.93 -25.81 41.27
N GLY D 102 -2.82 -25.69 40.54
CA GLY D 102 -2.89 -25.14 39.20
C GLY D 102 -3.68 -26.02 38.25
N VAL D 103 -3.53 -27.33 38.37
CA VAL D 103 -4.31 -28.25 37.54
C VAL D 103 -5.79 -28.13 37.86
N MET D 104 -6.13 -28.03 39.14
CA MET D 104 -7.53 -27.91 39.53
C MET D 104 -8.16 -26.59 39.07
N ILE D 105 -7.48 -25.46 39.26
CA ILE D 105 -8.08 -24.18 38.87
C ILE D 105 -8.11 -23.99 37.36
N SER D 106 -7.36 -24.79 36.60
CA SER D 106 -7.35 -24.70 35.15
C SER D 106 -8.31 -25.68 34.49
N ALA D 107 -9.09 -26.41 35.28
CA ALA D 107 -10.10 -27.34 34.79
C ALA D 107 -9.50 -28.39 33.85
N GLN D 108 -8.34 -28.93 34.22
CA GLN D 108 -7.71 -29.99 33.46
C GLN D 108 -8.18 -31.38 33.85
N THR D 109 -8.98 -31.50 34.91
CA THR D 109 -9.55 -32.77 35.34
C THR D 109 -11.05 -32.58 35.55
N LEU D 110 -11.73 -33.69 35.85
CA LEU D 110 -13.16 -33.62 36.10
C LEU D 110 -13.48 -32.76 37.31
N THR D 111 -12.72 -32.94 38.39
CA THR D 111 -12.93 -32.11 39.57
C THR D 111 -12.65 -30.64 39.29
N GLY D 112 -11.62 -30.36 38.47
CA GLY D 112 -11.35 -28.98 38.09
C GLY D 112 -12.47 -28.37 37.27
N ARG D 113 -13.02 -29.13 36.32
CA ARG D 113 -14.15 -28.63 35.53
C ARG D 113 -15.36 -28.38 36.41
N VAL D 114 -15.63 -29.28 37.36
CA VAL D 114 -16.75 -29.07 38.28
C VAL D 114 -16.52 -27.82 39.12
N LEU D 115 -15.29 -27.62 39.60
CA LEU D 115 -14.97 -26.44 40.39
C LEU D 115 -15.16 -25.16 39.58
N VAL D 116 -14.73 -25.17 38.32
CA VAL D 116 -14.86 -23.98 37.48
C VAL D 116 -16.32 -23.68 37.20
N VAL D 117 -17.13 -24.70 36.90
CA VAL D 117 -18.55 -24.49 36.67
C VAL D 117 -19.22 -23.96 37.93
N LEU D 118 -18.83 -24.50 39.10
CA LEU D 118 -19.38 -24.00 40.35
C LEU D 118 -18.98 -22.55 40.60
N VAL D 119 -17.75 -22.18 40.22
CA VAL D 119 -17.31 -20.80 40.37
C VAL D 119 -18.18 -19.88 39.53
N PHE D 120 -18.43 -20.26 38.27
CA PHE D 120 -19.29 -19.49 37.39
C PHE D 120 -20.69 -19.33 38.01
N ALA D 121 -21.30 -20.46 38.39
CA ALA D 121 -22.67 -20.44 38.90
C ALA D 121 -22.78 -19.64 40.18
N LEU D 122 -21.80 -19.78 41.07
CA LEU D 122 -21.85 -19.10 42.36
C LEU D 122 -21.53 -17.62 42.24
N SER D 123 -20.70 -17.23 41.27
CA SER D 123 -20.53 -15.81 40.98
C SER D 123 -21.84 -15.19 40.52
N ILE D 124 -22.55 -15.87 39.62
CA ILE D 124 -23.85 -15.39 39.18
C ILE D 124 -24.82 -15.33 40.36
N GLY D 125 -24.81 -16.36 41.21
CA GLY D 125 -25.71 -16.38 42.35
C GLY D 125 -25.43 -15.29 43.36
N ALA D 126 -24.15 -15.00 43.61
CA ALA D 126 -23.79 -13.92 44.52
C ALA D 126 -24.21 -12.58 43.95
N LEU D 127 -24.05 -12.39 42.63
CA LEU D 127 -24.52 -11.15 42.02
C LEU D 127 -26.03 -11.02 42.15
N VAL D 128 -26.77 -12.11 41.96
CA VAL D 128 -28.23 -12.06 42.11
C VAL D 128 -28.61 -11.77 43.57
N ILE D 129 -27.88 -12.34 44.52
CA ILE D 129 -28.14 -12.09 45.93
C ILE D 129 -27.91 -10.61 46.25
N TYR D 130 -26.84 -10.03 45.69
CA TYR D 130 -26.61 -8.61 45.88
C TYR D 130 -27.74 -7.78 45.27
N PHE D 131 -28.22 -8.18 44.09
CA PHE D 131 -29.34 -7.47 43.48
C PHE D 131 -30.56 -7.51 44.37
N ILE D 132 -30.85 -8.68 44.97
CA ILE D 132 -32.00 -8.81 45.86
C ILE D 132 -31.82 -7.96 47.11
N ASP D 133 -30.62 -7.97 47.70
CA ASP D 133 -30.36 -7.25 48.94
C ASP D 133 -30.21 -5.75 48.76
N SER D 134 -30.01 -5.27 47.53
CA SER D 134 -29.88 -3.84 47.30
C SER D 134 -31.13 -3.08 47.72
N SER D 135 -32.29 -3.71 47.64
CA SER D 135 -33.53 -3.05 48.04
C SER D 135 -33.62 -2.83 49.54
N ASN D 136 -32.86 -3.58 50.33
CA ASN D 136 -32.89 -3.44 51.77
C ASN D 136 -32.23 -2.13 52.19
N PRO D 137 -32.53 -1.64 53.40
CA PRO D 137 -31.86 -0.42 53.87
C PRO D 137 -30.35 -0.58 53.94
N ILE D 138 -29.67 0.57 53.98
CA ILE D 138 -28.20 0.56 53.95
C ILE D 138 -27.65 -0.20 55.16
N GLU D 139 -28.18 0.09 56.34
CA GLU D 139 -27.79 -0.61 57.55
C GLU D 139 -29.05 -1.14 58.23
N SER D 140 -29.06 -2.45 58.52
CA SER D 140 -30.22 -3.10 59.12
C SER D 140 -29.73 -4.21 60.03
N CYS D 141 -30.67 -4.98 60.58
CA CYS D 141 -30.36 -6.07 61.48
C CYS D 141 -30.64 -7.41 60.80
N GLN D 142 -29.78 -8.39 61.05
CA GLN D 142 -29.92 -9.71 60.49
C GLN D 142 -29.97 -10.75 61.62
N ASN D 143 -30.52 -11.92 61.28
CA ASN D 143 -30.75 -12.97 62.27
C ASN D 143 -29.85 -14.19 62.09
N PHE D 144 -29.57 -14.58 60.85
CA PHE D 144 -28.78 -15.75 60.45
C PHE D 144 -29.49 -17.07 60.76
N TYR D 145 -30.64 -17.05 61.40
CA TYR D 145 -31.35 -18.28 61.75
C TYR D 145 -32.76 -18.34 61.20
N LYS D 146 -33.19 -17.32 60.46
CA LYS D 146 -34.52 -17.33 59.85
C LYS D 146 -34.50 -16.93 58.38
N ASP D 147 -33.45 -16.26 57.91
CA ASP D 147 -33.36 -15.82 56.52
C ASP D 147 -32.47 -16.79 55.75
N PHE D 148 -33.04 -17.38 54.70
CA PHE D 148 -32.30 -18.35 53.89
C PHE D 148 -31.26 -17.66 53.01
N THR D 149 -31.52 -16.41 52.62
CA THR D 149 -30.61 -15.69 51.73
C THR D 149 -29.25 -15.50 52.39
N LEU D 150 -29.23 -15.17 53.68
CA LEU D 150 -27.96 -14.99 54.38
C LEU D 150 -27.16 -16.29 54.45
N GLN D 151 -27.83 -17.41 54.70
CA GLN D 151 -27.14 -18.70 54.74
C GLN D 151 -26.59 -19.06 53.36
N ILE D 152 -27.35 -18.80 52.31
CA ILE D 152 -26.86 -19.05 50.95
C ILE D 152 -25.65 -18.17 50.66
N ASP D 153 -25.70 -16.91 51.10
CA ASP D 153 -24.57 -16.00 50.90
C ASP D 153 -23.34 -16.50 51.65
N MET D 154 -23.52 -17.02 52.86
CA MET D 154 -22.38 -17.57 53.60
C MET D 154 -21.80 -18.79 52.91
N ALA D 155 -22.66 -19.67 52.39
CA ALA D 155 -22.14 -20.81 51.63
C ALA D 155 -21.33 -20.36 50.44
N PHE D 156 -21.86 -19.36 49.71
CA PHE D 156 -21.16 -18.83 48.55
C PHE D 156 -19.81 -18.22 48.94
N ASN D 157 -19.79 -17.46 50.04
CA ASN D 157 -18.57 -16.81 50.48
C ASN D 157 -17.54 -17.80 50.98
N VAL D 158 -17.97 -18.87 51.65
CA VAL D 158 -17.04 -19.92 52.06
C VAL D 158 -16.43 -20.59 50.83
N PHE D 159 -17.27 -20.87 49.82
CA PHE D 159 -16.73 -21.44 48.58
C PHE D 159 -15.75 -20.50 47.93
N PHE D 160 -16.05 -19.20 47.90
CA PHE D 160 -15.14 -18.23 47.30
C PHE D 160 -13.84 -18.14 48.07
N LEU D 161 -13.90 -18.24 49.40
CA LEU D 161 -12.69 -18.22 50.21
C LEU D 161 -11.81 -19.44 49.91
N LEU D 162 -12.42 -20.62 49.79
CA LEU D 162 -11.66 -21.82 49.43
C LEU D 162 -11.05 -21.67 48.02
N TYR D 163 -11.81 -21.11 47.09
CA TYR D 163 -11.30 -20.88 45.74
C TYR D 163 -10.13 -19.91 45.76
N PHE D 164 -10.22 -18.86 46.59
CA PHE D 164 -9.11 -17.93 46.72
C PHE D 164 -7.88 -18.62 47.29
N GLY D 165 -8.06 -19.50 48.27
CA GLY D 165 -6.94 -20.26 48.79
C GLY D 165 -6.27 -21.11 47.73
N LEU D 166 -7.09 -21.79 46.92
CA LEU D 166 -6.53 -22.59 45.82
C LEU D 166 -5.78 -21.72 44.83
N ARG D 167 -6.35 -20.58 44.48
CA ARG D 167 -5.69 -19.67 43.54
C ARG D 167 -4.38 -19.14 44.09
N PHE D 168 -4.36 -18.80 45.38
CA PHE D 168 -3.13 -18.33 46.01
C PHE D 168 -2.06 -19.41 46.01
N ILE D 169 -2.45 -20.66 46.29
CA ILE D 169 -1.48 -21.75 46.25
C ILE D 169 -0.93 -21.92 44.84
N ALA D 170 -1.80 -21.86 43.83
CA ALA D 170 -1.39 -22.04 42.45
C ALA D 170 -0.63 -20.86 41.88
N ALA D 171 -0.60 -19.72 42.56
CA ALA D 171 -0.01 -18.51 42.01
C ALA D 171 1.51 -18.62 41.96
N ASN D 172 2.08 -18.21 40.82
CA ASN D 172 3.54 -18.18 40.69
C ASN D 172 4.14 -17.09 41.56
N ASP D 173 3.60 -15.88 41.49
CA ASP D 173 4.08 -14.74 42.25
C ASP D 173 2.98 -14.30 43.21
N LYS D 174 3.29 -14.30 44.51
CA LYS D 174 2.28 -13.98 45.51
C LYS D 174 2.01 -12.48 45.57
N LEU D 175 3.04 -11.66 45.37
CA LEU D 175 2.86 -10.22 45.46
C LEU D 175 1.92 -9.70 44.38
N TRP D 176 2.13 -10.15 43.13
CA TRP D 176 1.27 -9.71 42.05
C TRP D 176 -0.09 -10.39 42.09
N PHE D 177 -0.18 -11.59 42.67
CA PHE D 177 -1.47 -12.21 42.87
C PHE D 177 -2.31 -11.44 43.88
N TRP D 178 -1.66 -10.91 44.92
CA TRP D 178 -2.36 -10.15 45.96
C TRP D 178 -3.01 -8.90 45.41
N LEU D 179 -2.50 -8.35 44.30
CA LEU D 179 -3.02 -7.13 43.71
C LEU D 179 -3.96 -7.39 42.55
N GLU D 180 -4.34 -8.65 42.32
CA GLU D 180 -5.26 -8.97 41.25
C GLU D 180 -6.66 -8.48 41.59
N VAL D 181 -7.46 -8.24 40.55
CA VAL D 181 -8.81 -7.74 40.73
C VAL D 181 -9.67 -8.74 41.50
N ASN D 182 -9.56 -10.02 41.14
CA ASN D 182 -10.32 -11.05 41.85
C ASN D 182 -9.91 -11.15 43.31
N SER D 183 -8.62 -11.05 43.58
CA SER D 183 -8.15 -11.09 44.96
C SER D 183 -8.70 -9.91 45.78
N VAL D 184 -8.69 -8.72 45.19
CA VAL D 184 -9.20 -7.54 45.88
C VAL D 184 -10.70 -7.69 46.12
N VAL D 185 -11.42 -8.23 45.14
CA VAL D 185 -12.86 -8.45 45.29
C VAL D 185 -13.12 -9.41 46.45
N ASP D 186 -12.36 -10.50 46.52
CA ASP D 186 -12.52 -11.44 47.63
C ASP D 186 -12.20 -10.77 48.97
N PHE D 187 -11.12 -9.99 49.01
CA PHE D 187 -10.74 -9.29 50.24
C PHE D 187 -11.87 -8.39 50.73
N PHE D 188 -12.46 -7.62 49.83
CA PHE D 188 -13.49 -6.66 50.23
C PHE D 188 -14.88 -7.25 50.23
N THR D 189 -15.03 -8.55 49.91
CA THR D 189 -16.34 -9.20 49.94
C THR D 189 -16.51 -10.16 51.12
N VAL D 190 -15.55 -11.03 51.38
CA VAL D 190 -15.79 -12.14 52.33
C VAL D 190 -15.69 -11.69 53.79
N PRO D 191 -14.66 -10.97 54.21
CA PRO D 191 -14.59 -10.51 55.61
C PRO D 191 -15.79 -9.66 56.01
N PRO D 192 -16.35 -8.82 55.13
CA PRO D 192 -17.58 -8.12 55.51
C PRO D 192 -18.71 -9.02 55.99
N VAL D 193 -19.07 -10.04 55.21
CA VAL D 193 -20.15 -10.93 55.64
C VAL D 193 -19.73 -11.74 56.86
N PHE D 194 -18.45 -12.12 56.93
CA PHE D 194 -17.99 -12.88 58.10
C PHE D 194 -18.18 -12.08 59.38
N VAL D 195 -17.85 -10.78 59.35
CA VAL D 195 -18.04 -9.93 60.52
C VAL D 195 -19.54 -9.69 60.76
N SER D 196 -20.30 -9.49 59.68
CA SER D 196 -21.72 -9.20 59.82
C SER D 196 -22.46 -10.33 60.53
N VAL D 197 -22.07 -11.57 60.27
CA VAL D 197 -22.82 -12.68 60.83
C VAL D 197 -22.78 -12.69 62.35
N TYR D 198 -21.65 -12.25 62.93
CA TYR D 198 -21.59 -12.22 64.38
C TYR D 198 -22.14 -10.90 64.91
N LEU D 199 -21.87 -9.80 64.22
CA LEU D 199 -22.35 -8.51 64.69
C LEU D 199 -23.87 -8.38 64.61
N ASN D 200 -24.55 -9.31 63.93
CA ASN D 200 -26.00 -9.35 63.76
C ASN D 200 -26.55 -8.15 63.01
N ARG D 201 -25.69 -7.31 62.44
CA ARG D 201 -26.10 -6.15 61.66
C ARG D 201 -25.47 -6.20 60.28
N SER D 202 -26.26 -5.86 59.27
CA SER D 202 -25.83 -5.90 57.88
C SER D 202 -25.73 -4.50 57.30
N TRP D 203 -24.60 -4.24 56.63
CA TRP D 203 -24.36 -3.01 55.92
C TRP D 203 -24.17 -3.34 54.44
N LEU D 204 -24.71 -2.50 53.57
CA LEU D 204 -24.61 -2.75 52.13
C LEU D 204 -23.15 -2.83 51.69
N GLY D 205 -22.33 -1.87 52.15
CA GLY D 205 -20.90 -1.96 51.96
C GLY D 205 -20.49 -2.01 50.50
N LEU D 206 -19.53 -2.89 50.21
CA LEU D 206 -18.92 -2.98 48.89
C LEU D 206 -19.33 -4.25 48.15
N ARG D 207 -20.58 -4.68 48.32
CA ARG D 207 -21.05 -5.88 47.65
C ARG D 207 -21.13 -5.72 46.15
N PHE D 208 -21.21 -4.48 45.65
CA PHE D 208 -21.26 -4.27 44.20
C PHE D 208 -20.00 -4.79 43.52
N LEU D 209 -18.89 -4.88 44.26
CA LEU D 209 -17.65 -5.42 43.71
C LEU D 209 -17.81 -6.86 43.27
N ARG D 210 -18.85 -7.55 43.77
CA ARG D 210 -19.13 -8.91 43.29
C ARG D 210 -19.32 -8.94 41.78
N ALA D 211 -19.87 -7.87 41.20
CA ALA D 211 -20.05 -7.82 39.75
C ALA D 211 -18.72 -7.98 39.01
N LEU D 212 -17.62 -7.52 39.63
CA LEU D 212 -16.32 -7.65 39.00
C LEU D 212 -15.94 -9.09 38.74
N ARG D 213 -16.52 -10.04 39.50
CA ARG D 213 -16.23 -11.44 39.25
C ARG D 213 -16.59 -11.85 37.82
N LEU D 214 -17.56 -11.16 37.21
CA LEU D 214 -17.93 -11.44 35.83
C LEU D 214 -16.76 -11.32 34.88
N ILE D 215 -15.75 -10.50 35.22
CA ILE D 215 -14.58 -10.35 34.36
C ILE D 215 -13.89 -11.69 34.16
N GLN D 216 -13.94 -12.58 35.16
CA GLN D 216 -13.28 -13.86 35.03
C GLN D 216 -14.01 -14.81 34.08
N PHE D 217 -15.28 -14.52 33.77
CA PHE D 217 -16.14 -15.48 33.07
C PHE D 217 -15.49 -15.94 31.77
N SER D 218 -14.99 -15.00 30.97
CA SER D 218 -14.37 -15.35 29.70
C SER D 218 -13.25 -16.38 29.90
N GLU D 219 -12.36 -16.12 30.87
CA GLU D 219 -11.28 -17.07 31.13
C GLU D 219 -11.84 -18.44 31.49
N ILE D 220 -12.91 -18.47 32.28
CA ILE D 220 -13.56 -19.73 32.61
C ILE D 220 -13.96 -20.47 31.34
N LEU D 221 -14.57 -19.75 30.40
CA LEU D 221 -15.02 -20.38 29.17
C LEU D 221 -13.86 -20.86 28.32
N GLN D 222 -12.65 -20.36 28.56
CA GLN D 222 -11.48 -20.87 27.87
C GLN D 222 -10.87 -22.08 28.58
N PHE D 223 -11.13 -22.24 29.88
CA PHE D 223 -10.64 -23.42 30.59
C PHE D 223 -11.45 -24.66 30.26
N LEU D 224 -12.72 -24.48 29.90
CA LEU D 224 -13.61 -25.58 29.57
C LEU D 224 -13.59 -25.95 28.09
N ASN D 225 -12.68 -25.35 27.31
CA ASN D 225 -12.54 -25.60 25.88
C ASN D 225 -13.82 -25.24 25.11
N ILE D 226 -14.58 -24.28 25.63
CA ILE D 226 -15.77 -23.80 24.95
C ILE D 226 -15.45 -22.65 24.02
N LEU D 227 -14.56 -21.75 24.44
CA LEU D 227 -14.15 -20.60 23.63
C LEU D 227 -12.85 -20.95 22.93
N LYS D 228 -12.91 -21.08 21.60
CA LYS D 228 -11.74 -21.38 20.79
C LYS D 228 -11.55 -20.39 19.66
N THR D 229 -12.63 -19.92 19.05
CA THR D 229 -12.53 -18.95 17.96
C THR D 229 -12.12 -17.59 18.51
N SER D 230 -11.30 -16.87 17.74
CA SER D 230 -10.85 -15.55 18.17
C SER D 230 -12.03 -14.58 18.28
N ASN D 231 -12.96 -14.63 17.34
CA ASN D 231 -14.11 -13.73 17.38
C ASN D 231 -14.97 -13.97 18.61
N SER D 232 -15.22 -15.24 18.94
CA SER D 232 -16.02 -15.56 20.12
C SER D 232 -15.32 -15.11 21.40
N ILE D 233 -14.01 -15.33 21.48
CA ILE D 233 -13.25 -14.92 22.66
C ILE D 233 -13.31 -13.41 22.81
N LYS D 234 -13.12 -12.67 21.71
CA LYS D 234 -13.17 -11.22 21.77
C LYS D 234 -14.54 -10.73 22.18
N LEU D 235 -15.60 -11.33 21.63
CA LEU D 235 -16.96 -10.91 21.96
C LEU D 235 -17.25 -11.16 23.44
N VAL D 236 -16.88 -12.33 23.96
CA VAL D 236 -17.14 -12.64 25.36
C VAL D 236 -16.33 -11.71 26.26
N ASN D 237 -15.07 -11.44 25.90
CA ASN D 237 -14.25 -10.52 26.68
C ASN D 237 -14.89 -9.14 26.74
N LEU D 238 -15.29 -8.60 25.59
CA LEU D 238 -15.87 -7.27 25.55
C LEU D 238 -17.17 -7.22 26.35
N LEU D 239 -18.05 -8.20 26.16
CA LEU D 239 -19.32 -8.21 26.87
C LEU D 239 -19.12 -8.30 28.37
N SER D 240 -18.23 -9.20 28.81
CA SER D 240 -17.98 -9.37 30.24
C SER D 240 -17.42 -8.09 30.85
N ILE D 241 -16.41 -7.50 30.21
CA ILE D 241 -15.79 -6.29 30.75
C ILE D 241 -16.81 -5.16 30.80
N PHE D 242 -17.58 -4.98 29.72
CA PHE D 242 -18.54 -3.88 29.66
C PHE D 242 -19.62 -4.03 30.72
N ILE D 243 -20.23 -5.22 30.80
CA ILE D 243 -21.32 -5.42 31.76
C ILE D 243 -20.80 -5.31 33.19
N SER D 244 -19.63 -5.89 33.47
CA SER D 244 -19.06 -5.84 34.81
C SER D 244 -18.77 -4.41 35.22
N THR D 245 -18.15 -3.63 34.34
CA THR D 245 -17.85 -2.24 34.66
C THR D 245 -19.13 -1.45 34.90
N TRP D 246 -20.12 -1.64 34.03
CA TRP D 246 -21.39 -0.94 34.17
C TRP D 246 -22.05 -1.25 35.51
N LEU D 247 -22.17 -2.54 35.84
CA LEU D 247 -22.85 -2.92 37.07
C LEU D 247 -22.09 -2.49 38.31
N THR D 248 -20.76 -2.61 38.29
CA THR D 248 -19.96 -2.23 39.46
C THR D 248 -20.02 -0.73 39.69
N ALA D 249 -19.93 0.08 38.62
CA ALA D 249 -20.04 1.52 38.76
C ALA D 249 -21.43 1.91 39.24
N ALA D 250 -22.47 1.25 38.73
CA ALA D 250 -23.82 1.52 39.19
C ALA D 250 -23.98 1.21 40.67
N GLY D 251 -23.41 0.09 41.12
CA GLY D 251 -23.48 -0.24 42.54
C GLY D 251 -22.73 0.75 43.41
N PHE D 252 -21.56 1.21 42.95
CA PHE D 252 -20.81 2.22 43.70
C PHE D 252 -21.62 3.51 43.82
N ILE D 253 -22.23 3.94 42.71
CA ILE D 253 -23.06 5.15 42.74
C ILE D 253 -24.23 4.96 43.68
N HIS D 254 -24.87 3.79 43.63
CA HIS D 254 -26.00 3.50 44.52
C HIS D 254 -25.58 3.62 45.97
N LEU D 255 -24.44 3.03 46.33
CA LEU D 255 -23.97 3.06 47.71
C LEU D 255 -23.67 4.48 48.16
N VAL D 256 -22.92 5.24 47.35
CA VAL D 256 -22.52 6.57 47.79
C VAL D 256 -23.72 7.52 47.83
N GLU D 257 -24.69 7.35 46.93
CA GLU D 257 -25.85 8.24 46.93
C GLU D 257 -26.81 7.91 48.05
N ASN D 258 -27.02 6.63 48.36
CA ASN D 258 -27.94 6.28 49.43
C ASN D 258 -27.34 6.50 50.81
N SER D 259 -26.03 6.29 50.97
CA SER D 259 -25.41 6.50 52.26
C SER D 259 -25.25 7.97 52.59
N GLY D 260 -24.83 8.77 51.61
CA GLY D 260 -24.58 10.18 51.82
C GLY D 260 -23.13 10.48 52.14
N ASP D 261 -22.83 11.76 52.24
CA ASP D 261 -21.46 12.20 52.52
C ASP D 261 -21.13 11.96 53.99
N PRO D 262 -20.07 11.21 54.29
CA PRO D 262 -19.75 10.94 55.72
C PRO D 262 -19.47 12.19 56.52
N TRP D 263 -18.84 13.20 55.93
CA TRP D 263 -18.47 14.40 56.67
C TRP D 263 -19.63 15.37 56.85
N GLU D 264 -20.77 15.14 56.20
CA GLU D 264 -21.95 15.97 56.36
C GLU D 264 -23.02 15.29 57.21
N ASN D 265 -22.62 14.36 58.08
CA ASN D 265 -23.55 13.62 58.94
C ASN D 265 -24.57 12.83 58.12
N PHE D 266 -24.18 12.43 56.91
CA PHE D 266 -25.03 11.63 56.02
C PHE D 266 -26.37 12.30 55.75
N GLN D 267 -26.34 13.63 55.63
CA GLN D 267 -27.53 14.41 55.31
C GLN D 267 -27.68 14.68 53.82
N ASN D 268 -26.73 14.22 53.00
CA ASN D 268 -26.78 14.40 51.56
C ASN D 268 -27.34 13.19 50.84
N ASN D 269 -27.90 12.23 51.57
CA ASN D 269 -28.37 10.99 50.95
C ASN D 269 -29.48 11.25 49.96
N GLN D 270 -29.50 10.47 48.89
CA GLN D 270 -30.52 10.54 47.85
C GLN D 270 -31.18 9.18 47.70
N ALA D 271 -32.50 9.15 47.70
CA ALA D 271 -33.25 7.90 47.61
C ALA D 271 -33.20 7.41 46.16
N LEU D 272 -32.15 6.67 45.84
CA LEU D 272 -31.95 6.11 44.52
C LEU D 272 -31.94 4.59 44.61
N THR D 273 -32.78 3.94 43.81
CA THR D 273 -32.75 2.50 43.72
C THR D 273 -31.61 2.04 42.81
N TYR D 274 -31.30 0.74 42.89
CA TYR D 274 -30.21 0.22 42.06
C TYR D 274 -30.54 0.31 40.58
N TRP D 275 -31.80 0.04 40.20
CA TRP D 275 -32.19 0.17 38.80
C TRP D 275 -32.06 1.62 38.33
N GLU D 276 -32.43 2.58 39.19
CA GLU D 276 -32.29 3.98 38.83
C GLU D 276 -30.83 4.35 38.60
N CYS D 277 -29.92 3.83 39.42
CA CYS D 277 -28.51 4.10 39.22
C CYS D 277 -27.98 3.43 37.96
N VAL D 278 -28.45 2.22 37.68
CA VAL D 278 -28.06 1.55 36.44
C VAL D 278 -28.49 2.37 35.23
N TYR D 279 -29.72 2.87 35.26
CA TYR D 279 -30.21 3.73 34.19
C TYR D 279 -29.41 5.03 34.10
N LEU D 280 -29.04 5.59 35.25
CA LEU D 280 -28.27 6.83 35.27
C LEU D 280 -26.91 6.64 34.62
N LEU D 281 -26.22 5.54 34.94
CA LEU D 281 -24.91 5.32 34.32
C LEU D 281 -25.03 4.87 32.87
N MET D 282 -26.15 4.24 32.48
CA MET D 282 -26.43 4.06 31.06
C MET D 282 -26.53 5.39 30.34
N VAL D 283 -27.25 6.34 30.92
CA VAL D 283 -27.43 7.64 30.30
C VAL D 283 -26.10 8.40 30.26
N THR D 284 -25.33 8.34 31.34
CA THR D 284 -24.07 9.07 31.41
C THR D 284 -23.02 8.49 30.47
N MET D 285 -22.84 7.16 30.53
CA MET D 285 -21.76 6.51 29.80
C MET D 285 -21.91 6.62 28.29
N SER D 286 -23.13 6.87 27.81
CA SER D 286 -23.39 7.08 26.39
C SER D 286 -23.34 8.55 25.99
N THR D 287 -22.98 9.44 26.92
CA THR D 287 -22.89 10.88 26.69
C THR D 287 -24.24 11.50 26.33
N VAL D 288 -25.34 10.83 26.63
CA VAL D 288 -26.65 11.40 26.33
C VAL D 288 -26.98 12.50 27.32
N GLY D 289 -27.09 12.16 28.60
CA GLY D 289 -27.36 13.14 29.62
C GLY D 289 -28.82 13.52 29.67
N TYR D 290 -29.43 13.48 30.83
CA TYR D 290 -30.81 13.91 30.95
C TYR D 290 -31.02 14.90 32.07
N GLY D 291 -30.34 14.71 33.21
CA GLY D 291 -30.57 15.53 34.37
C GLY D 291 -31.77 15.14 35.20
N ASP D 292 -32.56 14.17 34.75
CA ASP D 292 -33.66 13.67 35.57
C ASP D 292 -33.13 12.96 36.82
N VAL D 293 -32.05 12.21 36.66
CA VAL D 293 -31.35 11.60 37.78
C VAL D 293 -29.86 11.91 37.64
N TYR D 294 -29.23 12.29 38.75
CA TYR D 294 -27.80 12.58 38.73
C TYR D 294 -27.27 12.46 40.15
N ALA D 295 -25.96 12.31 40.25
CA ALA D 295 -25.30 12.23 41.54
C ALA D 295 -25.24 13.61 42.19
N LYS D 296 -25.64 13.67 43.47
CA LYS D 296 -25.67 14.94 44.20
C LYS D 296 -24.60 15.03 45.28
N THR D 297 -24.09 13.91 45.77
CA THR D 297 -23.07 13.94 46.81
C THR D 297 -21.69 14.22 46.21
N THR D 298 -20.76 14.60 47.09
CA THR D 298 -19.40 14.89 46.65
C THR D 298 -18.69 13.63 46.16
N LEU D 299 -18.82 12.53 46.91
CA LEU D 299 -18.22 11.27 46.47
C LEU D 299 -18.83 10.79 45.17
N GLY D 300 -20.15 10.92 45.04
CA GLY D 300 -20.80 10.55 43.79
C GLY D 300 -20.30 11.36 42.61
N ARG D 301 -20.10 12.67 42.81
CA ARG D 301 -19.62 13.51 41.72
C ARG D 301 -18.16 13.25 41.40
N LEU D 302 -17.33 12.96 42.39
CA LEU D 302 -15.94 12.56 42.10
C LEU D 302 -15.91 11.27 41.29
N PHE D 303 -16.70 10.28 41.70
CA PHE D 303 -16.76 9.04 40.94
C PHE D 303 -17.32 9.27 39.55
N MET D 304 -18.28 10.19 39.40
CA MET D 304 -18.78 10.53 38.08
C MET D 304 -17.69 11.17 37.23
N VAL D 305 -16.85 12.01 37.83
CA VAL D 305 -15.76 12.64 37.09
C VAL D 305 -14.80 11.58 36.55
N PHE D 306 -14.43 10.60 37.39
CA PHE D 306 -13.54 9.54 36.92
C PHE D 306 -14.22 8.64 35.90
N PHE D 307 -15.47 8.25 36.17
CA PHE D 307 -16.19 7.33 35.31
C PHE D 307 -16.51 7.96 33.97
N ILE D 308 -16.63 9.29 33.90
CA ILE D 308 -16.83 9.94 32.61
C ILE D 308 -15.72 9.52 31.65
N LEU D 309 -14.48 9.85 32.01
CA LEU D 309 -13.33 9.43 31.22
C LEU D 309 -13.38 7.93 30.94
N GLY D 310 -13.34 7.12 32.00
CA GLY D 310 -13.24 5.68 31.83
C GLY D 310 -14.36 5.06 31.03
N GLY D 311 -15.58 5.13 31.55
CA GLY D 311 -16.72 4.51 30.91
C GLY D 311 -17.06 5.09 29.56
N LEU D 312 -16.84 6.39 29.35
CA LEU D 312 -17.11 6.97 28.04
C LEU D 312 -16.18 6.37 27.00
N ALA D 313 -14.88 6.29 27.32
CA ALA D 313 -13.95 5.65 26.38
C ALA D 313 -14.33 4.19 26.15
N MET D 314 -14.68 3.47 27.22
CA MET D 314 -15.03 2.06 27.09
C MET D 314 -16.27 1.87 26.23
N PHE D 315 -17.31 2.68 26.45
CA PHE D 315 -18.52 2.59 25.67
C PHE D 315 -18.24 2.86 24.19
N ALA D 316 -17.54 3.96 23.91
CA ALA D 316 -17.26 4.34 22.53
C ALA D 316 -16.46 3.28 21.80
N SER D 317 -15.48 2.68 22.49
CA SER D 317 -14.63 1.69 21.83
C SER D 317 -15.17 0.26 21.91
N TYR D 318 -16.23 0.02 22.66
CA TYR D 318 -16.74 -1.33 22.86
C TYR D 318 -18.06 -1.59 22.15
N VAL D 319 -19.04 -0.69 22.29
CA VAL D 319 -20.38 -0.97 21.77
C VAL D 319 -20.39 -1.21 20.27
N PRO D 320 -19.77 -0.37 19.43
CA PRO D 320 -19.72 -0.72 18.00
C PRO D 320 -19.04 -2.04 17.72
N GLU D 321 -17.97 -2.36 18.46
CA GLU D 321 -17.26 -3.62 18.24
C GLU D 321 -18.14 -4.81 18.62
N ILE D 322 -18.84 -4.73 19.75
CA ILE D 322 -19.74 -5.80 20.16
C ILE D 322 -20.86 -5.98 19.13
N ILE D 323 -21.42 -4.86 18.66
CA ILE D 323 -22.51 -4.92 17.69
C ILE D 323 -22.03 -5.56 16.39
N GLU D 324 -20.84 -5.18 15.93
CA GLU D 324 -20.32 -5.73 14.68
C GLU D 324 -19.94 -7.20 14.83
N LEU D 325 -19.50 -7.61 16.03
CA LEU D 325 -19.18 -9.01 16.25
C LEU D 325 -20.45 -9.87 16.30
N ILE D 326 -21.49 -9.38 16.96
CA ILE D 326 -22.74 -10.14 17.04
C ILE D 326 -23.44 -10.18 15.68
N GLY D 327 -23.48 -9.05 14.98
CA GLY D 327 -24.22 -8.96 13.73
C GLY D 327 -23.67 -9.80 12.60
N ASN D 328 -22.35 -9.89 12.47
CA ASN D 328 -21.76 -10.61 11.35
C ASN D 328 -21.96 -12.12 11.48
N ARG D 329 -22.18 -12.77 10.35
CA ARG D 329 -22.37 -14.21 10.23
C ARG D 329 -22.56 -14.51 8.75
N LYS D 330 -22.63 -15.79 8.42
CA LYS D 330 -22.91 -16.18 7.04
C LYS D 330 -24.33 -15.78 6.66
N LYS D 331 -24.49 -15.26 5.45
CA LYS D 331 -25.79 -14.85 4.95
C LYS D 331 -26.39 -15.84 3.96
N TYR D 332 -25.56 -16.50 3.16
CA TYR D 332 -26.00 -17.50 2.21
C TYR D 332 -25.42 -18.87 2.55
N GLY D 333 -25.41 -19.20 3.84
CA GLY D 333 -24.85 -20.43 4.34
C GLY D 333 -25.78 -21.62 4.33
N GLY D 334 -26.98 -21.48 3.75
CA GLY D 334 -27.92 -22.58 3.68
C GLY D 334 -27.56 -23.58 2.60
N SER D 335 -28.43 -24.56 2.43
CA SER D 335 -28.25 -25.62 1.45
C SER D 335 -29.44 -25.65 0.50
N TYR D 336 -29.15 -25.81 -0.79
CA TYR D 336 -30.21 -25.89 -1.79
C TYR D 336 -31.06 -27.13 -1.58
N SER D 337 -32.37 -26.97 -1.69
CA SER D 337 -33.32 -28.06 -1.52
C SER D 337 -33.87 -28.44 -2.88
N ALA D 338 -33.52 -29.64 -3.36
CA ALA D 338 -33.99 -30.11 -4.64
C ALA D 338 -35.49 -30.36 -4.60
N VAL D 339 -36.15 -30.10 -5.72
CA VAL D 339 -37.59 -30.29 -5.86
C VAL D 339 -37.83 -31.35 -6.94
N SER D 340 -38.68 -32.32 -6.61
CA SER D 340 -38.96 -33.41 -7.53
C SER D 340 -39.65 -32.88 -8.79
N GLY D 341 -39.26 -33.41 -9.94
CA GLY D 341 -39.81 -33.00 -11.21
C GLY D 341 -39.15 -31.79 -11.83
N ARG D 342 -38.18 -31.18 -11.15
CA ARG D 342 -37.49 -30.00 -11.65
C ARG D 342 -35.98 -30.19 -11.50
N LYS D 343 -35.25 -29.86 -12.56
CA LYS D 343 -33.80 -29.99 -12.56
C LYS D 343 -33.15 -28.65 -12.23
N HIS D 344 -31.90 -28.73 -11.78
CA HIS D 344 -31.14 -27.54 -11.43
C HIS D 344 -29.70 -27.69 -11.91
N ILE D 345 -29.08 -26.55 -12.20
CA ILE D 345 -27.68 -26.50 -12.62
C ILE D 345 -26.94 -25.63 -11.62
N VAL D 346 -25.62 -25.85 -11.56
CA VAL D 346 -24.74 -25.14 -10.63
C VAL D 346 -23.74 -24.33 -11.44
N VAL D 347 -23.62 -23.05 -11.11
CA VAL D 347 -22.73 -22.13 -11.82
C VAL D 347 -21.70 -21.63 -10.82
N CYS D 348 -20.42 -21.77 -11.19
CA CYS D 348 -19.31 -21.32 -10.36
C CYS D 348 -18.28 -20.64 -11.25
N GLY D 349 -17.17 -20.23 -10.65
CA GLY D 349 -16.11 -19.59 -11.39
C GLY D 349 -16.10 -18.08 -11.25
N HIS D 350 -15.85 -17.39 -12.35
CA HIS D 350 -15.83 -15.93 -12.36
C HIS D 350 -17.25 -15.41 -12.27
N ILE D 351 -17.69 -15.08 -11.05
CA ILE D 351 -19.05 -14.64 -10.80
C ILE D 351 -19.02 -13.14 -10.51
N THR D 352 -19.45 -12.34 -11.49
CA THR D 352 -19.57 -10.90 -11.36
C THR D 352 -20.94 -10.47 -11.82
N LEU D 353 -21.24 -9.19 -11.65
CA LEU D 353 -22.55 -8.67 -12.06
C LEU D 353 -22.73 -8.80 -13.57
N GLU D 354 -21.69 -8.45 -14.35
CA GLU D 354 -21.81 -8.47 -15.80
C GLU D 354 -21.97 -9.90 -16.32
N SER D 355 -21.12 -10.81 -15.84
CA SER D 355 -21.19 -12.19 -16.32
C SER D 355 -22.51 -12.85 -15.93
N VAL D 356 -22.96 -12.65 -14.69
CA VAL D 356 -24.21 -13.23 -14.26
C VAL D 356 -25.38 -12.65 -15.04
N SER D 357 -25.36 -11.33 -15.27
CA SER D 357 -26.44 -10.70 -16.04
C SER D 357 -26.49 -11.24 -17.46
N ASN D 358 -25.33 -11.38 -18.11
CA ASN D 358 -25.29 -11.92 -19.46
C ASN D 358 -25.79 -13.36 -19.49
N PHE D 359 -25.34 -14.17 -18.53
CA PHE D 359 -25.76 -15.57 -18.48
C PHE D 359 -27.26 -15.69 -18.26
N LEU D 360 -27.82 -14.87 -17.38
CA LEU D 360 -29.26 -14.92 -17.12
C LEU D 360 -30.06 -14.44 -18.33
N LYS D 361 -29.56 -13.40 -19.01
CA LYS D 361 -30.25 -12.90 -20.20
C LYS D 361 -30.25 -13.96 -21.31
N ASP D 362 -29.13 -14.65 -21.49
CA ASP D 362 -29.03 -15.63 -22.57
C ASP D 362 -29.51 -17.02 -22.17
N PHE D 363 -29.86 -17.24 -20.91
CA PHE D 363 -30.31 -18.53 -20.42
C PHE D 363 -31.82 -18.60 -20.21
N LEU D 364 -32.42 -17.50 -19.75
CA LEU D 364 -33.85 -17.47 -19.44
C LEU D 364 -34.66 -16.72 -20.49
N HIS D 365 -34.15 -16.62 -21.71
CA HIS D 365 -34.86 -15.92 -22.76
C HIS D 365 -36.15 -16.64 -23.12
N LYS D 366 -37.18 -15.85 -23.46
CA LYS D 366 -38.48 -16.41 -23.82
C LYS D 366 -38.46 -17.13 -25.15
N ASP D 367 -37.39 -16.99 -25.95
CA ASP D 367 -37.30 -17.70 -27.22
C ASP D 367 -37.18 -19.21 -27.04
N ARG D 368 -36.72 -19.68 -25.89
CA ARG D 368 -36.61 -21.10 -25.62
C ARG D 368 -37.96 -21.66 -25.18
N ASP D 369 -38.03 -22.98 -25.01
CA ASP D 369 -39.24 -23.61 -24.52
C ASP D 369 -39.48 -23.24 -23.06
N ASP D 370 -40.63 -23.68 -22.53
CA ASP D 370 -40.95 -23.44 -21.14
C ASP D 370 -40.13 -24.38 -20.25
N VAL D 371 -38.82 -24.17 -20.20
CA VAL D 371 -37.93 -25.03 -19.45
C VAL D 371 -37.88 -24.57 -18.00
N ASN D 372 -38.18 -25.48 -17.08
CA ASN D 372 -38.12 -25.20 -15.65
C ASN D 372 -36.82 -25.78 -15.10
N VAL D 373 -35.74 -25.03 -15.29
CA VAL D 373 -34.42 -25.42 -14.81
C VAL D 373 -33.92 -24.33 -13.87
N GLU D 374 -33.74 -24.69 -12.60
CA GLU D 374 -33.25 -23.74 -11.62
C GLU D 374 -31.76 -23.53 -11.78
N ILE D 375 -31.30 -22.34 -11.40
CA ILE D 375 -29.89 -21.99 -11.45
C ILE D 375 -29.43 -21.70 -10.03
N VAL D 376 -28.32 -22.33 -9.63
CA VAL D 376 -27.76 -22.18 -8.29
C VAL D 376 -26.32 -21.71 -8.47
N PHE D 377 -26.03 -20.51 -8.01
CA PHE D 377 -24.68 -19.96 -8.07
C PHE D 377 -23.95 -20.31 -6.79
N LEU D 378 -22.68 -20.69 -6.93
CA LEU D 378 -21.81 -21.00 -5.81
C LEU D 378 -20.58 -20.11 -5.90
N HIS D 379 -20.45 -19.15 -4.98
CA HIS D 379 -19.34 -18.21 -5.05
C HIS D 379 -18.81 -17.92 -3.66
N ASN D 380 -17.48 -17.89 -3.53
CA ASN D 380 -16.85 -17.65 -2.25
C ASN D 380 -16.91 -16.18 -1.82
N ILE D 381 -17.29 -15.27 -2.72
CA ILE D 381 -17.37 -13.85 -2.42
C ILE D 381 -18.84 -13.46 -2.32
N SER D 382 -19.18 -12.75 -1.25
CA SER D 382 -20.55 -12.30 -1.08
C SER D 382 -20.92 -11.29 -2.14
N PRO D 383 -22.12 -11.38 -2.73
CA PRO D 383 -22.49 -10.45 -3.79
C PRO D 383 -22.70 -9.04 -3.25
N ASN D 384 -22.49 -8.07 -4.14
CA ASN D 384 -22.72 -6.67 -3.79
C ASN D 384 -24.20 -6.35 -3.93
N LEU D 385 -24.55 -5.06 -3.80
CA LEU D 385 -25.96 -4.66 -3.83
C LEU D 385 -26.57 -4.88 -5.20
N GLU D 386 -25.82 -4.58 -6.26
CA GLU D 386 -26.34 -4.76 -7.61
C GLU D 386 -26.60 -6.23 -7.92
N LEU D 387 -25.67 -7.11 -7.55
CA LEU D 387 -25.88 -8.54 -7.75
C LEU D 387 -27.06 -9.04 -6.93
N GLU D 388 -27.21 -8.54 -5.70
CA GLU D 388 -28.36 -8.93 -4.88
C GLU D 388 -29.66 -8.49 -5.53
N ALA D 389 -29.69 -7.28 -6.08
CA ALA D 389 -30.90 -6.82 -6.77
C ALA D 389 -31.19 -7.66 -8.00
N LEU D 390 -30.15 -8.03 -8.75
CA LEU D 390 -30.33 -8.89 -9.92
C LEU D 390 -30.89 -10.25 -9.52
N PHE D 391 -30.39 -10.80 -8.40
CA PHE D 391 -30.93 -12.07 -7.91
C PHE D 391 -32.37 -11.91 -7.45
N LYS D 392 -32.71 -10.77 -6.84
CA LYS D 392 -34.09 -10.53 -6.43
C LYS D 392 -35.02 -10.45 -7.63
N ARG D 393 -34.55 -9.87 -8.73
CA ARG D 393 -35.37 -9.79 -9.93
C ARG D 393 -35.69 -11.19 -10.47
N HIS D 394 -34.72 -12.09 -10.44
CA HIS D 394 -34.95 -13.50 -10.78
C HIS D 394 -35.17 -14.33 -9.52
N PHE D 395 -36.26 -14.00 -8.83
CA PHE D 395 -36.49 -14.55 -7.49
C PHE D 395 -36.77 -16.04 -7.53
N THR D 396 -37.59 -16.50 -8.49
CA THR D 396 -38.02 -17.89 -8.54
C THR D 396 -37.15 -18.76 -9.45
N GLN D 397 -36.13 -18.19 -10.10
CA GLN D 397 -35.30 -18.94 -11.02
C GLN D 397 -33.85 -19.04 -10.61
N VAL D 398 -33.37 -18.17 -9.72
CA VAL D 398 -31.96 -18.09 -9.37
C VAL D 398 -31.82 -18.11 -7.85
N GLU D 399 -30.90 -18.93 -7.37
CA GLU D 399 -30.53 -18.95 -5.96
C GLU D 399 -29.02 -18.82 -5.85
N PHE D 400 -28.55 -18.25 -4.75
CA PHE D 400 -27.13 -18.02 -4.54
C PHE D 400 -26.68 -18.65 -3.23
N TYR D 401 -25.43 -19.10 -3.21
CA TYR D 401 -24.84 -19.68 -2.01
C TYR D 401 -23.36 -19.32 -1.96
N GLN D 402 -22.87 -19.06 -0.75
CA GLN D 402 -21.49 -18.65 -0.53
C GLN D 402 -20.66 -19.86 -0.16
N GLY D 403 -19.55 -20.05 -0.86
CA GLY D 403 -18.68 -21.18 -0.61
C GLY D 403 -17.65 -21.31 -1.69
N SER D 404 -16.64 -22.14 -1.42
CA SER D 404 -15.55 -22.38 -2.34
C SER D 404 -15.77 -23.70 -3.07
N VAL D 405 -15.39 -23.72 -4.35
CA VAL D 405 -15.49 -24.94 -5.13
C VAL D 405 -14.53 -25.99 -4.59
N LEU D 406 -13.36 -25.58 -4.11
CA LEU D 406 -12.39 -26.51 -3.55
C LEU D 406 -12.83 -27.13 -2.24
N ASN D 407 -13.90 -26.63 -1.63
CA ASN D 407 -14.40 -27.19 -0.38
C ASN D 407 -15.48 -28.23 -0.68
N PRO D 408 -15.30 -29.49 -0.31
CA PRO D 408 -16.34 -30.50 -0.58
C PRO D 408 -17.66 -30.21 0.12
N HIS D 409 -17.63 -29.58 1.29
CA HIS D 409 -18.88 -29.29 2.00
C HIS D 409 -19.74 -28.31 1.24
N ASP D 410 -19.13 -27.27 0.65
CA ASP D 410 -19.90 -26.34 -0.16
C ASP D 410 -20.47 -27.01 -1.40
N LEU D 411 -19.72 -27.91 -2.01
CA LEU D 411 -20.25 -28.66 -3.15
C LEU D 411 -21.41 -29.56 -2.73
N ALA D 412 -21.37 -30.09 -1.50
CA ALA D 412 -22.48 -30.90 -1.02
C ALA D 412 -23.69 -30.06 -0.66
N ARG D 413 -23.48 -28.80 -0.28
CA ARG D 413 -24.59 -27.93 0.11
C ARG D 413 -25.53 -27.66 -1.06
N VAL D 414 -24.98 -27.46 -2.26
CA VAL D 414 -25.77 -27.08 -3.42
C VAL D 414 -26.33 -28.31 -4.12
N LYS D 415 -26.16 -29.47 -3.49
CA LYS D 415 -26.66 -30.75 -4.01
C LYS D 415 -26.18 -31.01 -5.43
N ILE D 416 -24.86 -30.93 -5.59
CA ILE D 416 -24.22 -31.17 -6.88
C ILE D 416 -24.44 -32.59 -7.37
N GLU D 417 -24.63 -33.55 -6.45
CA GLU D 417 -24.86 -34.93 -6.86
C GLU D 417 -26.12 -35.07 -7.70
N SER D 418 -27.10 -34.18 -7.50
CA SER D 418 -28.32 -34.20 -8.29
C SER D 418 -28.37 -33.11 -9.34
N ALA D 419 -27.33 -32.29 -9.46
CA ALA D 419 -27.30 -31.22 -10.45
C ALA D 419 -27.22 -31.79 -11.86
N ASP D 420 -27.93 -31.15 -12.78
CA ASP D 420 -27.90 -31.60 -14.17
C ASP D 420 -26.55 -31.30 -14.83
N ALA D 421 -25.94 -30.17 -14.49
CA ALA D 421 -24.64 -29.82 -15.05
C ALA D 421 -23.99 -28.80 -14.15
N CYS D 422 -22.68 -28.61 -14.34
CA CYS D 422 -21.92 -27.59 -13.62
C CYS D 422 -21.21 -26.71 -14.65
N LEU D 423 -21.42 -25.40 -14.53
CA LEU D 423 -20.86 -24.43 -15.46
C LEU D 423 -19.83 -23.57 -14.75
N ILE D 424 -18.65 -23.46 -15.34
CA ILE D 424 -17.55 -22.69 -14.78
C ILE D 424 -17.21 -21.54 -15.72
N LEU D 425 -17.18 -20.33 -15.18
CA LEU D 425 -16.90 -19.13 -15.95
C LEU D 425 -15.52 -18.61 -15.61
N ALA D 426 -14.83 -18.07 -16.62
CA ALA D 426 -13.46 -17.60 -16.48
C ALA D 426 -13.38 -16.10 -16.71
N ASN D 427 -12.40 -15.47 -16.08
CA ASN D 427 -12.14 -14.04 -16.26
C ASN D 427 -11.27 -13.88 -17.49
N LYS D 428 -11.89 -13.54 -18.62
CA LYS D 428 -11.18 -13.44 -19.88
C LYS D 428 -10.24 -12.24 -19.94
N TYR D 429 -10.34 -11.32 -18.99
CA TYR D 429 -9.54 -10.09 -19.00
C TYR D 429 -8.50 -10.06 -17.90
N CYS D 430 -8.08 -11.23 -17.41
CA CYS D 430 -7.07 -11.29 -16.36
C CYS D 430 -5.72 -10.82 -16.89
N ALA D 431 -4.93 -10.24 -15.99
CA ALA D 431 -3.58 -9.81 -16.36
C ALA D 431 -2.72 -10.99 -16.77
N ASP D 432 -2.80 -12.09 -16.03
CA ASP D 432 -2.04 -13.30 -16.34
C ASP D 432 -2.99 -14.41 -16.75
N PRO D 433 -3.08 -14.75 -18.04
CA PRO D 433 -3.97 -15.84 -18.45
C PRO D 433 -3.62 -17.18 -17.83
N ASP D 434 -2.33 -17.45 -17.59
CA ASP D 434 -1.93 -18.74 -17.05
C ASP D 434 -2.51 -18.96 -15.65
N ALA D 435 -2.50 -17.92 -14.81
CA ALA D 435 -3.02 -18.06 -13.46
C ALA D 435 -4.52 -18.37 -13.48
N GLU D 436 -5.29 -17.68 -14.32
CA GLU D 436 -6.72 -17.95 -14.41
C GLU D 436 -7.00 -19.33 -14.97
N ASP D 437 -6.22 -19.74 -15.99
CA ASP D 437 -6.38 -21.09 -16.53
C ASP D 437 -6.11 -22.14 -15.47
N ALA D 438 -5.07 -21.93 -14.67
CA ALA D 438 -4.74 -22.88 -13.61
C ALA D 438 -5.82 -22.92 -12.53
N SER D 439 -6.35 -21.75 -12.16
CA SER D 439 -7.42 -21.72 -11.17
C SER D 439 -8.66 -22.46 -11.66
N ASN D 440 -9.00 -22.26 -12.94
CA ASN D 440 -10.10 -23.03 -13.51
C ASN D 440 -9.79 -24.51 -13.56
N ILE D 441 -8.51 -24.86 -13.79
CA ILE D 441 -8.11 -26.26 -13.82
C ILE D 441 -8.36 -26.93 -12.48
N MET D 442 -7.99 -26.24 -11.39
CA MET D 442 -8.25 -26.82 -10.06
C MET D 442 -9.70 -26.73 -9.65
N ARG D 443 -10.46 -25.76 -10.16
CA ARG D 443 -11.91 -25.83 -9.95
C ARG D 443 -12.49 -27.08 -10.59
N VAL D 444 -12.06 -27.39 -11.83
CA VAL D 444 -12.47 -28.61 -12.49
C VAL D 444 -12.03 -29.83 -11.71
N ILE D 445 -10.79 -29.80 -11.21
CA ILE D 445 -10.26 -30.92 -10.44
C ILE D 445 -11.10 -31.17 -9.20
N SER D 446 -11.45 -30.10 -8.48
CA SER D 446 -12.25 -30.24 -7.26
C SER D 446 -13.64 -30.78 -7.56
N ILE D 447 -14.31 -30.23 -8.57
CA ILE D 447 -15.67 -30.68 -8.85
C ILE D 447 -15.66 -32.14 -9.35
N LYS D 448 -14.65 -32.53 -10.12
CA LYS D 448 -14.54 -33.93 -10.53
C LYS D 448 -14.17 -34.82 -9.36
N ASN D 449 -13.41 -34.30 -8.40
CA ASN D 449 -13.08 -35.09 -7.21
C ASN D 449 -14.31 -35.36 -6.37
N TYR D 450 -15.19 -34.38 -6.21
CA TYR D 450 -16.42 -34.61 -5.46
C TYR D 450 -17.35 -35.56 -6.22
N HIS D 451 -17.75 -35.17 -7.42
CA HIS D 451 -18.59 -36.02 -8.27
C HIS D 451 -17.91 -36.16 -9.63
N PRO D 452 -17.44 -37.35 -10.00
CA PRO D 452 -16.75 -37.50 -11.29
C PRO D 452 -17.70 -37.55 -12.47
N LYS D 453 -18.93 -37.99 -12.25
CA LYS D 453 -19.90 -38.15 -13.32
C LYS D 453 -20.64 -36.86 -13.66
N ILE D 454 -20.39 -35.78 -12.93
CA ILE D 454 -21.07 -34.51 -13.21
C ILE D 454 -20.56 -33.94 -14.54
N ARG D 455 -21.46 -33.26 -15.25
CA ARG D 455 -21.10 -32.64 -16.52
C ARG D 455 -20.47 -31.28 -16.27
N ILE D 456 -19.35 -31.02 -16.93
CA ILE D 456 -18.59 -29.78 -16.76
C ILE D 456 -18.57 -29.05 -18.09
N ILE D 457 -19.00 -27.79 -18.08
CA ILE D 457 -18.87 -26.89 -19.21
C ILE D 457 -18.04 -25.71 -18.72
N THR D 458 -16.80 -25.60 -19.23
CA THR D 458 -15.86 -24.61 -18.71
C THR D 458 -15.15 -23.90 -19.86
N GLN D 459 -14.71 -22.68 -19.58
CA GLN D 459 -13.96 -21.88 -20.54
C GLN D 459 -12.47 -22.02 -20.30
N MET D 460 -11.72 -22.17 -21.39
CA MET D 460 -10.26 -22.25 -21.34
C MET D 460 -9.67 -21.12 -22.16
N LEU D 461 -8.77 -20.34 -21.55
CA LEU D 461 -8.19 -19.19 -22.22
C LEU D 461 -7.14 -19.59 -23.25
N GLN D 462 -6.41 -20.69 -23.01
CA GLN D 462 -5.33 -21.11 -23.88
C GLN D 462 -5.47 -22.58 -24.22
N TYR D 463 -4.94 -22.96 -25.38
CA TYR D 463 -5.06 -24.34 -25.85
C TYR D 463 -4.10 -25.27 -25.12
N HIS D 464 -2.89 -24.79 -24.80
CA HIS D 464 -1.94 -25.63 -24.06
C HIS D 464 -2.44 -25.92 -22.65
N ASN D 465 -3.11 -24.96 -22.02
CA ASN D 465 -3.74 -25.23 -20.73
C ASN D 465 -5.00 -26.08 -20.90
N LYS D 466 -5.66 -25.98 -22.05
CA LYS D 466 -6.80 -26.84 -22.32
C LYS D 466 -6.40 -28.30 -22.42
N ALA D 467 -5.23 -28.55 -23.01
CA ALA D 467 -4.75 -29.93 -23.15
C ALA D 467 -4.50 -30.61 -21.81
N HIS D 468 -4.31 -29.83 -20.74
CA HIS D 468 -4.14 -30.42 -19.42
C HIS D 468 -5.40 -31.13 -18.95
N LEU D 469 -6.57 -30.58 -19.28
CA LEU D 469 -7.82 -31.17 -18.84
C LEU D 469 -8.04 -32.56 -19.44
N LEU D 470 -7.52 -32.80 -20.64
CA LEU D 470 -7.69 -34.10 -21.28
C LEU D 470 -6.98 -35.22 -20.53
N ASN D 471 -6.06 -34.88 -19.62
CA ASN D 471 -5.34 -35.87 -18.83
C ASN D 471 -6.06 -36.25 -17.54
N ILE D 472 -7.16 -35.60 -17.23
CA ILE D 472 -7.93 -35.94 -16.03
C ILE D 472 -8.71 -37.22 -16.28
N PRO D 473 -8.63 -38.22 -15.40
CA PRO D 473 -9.39 -39.46 -15.63
C PRO D 473 -10.89 -39.26 -15.70
N SER D 474 -11.43 -38.31 -14.96
CA SER D 474 -12.86 -38.05 -14.98
C SER D 474 -13.31 -37.20 -16.16
N TRP D 475 -12.37 -36.55 -16.85
CA TRP D 475 -12.70 -35.71 -17.99
C TRP D 475 -13.05 -36.59 -19.18
N ASN D 476 -14.33 -36.69 -19.51
CA ASN D 476 -14.81 -37.53 -20.60
C ASN D 476 -15.58 -36.66 -21.60
N TRP D 477 -15.17 -36.73 -22.87
CA TRP D 477 -15.84 -35.95 -23.90
C TRP D 477 -17.21 -36.53 -24.24
N LYS D 478 -17.37 -37.86 -24.12
CA LYS D 478 -18.65 -38.47 -24.44
C LYS D 478 -19.75 -38.03 -23.48
N GLU D 479 -19.41 -37.90 -22.20
CA GLU D 479 -20.40 -37.48 -21.21
C GLU D 479 -20.86 -36.05 -21.44
N GLY D 480 -19.98 -35.19 -21.92
CA GLY D 480 -20.34 -33.80 -22.17
C GLY D 480 -19.40 -32.80 -21.53
N ASP D 481 -18.20 -33.23 -21.16
CA ASP D 481 -17.20 -32.32 -20.61
C ASP D 481 -16.71 -31.42 -21.72
N ASP D 482 -17.25 -30.21 -21.78
CA ASP D 482 -17.01 -29.28 -22.88
C ASP D 482 -16.09 -28.16 -22.41
N ALA D 483 -14.85 -28.18 -22.90
CA ALA D 483 -13.88 -27.12 -22.62
C ALA D 483 -13.92 -26.16 -23.81
N ILE D 484 -14.80 -25.17 -23.72
CA ILE D 484 -14.89 -24.14 -24.75
C ILE D 484 -13.61 -23.31 -24.69
N CYS D 485 -12.76 -23.45 -25.70
CA CYS D 485 -11.50 -22.71 -25.76
C CYS D 485 -11.74 -21.38 -26.46
N LEU D 486 -11.63 -20.29 -25.70
CA LEU D 486 -11.92 -18.97 -26.27
C LEU D 486 -10.93 -18.61 -27.38
N ALA D 487 -9.63 -18.86 -27.14
CA ALA D 487 -8.64 -18.56 -28.18
C ALA D 487 -8.84 -19.44 -29.39
N GLU D 488 -9.07 -20.75 -29.19
CA GLU D 488 -9.24 -21.66 -30.31
C GLU D 488 -10.46 -21.30 -31.14
N LEU D 489 -11.60 -21.05 -30.47
CA LEU D 489 -12.82 -20.73 -31.19
C LEU D 489 -12.73 -19.38 -31.88
N LYS D 490 -12.10 -18.39 -31.22
CA LYS D 490 -11.96 -17.09 -31.84
C LYS D 490 -11.05 -17.16 -33.07
N LEU D 491 -9.97 -17.94 -33.01
CA LEU D 491 -9.11 -18.09 -34.17
C LEU D 491 -9.80 -18.85 -35.29
N GLY D 492 -10.61 -19.86 -34.93
CA GLY D 492 -11.38 -20.55 -35.94
C GLY D 492 -12.39 -19.64 -36.62
N PHE D 493 -13.05 -18.77 -35.84
CA PHE D 493 -13.99 -17.81 -36.42
C PHE D 493 -13.26 -16.83 -37.33
N ILE D 494 -12.08 -16.38 -36.93
CA ILE D 494 -11.29 -15.48 -37.76
C ILE D 494 -10.91 -16.16 -39.07
N ALA D 495 -10.51 -17.43 -39.01
CA ALA D 495 -10.16 -18.16 -40.22
C ALA D 495 -11.38 -18.37 -41.12
N GLN D 496 -12.54 -18.65 -40.52
CA GLN D 496 -13.75 -18.78 -41.32
C GLN D 496 -14.14 -17.46 -41.97
N SER D 497 -13.89 -16.34 -41.29
CA SER D 497 -14.08 -15.03 -41.90
C SER D 497 -13.09 -14.84 -43.04
N CYS D 498 -11.87 -15.35 -42.89
CA CYS D 498 -10.90 -15.30 -43.98
C CYS D 498 -11.41 -16.06 -45.21
N LEU D 499 -12.02 -17.23 -44.99
CA LEU D 499 -12.63 -17.97 -46.10
C LEU D 499 -13.79 -17.19 -46.69
N ALA D 500 -14.64 -16.61 -45.84
CA ALA D 500 -15.80 -15.85 -46.29
C ALA D 500 -16.05 -14.73 -45.29
N GLN D 501 -15.85 -13.49 -45.72
CA GLN D 501 -15.99 -12.35 -44.83
C GLN D 501 -17.43 -12.23 -44.32
N GLY D 502 -17.57 -11.81 -43.07
CA GLY D 502 -18.87 -11.63 -42.46
C GLY D 502 -19.50 -12.87 -41.89
N LEU D 503 -18.78 -14.00 -41.88
CA LEU D 503 -19.33 -15.23 -41.34
C LEU D 503 -19.19 -15.31 -39.82
N SER D 504 -18.22 -14.61 -39.25
CA SER D 504 -18.04 -14.63 -37.80
C SER D 504 -19.25 -14.05 -37.08
N THR D 505 -19.74 -12.89 -37.56
CA THR D 505 -20.94 -12.31 -36.96
C THR D 505 -22.16 -13.16 -37.21
N MET D 506 -22.26 -13.79 -38.38
CA MET D 506 -23.37 -14.70 -38.67
C MET D 506 -23.40 -15.87 -37.69
N LEU D 507 -22.24 -16.45 -37.41
CA LEU D 507 -22.18 -17.55 -36.46
C LEU D 507 -22.46 -17.07 -35.04
N ALA D 508 -21.90 -15.92 -34.66
CA ALA D 508 -22.07 -15.42 -33.29
C ALA D 508 -23.53 -15.09 -33.00
N ASN D 509 -24.23 -14.48 -33.96
CA ASN D 509 -25.63 -14.12 -33.73
C ASN D 509 -26.53 -15.35 -33.64
N LEU D 510 -26.10 -16.49 -34.19
CA LEU D 510 -26.90 -17.70 -34.11
C LEU D 510 -26.93 -18.25 -32.68
N PHE D 511 -25.79 -18.23 -31.99
CA PHE D 511 -25.71 -18.73 -30.63
C PHE D 511 -26.35 -17.80 -29.61
N SER D 512 -26.59 -16.54 -29.98
CA SER D 512 -27.12 -15.55 -29.05
C SER D 512 -28.63 -15.47 -29.17
N MET D 513 -29.32 -15.51 -28.04
CA MET D 513 -30.77 -15.43 -28.02
C MET D 513 -31.19 -13.96 -28.16
N ARG D 514 -31.90 -13.65 -29.24
CA ARG D 514 -32.30 -12.28 -29.53
C ARG D 514 -33.80 -12.23 -29.78
N SER D 515 -34.41 -11.12 -29.37
CA SER D 515 -35.85 -10.93 -29.50
C SER D 515 -36.19 -10.49 -30.92
N PHE D 516 -37.44 -10.06 -31.13
CA PHE D 516 -37.94 -9.66 -32.43
C PHE D 516 -38.24 -8.17 -32.37
N ILE D 517 -37.34 -7.35 -32.90
CA ILE D 517 -37.39 -5.90 -32.75
C ILE D 517 -37.57 -5.27 -34.13
N LYS D 518 -38.46 -4.28 -34.21
CA LYS D 518 -38.72 -3.54 -35.44
C LYS D 518 -38.41 -2.07 -35.26
N ILE D 519 -37.96 -1.45 -36.34
CA ILE D 519 -37.59 -0.03 -36.37
C ILE D 519 -38.45 0.67 -37.41
N GLU D 520 -39.03 1.81 -37.02
CA GLU D 520 -39.96 2.51 -37.91
C GLU D 520 -39.24 2.99 -39.17
N GLU D 521 -38.13 3.70 -39.01
CA GLU D 521 -37.41 4.25 -40.15
C GLU D 521 -36.66 3.17 -40.91
N ASP D 522 -36.57 3.35 -42.22
CA ASP D 522 -35.88 2.39 -43.09
C ASP D 522 -34.38 2.67 -43.02
N THR D 523 -33.67 1.91 -42.19
CA THR D 523 -32.23 2.00 -42.06
C THR D 523 -31.62 0.61 -42.16
N TRP D 524 -30.29 0.55 -42.11
CA TRP D 524 -29.62 -0.74 -42.12
C TRP D 524 -29.89 -1.53 -40.85
N GLN D 525 -30.06 -0.84 -39.72
CA GLN D 525 -30.32 -1.52 -38.45
C GLN D 525 -31.63 -2.27 -38.47
N LYS D 526 -32.63 -1.79 -39.22
CA LYS D 526 -33.91 -2.48 -39.31
C LYS D 526 -33.74 -3.87 -39.93
N TYR D 527 -33.11 -3.93 -41.09
CA TYR D 527 -32.89 -5.22 -41.75
C TYR D 527 -31.94 -6.09 -40.94
N TYR D 528 -30.93 -5.49 -40.32
CA TYR D 528 -30.00 -6.28 -39.50
C TYR D 528 -30.71 -6.91 -38.32
N LEU D 529 -31.57 -6.15 -37.64
CA LEU D 529 -32.31 -6.68 -36.51
C LEU D 529 -33.35 -7.71 -36.95
N GLU D 530 -33.92 -7.53 -38.14
CA GLU D 530 -34.79 -8.58 -38.69
C GLU D 530 -34.03 -9.88 -38.88
N GLY D 531 -32.82 -9.79 -39.42
CA GLY D 531 -32.02 -11.00 -39.64
C GLY D 531 -31.57 -11.64 -38.35
N VAL D 532 -31.08 -10.84 -37.40
CA VAL D 532 -30.45 -11.35 -36.19
C VAL D 532 -31.42 -12.14 -35.31
N SER D 533 -32.71 -11.84 -35.39
CA SER D 533 -33.71 -12.44 -34.52
C SER D 533 -33.85 -13.94 -34.70
N ASN D 534 -33.07 -14.52 -35.62
CA ASN D 534 -33.14 -15.96 -35.91
C ASN D 534 -32.02 -16.68 -35.17
N GLU D 535 -32.40 -17.67 -34.38
CA GLU D 535 -31.47 -18.52 -33.64
C GLU D 535 -31.52 -19.94 -34.18
N MET D 536 -30.51 -20.73 -33.83
CA MET D 536 -30.39 -22.11 -34.28
C MET D 536 -30.93 -23.03 -33.18
N TYR D 537 -31.93 -23.84 -33.54
CA TYR D 537 -32.57 -24.79 -32.64
C TYR D 537 -32.46 -26.20 -33.21
N THR D 538 -32.75 -27.19 -32.37
CA THR D 538 -32.68 -28.59 -32.75
C THR D 538 -33.98 -29.28 -32.34
N GLU D 539 -34.48 -30.16 -33.21
CA GLU D 539 -35.73 -30.84 -32.92
C GLU D 539 -35.80 -32.15 -33.70
N TYR D 540 -36.33 -33.19 -33.06
CA TYR D 540 -36.58 -34.44 -33.75
C TYR D 540 -37.73 -34.28 -34.72
N LEU D 541 -37.49 -34.64 -35.98
CA LEU D 541 -38.43 -34.35 -37.05
C LEU D 541 -39.63 -35.30 -37.01
N SER D 542 -40.68 -34.91 -37.73
CA SER D 542 -41.91 -35.68 -37.80
C SER D 542 -41.72 -36.94 -38.64
N SER D 543 -42.63 -37.89 -38.45
CA SER D 543 -42.62 -39.14 -39.21
C SER D 543 -43.21 -38.99 -40.61
N ALA D 544 -43.93 -37.90 -40.87
CA ALA D 544 -44.50 -37.70 -42.20
C ALA D 544 -43.41 -37.45 -43.24
N PHE D 545 -42.33 -36.78 -42.84
CA PHE D 545 -41.24 -36.49 -43.76
C PHE D 545 -40.48 -37.74 -44.19
N VAL D 546 -40.55 -38.81 -43.40
CA VAL D 546 -39.76 -40.00 -43.67
C VAL D 546 -40.10 -40.55 -45.05
N GLY D 547 -39.07 -40.95 -45.80
CA GLY D 547 -39.23 -41.42 -47.15
C GLY D 547 -38.85 -40.43 -48.23
N LEU D 548 -38.31 -39.27 -47.86
CA LEU D 548 -37.94 -38.23 -48.81
C LEU D 548 -36.45 -37.91 -48.67
N SER D 549 -36.00 -36.92 -49.43
CA SER D 549 -34.62 -36.47 -49.40
C SER D 549 -34.51 -35.15 -48.64
N PHE D 550 -33.29 -34.87 -48.16
CA PHE D 550 -33.06 -33.68 -47.35
C PHE D 550 -33.40 -32.38 -48.08
N PRO D 551 -33.00 -32.15 -49.33
CA PRO D 551 -33.43 -30.92 -50.01
C PRO D 551 -34.94 -30.81 -50.13
N THR D 552 -35.63 -31.94 -50.33
CA THR D 552 -37.09 -31.92 -50.41
C THR D 552 -37.70 -31.44 -49.10
N VAL D 553 -37.19 -31.96 -47.97
CA VAL D 553 -37.69 -31.53 -46.67
C VAL D 553 -37.35 -30.08 -46.42
N CYS D 554 -36.19 -29.63 -46.90
CA CYS D 554 -35.83 -28.22 -46.76
C CYS D 554 -36.81 -27.32 -47.49
N GLU D 555 -37.13 -27.67 -48.74
CA GLU D 555 -38.10 -26.87 -49.49
C GLU D 555 -39.48 -26.92 -48.84
N LEU D 556 -39.90 -28.10 -48.39
CA LEU D 556 -41.22 -28.21 -47.75
C LEU D 556 -41.29 -27.38 -46.48
N CYS D 557 -40.24 -27.39 -45.66
CA CYS D 557 -40.21 -26.60 -44.44
C CYS D 557 -40.13 -25.11 -44.72
N PHE D 558 -39.39 -24.70 -45.76
CA PHE D 558 -39.26 -23.27 -46.05
C PHE D 558 -40.54 -22.71 -46.66
N VAL D 559 -41.19 -23.46 -47.55
CA VAL D 559 -42.39 -22.97 -48.23
C VAL D 559 -43.63 -23.10 -47.36
N LYS D 560 -43.83 -24.25 -46.73
CA LYS D 560 -45.04 -24.48 -45.95
C LYS D 560 -44.88 -24.01 -44.51
N LEU D 561 -43.88 -24.53 -43.81
CA LEU D 561 -43.69 -24.22 -42.40
C LEU D 561 -42.81 -23.00 -42.16
N LYS D 562 -42.24 -22.41 -43.22
CA LYS D 562 -41.34 -21.27 -43.11
C LYS D 562 -40.16 -21.56 -42.19
N LEU D 563 -39.57 -22.74 -42.38
CA LEU D 563 -38.45 -23.21 -41.57
C LEU D 563 -37.30 -23.61 -42.48
N LEU D 564 -36.09 -23.30 -42.03
CA LEU D 564 -34.87 -23.54 -42.81
C LEU D 564 -34.00 -24.55 -42.09
N MET D 565 -33.67 -25.64 -42.77
CA MET D 565 -32.81 -26.67 -42.22
C MET D 565 -31.40 -26.54 -42.76
N ILE D 566 -30.41 -26.85 -41.90
CA ILE D 566 -29.01 -26.73 -42.28
C ILE D 566 -28.30 -28.06 -42.08
N ALA D 567 -28.81 -28.88 -41.16
CA ALA D 567 -28.16 -30.15 -40.84
C ALA D 567 -29.20 -31.12 -40.29
N ILE D 568 -28.90 -32.41 -40.39
CA ILE D 568 -29.78 -33.46 -39.90
C ILE D 568 -28.95 -34.57 -39.25
N GLU D 569 -29.65 -35.60 -38.79
CA GLU D 569 -29.05 -36.84 -38.32
C GLU D 569 -29.52 -38.00 -39.18
N TYR D 570 -28.59 -38.85 -39.61
CA TYR D 570 -28.89 -39.99 -40.46
C TYR D 570 -28.73 -41.28 -39.67
N LYS D 571 -29.73 -42.15 -39.77
CA LYS D 571 -29.71 -43.44 -39.08
C LYS D 571 -28.95 -44.47 -39.89
N ARG D 578 -25.28 -39.09 -35.18
CA ARG D 578 -24.32 -38.44 -36.06
C ARG D 578 -24.90 -37.17 -36.66
N ILE D 579 -24.06 -36.14 -36.79
CA ILE D 579 -24.47 -34.85 -37.32
C ILE D 579 -23.97 -34.76 -38.75
N LEU D 580 -24.88 -34.48 -39.70
CA LEU D 580 -24.53 -34.30 -41.09
C LEU D 580 -24.99 -32.91 -41.52
N ILE D 581 -24.04 -32.08 -41.92
CA ILE D 581 -24.30 -30.68 -42.26
C ILE D 581 -24.58 -30.57 -43.75
N ASN D 582 -25.80 -30.15 -44.10
CA ASN D 582 -26.25 -30.03 -45.47
C ASN D 582 -25.96 -31.30 -46.30
N PRO D 583 -26.57 -32.43 -45.96
CA PRO D 583 -26.32 -33.64 -46.72
C PRO D 583 -26.88 -33.54 -48.13
N GLY D 584 -26.27 -34.29 -49.05
CA GLY D 584 -26.66 -34.25 -50.43
C GLY D 584 -28.05 -34.81 -50.68
N ASN D 585 -28.47 -34.71 -51.93
CA ASN D 585 -29.81 -35.18 -52.30
C ASN D 585 -29.90 -36.70 -52.24
N HIS D 586 -28.78 -37.41 -52.28
CA HIS D 586 -28.82 -38.86 -52.29
C HIS D 586 -29.20 -39.43 -50.92
N LEU D 587 -28.84 -38.74 -49.85
CA LEU D 587 -29.25 -39.18 -48.52
C LEU D 587 -30.76 -39.07 -48.37
N LYS D 588 -31.34 -40.00 -47.62
CA LYS D 588 -32.78 -40.05 -47.41
C LYS D 588 -33.10 -39.95 -45.92
N ILE D 589 -34.10 -39.14 -45.60
CA ILE D 589 -34.52 -38.96 -44.21
C ILE D 589 -35.19 -40.24 -43.71
N GLN D 590 -35.05 -40.51 -42.42
CA GLN D 590 -35.55 -41.72 -41.80
C GLN D 590 -36.35 -41.37 -40.55
N GLU D 591 -36.89 -42.40 -39.90
CA GLU D 591 -37.67 -42.20 -38.68
C GLU D 591 -36.78 -41.74 -37.54
N GLY D 592 -37.31 -40.86 -36.70
CA GLY D 592 -36.55 -40.34 -35.58
C GLY D 592 -35.45 -39.38 -35.97
N THR D 593 -35.56 -38.75 -37.13
CA THR D 593 -34.52 -37.84 -37.59
C THR D 593 -34.48 -36.57 -36.76
N LEU D 594 -33.29 -36.17 -36.33
CA LEU D 594 -33.08 -34.95 -35.59
C LEU D 594 -32.53 -33.89 -36.54
N GLY D 595 -33.25 -32.79 -36.69
CA GLY D 595 -32.87 -31.74 -37.62
C GLY D 595 -32.58 -30.44 -36.91
N PHE D 596 -31.73 -29.62 -37.53
CA PHE D 596 -31.36 -28.32 -37.01
C PHE D 596 -32.00 -27.23 -37.86
N PHE D 597 -32.71 -26.32 -37.21
CA PHE D 597 -33.44 -25.27 -37.88
C PHE D 597 -32.92 -23.91 -37.44
N ILE D 598 -33.20 -22.90 -38.25
CA ILE D 598 -32.95 -21.51 -37.92
C ILE D 598 -34.29 -20.80 -37.91
N ALA D 599 -34.69 -20.29 -36.75
CA ALA D 599 -36.00 -19.69 -36.59
C ALA D 599 -35.99 -18.72 -35.42
N SER D 600 -37.02 -17.87 -35.38
CA SER D 600 -37.10 -16.85 -34.35
C SER D 600 -37.39 -17.45 -32.98
N ASP D 601 -38.31 -18.42 -32.91
CA ASP D 601 -38.74 -18.98 -31.64
C ASP D 601 -38.88 -20.49 -31.78
N ALA D 602 -38.85 -21.17 -30.62
CA ALA D 602 -39.00 -22.63 -30.60
C ALA D 602 -40.41 -23.07 -30.96
N LYS D 603 -41.42 -22.24 -30.70
CA LYS D 603 -42.77 -22.58 -31.13
C LYS D 603 -42.88 -22.65 -32.64
N GLU D 604 -42.07 -21.86 -33.35
CA GLU D 604 -42.06 -21.92 -34.81
C GLU D 604 -41.49 -23.23 -35.31
N VAL D 605 -40.36 -23.67 -34.73
CA VAL D 605 -39.77 -24.94 -35.14
C VAL D 605 -40.60 -26.12 -34.66
N LYS D 606 -41.44 -25.93 -33.64
CA LYS D 606 -42.31 -27.00 -33.16
C LYS D 606 -43.27 -27.48 -34.25
N ARG D 607 -43.56 -26.63 -35.24
CA ARG D 607 -44.45 -27.01 -36.33
C ARG D 607 -43.85 -28.10 -37.20
N ALA D 608 -42.53 -28.23 -37.24
CA ALA D 608 -41.91 -29.26 -38.08
C ALA D 608 -42.28 -30.66 -37.60
N PHE D 609 -42.30 -30.87 -36.28
CA PHE D 609 -42.68 -32.18 -35.74
C PHE D 609 -44.17 -32.44 -35.85
N PHE D 610 -44.99 -31.39 -35.94
CA PHE D 610 -46.43 -31.53 -36.04
C PHE D 610 -46.93 -31.49 -37.48
N TYR D 611 -46.03 -31.42 -38.45
CA TYR D 611 -46.44 -31.38 -39.85
C TYR D 611 -47.04 -32.72 -40.27
N CYS D 612 -48.21 -32.66 -40.90
CA CYS D 612 -48.89 -33.84 -41.40
C CYS D 612 -49.05 -33.74 -42.91
N LYS D 613 -48.60 -34.77 -43.63
CA LYS D 613 -48.72 -34.78 -45.08
C LYS D 613 -50.17 -34.77 -45.52
N ALA D 614 -51.01 -35.57 -44.86
CA ALA D 614 -52.42 -35.63 -45.23
C ALA D 614 -53.12 -34.30 -44.95
N CYS D 615 -52.81 -33.67 -43.82
CA CYS D 615 -53.44 -32.41 -43.48
C CYS D 615 -52.97 -31.26 -44.37
N HIS D 616 -51.83 -31.40 -45.03
CA HIS D 616 -51.28 -30.36 -45.91
C HIS D 616 -51.06 -30.90 -47.32
N ASP D 617 -51.91 -31.82 -47.76
CA ASP D 617 -51.79 -32.39 -49.09
C ASP D 617 -52.11 -31.36 -50.16
N VAL D 683 5.45 -35.08 -45.38
CA VAL D 683 4.86 -35.87 -46.45
C VAL D 683 3.43 -36.27 -46.08
N LYS D 684 2.98 -35.83 -44.91
CA LYS D 684 1.63 -36.11 -44.43
C LYS D 684 0.70 -35.00 -44.93
N LYS D 685 -0.02 -35.27 -46.03
CA LYS D 685 -0.91 -34.28 -46.61
C LYS D 685 -2.35 -34.41 -46.13
N TYR D 686 -2.71 -35.52 -45.50
CA TYR D 686 -4.05 -35.71 -44.95
C TYR D 686 -3.94 -36.30 -43.56
N ASP D 687 -4.85 -35.89 -42.68
CA ASP D 687 -4.87 -36.41 -41.32
C ASP D 687 -5.32 -37.88 -41.33
N SER D 688 -5.40 -38.45 -40.12
CA SER D 688 -5.83 -39.84 -40.02
C SER D 688 -7.24 -40.03 -40.58
N THR D 689 -8.16 -39.13 -40.25
CA THR D 689 -9.49 -39.19 -40.84
C THR D 689 -9.44 -38.87 -42.33
N GLY D 690 -8.62 -37.91 -42.72
CA GLY D 690 -8.48 -37.55 -44.13
C GLY D 690 -9.36 -36.39 -44.54
N MET D 691 -9.33 -35.31 -43.77
CA MET D 691 -10.15 -34.12 -44.06
C MET D 691 -9.35 -32.85 -43.82
N PHE D 692 -8.03 -32.92 -43.97
CA PHE D 692 -7.16 -31.79 -43.69
C PHE D 692 -5.96 -31.80 -44.63
N HIS D 693 -5.28 -30.66 -44.72
CA HIS D 693 -4.07 -30.51 -45.50
C HIS D 693 -2.89 -30.23 -44.59
N TRP D 694 -1.71 -30.72 -44.99
CA TRP D 694 -0.48 -30.53 -44.24
C TRP D 694 0.68 -30.94 -45.13
N CYS D 695 1.90 -30.63 -44.68
CA CYS D 695 3.10 -30.95 -45.44
C CYS D 695 4.24 -31.23 -44.47
N ALA D 696 5.41 -31.52 -45.03
CA ALA D 696 6.57 -31.87 -44.24
C ALA D 696 7.10 -30.66 -43.48
N PRO D 697 7.79 -30.87 -42.36
CA PRO D 697 8.38 -29.75 -41.63
C PRO D 697 9.46 -29.04 -42.44
N LYS D 698 9.62 -27.75 -42.17
CA LYS D 698 10.59 -26.92 -42.88
C LYS D 698 11.45 -26.17 -41.87
N GLU D 699 12.65 -25.80 -42.32
CA GLU D 699 13.59 -25.09 -41.49
C GLU D 699 13.07 -23.68 -41.17
N ILE D 700 13.57 -23.11 -40.07
CA ILE D 700 13.12 -21.78 -39.66
C ILE D 700 13.44 -20.75 -40.72
N GLU D 701 14.65 -20.78 -41.28
CA GLU D 701 15.04 -19.82 -42.31
C GLU D 701 14.56 -20.22 -43.69
N LYS D 702 14.00 -21.42 -43.85
CA LYS D 702 13.56 -21.87 -45.17
C LYS D 702 12.35 -21.09 -45.67
N VAL D 703 11.49 -20.63 -44.76
CA VAL D 703 10.25 -19.96 -45.12
C VAL D 703 10.21 -18.51 -44.66
N ILE D 704 11.23 -18.03 -43.95
CA ILE D 704 11.27 -16.65 -43.50
C ILE D 704 11.65 -15.76 -44.68
N LEU D 705 10.86 -14.72 -44.91
CA LEU D 705 11.11 -13.75 -45.97
C LEU D 705 11.54 -12.42 -45.36
N THR D 706 12.65 -11.89 -45.83
CA THR D 706 13.15 -10.61 -45.38
C THR D 706 12.52 -9.48 -46.20
N ARG D 707 13.04 -8.26 -46.06
CA ARG D 707 12.52 -7.14 -46.84
C ARG D 707 12.71 -7.39 -48.34
N SER D 708 13.94 -7.70 -48.75
CA SER D 708 14.20 -7.98 -50.16
C SER D 708 13.50 -9.26 -50.60
N GLU D 709 13.58 -10.32 -49.78
CA GLU D 709 12.97 -11.59 -50.17
C GLU D 709 11.47 -11.43 -50.39
N ALA D 710 10.82 -10.60 -49.56
CA ALA D 710 9.43 -10.26 -49.83
C ALA D 710 9.30 -9.34 -51.03
N ALA D 711 10.34 -8.56 -51.33
CA ALA D 711 10.28 -7.64 -52.46
C ALA D 711 10.20 -8.39 -53.79
N MET D 712 11.11 -9.34 -54.03
CA MET D 712 11.03 -10.07 -55.29
C MET D 712 9.87 -11.07 -55.30
N THR D 713 9.67 -11.80 -54.20
CA THR D 713 8.61 -12.80 -54.16
C THR D 713 7.26 -12.09 -54.11
N VAL D 714 6.48 -12.25 -55.18
CA VAL D 714 5.17 -11.61 -55.28
C VAL D 714 4.15 -12.48 -54.54
N LEU D 715 3.45 -11.88 -53.59
CA LEU D 715 2.43 -12.56 -52.80
C LEU D 715 1.07 -12.00 -53.17
N SER D 716 0.25 -12.80 -53.84
CA SER D 716 -1.09 -12.40 -54.24
C SER D 716 -2.07 -13.50 -53.88
N GLY D 717 -3.29 -13.09 -53.54
CA GLY D 717 -4.29 -14.06 -53.11
C GLY D 717 -3.90 -14.81 -51.86
N HIS D 718 -3.35 -14.11 -50.87
CA HIS D 718 -2.85 -14.70 -49.65
C HIS D 718 -3.54 -14.07 -48.45
N VAL D 719 -3.10 -14.46 -47.25
CA VAL D 719 -3.69 -13.98 -46.00
C VAL D 719 -2.58 -13.39 -45.15
N VAL D 720 -2.76 -12.12 -44.76
CA VAL D 720 -1.80 -11.41 -43.92
C VAL D 720 -2.30 -11.45 -42.47
N VAL D 721 -1.39 -11.70 -41.55
CA VAL D 721 -1.69 -11.76 -40.13
C VAL D 721 -0.64 -10.93 -39.41
N CYS D 722 -1.09 -9.89 -38.70
CA CYS D 722 -0.19 -8.93 -38.06
C CYS D 722 -0.17 -9.20 -36.56
N ILE D 723 0.95 -9.72 -36.06
CA ILE D 723 1.13 -10.02 -34.65
C ILE D 723 1.81 -8.84 -33.97
N PHE D 724 1.26 -8.44 -32.83
CA PHE D 724 1.91 -7.47 -31.95
C PHE D 724 2.32 -8.15 -30.65
N GLY D 725 3.49 -7.79 -30.15
CA GLY D 725 3.98 -8.37 -28.92
C GLY D 725 5.45 -8.05 -28.71
N ASP D 726 5.96 -8.55 -27.59
CA ASP D 726 7.34 -8.35 -27.21
C ASP D 726 7.86 -9.63 -26.55
N VAL D 727 9.01 -9.52 -25.88
CA VAL D 727 9.59 -10.68 -25.21
C VAL D 727 8.72 -11.14 -24.05
N SER D 728 8.07 -10.21 -23.34
CA SER D 728 7.25 -10.54 -22.18
C SER D 728 5.80 -10.84 -22.53
N SER D 729 5.43 -10.77 -23.81
CA SER D 729 4.05 -11.02 -24.20
C SER D 729 3.73 -12.52 -24.11
N ALA D 730 2.44 -12.81 -23.97
CA ALA D 730 1.97 -14.18 -23.87
C ALA D 730 1.72 -14.77 -25.25
N LEU D 731 1.60 -16.10 -25.28
CA LEU D 731 1.37 -16.82 -26.53
C LEU D 731 -0.10 -16.74 -26.93
N ILE D 732 -0.40 -17.20 -28.15
CA ILE D 732 -1.73 -17.12 -28.73
C ILE D 732 -2.27 -18.50 -29.09
N GLY D 733 -1.45 -19.33 -29.73
CA GLY D 733 -1.91 -20.63 -30.19
C GLY D 733 -2.42 -20.61 -31.61
N LEU D 734 -1.58 -20.13 -32.52
CA LEU D 734 -1.97 -19.84 -33.90
C LEU D 734 -2.28 -21.08 -34.74
N ARG D 735 -2.19 -22.29 -34.17
CA ARG D 735 -2.47 -23.49 -34.95
C ARG D 735 -3.91 -23.52 -35.44
N ASN D 736 -4.86 -23.16 -34.57
CA ASN D 736 -6.27 -23.16 -34.95
C ASN D 736 -6.61 -22.02 -35.89
N LEU D 737 -5.72 -21.04 -36.05
CA LEU D 737 -5.94 -20.00 -37.05
C LEU D 737 -5.74 -20.53 -38.46
N VAL D 738 -4.79 -21.45 -38.64
CA VAL D 738 -4.48 -21.99 -39.95
C VAL D 738 -5.10 -23.36 -40.20
N MET D 739 -5.56 -24.05 -39.15
CA MET D 739 -6.07 -25.41 -39.33
C MET D 739 -7.29 -25.50 -40.24
N PRO D 740 -8.34 -24.69 -40.07
CA PRO D 740 -9.51 -24.82 -40.96
C PRO D 740 -9.25 -24.36 -42.39
N LEU D 741 -8.24 -23.53 -42.63
CA LEU D 741 -7.89 -23.18 -44.00
C LEU D 741 -7.39 -24.38 -44.78
N ARG D 742 -6.96 -25.44 -44.08
CA ARG D 742 -6.39 -26.63 -44.70
C ARG D 742 -7.40 -27.77 -44.80
N ALA D 743 -8.68 -27.49 -44.58
CA ALA D 743 -9.70 -28.53 -44.70
C ALA D 743 -9.73 -29.09 -46.10
N SER D 744 -9.88 -30.41 -46.21
CA SER D 744 -9.76 -31.09 -47.49
C SER D 744 -11.05 -31.04 -48.32
N ASN D 745 -12.15 -30.54 -47.77
CA ASN D 745 -13.34 -30.35 -48.59
C ASN D 745 -13.21 -29.14 -49.51
N PHE D 746 -12.08 -28.45 -49.48
CA PHE D 746 -11.78 -27.38 -50.43
C PHE D 746 -10.75 -27.89 -51.43
N HIS D 747 -10.81 -27.37 -52.65
CA HIS D 747 -9.85 -27.74 -53.67
C HIS D 747 -8.46 -27.27 -53.28
N TYR D 748 -7.44 -28.03 -53.68
CA TYR D 748 -6.07 -27.68 -53.32
C TYR D 748 -5.65 -26.36 -53.96
N HIS D 749 -6.08 -26.10 -55.19
CA HIS D 749 -5.75 -24.84 -55.84
C HIS D 749 -6.44 -23.65 -55.20
N GLU D 750 -7.40 -23.88 -54.31
CA GLU D 750 -8.08 -22.81 -53.59
C GLU D 750 -7.40 -22.46 -52.27
N LEU D 751 -6.28 -23.09 -51.93
CA LEU D 751 -5.58 -22.77 -50.71
C LEU D 751 -4.97 -21.38 -50.79
N LYS D 752 -4.66 -20.82 -49.62
CA LYS D 752 -4.18 -19.45 -49.51
C LYS D 752 -2.85 -19.42 -48.77
N HIS D 753 -1.91 -18.64 -49.29
CA HIS D 753 -0.64 -18.43 -48.62
C HIS D 753 -0.84 -17.63 -47.34
N ILE D 754 0.00 -17.91 -46.34
CA ILE D 754 -0.10 -17.28 -45.03
C ILE D 754 1.19 -16.55 -44.72
N VAL D 755 1.08 -15.25 -44.40
CA VAL D 755 2.22 -14.43 -44.04
C VAL D 755 1.93 -13.77 -42.70
N PHE D 756 2.92 -13.78 -41.81
CA PHE D 756 2.84 -13.16 -40.50
C PHE D 756 3.86 -12.03 -40.43
N VAL D 757 3.46 -10.91 -39.84
CA VAL D 757 4.33 -9.74 -39.70
C VAL D 757 4.41 -9.37 -38.22
N GLY D 758 5.62 -9.27 -37.70
CA GLY D 758 5.78 -8.90 -36.30
C GLY D 758 7.23 -8.78 -35.90
N SER D 759 7.43 -8.43 -34.64
CA SER D 759 8.77 -8.28 -34.09
C SER D 759 9.41 -9.65 -33.85
N ILE D 760 10.61 -9.83 -34.38
CA ILE D 760 11.21 -11.16 -34.50
C ILE D 760 11.36 -11.86 -33.16
N GLU D 761 11.40 -11.13 -32.05
CA GLU D 761 11.53 -11.77 -30.74
C GLU D 761 10.32 -12.66 -30.45
N TYR D 762 9.11 -12.13 -30.63
CA TYR D 762 7.91 -12.91 -30.36
C TYR D 762 7.77 -14.07 -31.35
N LEU D 763 8.12 -13.83 -32.62
CA LEU D 763 8.05 -14.90 -33.61
C LEU D 763 9.01 -16.04 -33.26
N LYS D 764 10.25 -15.71 -32.87
CA LYS D 764 11.17 -16.78 -32.50
C LYS D 764 10.77 -17.41 -31.17
N ARG D 765 10.01 -16.71 -30.34
CA ARG D 765 9.49 -17.31 -29.12
C ARG D 765 8.42 -18.36 -29.43
N GLU D 766 7.52 -18.06 -30.36
CA GLU D 766 6.42 -19.01 -30.61
C GLU D 766 6.70 -19.96 -31.76
N TRP D 767 7.83 -19.82 -32.46
CA TRP D 767 8.09 -20.62 -33.65
C TRP D 767 8.19 -22.11 -33.36
N GLU D 768 8.44 -22.50 -32.11
CA GLU D 768 8.55 -23.92 -31.78
C GLU D 768 7.26 -24.68 -32.07
N THR D 769 6.12 -24.00 -32.16
CA THR D 769 4.85 -24.62 -32.46
C THR D 769 4.35 -24.32 -33.86
N LEU D 770 5.21 -23.74 -34.72
CA LEU D 770 4.78 -23.33 -36.06
C LEU D 770 5.82 -23.69 -37.13
N HIS D 771 6.78 -24.55 -36.80
CA HIS D 771 7.81 -24.95 -37.75
C HIS D 771 7.41 -26.15 -38.61
N ASN D 772 6.22 -26.70 -38.39
CA ASN D 772 5.76 -27.88 -39.12
C ASN D 772 4.75 -27.56 -40.22
N PHE D 773 4.45 -26.29 -40.45
CA PHE D 773 3.40 -25.96 -41.41
C PHE D 773 3.99 -25.32 -42.67
N PRO D 774 3.39 -25.57 -43.83
CA PRO D 774 3.88 -24.99 -45.07
C PRO D 774 3.22 -23.66 -45.40
N LYS D 775 3.79 -22.96 -46.38
CA LYS D 775 3.27 -21.68 -46.86
C LYS D 775 3.09 -20.69 -45.74
N VAL D 776 4.06 -20.65 -44.82
CA VAL D 776 4.02 -19.78 -43.65
C VAL D 776 5.26 -18.90 -43.70
N SER D 777 5.07 -17.62 -43.97
CA SER D 777 6.17 -16.67 -44.05
C SER D 777 6.21 -15.81 -42.79
N ILE D 778 7.43 -15.50 -42.33
CA ILE D 778 7.64 -14.66 -41.16
C ILE D 778 8.38 -13.40 -41.62
N LEU D 779 7.88 -12.23 -41.23
CA LEU D 779 8.52 -10.97 -41.55
C LEU D 779 8.81 -10.17 -40.28
N PRO D 780 10.08 -9.98 -39.93
CA PRO D 780 10.42 -9.13 -38.78
C PRO D 780 10.11 -7.67 -39.07
N GLY D 781 9.85 -6.93 -37.99
CA GLY D 781 9.53 -5.53 -38.11
C GLY D 781 8.31 -5.14 -37.30
N THR D 782 7.54 -4.17 -37.79
CA THR D 782 6.32 -3.74 -37.13
C THR D 782 5.21 -3.58 -38.15
N PRO D 783 4.00 -4.05 -37.83
CA PRO D 783 2.87 -3.85 -38.76
C PRO D 783 2.49 -2.40 -38.97
N LEU D 784 2.92 -1.49 -38.10
CA LEU D 784 2.65 -0.07 -38.29
C LEU D 784 3.52 0.55 -39.38
N SER D 785 4.52 -0.17 -39.87
CA SER D 785 5.38 0.35 -40.92
C SER D 785 4.70 0.15 -42.27
N ARG D 786 4.63 1.22 -43.06
CA ARG D 786 3.98 1.13 -44.38
C ARG D 786 4.83 0.33 -45.35
N ALA D 787 6.15 0.42 -45.26
CA ALA D 787 7.02 -0.31 -46.18
C ALA D 787 6.85 -1.81 -46.05
N ASP D 788 6.71 -2.29 -44.82
CA ASP D 788 6.49 -3.72 -44.61
C ASP D 788 5.19 -4.19 -45.28
N LEU D 789 4.12 -3.41 -45.13
CA LEU D 789 2.85 -3.78 -45.73
C LEU D 789 2.90 -3.70 -47.25
N ARG D 790 3.65 -2.75 -47.80
CA ARG D 790 3.86 -2.73 -49.25
C ARG D 790 4.62 -3.96 -49.70
N ALA D 791 5.63 -4.38 -48.94
CA ALA D 791 6.38 -5.58 -49.28
C ALA D 791 5.49 -6.82 -49.25
N VAL D 792 4.60 -6.91 -48.26
CA VAL D 792 3.68 -8.03 -48.18
C VAL D 792 2.65 -7.98 -49.30
N ASN D 793 2.48 -6.83 -49.95
CA ASN D 793 1.43 -6.60 -50.94
C ASN D 793 0.05 -6.80 -50.30
N ILE D 794 -0.24 -5.92 -49.33
CA ILE D 794 -1.48 -6.01 -48.57
C ILE D 794 -2.69 -5.78 -49.45
N ASN D 795 -2.56 -4.90 -50.45
CA ASN D 795 -3.69 -4.62 -51.34
C ASN D 795 -4.09 -5.85 -52.16
N LEU D 796 -3.17 -6.78 -52.38
CA LEU D 796 -3.46 -7.98 -53.16
C LEU D 796 -3.89 -9.18 -52.32
N CYS D 797 -3.87 -9.05 -51.00
CA CYS D 797 -4.16 -10.20 -50.14
C CYS D 797 -5.65 -10.50 -50.13
N ASP D 798 -5.98 -11.76 -49.85
CA ASP D 798 -7.38 -12.14 -49.71
C ASP D 798 -7.99 -11.56 -48.45
N MET D 799 -7.23 -11.52 -47.35
CA MET D 799 -7.76 -10.99 -46.10
C MET D 799 -6.61 -10.71 -45.15
N CYS D 800 -6.77 -9.66 -44.35
CA CYS D 800 -5.80 -9.27 -43.34
C CYS D 800 -6.45 -9.32 -41.96
N VAL D 801 -5.76 -9.94 -41.01
CA VAL D 801 -6.22 -10.01 -39.63
C VAL D 801 -5.14 -9.41 -38.73
N ILE D 802 -5.58 -8.83 -37.62
CA ILE D 802 -4.71 -8.12 -36.69
C ILE D 802 -4.90 -8.71 -35.29
N LEU D 803 -3.80 -9.13 -34.67
CA LEU D 803 -3.83 -9.69 -33.34
C LEU D 803 -2.74 -9.06 -32.50
N SER D 804 -3.03 -8.79 -31.23
CA SER D 804 -2.08 -8.18 -30.31
C SER D 804 -1.93 -9.06 -29.09
N ALA D 805 -0.69 -9.45 -28.78
CA ALA D 805 -0.41 -10.19 -27.56
C ALA D 805 -0.30 -9.28 -26.34
N ASN D 806 -0.25 -7.96 -26.54
CA ASN D 806 -0.24 -6.99 -25.45
C ASN D 806 -1.60 -6.76 -24.85
N GLN D 807 -2.61 -7.55 -25.27
CA GLN D 807 -3.95 -7.40 -24.71
C GLN D 807 -4.03 -7.85 -23.26
N ASN D 808 -2.99 -8.50 -22.74
CA ASN D 808 -2.96 -8.97 -21.36
C ASN D 808 -2.06 -8.14 -20.46
N ASN D 809 -0.91 -7.69 -20.97
CA ASN D 809 0.02 -6.94 -20.14
C ASN D 809 -0.42 -5.50 -19.92
N ILE D 810 -1.30 -4.97 -20.77
CA ILE D 810 -1.75 -3.58 -20.64
C ILE D 810 -2.88 -3.54 -19.61
N ASP D 811 -2.69 -2.76 -18.55
CA ASP D 811 -3.65 -2.74 -17.46
C ASP D 811 -4.92 -1.98 -17.82
N ASP D 812 -4.77 -0.82 -18.48
CA ASP D 812 -5.93 0.01 -18.78
C ASP D 812 -6.74 -0.65 -19.89
N THR D 813 -8.04 -0.78 -19.67
CA THR D 813 -8.90 -1.50 -20.61
C THR D 813 -8.95 -0.82 -21.97
N SER D 814 -9.04 0.52 -21.98
CA SER D 814 -9.11 1.24 -23.24
C SER D 814 -7.80 1.16 -24.02
N LEU D 815 -6.70 0.84 -23.34
CA LEU D 815 -5.39 0.80 -23.98
C LEU D 815 -4.97 -0.60 -24.42
N GLN D 816 -5.76 -1.64 -24.13
CA GLN D 816 -5.41 -2.97 -24.61
C GLN D 816 -5.64 -3.12 -26.10
N ASP D 817 -6.41 -2.23 -26.71
CA ASP D 817 -6.61 -2.18 -28.16
C ASP D 817 -5.69 -1.18 -28.83
N LYS D 818 -4.47 -1.03 -28.30
CA LYS D 818 -3.50 -0.09 -28.83
C LYS D 818 -3.20 -0.38 -30.30
N GLU D 819 -2.54 -1.51 -30.54
CA GLU D 819 -1.95 -1.77 -31.84
C GLU D 819 -3.00 -2.22 -32.84
N CYS D 820 -4.04 -2.91 -32.37
CA CYS D 820 -5.11 -3.33 -33.28
C CYS D 820 -5.76 -2.12 -33.93
N ILE D 821 -6.19 -1.15 -33.12
CA ILE D 821 -6.84 0.04 -33.66
C ILE D 821 -5.84 0.85 -34.49
N LEU D 822 -4.61 1.00 -33.99
CA LEU D 822 -3.64 1.81 -34.72
C LEU D 822 -3.36 1.22 -36.11
N ALA D 823 -3.17 -0.09 -36.18
CA ALA D 823 -2.87 -0.74 -37.47
C ALA D 823 -4.10 -0.76 -38.37
N SER D 824 -5.29 -0.92 -37.81
CA SER D 824 -6.51 -0.86 -38.62
C SER D 824 -6.64 0.50 -39.29
N LEU D 825 -6.46 1.57 -38.53
CA LEU D 825 -6.52 2.90 -39.11
C LEU D 825 -5.36 3.16 -40.06
N ASN D 826 -4.20 2.54 -39.80
CA ASN D 826 -3.07 2.70 -40.71
C ASN D 826 -3.35 2.09 -42.06
N ILE D 827 -3.91 0.88 -42.09
CA ILE D 827 -4.22 0.22 -43.35
C ILE D 827 -5.38 0.93 -44.05
N LYS D 828 -6.38 1.37 -43.30
CA LYS D 828 -7.51 2.08 -43.90
C LYS D 828 -7.05 3.35 -44.59
N SER D 829 -6.09 4.07 -43.99
CA SER D 829 -5.58 5.30 -44.56
C SER D 829 -4.53 5.08 -45.64
N MET D 830 -4.12 3.84 -45.89
CA MET D 830 -3.12 3.55 -46.90
C MET D 830 -3.62 3.95 -48.28
N GLN D 831 -2.69 4.41 -49.12
CA GLN D 831 -2.98 4.76 -50.51
C GLN D 831 -2.20 3.84 -51.42
N PHE D 832 -2.88 3.30 -52.43
CA PHE D 832 -2.29 2.33 -53.34
C PHE D 832 -2.43 2.82 -54.77
N ASP D 833 -1.45 2.45 -55.60
CA ASP D 833 -1.42 2.81 -57.01
C ASP D 833 -1.60 1.56 -57.85
N ASP D 834 -2.46 1.65 -58.86
CA ASP D 834 -2.73 0.52 -59.74
C ASP D 834 -2.47 0.88 -61.20
N ILE D 870 -6.24 4.91 -57.81
CA ILE D 870 -6.09 5.15 -56.38
C ILE D 870 -7.14 4.37 -55.60
N THR D 871 -6.70 3.28 -54.96
CA THR D 871 -7.57 2.43 -54.15
C THR D 871 -7.25 2.67 -52.68
N THR D 872 -8.18 3.30 -51.97
CA THR D 872 -7.97 3.56 -50.56
C THR D 872 -8.14 2.27 -49.76
N GLY D 873 -7.65 2.29 -48.51
CA GLY D 873 -7.56 1.10 -47.70
C GLY D 873 -8.83 0.70 -46.97
N VAL D 874 -9.90 1.51 -47.05
CA VAL D 874 -11.13 1.15 -46.36
C VAL D 874 -11.87 0.02 -47.06
N ASN D 875 -11.52 -0.28 -48.31
CA ASN D 875 -12.11 -1.40 -49.03
C ASN D 875 -11.40 -2.72 -48.80
N ILE D 876 -10.25 -2.70 -48.14
CA ILE D 876 -9.51 -3.94 -47.88
C ILE D 876 -10.23 -4.72 -46.78
N PRO D 877 -10.53 -6.00 -46.98
CA PRO D 877 -11.21 -6.79 -45.93
C PRO D 877 -10.28 -7.02 -44.75
N ILE D 878 -10.64 -6.45 -43.60
CA ILE D 878 -9.85 -6.56 -42.38
C ILE D 878 -10.76 -6.96 -41.24
N ILE D 879 -10.33 -7.92 -40.43
CA ILE D 879 -11.01 -8.27 -39.19
C ILE D 879 -10.05 -8.00 -38.04
N THR D 880 -10.55 -7.30 -37.02
CA THR D 880 -9.74 -6.88 -35.89
C THR D 880 -10.27 -7.51 -34.62
N GLU D 881 -9.37 -8.11 -33.84
CA GLU D 881 -9.73 -8.70 -32.56
C GLU D 881 -9.62 -7.62 -31.48
N LEU D 882 -10.74 -7.33 -30.83
CA LEU D 882 -10.79 -6.33 -29.76
C LEU D 882 -11.17 -7.00 -28.46
N VAL D 883 -10.41 -6.73 -27.40
CA VAL D 883 -10.78 -7.22 -26.08
C VAL D 883 -11.84 -6.33 -25.46
N ASN D 884 -11.73 -5.02 -25.64
CA ASN D 884 -12.69 -4.06 -25.13
C ASN D 884 -13.72 -3.77 -26.23
N ASP D 885 -14.98 -4.08 -25.96
CA ASP D 885 -16.03 -3.86 -26.95
C ASP D 885 -16.22 -2.38 -27.24
N THR D 886 -16.10 -1.54 -26.21
CA THR D 886 -16.33 -0.11 -26.38
C THR D 886 -15.39 0.53 -27.39
N ASN D 887 -14.21 -0.05 -27.60
CA ASN D 887 -13.26 0.49 -28.57
C ASN D 887 -13.72 0.28 -30.01
N VAL D 888 -14.77 -0.53 -30.23
CA VAL D 888 -15.24 -0.80 -31.58
C VAL D 888 -15.73 0.47 -32.28
N GLN D 889 -15.99 1.53 -31.52
CA GLN D 889 -16.40 2.78 -32.13
C GLN D 889 -15.26 3.43 -32.92
N PHE D 890 -14.02 3.12 -32.56
CA PHE D 890 -12.87 3.72 -33.24
C PHE D 890 -12.52 3.03 -34.55
N LEU D 891 -13.07 1.85 -34.81
CA LEU D 891 -12.67 1.09 -35.99
C LEU D 891 -13.12 1.76 -37.28
N ASP D 892 -14.33 2.32 -37.29
CA ASP D 892 -14.88 2.93 -38.50
C ASP D 892 -15.29 4.37 -38.19
N GLN D 893 -15.21 5.21 -39.21
CA GLN D 893 -15.49 6.64 -39.07
C GLN D 893 -16.77 7.08 -39.77
N ASP D 894 -17.47 6.18 -40.45
CA ASP D 894 -18.66 6.51 -41.20
C ASP D 894 -19.93 5.92 -40.57
N ASP D 895 -20.00 5.92 -39.24
CA ASP D 895 -21.17 5.45 -38.53
C ASP D 895 -21.39 6.28 -37.28
N ASP D 896 -22.61 6.24 -36.77
CA ASP D 896 -22.99 7.00 -35.57
C ASP D 896 -22.65 6.16 -34.34
N ASP D 897 -21.56 6.52 -33.68
CA ASP D 897 -21.10 5.79 -32.51
C ASP D 897 -21.94 6.12 -31.29
N ASP D 898 -22.12 5.13 -30.43
CA ASP D 898 -22.89 5.29 -29.20
C ASP D 898 -22.37 4.32 -28.14
N PRO D 899 -21.92 4.80 -27.00
CA PRO D 899 -21.41 3.89 -25.96
C PRO D 899 -22.45 2.90 -25.45
N ASP D 900 -23.72 3.31 -25.39
CA ASP D 900 -24.77 2.43 -24.90
C ASP D 900 -25.17 1.36 -25.91
N THR D 901 -24.82 1.55 -27.19
CA THR D 901 -25.16 0.56 -28.20
C THR D 901 -24.35 -0.72 -28.00
N GLU D 902 -25.02 -1.86 -28.05
CA GLU D 902 -24.35 -3.14 -27.84
C GLU D 902 -23.43 -3.47 -29.01
N LEU D 903 -22.50 -4.38 -28.76
CA LEU D 903 -21.46 -4.68 -29.75
C LEU D 903 -22.05 -5.24 -31.04
N TYR D 904 -23.05 -6.13 -30.92
CA TYR D 904 -23.64 -6.74 -32.11
C TYR D 904 -24.39 -5.70 -32.94
N LEU D 905 -24.93 -4.66 -32.33
CA LEU D 905 -25.62 -3.62 -33.07
C LEU D 905 -24.67 -2.71 -33.83
N THR D 906 -23.39 -2.70 -33.48
CA THR D 906 -22.43 -1.79 -34.11
C THR D 906 -22.20 -2.18 -35.57
N GLN D 907 -21.96 -1.18 -36.40
CA GLN D 907 -21.68 -1.42 -37.81
C GLN D 907 -20.42 -2.23 -38.05
N PRO D 908 -19.27 -1.93 -37.44
CA PRO D 908 -18.07 -2.74 -37.71
C PRO D 908 -18.22 -4.21 -37.37
N PHE D 909 -18.97 -4.55 -36.33
CA PHE D 909 -19.22 -5.95 -36.03
C PHE D 909 -20.19 -6.56 -37.04
N ALA D 910 -21.24 -5.81 -37.40
CA ALA D 910 -22.23 -6.31 -38.35
C ALA D 910 -21.62 -6.54 -39.73
N CYS D 911 -20.49 -5.93 -40.04
CA CYS D 911 -19.82 -6.10 -41.32
C CYS D 911 -18.74 -7.16 -41.30
N GLY D 912 -18.57 -7.85 -40.17
CA GLY D 912 -17.53 -8.87 -40.08
C GLY D 912 -16.12 -8.32 -40.00
N THR D 913 -15.96 -7.07 -39.57
CA THR D 913 -14.66 -6.45 -39.46
C THR D 913 -14.14 -6.38 -38.03
N ALA D 914 -14.97 -6.71 -37.04
CA ALA D 914 -14.59 -6.70 -35.64
C ALA D 914 -15.09 -7.98 -34.98
N PHE D 915 -14.27 -8.52 -34.07
CA PHE D 915 -14.63 -9.71 -33.33
C PHE D 915 -14.12 -9.59 -31.90
N ALA D 916 -14.92 -10.05 -30.95
CA ALA D 916 -14.55 -10.06 -29.54
C ALA D 916 -14.96 -11.38 -28.92
N VAL D 917 -14.23 -11.78 -27.88
CA VAL D 917 -14.55 -13.04 -27.20
C VAL D 917 -15.84 -12.93 -26.39
N SER D 918 -16.30 -11.70 -26.12
CA SER D 918 -17.51 -11.53 -25.31
C SER D 918 -18.72 -12.15 -25.99
N VAL D 919 -18.82 -12.02 -27.32
CA VAL D 919 -19.94 -12.63 -28.03
C VAL D 919 -19.93 -14.14 -27.93
N LEU D 920 -18.79 -14.73 -27.56
CA LEU D 920 -18.72 -16.17 -27.34
C LEU D 920 -19.31 -16.60 -26.01
N ASP D 921 -19.54 -15.65 -25.08
CA ASP D 921 -20.11 -16.00 -23.78
C ASP D 921 -21.50 -16.60 -23.91
N SER D 922 -22.18 -16.37 -25.03
CA SER D 922 -23.49 -16.97 -25.27
C SER D 922 -23.41 -18.48 -25.49
N LEU D 923 -22.20 -19.03 -25.65
CA LEU D 923 -22.08 -20.44 -25.99
C LEU D 923 -22.60 -21.34 -24.87
N MET D 924 -22.30 -21.00 -23.61
CA MET D 924 -22.70 -21.82 -22.47
C MET D 924 -24.14 -22.31 -22.55
N SER D 925 -25.10 -21.39 -22.62
CA SER D 925 -26.50 -21.79 -22.72
C SER D 925 -26.71 -22.67 -23.94
N ALA D 926 -26.20 -22.24 -25.10
CA ALA D 926 -26.29 -23.08 -26.29
C ALA D 926 -25.55 -24.39 -26.10
N THR D 927 -24.46 -24.39 -25.34
CA THR D 927 -23.75 -25.62 -25.07
C THR D 927 -24.51 -26.50 -24.08
N TYR D 928 -25.37 -25.90 -23.26
CA TYR D 928 -26.09 -26.69 -22.26
C TYR D 928 -27.34 -27.32 -22.84
N PHE D 929 -28.17 -26.53 -23.52
CA PHE D 929 -29.45 -27.04 -24.02
C PHE D 929 -29.28 -28.03 -25.16
N ASN D 930 -28.10 -28.10 -25.76
CA ASN D 930 -27.81 -29.09 -26.80
C ASN D 930 -26.33 -29.40 -26.74
N ASP D 931 -25.98 -30.62 -26.28
CA ASP D 931 -24.60 -30.99 -26.07
C ASP D 931 -23.81 -31.12 -27.36
N ASN D 932 -24.49 -31.31 -28.49
CA ASN D 932 -23.82 -31.48 -29.78
C ASN D 932 -23.53 -30.16 -30.47
N ILE D 933 -23.88 -29.03 -29.86
CA ILE D 933 -23.64 -27.74 -30.48
C ILE D 933 -22.14 -27.45 -30.56
N LEU D 934 -21.38 -27.78 -29.51
CA LEU D 934 -19.95 -27.48 -29.52
C LEU D 934 -19.22 -28.29 -30.60
N THR D 935 -19.55 -29.58 -30.73
CA THR D 935 -18.90 -30.37 -31.75
C THR D 935 -19.36 -29.98 -33.15
N LEU D 936 -20.62 -29.54 -33.29
CA LEU D 936 -21.07 -28.99 -34.57
C LEU D 936 -20.28 -27.75 -34.94
N ILE D 937 -20.03 -26.87 -33.96
CA ILE D 937 -19.23 -25.68 -34.21
C ILE D 937 -17.81 -26.05 -34.58
N ARG D 938 -17.25 -27.07 -33.91
CA ARG D 938 -15.88 -27.46 -34.20
C ARG D 938 -15.76 -28.14 -35.57
N THR D 939 -16.81 -28.82 -36.02
CA THR D 939 -16.77 -29.48 -37.32
C THR D 939 -17.21 -28.58 -38.47
N LEU D 940 -17.88 -27.47 -38.17
CA LEU D 940 -18.24 -26.49 -39.19
C LEU D 940 -17.26 -25.32 -39.26
N VAL D 941 -16.49 -25.09 -38.21
CA VAL D 941 -15.57 -23.96 -38.13
C VAL D 941 -14.13 -24.42 -38.31
N THR D 942 -13.68 -25.39 -37.51
CA THR D 942 -12.33 -25.89 -37.64
C THR D 942 -12.17 -26.84 -38.83
N GLY D 943 -13.28 -27.33 -39.37
CA GLY D 943 -13.24 -28.14 -40.58
C GLY D 943 -13.25 -29.63 -40.36
N GLY D 944 -14.03 -30.10 -39.39
CA GLY D 944 -14.15 -31.53 -39.15
C GLY D 944 -13.17 -32.08 -38.14
N ALA D 945 -13.14 -31.49 -36.95
CA ALA D 945 -12.26 -31.96 -35.89
C ALA D 945 -12.79 -33.25 -35.28
N THR D 946 -12.44 -34.38 -35.89
CA THR D 946 -12.93 -35.66 -35.40
C THR D 946 -12.26 -36.03 -34.07
N PRO D 947 -12.95 -36.77 -33.20
CA PRO D 947 -12.34 -37.17 -31.93
C PRO D 947 -11.11 -38.05 -32.07
N GLU D 948 -10.93 -38.74 -33.19
CA GLU D 948 -9.68 -39.47 -33.40
C GLU D 948 -8.50 -38.51 -33.46
N LEU D 949 -8.66 -37.38 -34.15
CA LEU D 949 -7.60 -36.38 -34.21
C LEU D 949 -7.33 -35.79 -32.84
N GLU D 950 -8.39 -35.55 -32.06
CA GLU D 950 -8.21 -35.03 -30.70
C GLU D 950 -7.47 -36.04 -29.82
N ALA D 951 -7.79 -37.33 -29.96
CA ALA D 951 -7.07 -38.35 -29.22
C ALA D 951 -5.60 -38.39 -29.62
N LEU D 952 -5.32 -38.28 -30.92
CA LEU D 952 -3.93 -38.26 -31.37
C LEU D 952 -3.19 -37.05 -30.81
N ILE D 953 -3.84 -35.88 -30.82
CA ILE D 953 -3.20 -34.67 -30.30
C ILE D 953 -2.94 -34.81 -28.80
N ALA D 954 -3.91 -35.34 -28.06
CA ALA D 954 -3.73 -35.53 -26.63
C ALA D 954 -2.63 -36.53 -26.33
N GLU D 955 -2.47 -37.54 -27.19
CA GLU D 955 -1.42 -38.53 -26.99
C GLU D 955 -0.05 -37.95 -27.30
N GLU D 956 0.06 -37.15 -28.36
CA GLU D 956 1.36 -36.67 -28.82
C GLU D 956 1.68 -35.23 -28.42
N ASN D 957 0.68 -34.45 -27.99
CA ASN D 957 0.81 -33.03 -27.67
C ASN D 957 1.24 -32.20 -28.87
N ALA D 958 1.29 -32.79 -30.06
CA ALA D 958 1.67 -32.09 -31.28
C ALA D 958 1.28 -32.96 -32.46
N LEU D 959 1.47 -32.42 -33.67
CA LEU D 959 1.17 -33.12 -34.90
C LEU D 959 2.47 -33.55 -35.56
N ARG D 960 2.57 -34.83 -35.92
CA ARG D 960 3.75 -35.40 -36.54
C ARG D 960 3.42 -35.90 -37.94
N GLY D 961 4.47 -36.18 -38.71
CA GLY D 961 4.30 -36.65 -40.07
C GLY D 961 3.90 -38.11 -40.16
N GLY D 962 3.50 -38.51 -41.35
CA GLY D 962 3.10 -39.88 -41.59
C GLY D 962 2.95 -40.15 -43.07
N TYR D 963 3.01 -41.42 -43.42
CA TYR D 963 2.89 -41.84 -44.81
C TYR D 963 1.44 -41.81 -45.26
N SER D 964 1.24 -41.70 -46.57
CA SER D 964 -0.11 -41.58 -47.13
C SER D 964 -0.86 -42.90 -47.03
N THR D 965 -2.18 -42.79 -46.95
CA THR D 965 -3.08 -43.93 -46.94
C THR D 965 -4.20 -43.67 -47.95
N PRO D 966 -4.50 -44.62 -48.83
CA PRO D 966 -5.57 -44.40 -49.82
C PRO D 966 -6.95 -44.20 -49.20
N GLN D 967 -7.14 -44.59 -47.93
CA GLN D 967 -8.44 -44.48 -47.29
C GLN D 967 -8.85 -43.04 -46.99
N THR D 968 -7.94 -42.08 -47.17
CA THR D 968 -8.20 -40.68 -46.83
C THR D 968 -8.82 -39.90 -47.98
N LEU D 969 -9.54 -40.56 -48.89
CA LEU D 969 -10.12 -39.90 -50.03
C LEU D 969 -11.61 -40.16 -50.21
N ALA D 970 -12.28 -40.77 -49.23
CA ALA D 970 -13.68 -41.10 -49.36
C ALA D 970 -14.58 -40.33 -48.39
N ASN D 971 -14.05 -39.88 -47.26
CA ASN D 971 -14.82 -39.16 -46.26
C ASN D 971 -14.67 -37.66 -46.36
N ARG D 972 -14.04 -37.16 -47.42
CA ARG D 972 -13.78 -35.74 -47.58
C ARG D 972 -14.86 -35.03 -48.38
N ASP D 973 -15.89 -35.75 -48.81
CA ASP D 973 -16.99 -35.15 -49.56
C ASP D 973 -17.98 -34.57 -48.57
N ARG D 974 -17.98 -33.24 -48.45
CA ARG D 974 -18.87 -32.54 -47.52
C ARG D 974 -19.37 -31.28 -48.22
N CYS D 975 -19.98 -30.40 -47.44
CA CYS D 975 -20.48 -29.12 -47.94
C CYS D 975 -19.60 -28.00 -47.40
N ARG D 976 -18.97 -27.25 -48.30
CA ARG D 976 -18.13 -26.13 -47.92
C ARG D 976 -18.96 -24.86 -47.81
N VAL D 977 -18.56 -23.99 -46.90
CA VAL D 977 -19.23 -22.70 -46.69
C VAL D 977 -18.43 -21.63 -47.41
N ALA D 978 -19.12 -20.78 -48.15
CA ALA D 978 -18.50 -19.68 -48.89
C ALA D 978 -19.56 -18.63 -49.18
N GLN D 979 -19.24 -17.69 -50.06
CA GLN D 979 -20.19 -16.68 -50.48
C GLN D 979 -20.18 -16.58 -52.00
N LEU D 980 -21.34 -16.27 -52.57
CA LEU D 980 -21.49 -16.14 -54.01
C LEU D 980 -22.22 -14.85 -54.35
N ALA D 981 -21.92 -14.34 -55.54
CA ALA D 981 -22.41 -13.03 -55.99
C ALA D 981 -23.61 -13.21 -56.90
N LEU D 982 -24.59 -12.33 -56.74
CA LEU D 982 -25.79 -12.31 -57.57
C LEU D 982 -25.72 -11.28 -58.69
N LEU D 983 -24.62 -10.55 -58.80
CA LEU D 983 -24.49 -9.55 -59.86
C LEU D 983 -24.46 -10.20 -61.24
N ASP D 984 -23.74 -11.31 -61.38
CA ASP D 984 -23.58 -11.98 -62.66
C ASP D 984 -24.02 -13.44 -62.51
N GLY D 985 -23.80 -14.20 -63.59
CA GLY D 985 -24.13 -15.61 -63.59
C GLY D 985 -25.61 -15.86 -63.73
N PRO D 986 -26.04 -17.08 -63.41
CA PRO D 986 -27.45 -17.44 -63.55
C PRO D 986 -28.35 -16.88 -62.46
N PHE D 987 -27.79 -16.20 -61.45
CA PHE D 987 -28.59 -15.57 -60.42
C PHE D 987 -28.93 -14.12 -60.72
N ALA D 988 -28.41 -13.57 -61.82
CA ALA D 988 -28.65 -12.16 -62.13
C ALA D 988 -30.10 -11.91 -62.54
N ASP D 989 -30.68 -12.82 -63.33
CA ASP D 989 -32.06 -12.64 -63.79
C ASP D 989 -33.04 -12.63 -62.62
N LEU D 990 -32.85 -13.54 -61.66
CA LEU D 990 -33.69 -13.56 -60.47
C LEU D 990 -33.26 -12.53 -59.43
N GLY D 991 -32.09 -11.93 -59.59
CA GLY D 991 -31.61 -10.92 -58.66
C GLY D 991 -31.93 -9.49 -59.03
N ASP D 992 -32.43 -9.26 -60.26
CA ASP D 992 -32.77 -7.92 -60.71
C ASP D 992 -34.19 -7.61 -60.29
N GLY D 993 -34.35 -7.24 -59.02
CA GLY D 993 -35.64 -6.91 -58.47
C GLY D 993 -36.47 -8.08 -57.99
N GLY D 994 -35.94 -9.30 -58.07
CA GLY D 994 -36.69 -10.47 -57.63
C GLY D 994 -36.71 -10.61 -56.12
N CYS D 995 -37.38 -11.65 -55.66
CA CYS D 995 -37.48 -11.93 -54.24
C CYS D 995 -36.46 -12.99 -53.83
N TYR D 996 -36.12 -12.98 -52.54
CA TYR D 996 -35.13 -13.92 -52.02
C TYR D 996 -35.62 -15.36 -52.13
N GLY D 997 -36.91 -15.59 -51.88
CA GLY D 997 -37.42 -16.95 -51.83
C GLY D 997 -37.29 -17.68 -53.16
N ASP D 998 -37.59 -16.99 -54.27
CA ASP D 998 -37.49 -17.64 -55.57
C ASP D 998 -36.06 -18.04 -55.88
N LEU D 999 -35.10 -17.15 -55.63
CA LEU D 999 -33.70 -17.46 -55.89
C LEU D 999 -33.23 -18.60 -54.99
N PHE D 1000 -33.61 -18.58 -53.72
CA PHE D 1000 -33.22 -19.63 -52.80
C PHE D 1000 -33.77 -20.98 -53.25
N CYS D 1001 -35.05 -21.01 -53.64
CA CYS D 1001 -35.65 -22.27 -54.08
C CYS D 1001 -35.00 -22.78 -55.36
N LYS D 1002 -34.76 -21.88 -56.32
CA LYS D 1002 -34.12 -22.31 -57.56
C LYS D 1002 -32.72 -22.84 -57.32
N ALA D 1003 -31.94 -22.14 -56.47
CA ALA D 1003 -30.59 -22.59 -56.17
C ALA D 1003 -30.60 -23.94 -55.46
N LEU D 1004 -31.53 -24.12 -54.51
CA LEU D 1004 -31.65 -25.41 -53.81
C LEU D 1004 -32.00 -26.52 -54.78
N LYS D 1005 -32.94 -26.26 -55.69
CA LYS D 1005 -33.34 -27.28 -56.66
C LYS D 1005 -32.20 -27.64 -57.59
N THR D 1006 -31.42 -26.66 -58.04
CA THR D 1006 -30.47 -26.89 -59.13
C THR D 1006 -29.07 -27.25 -58.62
N TYR D 1007 -28.45 -26.38 -57.82
CA TYR D 1007 -27.05 -26.53 -57.43
C TYR D 1007 -26.89 -27.13 -56.03
N ASN D 1008 -27.94 -27.73 -55.48
CA ASN D 1008 -27.91 -28.29 -54.12
C ASN D 1008 -27.48 -27.21 -53.13
N MET D 1009 -27.96 -25.99 -53.36
CA MET D 1009 -27.56 -24.82 -52.59
C MET D 1009 -28.32 -24.75 -51.28
N LEU D 1010 -27.83 -23.87 -50.40
CA LEU D 1010 -28.52 -23.60 -49.13
C LEU D 1010 -28.13 -22.18 -48.70
N CYS D 1011 -29.04 -21.24 -48.91
CA CYS D 1011 -28.84 -19.84 -48.54
C CYS D 1011 -29.45 -19.60 -47.17
N PHE D 1012 -28.62 -19.21 -46.20
CA PHE D 1012 -29.08 -18.92 -44.85
C PHE D 1012 -28.91 -17.45 -44.50
N GLY D 1013 -28.48 -16.61 -45.44
CA GLY D 1013 -28.31 -15.20 -45.16
C GLY D 1013 -27.90 -14.46 -46.42
N ILE D 1014 -27.95 -13.13 -46.31
CA ILE D 1014 -27.60 -12.22 -47.39
C ILE D 1014 -26.51 -11.29 -46.90
N TYR D 1015 -25.41 -11.20 -47.65
CA TYR D 1015 -24.33 -10.27 -47.37
C TYR D 1015 -24.55 -9.05 -48.25
N ARG D 1016 -25.30 -8.09 -47.73
CA ARG D 1016 -25.82 -6.97 -48.51
C ARG D 1016 -25.06 -5.70 -48.20
N LEU D 1017 -24.68 -4.98 -49.26
CA LEU D 1017 -23.99 -3.71 -49.10
C LEU D 1017 -24.84 -2.72 -48.31
N ARG D 1018 -24.20 -1.97 -47.42
CA ARG D 1018 -24.93 -1.07 -46.53
C ARG D 1018 -25.71 -0.02 -47.31
N ASP D 1019 -25.14 0.48 -48.41
CA ASP D 1019 -25.78 1.49 -49.23
C ASP D 1019 -26.50 0.91 -50.44
N ALA D 1020 -26.58 -0.43 -50.54
CA ALA D 1020 -27.28 -1.04 -51.66
C ALA D 1020 -28.77 -0.69 -51.65
N HIS D 1021 -29.39 -0.68 -50.46
CA HIS D 1021 -30.80 -0.33 -50.37
C HIS D 1021 -31.04 1.16 -50.55
N LEU D 1022 -30.02 1.99 -50.38
CA LEU D 1022 -30.17 3.42 -50.56
C LEU D 1022 -30.26 3.78 -52.03
N SER D 1023 -31.11 4.76 -52.34
CA SER D 1023 -31.28 5.19 -53.72
C SER D 1023 -30.01 5.82 -54.28
N THR D 1024 -29.35 6.64 -53.47
CA THR D 1024 -28.13 7.32 -53.93
C THR D 1024 -27.00 6.32 -54.07
N PRO D 1025 -26.34 6.25 -55.23
CA PRO D 1025 -25.23 5.30 -55.41
C PRO D 1025 -23.95 5.86 -54.81
N SER D 1026 -23.44 5.21 -53.77
CA SER D 1026 -22.23 5.64 -53.09
C SER D 1026 -21.05 4.76 -53.48
N GLN D 1027 -19.88 5.15 -52.99
CA GLN D 1027 -18.65 4.41 -53.22
C GLN D 1027 -18.35 3.40 -52.12
N CYS D 1028 -19.26 3.22 -51.17
CA CYS D 1028 -19.04 2.31 -50.05
C CYS D 1028 -18.95 0.87 -50.56
N THR D 1029 -18.16 0.07 -49.86
CA THR D 1029 -17.94 -1.33 -50.21
C THR D 1029 -18.36 -2.30 -49.13
N LYS D 1030 -18.21 -1.94 -47.86
CA LYS D 1030 -18.50 -2.87 -46.77
C LYS D 1030 -19.97 -3.27 -46.77
N ARG D 1031 -20.23 -4.52 -46.38
CA ARG D 1031 -21.56 -5.09 -46.38
C ARG D 1031 -21.88 -5.68 -45.01
N TYR D 1032 -23.16 -5.73 -44.70
CA TYR D 1032 -23.66 -6.34 -43.47
C TYR D 1032 -24.36 -7.66 -43.77
N VAL D 1033 -24.77 -8.34 -42.70
CA VAL D 1033 -25.35 -9.68 -42.80
C VAL D 1033 -26.80 -9.62 -42.34
N ILE D 1034 -27.70 -10.14 -43.18
CA ILE D 1034 -29.10 -10.37 -42.80
C ILE D 1034 -29.31 -11.87 -42.74
N THR D 1035 -29.72 -12.37 -41.58
CA THR D 1035 -29.80 -13.80 -41.34
C THR D 1035 -31.21 -14.31 -41.60
N ASN D 1036 -31.33 -15.35 -42.43
CA ASN D 1036 -32.59 -16.01 -42.75
C ASN D 1036 -33.65 -15.03 -43.22
N PRO D 1037 -33.48 -14.40 -44.39
CA PRO D 1037 -34.50 -13.49 -44.88
C PRO D 1037 -35.75 -14.25 -45.30
N PRO D 1038 -36.92 -13.63 -45.24
CA PRO D 1038 -38.16 -14.33 -45.61
C PRO D 1038 -38.24 -14.58 -47.11
N TYR D 1039 -39.26 -15.34 -47.49
CA TYR D 1039 -39.48 -15.67 -48.89
C TYR D 1039 -39.76 -14.41 -49.71
N GLU D 1040 -40.58 -13.50 -49.17
CA GLU D 1040 -40.98 -12.29 -49.87
C GLU D 1040 -40.00 -11.14 -49.67
N PHE D 1041 -38.79 -11.43 -49.19
CA PHE D 1041 -37.80 -10.39 -48.98
C PHE D 1041 -37.29 -9.87 -50.32
N GLU D 1042 -37.31 -8.55 -50.48
CA GLU D 1042 -36.82 -7.94 -51.71
C GLU D 1042 -35.31 -8.11 -51.82
N LEU D 1043 -34.85 -8.42 -53.03
CA LEU D 1043 -33.45 -8.73 -53.28
C LEU D 1043 -32.83 -7.66 -54.18
N VAL D 1044 -31.56 -7.36 -53.93
CA VAL D 1044 -30.80 -6.36 -54.67
C VAL D 1044 -29.75 -7.07 -55.50
N PRO D 1045 -29.56 -6.72 -56.77
CA PRO D 1045 -28.62 -7.47 -57.61
C PRO D 1045 -27.19 -7.48 -57.10
N THR D 1046 -26.78 -6.45 -56.36
CA THR D 1046 -25.41 -6.36 -55.85
C THR D 1046 -25.24 -7.05 -54.50
N ASP D 1047 -26.10 -8.00 -54.18
CA ASP D 1047 -26.04 -8.71 -52.91
C ASP D 1047 -25.17 -9.96 -53.03
N LEU D 1048 -24.55 -10.32 -51.92
CA LEU D 1048 -23.83 -11.57 -51.77
C LEU D 1048 -24.64 -12.49 -50.86
N ILE D 1049 -24.62 -13.79 -51.14
CA ILE D 1049 -25.35 -14.76 -50.34
C ILE D 1049 -24.37 -15.82 -49.84
N PHE D 1050 -24.70 -16.42 -48.70
CA PHE D 1050 -23.86 -17.46 -48.12
C PHE D 1050 -24.30 -18.83 -48.62
N CYS D 1051 -23.31 -19.64 -49.00
CA CYS D 1051 -23.56 -20.85 -49.78
C CYS D 1051 -22.86 -22.04 -49.14
N LEU D 1052 -23.52 -23.20 -49.24
CA LEU D 1052 -22.93 -24.49 -48.88
C LEU D 1052 -22.91 -25.35 -50.13
N MET D 1053 -21.71 -25.77 -50.53
CA MET D 1053 -21.49 -26.44 -51.81
C MET D 1053 -20.90 -27.83 -51.60
N GLN D 1054 -20.73 -28.54 -52.72
CA GLN D 1054 -20.15 -29.87 -52.73
C GLN D 1054 -18.66 -29.79 -53.04
N PHE D 1055 -18.03 -30.95 -53.28
CA PHE D 1055 -16.60 -31.02 -53.52
C PHE D 1055 -16.29 -32.04 -54.59
N ASP D 1056 -15.19 -31.80 -55.32
CA ASP D 1056 -14.67 -32.73 -56.32
C ASP D 1056 -13.21 -33.01 -56.04
N HIS D 1057 -12.82 -34.28 -56.15
CA HIS D 1057 -11.51 -34.73 -55.70
C HIS D 1057 -10.44 -34.69 -56.80
N ASN D 1058 -10.78 -34.28 -58.01
CA ASN D 1058 -9.84 -34.28 -59.13
C ASN D 1058 -9.69 -32.89 -59.73
N ALA D 1059 -9.54 -31.88 -58.87
CA ALA D 1059 -9.33 -30.51 -59.30
C ALA D 1059 -7.88 -30.08 -59.18
N GLY D 1060 -7.03 -30.87 -58.55
CA GLY D 1060 -5.63 -30.52 -58.39
C GLY D 1060 -4.78 -30.86 -59.60
N ARG E 251 -15.15 45.35 55.34
CA ARG E 251 -14.83 46.43 54.43
C ARG E 251 -14.10 47.56 55.16
N HIS E 252 -13.27 47.18 56.13
CA HIS E 252 -12.53 48.17 56.90
C HIS E 252 -11.42 48.81 56.07
N CYS E 253 -10.94 48.09 55.05
CA CYS E 253 -9.85 48.60 54.23
C CYS E 253 -10.31 49.69 53.28
N ALA E 254 -11.62 49.89 53.15
CA ALA E 254 -12.15 50.92 52.27
C ALA E 254 -11.69 52.31 52.72
N ARG E 255 -11.18 53.09 51.77
CA ARG E 255 -10.65 54.42 52.05
C ARG E 255 -10.54 55.18 50.74
N PRO E 256 -10.51 56.50 50.79
CA PRO E 256 -10.34 57.28 49.55
C PRO E 256 -9.02 56.96 48.87
N LEU E 257 -9.04 57.00 47.54
CA LEU E 257 -7.89 56.66 46.72
C LEU E 257 -7.05 57.92 46.51
N SER E 258 -5.93 58.01 47.22
CA SER E 258 -5.05 59.14 47.10
C SER E 258 -4.31 59.11 45.76
N PRO E 259 -3.80 60.25 45.30
CA PRO E 259 -2.99 60.24 44.06
C PRO E 259 -1.79 59.32 44.13
N ARG E 260 -1.16 59.18 45.29
CA ARG E 260 -0.07 58.23 45.43
C ARG E 260 -0.58 56.80 45.27
N ASP E 261 -1.80 56.53 45.73
CA ASP E 261 -2.39 55.21 45.52
C ASP E 261 -2.61 54.94 44.04
N LEU E 262 -3.12 55.94 43.31
CA LEU E 262 -3.31 55.79 41.87
C LEU E 262 -1.98 55.55 41.16
N ALA E 263 -0.95 56.32 41.49
CA ALA E 263 0.35 56.16 40.86
C ALA E 263 0.93 54.79 41.15
N MET E 264 0.85 54.34 42.41
CA MET E 264 1.38 53.02 42.73
C MET E 264 0.58 51.93 42.02
N ILE E 265 -0.74 52.07 41.93
CA ILE E 265 -1.56 51.05 41.27
C ILE E 265 -1.23 50.96 39.79
N TYR E 266 -1.01 52.09 39.13
CA TYR E 266 -0.70 52.08 37.71
C TYR E 266 0.78 51.82 37.40
N LEU E 267 1.68 51.87 38.40
CA LEU E 267 3.08 51.65 38.10
C LEU E 267 3.78 50.56 38.89
N LEU E 268 3.12 49.84 39.80
CA LEU E 268 3.81 48.86 40.61
C LEU E 268 4.22 47.63 39.80
N GLY E 269 3.38 47.19 38.87
CA GLY E 269 3.71 46.10 37.99
C GLY E 269 4.96 46.38 37.17
N PRO E 270 4.93 47.44 36.35
CA PRO E 270 6.12 47.80 35.58
C PRO E 270 7.34 48.07 36.45
N ALA E 271 7.17 48.72 37.60
CA ALA E 271 8.30 48.97 38.48
C ALA E 271 8.90 47.66 39.00
N SER E 272 8.04 46.73 39.41
CA SER E 272 8.53 45.45 39.90
C SER E 272 9.24 44.67 38.81
N PHE E 273 8.69 44.66 37.59
CA PHE E 273 9.35 43.94 36.50
C PHE E 273 10.67 44.58 36.12
N LEU E 274 10.74 45.92 36.11
CA LEU E 274 12.00 46.60 35.84
C LEU E 274 13.03 46.32 36.92
N ALA E 275 12.59 46.28 38.18
CA ALA E 275 13.50 45.94 39.27
C ALA E 275 14.01 44.51 39.14
N SER E 276 13.14 43.59 38.73
CA SER E 276 13.58 42.21 38.50
C SER E 276 14.61 42.13 37.38
N LEU E 277 14.36 42.85 36.27
CA LEU E 277 15.32 42.88 35.18
C LEU E 277 16.66 43.46 35.63
N VAL E 278 16.64 44.55 36.40
CA VAL E 278 17.87 45.17 36.85
C VAL E 278 18.62 44.23 37.79
N ALA E 279 17.91 43.59 38.71
CA ALA E 279 18.56 42.67 39.64
C ALA E 279 19.17 41.48 38.91
N CYS E 280 18.45 40.92 37.94
CA CYS E 280 18.98 39.79 37.18
C CYS E 280 20.19 40.21 36.34
N LEU E 281 20.14 41.41 35.75
CA LEU E 281 21.29 41.92 35.02
C LEU E 281 22.50 42.08 35.93
N ALA E 282 22.30 42.63 37.13
CA ALA E 282 23.40 42.81 38.06
C ALA E 282 23.98 41.47 38.50
N LEU E 283 23.10 40.50 38.79
CA LEU E 283 23.58 39.18 39.20
C LEU E 283 24.35 38.51 38.07
N GLY E 284 23.85 38.61 36.83
CA GLY E 284 24.57 38.03 35.71
C GLY E 284 25.91 38.69 35.47
N SER E 285 25.97 40.01 35.58
CA SER E 285 27.25 40.71 35.42
C SER E 285 28.24 40.29 36.49
N ALA E 286 27.79 40.21 37.75
CA ALA E 286 28.67 39.82 38.83
C ALA E 286 29.17 38.39 38.64
N LEU E 287 28.28 37.47 38.25
CA LEU E 287 28.69 36.08 38.07
C LEU E 287 29.65 35.94 36.89
N THR E 288 29.38 36.64 35.79
CA THR E 288 30.29 36.57 34.65
C THR E 288 31.65 37.16 34.99
N ALA E 289 31.67 38.27 35.73
CA ALA E 289 32.95 38.86 36.14
C ALA E 289 33.71 37.90 37.05
N CYS E 290 33.00 37.25 37.98
CA CYS E 290 33.67 36.31 38.88
C CYS E 290 34.24 35.12 38.11
N ARG E 291 33.47 34.59 37.16
CA ARG E 291 33.96 33.48 36.35
C ARG E 291 35.16 33.89 35.52
N ALA E 292 35.13 35.08 34.93
CA ALA E 292 36.27 35.55 34.14
C ALA E 292 37.49 35.73 35.02
N ARG E 293 37.32 36.29 36.22
CA ARG E 293 38.44 36.47 37.13
C ARG E 293 39.04 35.14 37.56
N ARG E 294 38.21 34.17 37.93
CA ARG E 294 38.71 32.84 38.28
C ARG E 294 39.36 32.12 37.11
N ARG E 295 38.89 32.37 35.88
CA ARG E 295 39.50 31.76 34.71
C ARG E 295 40.85 32.37 34.34
N ARG E 296 40.99 33.70 34.42
CA ARG E 296 42.20 34.34 33.92
C ARG E 296 43.35 34.19 34.90
N ARG E 297 43.07 34.19 36.21
CA ARG E 297 44.14 34.20 37.22
C ARG E 297 44.91 32.88 37.27
N GLN E 298 44.40 31.81 36.69
CA GLN E 298 45.12 30.54 36.72
C GLN E 298 46.10 30.43 35.55
N ARG F 251 -49.98 50.63 18.33
CA ARG F 251 -50.79 50.07 17.25
C ARG F 251 -51.54 51.17 16.51
N HIS F 252 -50.90 52.34 16.40
CA HIS F 252 -51.53 53.47 15.73
C HIS F 252 -51.61 53.24 14.22
N CYS F 253 -50.70 52.41 13.68
CA CYS F 253 -50.67 52.18 12.24
C CYS F 253 -51.81 51.28 11.78
N ALA F 254 -52.53 50.67 12.72
CA ALA F 254 -53.65 49.79 12.37
C ALA F 254 -54.74 50.57 11.64
N ARG F 255 -55.18 50.02 10.51
CA ARG F 255 -56.18 50.66 9.67
C ARG F 255 -56.76 49.62 8.73
N PRO F 256 -57.96 49.86 8.19
CA PRO F 256 -58.53 48.91 7.23
C PRO F 256 -57.66 48.78 5.99
N LEU F 257 -57.62 47.57 5.44
CA LEU F 257 -56.79 47.24 4.29
C LEU F 257 -57.58 47.56 3.02
N SER F 258 -57.22 48.67 2.37
CA SER F 258 -57.89 49.07 1.15
C SER F 258 -57.49 48.13 -0.01
N PRO F 259 -58.28 48.08 -1.08
CA PRO F 259 -57.88 47.27 -2.24
C PRO F 259 -56.54 47.69 -2.83
N ARG F 260 -56.21 48.98 -2.80
CA ARG F 260 -54.90 49.43 -3.26
C ARG F 260 -53.81 48.88 -2.35
N ASP F 261 -54.10 48.77 -1.04
CA ASP F 261 -53.13 48.17 -0.12
C ASP F 261 -52.91 46.70 -0.46
N LEU F 262 -53.98 45.96 -0.76
CA LEU F 262 -53.85 44.56 -1.15
C LEU F 262 -53.05 44.41 -2.42
N ALA F 263 -53.34 45.24 -3.43
CA ALA F 263 -52.61 45.17 -4.70
C ALA F 263 -51.14 45.49 -4.50
N MET F 264 -50.84 46.53 -3.73
CA MET F 264 -49.43 46.85 -3.49
C MET F 264 -48.74 45.74 -2.71
N ILE F 265 -49.42 45.15 -1.73
CA ILE F 265 -48.80 44.09 -0.94
C ILE F 265 -48.50 42.86 -1.78
N TYR F 266 -49.40 42.50 -2.69
CA TYR F 266 -49.20 41.34 -3.54
C TYR F 266 -48.33 41.62 -4.77
N LEU F 267 -48.06 42.89 -5.10
CA LEU F 267 -47.25 43.14 -6.30
C LEU F 267 -46.00 44.01 -6.10
N LEU F 268 -45.68 44.46 -4.89
CA LEU F 268 -44.52 45.35 -4.72
C LEU F 268 -43.21 44.61 -4.90
N GLY F 269 -43.12 43.37 -4.43
CA GLY F 269 -41.94 42.55 -4.64
C GLY F 269 -41.64 42.35 -6.12
N PRO F 270 -42.57 41.74 -6.85
CA PRO F 270 -42.36 41.57 -8.29
C PRO F 270 -42.14 42.87 -9.03
N ALA F 271 -42.86 43.94 -8.67
CA ALA F 271 -42.65 45.23 -9.33
C ALA F 271 -41.25 45.77 -9.07
N SER F 272 -40.78 45.66 -7.83
CA SER F 272 -39.44 46.13 -7.51
C SER F 272 -38.37 45.32 -8.24
N PHE F 273 -38.54 44.00 -8.30
CA PHE F 273 -37.56 43.18 -9.00
C PHE F 273 -37.57 43.44 -10.50
N LEU F 274 -38.76 43.64 -11.10
CA LEU F 274 -38.83 43.99 -12.51
C LEU F 274 -38.19 45.35 -12.78
N ALA F 275 -38.41 46.31 -11.88
CA ALA F 275 -37.78 47.62 -12.02
C ALA F 275 -36.27 47.50 -11.94
N SER F 276 -35.77 46.67 -11.03
CA SER F 276 -34.33 46.45 -10.94
C SER F 276 -33.78 45.84 -12.21
N LEU F 277 -34.47 44.83 -12.76
CA LEU F 277 -34.04 44.22 -14.02
C LEU F 277 -34.03 45.24 -15.15
N VAL F 278 -35.07 46.08 -15.23
CA VAL F 278 -35.14 47.08 -16.31
C VAL F 278 -34.02 48.10 -16.16
N ALA F 279 -33.77 48.56 -14.93
CA ALA F 279 -32.72 49.54 -14.70
C ALA F 279 -31.35 48.96 -15.02
N CYS F 280 -31.10 47.71 -14.62
CA CYS F 280 -29.82 47.10 -14.93
C CYS F 280 -29.66 46.87 -16.43
N LEU F 281 -30.73 46.48 -17.12
CA LEU F 281 -30.68 46.34 -18.57
C LEU F 281 -30.36 47.68 -19.24
N ALA F 282 -31.00 48.75 -18.79
CA ALA F 282 -30.74 50.07 -19.37
C ALA F 282 -29.31 50.51 -19.12
N LEU F 283 -28.81 50.30 -17.90
CA LEU F 283 -27.43 50.67 -17.59
C LEU F 283 -26.44 49.88 -18.43
N GLY F 284 -26.69 48.57 -18.58
CA GLY F 284 -25.82 47.75 -19.40
C GLY F 284 -25.84 48.17 -20.86
N SER F 285 -27.02 48.46 -21.39
CA SER F 285 -27.11 48.92 -22.78
C SER F 285 -26.37 50.25 -22.97
N ALA F 286 -26.56 51.19 -22.04
CA ALA F 286 -25.88 52.47 -22.15
C ALA F 286 -24.37 52.30 -22.07
N LEU F 287 -23.89 51.47 -21.15
CA LEU F 287 -22.45 51.28 -21.00
C LEU F 287 -21.85 50.58 -22.21
N THR F 288 -22.55 49.58 -22.75
CA THR F 288 -22.05 48.89 -23.94
C THR F 288 -22.02 49.83 -25.14
N ALA F 289 -23.07 50.66 -25.29
CA ALA F 289 -23.09 51.62 -26.38
C ALA F 289 -21.95 52.63 -26.25
N CYS F 290 -21.69 53.10 -25.03
CA CYS F 290 -20.61 54.05 -24.81
C CYS F 290 -19.26 53.42 -25.13
N ARG F 291 -19.06 52.17 -24.69
CA ARG F 291 -17.80 51.49 -24.98
C ARG F 291 -17.62 51.27 -26.48
N ALA F 292 -18.69 50.88 -27.18
CA ALA F 292 -18.60 50.69 -28.62
C ALA F 292 -18.30 52.01 -29.33
N ARG F 293 -18.94 53.10 -28.90
CA ARG F 293 -18.68 54.40 -29.50
C ARG F 293 -17.24 54.84 -29.29
N ARG F 294 -16.72 54.71 -28.07
CA ARG F 294 -15.33 55.05 -27.80
C ARG F 294 -14.35 54.15 -28.52
N ARG F 295 -14.70 52.88 -28.77
CA ARG F 295 -13.84 51.99 -29.51
C ARG F 295 -13.81 52.28 -31.01
N ARG F 296 -14.97 52.58 -31.62
CA ARG F 296 -15.01 52.71 -33.07
C ARG F 296 -14.45 54.04 -33.55
N ARG F 297 -14.64 55.11 -32.77
CA ARG F 297 -14.24 56.44 -33.21
C ARG F 297 -12.74 56.63 -33.30
N GLN F 298 -11.94 55.76 -32.70
CA GLN F 298 -10.48 55.89 -32.77
C GLN F 298 -9.93 55.22 -34.02
N ARG G 251 -68.68 2.65 28.82
CA ARG G 251 -68.37 1.28 29.22
C ARG G 251 -69.59 0.38 29.08
N HIS G 252 -70.42 0.67 28.07
CA HIS G 252 -71.63 -0.11 27.86
C HIS G 252 -71.30 -1.51 27.35
N CYS G 253 -70.15 -1.66 26.69
CA CYS G 253 -69.79 -2.95 26.11
C CYS G 253 -69.33 -3.95 27.17
N ALA G 254 -69.12 -3.48 28.41
CA ALA G 254 -68.71 -4.36 29.48
C ALA G 254 -69.76 -5.42 29.76
N ARG G 255 -69.31 -6.68 29.82
CA ARG G 255 -70.19 -7.81 30.03
C ARG G 255 -69.36 -9.00 30.48
N PRO G 256 -69.97 -9.99 31.12
CA PRO G 256 -69.21 -11.20 31.52
C PRO G 256 -68.65 -11.91 30.30
N LEU G 257 -67.47 -12.51 30.50
CA LEU G 257 -66.75 -13.18 29.44
C LEU G 257 -67.20 -14.64 29.40
N SER G 258 -68.02 -14.97 28.41
CA SER G 258 -68.52 -16.32 28.25
C SER G 258 -67.40 -17.24 27.76
N PRO G 259 -67.55 -18.56 27.96
CA PRO G 259 -66.54 -19.49 27.42
C PRO G 259 -66.37 -19.38 25.92
N ARG G 260 -67.45 -19.11 25.17
CA ARG G 260 -67.31 -18.89 23.74
C ARG G 260 -66.49 -17.63 23.46
N ASP G 261 -66.62 -16.61 24.31
CA ASP G 261 -65.79 -15.41 24.16
C ASP G 261 -64.32 -15.74 24.38
N LEU G 262 -64.03 -16.54 25.40
CA LEU G 262 -62.65 -16.95 25.66
C LEU G 262 -62.08 -17.75 24.49
N ALA G 263 -62.86 -18.70 23.97
CA ALA G 263 -62.39 -19.52 22.85
C ALA G 263 -62.15 -18.66 21.61
N MET G 264 -63.08 -17.75 21.31
CA MET G 264 -62.87 -16.89 20.15
C MET G 264 -61.67 -15.97 20.35
N ILE G 265 -61.46 -15.45 21.56
CA ILE G 265 -60.34 -14.57 21.81
C ILE G 265 -59.01 -15.29 21.65
N TYR G 266 -58.93 -16.53 22.13
CA TYR G 266 -57.70 -17.30 22.01
C TYR G 266 -57.51 -17.99 20.66
N LEU G 267 -58.54 -18.04 19.80
CA LEU G 267 -58.36 -18.73 18.53
C LEU G 267 -58.71 -17.94 17.28
N LEU G 268 -59.14 -16.67 17.37
CA LEU G 268 -59.53 -15.93 16.19
C LEU G 268 -58.34 -15.57 15.31
N GLY G 269 -57.20 -15.22 15.90
CA GLY G 269 -56.00 -14.95 15.16
C GLY G 269 -55.56 -16.14 14.34
N PRO G 270 -55.27 -17.27 15.01
CA PRO G 270 -54.89 -18.48 14.26
C PRO G 270 -55.94 -18.93 13.26
N ALA G 271 -57.23 -18.83 13.61
CA ALA G 271 -58.27 -19.22 12.66
C ALA G 271 -58.27 -18.32 11.44
N SER G 272 -58.12 -17.01 11.64
CA SER G 272 -58.08 -16.09 10.50
C SER G 272 -56.86 -16.33 9.63
N PHE G 273 -55.70 -16.59 10.24
CA PHE G 273 -54.50 -16.84 9.44
C PHE G 273 -54.62 -18.16 8.68
N LEU G 274 -55.18 -19.20 9.31
CA LEU G 274 -55.40 -20.46 8.62
C LEU G 274 -56.38 -20.30 7.46
N ALA G 275 -57.44 -19.52 7.68
CA ALA G 275 -58.39 -19.25 6.61
C ALA G 275 -57.73 -18.51 5.46
N SER G 276 -56.86 -17.55 5.77
CA SER G 276 -56.13 -16.84 4.72
C SER G 276 -55.23 -17.80 3.94
N LEU G 277 -54.51 -18.67 4.64
CA LEU G 277 -53.68 -19.65 3.96
C LEU G 277 -54.50 -20.57 3.06
N VAL G 278 -55.65 -21.04 3.56
CA VAL G 278 -56.49 -21.93 2.77
C VAL G 278 -57.03 -21.23 1.54
N ALA G 279 -57.48 -19.98 1.70
CA ALA G 279 -58.01 -19.22 0.59
C ALA G 279 -56.94 -18.95 -0.46
N CYS G 280 -55.73 -18.60 -0.02
CA CYS G 280 -54.64 -18.35 -0.97
C CYS G 280 -54.24 -19.63 -1.68
N LEU G 281 -54.21 -20.76 -0.96
CA LEU G 281 -53.93 -22.04 -1.59
C LEU G 281 -54.97 -22.38 -2.65
N ALA G 282 -56.25 -22.18 -2.33
CA ALA G 282 -57.31 -22.47 -3.29
C ALA G 282 -57.21 -21.57 -4.51
N LEU G 283 -56.95 -20.27 -4.30
CA LEU G 283 -56.80 -19.36 -5.42
C LEU G 283 -55.61 -19.73 -6.29
N GLY G 284 -54.49 -20.10 -5.67
CA GLY G 284 -53.33 -20.50 -6.45
C GLY G 284 -53.58 -21.78 -7.23
N SER G 285 -54.24 -22.75 -6.62
CA SER G 285 -54.56 -23.98 -7.32
C SER G 285 -55.49 -23.71 -8.51
N ALA G 286 -56.51 -22.88 -8.30
CA ALA G 286 -57.43 -22.57 -9.39
C ALA G 286 -56.72 -21.85 -10.52
N LEU G 287 -55.87 -20.88 -10.19
CA LEU G 287 -55.17 -20.13 -11.23
C LEU G 287 -54.18 -21.01 -11.98
N THR G 288 -53.46 -21.88 -11.27
CA THR G 288 -52.53 -22.77 -11.95
C THR G 288 -53.27 -23.76 -12.85
N ALA G 289 -54.40 -24.28 -12.38
CA ALA G 289 -55.20 -25.19 -13.21
C ALA G 289 -55.71 -24.47 -14.45
N CYS G 290 -56.17 -23.22 -14.30
CA CYS G 290 -56.66 -22.47 -15.44
C CYS G 290 -55.55 -22.21 -16.45
N ARG G 291 -54.36 -21.83 -15.96
CA ARG G 291 -53.22 -21.59 -16.85
C ARG G 291 -52.82 -22.87 -17.58
N ALA G 292 -52.79 -24.01 -16.86
CA ALA G 292 -52.44 -25.27 -17.51
C ALA G 292 -53.47 -25.65 -18.55
N ARG G 293 -54.76 -25.45 -18.26
CA ARG G 293 -55.80 -25.77 -19.23
C ARG G 293 -55.70 -24.90 -20.47
N ARG G 294 -55.51 -23.59 -20.29
CA ARG G 294 -55.33 -22.71 -21.44
C ARG G 294 -54.06 -22.99 -22.23
N ARG G 295 -53.00 -23.48 -21.57
CA ARG G 295 -51.77 -23.84 -22.26
C ARG G 295 -51.89 -25.13 -23.05
N ARG G 296 -52.53 -26.16 -22.49
CA ARG G 296 -52.53 -27.46 -23.14
C ARG G 296 -53.49 -27.52 -24.32
N ARG G 297 -54.64 -26.82 -24.22
CA ARG G 297 -55.68 -26.93 -25.24
C ARG G 297 -55.28 -26.32 -26.59
N GLN G 298 -54.23 -25.50 -26.64
CA GLN G 298 -53.80 -24.91 -27.90
C GLN G 298 -52.85 -25.84 -28.66
N ARG H 251 -32.35 -1.71 66.96
CA ARG H 251 -31.00 -1.43 67.43
C ARG H 251 -30.71 -2.19 68.72
N HIS H 252 -31.27 -3.40 68.82
CA HIS H 252 -31.08 -4.20 70.03
C HIS H 252 -29.65 -4.74 70.09
N CYS H 253 -29.00 -4.89 68.93
CA CYS H 253 -27.66 -5.46 68.92
C CYS H 253 -26.61 -4.47 69.41
N ALA H 254 -26.98 -3.20 69.60
CA ALA H 254 -26.05 -2.20 70.08
C ALA H 254 -25.55 -2.56 71.48
N ARG H 255 -24.24 -2.49 71.65
CA ARG H 255 -23.59 -2.85 72.91
C ARG H 255 -22.18 -2.29 72.90
N PRO H 256 -21.58 -2.11 74.08
CA PRO H 256 -20.20 -1.63 74.12
C PRO H 256 -19.25 -2.59 73.43
N LEU H 257 -18.22 -2.03 72.80
CA LEU H 257 -17.24 -2.80 72.03
C LEU H 257 -16.13 -3.25 72.97
N SER H 258 -16.14 -4.53 73.33
CA SER H 258 -15.13 -5.08 74.20
C SER H 258 -13.80 -5.20 73.47
N PRO H 259 -12.68 -5.28 74.19
CA PRO H 259 -11.39 -5.50 73.52
C PRO H 259 -11.35 -6.76 72.69
N ARG H 260 -12.03 -7.83 73.11
CA ARG H 260 -12.11 -9.03 72.29
C ARG H 260 -12.89 -8.75 71.00
N ASP H 261 -13.89 -7.88 71.07
CA ASP H 261 -14.62 -7.50 69.86
C ASP H 261 -13.70 -6.75 68.89
N LEU H 262 -12.89 -5.82 69.43
CA LEU H 262 -11.94 -5.10 68.59
C LEU H 262 -10.93 -6.04 67.95
N ALA H 263 -10.38 -6.97 68.73
CA ALA H 263 -9.40 -7.91 68.20
C ALA H 263 -10.01 -8.79 67.12
N MET H 264 -11.23 -9.30 67.36
CA MET H 264 -11.87 -10.12 66.35
C MET H 264 -12.18 -9.31 65.10
N ILE H 265 -12.63 -8.06 65.25
CA ILE H 265 -12.95 -7.24 64.09
C ILE H 265 -11.73 -6.95 63.26
N TYR H 266 -10.58 -6.69 63.89
CA TYR H 266 -9.36 -6.40 63.16
C TYR H 266 -8.61 -7.64 62.70
N LEU H 267 -8.96 -8.84 63.18
CA LEU H 267 -8.20 -10.02 62.75
C LEU H 267 -9.02 -11.16 62.17
N LEU H 268 -10.36 -11.05 62.04
CA LEU H 268 -11.13 -12.18 61.55
C LEU H 268 -10.92 -12.42 60.06
N GLY H 269 -10.78 -11.37 59.27
CA GLY H 269 -10.47 -11.50 57.86
C GLY H 269 -9.16 -12.24 57.62
N PRO H 270 -8.05 -11.69 58.14
CA PRO H 270 -6.77 -12.40 58.00
C PRO H 270 -6.78 -13.80 58.58
N ALA H 271 -7.44 -14.00 59.72
CA ALA H 271 -7.49 -15.33 60.31
C ALA H 271 -8.25 -16.31 59.42
N SER H 272 -9.38 -15.86 58.87
CA SER H 272 -10.15 -16.71 57.97
C SER H 272 -9.37 -17.04 56.70
N PHE H 273 -8.67 -16.06 56.13
CA PHE H 273 -7.89 -16.33 54.92
C PHE H 273 -6.72 -17.26 55.21
N LEU H 274 -6.05 -17.08 56.36
CA LEU H 274 -4.97 -17.99 56.74
C LEU H 274 -5.49 -19.40 56.96
N ALA H 275 -6.67 -19.52 57.60
CA ALA H 275 -7.28 -20.83 57.79
C ALA H 275 -7.60 -21.48 56.46
N SER H 276 -8.11 -20.70 55.51
CA SER H 276 -8.40 -21.24 54.18
C SER H 276 -7.12 -21.72 53.49
N LEU H 277 -6.05 -20.93 53.57
CA LEU H 277 -4.78 -21.34 53.00
C LEU H 277 -4.27 -22.62 53.64
N VAL H 278 -4.35 -22.73 54.97
CA VAL H 278 -3.87 -23.92 55.66
C VAL H 278 -4.70 -25.14 55.27
N ALA H 279 -6.03 -24.98 55.21
CA ALA H 279 -6.89 -26.09 54.85
C ALA H 279 -6.63 -26.55 53.42
N CYS H 280 -6.45 -25.61 52.49
CA CYS H 280 -6.17 -25.98 51.11
C CYS H 280 -4.81 -26.64 50.98
N LEU H 281 -3.81 -26.15 51.73
CA LEU H 281 -2.50 -26.80 51.74
C LEU H 281 -2.60 -28.24 52.25
N ALA H 282 -3.35 -28.44 53.34
CA ALA H 282 -3.50 -29.78 53.89
C ALA H 282 -4.22 -30.70 52.92
N LEU H 283 -5.28 -30.21 52.28
CA LEU H 283 -6.00 -31.02 51.31
C LEU H 283 -5.12 -31.38 50.12
N GLY H 284 -4.33 -30.41 49.63
CA GLY H 284 -3.44 -30.69 48.53
C GLY H 284 -2.37 -31.69 48.89
N SER H 285 -1.79 -31.57 50.08
CA SER H 285 -0.79 -32.52 50.53
C SER H 285 -1.38 -33.92 50.65
N ALA H 286 -2.57 -34.03 51.24
CA ALA H 286 -3.22 -35.33 51.38
C ALA H 286 -3.52 -35.95 50.02
N LEU H 287 -4.04 -35.15 49.08
CA LEU H 287 -4.38 -35.68 47.77
C LEU H 287 -3.13 -36.10 47.00
N THR H 288 -2.06 -35.30 47.08
CA THR H 288 -0.82 -35.66 46.39
C THR H 288 -0.21 -36.92 47.00
N ALA H 289 -0.24 -37.05 48.32
CA ALA H 289 0.26 -38.26 48.96
C ALA H 289 -0.55 -39.48 48.55
N CYS H 290 -1.88 -39.34 48.49
CA CYS H 290 -2.73 -40.45 48.07
C CYS H 290 -2.44 -40.86 46.63
N ARG H 291 -2.30 -39.87 45.74
CA ARG H 291 -2.00 -40.17 44.35
C ARG H 291 -0.63 -40.86 44.22
N ALA H 292 0.38 -40.37 44.96
CA ALA H 292 1.68 -41.00 44.91
C ALA H 292 1.64 -42.43 45.43
N ARG H 293 0.89 -42.66 46.53
CA ARG H 293 0.77 -44.01 47.07
C ARG H 293 0.08 -44.94 46.09
N ARG H 294 -1.02 -44.50 45.48
CA ARG H 294 -1.70 -45.32 44.48
C ARG H 294 -0.86 -45.56 43.23
N ARG H 295 -0.01 -44.61 42.86
CA ARG H 295 0.88 -44.78 41.72
C ARG H 295 2.03 -45.74 41.98
N ARG H 296 2.66 -45.67 43.17
CA ARG H 296 3.87 -46.44 43.40
C ARG H 296 3.54 -47.91 43.69
N ARG H 297 2.43 -48.18 44.36
CA ARG H 297 2.12 -49.54 44.80
C ARG H 297 1.79 -50.48 43.65
N GLN H 298 1.51 -49.98 42.46
CA GLN H 298 1.21 -50.85 41.34
C GLN H 298 2.47 -51.29 40.60
C1 CLR I . -13.32 39.17 35.19
C2 CLR I . -14.51 39.77 35.94
C3 CLR I . -14.46 41.28 35.86
C4 CLR I . -14.48 41.71 34.41
C5 CLR I . -13.36 41.09 33.62
C6 CLR I . -12.66 41.82 32.75
C7 CLR I . -11.49 41.33 31.97
C8 CLR I . -11.44 39.81 31.86
C9 CLR I . -11.82 39.15 33.19
C10 CLR I . -13.21 39.58 33.71
C11 CLR I . -11.67 37.62 33.09
C12 CLR I . -10.31 37.16 32.57
C13 CLR I . -9.94 37.82 31.23
C14 CLR I . -10.05 39.33 31.47
C15 CLR I . -9.37 39.96 30.26
C16 CLR I . -8.18 39.01 30.01
C17 CLR I . -8.45 37.69 30.79
C18 CLR I . -10.86 37.34 30.10
C19 CLR I . -14.35 38.94 32.91
C20 CLR I . -7.98 36.46 30.01
C21 CLR I . -7.96 35.17 30.83
C22 CLR I . -6.58 36.71 29.42
C23 CLR I . -6.10 35.68 28.41
C24 CLR I . -4.88 34.92 28.90
C25 CLR I . -4.45 33.74 28.02
C26 CLR I . -3.06 33.25 28.43
C27 CLR I . -5.44 32.59 28.07
O1 CLR I . -15.57 41.79 36.58
C1 CLR J . -11.37 19.52 44.48
C2 CLR J . -11.92 20.68 45.30
C3 CLR J . -10.82 21.62 45.73
C4 CLR J . -10.01 22.09 44.53
C5 CLR J . -9.54 20.95 43.66
C6 CLR J . -8.24 20.72 43.51
C7 CLR J . -7.66 19.70 42.60
C8 CLR J . -8.71 19.06 41.71
C9 CLR J . -9.96 18.72 42.54
C10 CLR J . -10.60 19.96 43.21
C11 CLR J . -10.95 17.88 41.72
C12 CLR J . -10.33 16.65 41.04
C13 CLR J . -9.12 17.02 40.17
C14 CLR J . -8.16 17.78 41.10
C15 CLR J . -6.86 17.87 40.30
C16 CLR J . -6.79 16.48 39.63
C17 CLR J . -8.20 15.85 39.72
C18 CLR J . -9.53 17.86 38.96
C19 CLR J . -11.57 20.68 42.27
C20 CLR J . -8.52 15.05 38.44
C21 CLR J . -9.80 14.22 38.52
C22 CLR J . -7.34 14.13 38.11
C23 CLR J . -7.07 13.90 36.63
C24 CLR J . -6.72 12.44 36.33
C25 CLR J . -6.23 12.17 34.91
C26 CLR J . -6.09 10.66 34.68
C27 CLR J . -7.13 12.78 33.85
O1 CLR J . -11.41 22.71 46.42
C1 CLR K . 1.16 40.73 16.78
C2 CLR K . 2.45 40.67 15.95
C3 CLR K . 2.65 41.95 15.17
C4 CLR K . 2.67 43.13 16.13
C5 CLR K . 1.43 43.19 16.99
C6 CLR K . 0.79 44.35 17.18
C7 CLR K . -0.40 44.53 18.06
C8 CLR K . -0.66 43.35 18.99
C9 CLR K . -0.38 42.03 18.27
C10 CLR K . 1.07 41.92 17.75
C11 CLR K . -0.80 40.83 19.13
C12 CLR K . -2.25 40.92 19.65
C13 CLR K . -2.50 42.22 20.42
C14 CLR K . -2.10 43.37 19.48
C15 CLR K . -2.62 44.62 20.17
C16 CLR K . -3.94 44.15 20.79
C17 CLR K . -3.98 42.59 20.69
C18 CLR K . -1.71 42.24 21.73
C19 CLR K . 2.08 41.73 18.89
C20 CLR K . -4.71 41.95 21.88
C21 CLR K . -5.29 40.57 21.57
C22 CLR K . -5.83 42.88 22.39
C23 CLR K . -6.63 42.37 23.58
C24 CLR K . -7.67 43.37 24.05
C25 CLR K . -8.44 42.97 25.30
C26 CLR K . -9.39 44.09 25.73
C27 CLR K . -9.23 41.67 25.10
O1 CLR K . 3.85 41.85 14.44
C1 CLR L . 7.14 9.75 35.69
C2 CLR L . 8.31 9.28 34.83
C3 CLR L . 7.82 8.46 33.65
C4 CLR L . 6.83 9.29 32.84
C5 CLR L . 5.71 9.85 33.67
C6 CLR L . 4.45 9.79 33.24
C7 CLR L . 3.28 10.42 33.93
C8 CLR L . 3.67 11.38 35.06
C9 CLR L . 4.87 10.81 35.84
C10 CLR L . 6.11 10.60 34.93
C11 CLR L . 5.18 11.63 37.10
C12 CLR L . 4.02 11.77 38.07
C13 CLR L . 2.76 12.27 37.33
C14 CLR L . 2.47 11.59 35.98
C15 CLR L . 1.27 12.35 35.42
C16 CLR L . 0.50 12.87 36.65
C17 CLR L . 1.46 12.96 37.86
C18 CLR L . 2.13 11.09 38.08
C19 CLR L . 6.74 11.94 34.52
C20 CLR L . 1.50 14.38 38.45
C21 CLR L . 2.82 15.10 38.25
C22 CLR L . 1.13 14.32 39.94
C23 CLR L . -0.13 13.53 40.28
C24 CLR L . -1.39 14.23 39.77
C25 CLR L . -2.65 13.36 39.74
C26 CLR L . -3.87 14.20 39.40
C27 CLR L . -2.51 12.20 38.76
O1 CLR L . 8.93 8.07 32.88
CA CA M . 0.03 -45.43 20.81
CA CA N . -10.62 -37.98 -3.58
C12 6PL O . 5.38 30.67 21.20
C11 6PL O . 4.03 30.92 21.83
O11 6PL O . 3.68 30.52 22.92
O3 6PL O . 3.26 31.66 21.05
C3 6PL O . 2.12 31.05 20.45
C2 6PL O . 1.67 31.87 19.26
C1 6PL O . 2.38 31.51 17.96
O3P 6PL O . 3.75 31.30 18.19
P 6PL O . 4.84 32.32 17.54
O1P 6PL O . 4.20 33.26 16.56
O2P 6PL O . 5.72 32.88 18.63
O4P 6PL O . 5.63 31.13 16.72
C4 6PL O . 7.00 31.26 16.43
C5 6PL O . 7.35 32.62 15.86
N 6PL O . 7.35 32.76 14.36
C7 6PL O . 5.99 32.55 13.79
C8 6PL O . 7.78 34.16 14.06
C6 6PL O . 8.32 31.84 13.70
O2 6PL O . 1.84 33.25 19.59
C31 6PL O . 0.76 34.03 19.67
O31 6PL O . 0.32 34.64 18.73
C32 6PL O . 0.20 34.06 21.06
C33 6PL O . -0.76 35.21 21.30
C34 6PL O . -1.18 35.33 22.77
C35 6PL O . -1.98 36.59 23.04
C36 6PL O . -2.46 36.72 24.48
C37 6PL O . -3.23 38.00 24.73
C38 6PL O . -3.83 38.11 26.13
C39 6PL O . -4.57 39.42 26.36
C18 6PL P . 16.00 50.36 31.06
C17 6PL P . 15.17 49.31 30.36
C16 6PL P . 15.77 47.91 30.44
C15 6PL P . 17.09 47.77 29.68
C14 6PL P . 17.77 46.43 29.90
C13 6PL P . 16.87 45.25 29.57
C12 6PL P . 16.75 45.04 28.06
C11 6PL P . 17.78 44.13 27.48
O11 6PL P . 18.74 43.70 28.07
O3 6PL P . 17.52 43.84 26.21
C3 6PL P . 17.78 44.84 25.23
C2 6PL P . 17.01 44.54 23.96
C1 6PL P . 17.82 44.66 22.68
O2 6PL P . 15.85 45.38 23.97
C31 6PL P . 14.74 44.98 23.35
O31 6PL P . 14.67 43.99 22.67
C32 6PL P . 13.59 45.92 23.62
C33 6PL P . 12.85 45.62 24.91
C34 6PL P . 13.60 46.09 26.14
C35 6PL P . 12.84 45.77 27.43
C36 6PL P . 11.41 46.29 27.45
C37 6PL P . 10.68 45.98 28.75
C38 6PL P . 9.42 46.81 28.96
C39 6PL P . 8.69 46.45 30.24
C40 6PL P . 7.60 47.44 30.63
C41 6PL P . 6.80 47.00 31.85
C16 6PL Q . -2.22 17.13 18.89
C15 6PL Q . -1.36 18.33 19.23
C14 6PL Q . -2.11 19.43 19.96
C13 6PL Q . -1.23 20.60 20.37
C12 6PL Q . -1.92 21.47 21.40
C11 6PL Q . -3.17 22.15 20.92
O11 6PL Q . -3.34 22.56 19.78
O3 6PL Q . -4.09 22.25 21.86
C3 6PL Q . -3.72 22.76 23.14
C2 6PL Q . -4.12 24.22 23.28
C1 6PL Q . -3.25 25.18 22.47
O3P 6PL Q . -1.90 24.78 22.53
P 6PL Q . -1.05 25.08 23.87
O1P 6PL Q . -1.25 23.99 24.89
O2P 6PL Q . -1.20 26.51 24.28
O4P 6PL Q . 0.40 24.83 23.12
C4 6PL Q . 1.42 24.09 23.77
C5 6PL Q . 2.78 24.67 23.52
N 6PL Q . 3.35 25.64 24.53
C7 6PL Q . 4.04 24.91 25.64
C8 6PL Q . 4.34 26.49 23.82
C6 6PL Q . 2.30 26.53 25.12
O2 6PL Q . -4.10 24.54 24.67
C31 6PL Q . -4.82 25.57 25.09
O31 6PL Q . -5.78 26.00 24.52
C32 6PL Q . -4.25 26.14 26.38
C33 6PL Q . -5.03 27.33 26.91
C34 6PL Q . -6.30 26.93 27.63
C35 6PL Q . -7.09 28.14 28.15
C36 6PL Q . -8.44 27.77 28.76
C37 6PL Q . -9.29 28.99 29.07
C38 6PL Q . -8.80 29.82 30.25
C39 6PL Q . -9.63 31.06 30.50
C15 6PL R . -6.43 17.46 17.63
C14 6PL R . -7.43 18.36 18.33
C13 6PL R . -6.75 19.42 19.19
C12 6PL R . -7.76 20.32 19.90
C11 6PL R . -7.23 21.68 20.23
O11 6PL R . -6.17 22.12 19.85
O3 6PL R . -8.06 22.35 21.01
C3 6PL R . -7.82 23.75 21.17
C2 6PL R . -7.79 24.10 22.63
C1 6PL R . -7.54 22.91 23.56
O3P 6PL R . -6.98 23.34 24.78
O2 6PL R . -9.02 24.77 22.95
C31 6PL R . -9.06 25.60 23.99
O31 6PL R . -9.26 25.24 25.12
C32 6PL R . -8.85 27.02 23.56
C33 6PL R . -9.33 28.04 24.57
C34 6PL R . -10.85 28.03 24.75
C35 6PL R . -11.34 29.08 25.73
C36 6PL R . -11.47 30.48 25.12
C37 6PL R . -10.30 31.39 25.45
C38 6PL R . -10.61 32.88 25.27
C39 6PL R . -11.80 33.32 26.10
C40 6PL R . -11.94 34.84 26.20
C41 6PL R . -13.03 35.27 27.17
C42 6PL R . -14.44 34.88 26.73
C43 6PL R . -15.51 35.23 27.76
C44 6PL R . -15.50 36.70 28.16
C19 6PL S . 8.00 17.40 43.46
C18 6PL S . 7.28 18.50 44.22
C17 6PL S . 7.54 18.45 45.72
C16 6PL S . 6.88 19.59 46.49
C15 6PL S . 5.37 19.63 46.33
C14 6PL S . 4.68 20.45 47.41
C13 6PL S . 5.13 21.91 47.43
C12 6PL S . 4.77 22.60 48.73
C11 6PL S . 3.31 22.89 48.90
O11 6PL S . 2.44 22.67 48.09
O3 6PL S . 3.06 23.46 50.08
C3 6PL S . 1.71 23.59 50.49
C2 6PL S . 1.61 24.60 51.61
C1 6PL S . 0.24 24.70 52.26
O3P 6PL S . 0.10 25.93 52.93
O2 6PL S . 2.04 25.86 51.07
C12 6PL T . -16.58 48.95 38.11
C11 6PL T . -17.99 48.47 37.90
O11 6PL T . -18.83 48.39 38.76
O3 6PL T . -18.21 48.16 36.63
C3 6PL T . -18.04 49.16 35.64
C2 6PL T . -18.87 48.83 34.42
C1 6PL T . -20.35 48.63 34.69
O3P 6PL T . -21.09 49.72 34.19
P 6PL T . -22.52 50.11 34.87
O1P 6PL T . -22.67 51.59 35.03
O2P 6PL T . -22.79 49.22 36.05
O4P 6PL T . -23.40 49.62 33.57
O2 6PL T . -18.28 47.69 33.80
C31 6PL T . -18.37 47.56 32.48
O31 6PL T . -18.74 48.44 31.75
C32 6PL T . -17.95 46.18 32.03
C33 6PL T . -16.50 45.85 32.36
C34 6PL T . -15.67 45.58 31.12
C35 6PL T . -16.32 44.56 30.20
C36 6PL T . -16.31 43.14 30.74
C37 6PL T . -15.12 42.33 30.22
C38 6PL T . -15.20 42.03 28.73
C39 6PL T . -14.00 41.23 28.23
C12 6PL U . -18.57 48.21 28.21
C11 6PL U . -19.29 46.90 28.13
O11 6PL U . -18.82 45.82 28.38
O3 6PL U . -20.56 47.07 27.76
C3 6PL U . -21.50 47.46 28.75
C2 6PL U . -22.90 47.42 28.18
C1 6PL U . -23.99 47.19 29.21
O3P 6PL U . -25.26 47.48 28.66
P 6PL U . -26.48 47.92 29.62
O1P 6PL U . -27.33 48.98 28.98
O2P 6PL U . -25.99 48.13 31.02
O4P 6PL U . -27.25 46.47 29.50
O2 6PL U . -22.91 46.48 27.10
C31 6PL U . -23.46 45.27 27.23
O31 6PL U . -24.64 45.04 27.08
C32 6PL U . -22.43 44.23 27.59
C33 6PL U . -21.37 44.08 26.51
C34 6PL U . -20.19 43.21 26.95
C35 6PL U . -20.46 41.73 26.75
C36 6PL U . -19.19 40.88 26.73
C37 6PL U . -18.24 41.26 25.60
C38 6PL U . -16.87 40.61 25.69
C26 6PL V . -1.69 2.85 42.11
C21 6PL V . 0.81 16.28 34.77
C20 6PL V . 0.79 17.17 36.01
C19 6PL V . -0.52 17.10 36.78
C18 6PL V . -0.49 17.87 38.10
C17 6PL V . -1.88 18.07 38.70
C16 6PL V . -1.86 18.75 40.06
C15 6PL V . -3.26 19.06 40.58
C14 6PL V . -3.28 19.40 42.06
C13 6PL V . -2.76 18.28 42.94
C12 6PL V . -2.94 18.57 44.43
C11 6PL V . -4.34 18.30 44.93
O11 6PL V . -5.30 18.08 44.25
O3 6PL V . -4.37 18.36 46.26
C3 6PL V . -4.47 19.63 46.88
C2 6PL V . -5.92 20.05 46.95
C1 6PL V . -6.26 20.99 48.11
O3P 6PL V . -7.65 21.07 48.29
P 6PL V . -8.24 21.75 49.65
O1P 6PL V . -8.69 20.70 50.62
O2P 6PL V . -7.34 22.84 50.11
O4P 6PL V . -9.56 22.38 48.90
O2 6PL V . -6.72 18.86 46.99
MG MG W . 4.33 -22.97 35.35
C23 6PL X . -12.74 15.46 31.60
C17 6PL X . -8.12 12.07 44.24
C16 6PL X . -9.18 12.70 45.14
C15 6PL X . -9.16 14.22 45.10
C14 6PL X . -10.14 14.85 46.08
C13 6PL X . -9.98 16.36 46.19
C12 6PL X . -10.92 16.97 47.22
C11 6PL X . -12.34 17.12 46.75
O11 6PL X . -12.75 16.80 45.66
O3 6PL X . -13.10 17.68 47.68
C3 6PL X . -14.30 18.33 47.26
C2 6PL X . -14.85 19.16 48.39
C1 6PL X . -15.41 20.51 47.96
O3P 6PL X . -16.27 21.02 48.96
P 6PL X . -17.89 20.83 48.80
O1P 6PL X . -18.23 22.33 49.40
O2P 6PL X . -18.37 19.76 49.74
O4P 6PL X . -18.29 20.79 47.36
O2 6PL X . -13.81 19.31 49.37
K K Y . -27.56 16.36 28.04
K K Z . -29.67 17.61 30.19
MG MG AA . 21.15 30.22 20.75
C23 6PL BA . -20.73 25.50 18.02
C17 6PL BA . -16.24 38.28 21.05
C16 6PL BA . -17.28 38.74 22.05
C15 6PL BA . -18.66 38.94 21.44
C14 6PL BA . -19.68 39.52 22.41
C13 6PL BA . -20.99 39.90 21.74
C12 6PL BA . -21.97 40.54 22.71
C11 6PL BA . -22.67 39.55 23.60
O11 6PL BA . -22.51 38.36 23.59
O3 6PL BA . -23.53 40.17 24.40
C3 6PL BA . -24.60 39.39 24.94
C2 6PL BA . -25.64 40.30 25.55
C1 6PL BA . -27.08 39.88 25.30
O3P 6PL BA . -27.94 40.51 26.24
P 6PL BA . -28.43 39.67 27.55
O1P 6PL BA . -29.96 40.30 27.50
O2P 6PL BA . -27.71 40.16 28.76
O4P 6PL BA . -28.50 38.20 27.27
O2 6PL BA . -25.37 41.63 25.07
C1 CLR CA . -42.46 32.05 10.73
C2 CLR CA . -43.52 32.33 11.78
C3 CLR CA . -44.88 32.49 11.13
C4 CLR CA . -45.22 31.23 10.34
C5 CLR CA . -44.15 30.90 9.33
C6 CLR CA . -44.49 30.51 8.10
C7 CLR CA . -43.53 30.21 7.00
C8 CLR CA . -42.12 29.89 7.51
C9 CLR CA . -41.73 30.85 8.65
C10 CLR CA . -42.73 30.81 9.84
C11 CLR CA . -40.28 30.60 9.08
C12 CLR CA . -39.28 30.60 7.93
C13 CLR CA . -39.66 29.67 6.79
C14 CLR CA . -41.10 30.05 6.40
C15 CLR CA . -41.34 29.34 5.08
C16 CLR CA . -39.97 29.45 4.37
C17 CLR CA . -38.92 29.86 5.45
C18 CLR CA . -39.57 28.20 7.24
C19 CLR CA . -42.58 29.53 10.67
C20 CLR CA . -37.57 29.16 5.21
C21 CLR CA . -36.42 29.71 6.05
C22 CLR CA . -37.19 29.23 3.72
C23 CLR CA . -36.02 28.37 3.29
C24 CLR CA . -34.84 29.19 2.80
C25 CLR CA . -33.55 28.41 2.54
C26 CLR CA . -32.55 29.27 1.78
C27 CLR CA . -32.93 27.88 3.83
O1 CLR CA . -45.83 32.77 12.14
C1 CLR DA . -24.17 38.29 20.84
C2 CLR DA . -25.47 38.98 21.19
C3 CLR DA . -25.89 39.97 20.12
C4 CLR DA . -25.93 39.27 18.75
C5 CLR DA . -24.66 38.52 18.45
C6 CLR DA . -23.91 38.88 17.41
C7 CLR DA . -22.71 38.15 16.94
C8 CLR DA . -22.52 36.83 17.67
C9 CLR DA . -22.77 37.01 19.17
C10 CLR DA . -24.19 37.53 19.50
C11 CLR DA . -22.39 35.74 19.95
C12 CLR DA . -20.99 35.20 19.63
C13 CLR DA . -20.78 34.96 18.12
C14 CLR DA . -21.11 36.31 17.44
C15 CLR DA . -20.62 36.13 16.02
C16 CLR DA . -19.31 35.35 16.20
C17 CLR DA . -19.32 34.76 17.65
C18 CLR DA . -21.67 33.83 17.61
C19 CLR DA . -25.22 36.40 19.59
C20 CLR DA . -18.68 33.36 17.67
C21 CLR DA . -18.46 32.79 19.06
C22 CLR DA . -17.33 33.42 16.92
C23 CLR DA . -16.96 32.15 16.16
C24 CLR DA . -15.48 31.82 16.32
C25 CLR DA . -14.96 30.69 15.40
C26 CLR DA . -13.53 30.34 15.77
C27 CLR DA . -15.86 29.46 15.43
O1 CLR DA . -27.15 40.50 20.46
C1 CLR EA . -37.12 21.61 -9.61
C2 CLR EA . -36.49 21.38 -10.99
C3 CLR EA . -37.54 20.95 -11.99
C4 CLR EA . -38.65 22.00 -12.05
C5 CLR EA . -39.25 22.27 -10.71
C6 CLR EA . -40.57 22.35 -10.55
C7 CLR EA . -41.27 22.68 -9.28
C8 CLR EA . -40.34 23.25 -8.20
C9 CLR EA . -39.00 22.52 -8.22
C10 CLR EA . -38.28 22.62 -9.59
C11 CLR EA . -38.12 22.94 -7.03
C12 CLR EA . -38.83 22.83 -5.68
C13 CLR EA . -40.14 23.61 -5.65
C14 CLR EA . -40.98 23.09 -6.83
C15 CLR EA . -42.36 23.68 -6.60
C16 CLR EA . -42.51 23.64 -5.07
C17 CLR EA . -41.11 23.31 -4.47
C18 CLR EA . -39.88 25.12 -5.73
C19 CLR EA . -37.74 24.04 -9.84
C20 CLR EA . -40.88 23.98 -3.11
C21 CLR EA . -39.84 23.26 -2.24
C22 CLR EA . -42.21 24.12 -2.36
C23 CLR EA . -42.12 24.79 -0.99
C24 CLR EA . -43.49 24.93 -0.33
C25 CLR EA . -43.49 25.68 1.01
C26 CLR EA . -44.91 25.85 1.52
C27 CLR EA . -42.63 25.00 2.06
O1 CLR EA . -36.92 20.76 -13.24
C1 CLR FA . -7.24 36.50 5.81
C2 CLR FA . -6.28 36.14 4.69
C3 CLR FA . -5.72 34.75 4.90
C4 CLR FA . -6.84 33.73 5.02
C5 CLR FA . -7.84 34.11 6.08
C6 CLR FA . -8.30 33.20 6.94
C7 CLR FA . -9.38 33.44 7.93
C8 CLR FA . -10.14 34.75 7.74
C9 CLR FA . -9.16 35.87 7.32
C10 CLR FA . -8.42 35.52 6.00
C11 CLR FA . -9.82 37.25 7.28
C12 CLR FA . -10.46 37.67 8.60
C13 CLR FA . -11.41 36.56 9.11
C14 CLR FA . -10.86 35.12 9.02
C15 CLR FA . -12.03 34.24 9.45
C16 CLR FA . -12.87 35.10 10.42
C17 CLR FA . -12.60 36.61 10.12
C18 CLR FA . -10.63 36.80 10.41
C19 CLR FA . -9.34 35.61 4.78
C20 CLR FA . -13.90 37.37 9.79
C21 CLR FA . -14.01 37.84 8.34
C22 CLR FA . -14.05 38.55 10.75
C23 CLR FA . -13.88 38.22 12.24
C24 CLR FA . -15.02 37.35 12.77
C25 CLR FA . -14.74 36.68 14.11
C26 CLR FA . -16.01 36.00 14.63
C27 CLR FA . -13.60 35.68 14.04
O1 CLR FA . -4.85 34.46 3.81
CA CA GA . 40.52 12.03 26.74
CA CA HA . 30.28 -13.18 21.92
C12 6PL IA . -26.40 25.83 -7.18
C11 6PL IA . -27.22 25.88 -5.92
O11 6PL IA . -27.03 26.65 -5.01
O3 6PL IA . -28.18 24.97 -5.93
C3 6PL IA . -28.08 23.88 -5.03
C2 6PL IA . -28.95 22.74 -5.49
C1 6PL IA . -28.29 21.80 -6.48
O3P 6PL IA . -27.54 22.54 -7.42
P 6PL IA . -27.98 22.55 -8.99
O1P 6PL IA . -29.06 21.54 -9.26
O2P 6PL IA . -28.16 23.97 -9.44
O4P 6PL IA . -26.54 21.95 -9.51
C4 6PL IA . -26.07 22.28 -10.80
C5 6PL IA . -27.13 22.11 -11.87
N 6PL IA . -27.21 20.78 -12.58
C7 6PL IA . -27.56 19.68 -11.63
C8 6PL IA . -28.29 20.89 -13.60
C6 6PL IA . -25.94 20.44 -13.28
O2 6PL IA . -30.15 23.31 -6.02
C31 6PL IA . -31.32 23.06 -5.42
O31 6PL IA . -32.02 22.12 -5.70
C32 6PL IA . -31.63 24.09 -4.37
C33 6PL IA . -33.09 24.08 -3.93
C34 6PL IA . -33.42 25.24 -3.00
C35 6PL IA . -34.91 25.35 -2.73
C36 6PL IA . -35.28 26.48 -1.77
C37 6PL IA . -36.78 26.57 -1.54
C38 6PL IA . -37.19 27.60 -0.49
C39 6PL IA . -38.70 27.70 -0.30
C18 6PL JA . -40.26 41.96 -19.26
C17 6PL JA . -39.61 40.82 -18.47
C16 6PL JA . -38.10 40.94 -18.38
C15 6PL JA . -37.40 40.78 -19.72
C14 6PL JA . -35.91 41.06 -19.66
C13 6PL JA . -35.19 40.21 -18.61
C12 6PL JA . -35.00 38.77 -19.07
C11 6PL JA . -33.72 38.54 -19.82
O11 6PL JA . -32.95 39.40 -20.17
O3 6PL JA . -33.52 37.24 -20.03
C3 6PL JA . -34.27 36.61 -21.06
C2 6PL JA . -34.26 35.12 -20.87
C1 6PL JA . -34.00 34.31 -22.12
O2 6PL JA . -35.52 34.77 -20.26
C31 6PL JA . -35.59 33.71 -19.46
O31 6PL JA . -34.69 32.92 -19.31
C32 6PL JA . -36.93 33.61 -18.78
C33 6PL JA . -37.02 34.42 -17.50
C34 6PL JA . -37.19 35.92 -17.76
C35 6PL JA . -37.26 36.71 -16.46
C36 6PL JA . -38.33 36.23 -15.50
C37 6PL JA . -38.40 37.06 -14.22
C38 6PL JA . -39.69 36.85 -13.43
C39 6PL JA . -39.71 37.66 -12.14
C40 6PL JA . -41.08 37.71 -11.48
C41 6PL JA . -41.07 38.41 -10.13
C16 6PL KA . -17.17 18.63 3.27
C15 6PL KA . -17.92 19.48 2.25
C14 6PL KA . -19.26 19.99 2.75
C13 6PL KA . -19.98 20.89 1.75
C12 6PL KA . -21.09 21.67 2.42
C11 6PL KA . -22.21 20.81 2.95
O11 6PL KA . -22.61 19.79 2.45
O3 6PL KA . -22.72 21.31 4.08
C3 6PL KA . -23.08 22.68 4.13
C2 6PL KA . -24.57 22.86 3.94
C1 6PL KA . -25.06 22.63 2.51
O3P 6PL KA . -24.14 23.17 1.60
P 6PL KA . -24.10 24.79 1.37
O1P 6PL KA . -23.23 25.46 2.40
O2P 6PL KA . -25.48 25.30 1.11
O4P 6PL KA . -23.24 24.66 -0.04
C4 6PL KA . -22.18 25.56 -0.28
C5 6PL KA . -22.13 25.96 -1.74
N 6PL KA . -22.81 27.25 -2.13
C7 6PL KA . -21.89 28.41 -1.94
C8 6PL KA . -23.14 27.15 -3.58
C6 6PL KA . -24.07 27.49 -1.39
O2 6PL KA . -24.91 24.17 4.40
C31 6PL KA . -26.17 24.42 4.76
O31 6PL KA . -26.93 23.56 5.14
C32 6PL KA . -26.50 25.88 4.64
C33 6PL KA . -27.93 26.21 5.04
C34 6PL KA . -28.13 26.29 6.55
C35 6PL KA . -29.56 26.62 6.94
C36 6PL KA . -29.82 26.56 8.44
C37 6PL KA . -31.29 26.67 8.79
C38 6PL KA . -31.88 28.05 8.58
C39 6PL KA . -33.37 28.13 8.87
C15 6PL LA . -19.18 15.82 6.01
C14 6PL LA . -20.44 16.19 6.78
C13 6PL LA . -21.15 17.39 6.19
C12 6PL LA . -22.41 17.75 6.97
C11 6PL LA . -23.44 18.47 6.14
O11 6PL LA . -23.39 18.61 4.95
O3 6PL LA . -24.43 18.93 6.89
C3 6PL LA . -25.61 19.37 6.23
C2 6PL LA . -25.97 20.77 6.70
C1 6PL LA . -24.82 21.51 7.36
O3P 6PL LA . -25.03 22.91 7.26
O2 6PL LA . -27.10 20.65 7.57
C31 6PL LA . -27.92 21.69 7.73
O31 6PL LA . -27.71 22.57 8.52
C32 6PL LA . -29.10 21.59 6.81
C33 6PL LA . -30.27 22.47 7.25
C34 6PL LA . -30.89 22.00 8.55
C35 6PL LA . -32.09 22.84 8.97
C36 6PL LA . -33.41 22.44 8.27
C37 6PL LA . -33.75 23.35 7.10
C38 6PL LA . -35.21 23.28 6.69
C39 6PL LA . -36.16 23.62 7.84
C40 6PL LA . -37.59 23.87 7.41
C41 6PL LA . -38.48 24.37 8.56
C42 6PL LA . -38.69 23.33 9.65
C43 6PL LA . -39.49 23.87 10.83
C44 6PL LA . -40.84 24.46 10.42
C19 6PL MA . -14.14 44.97 5.50
C18 6PL MA . -15.47 45.54 5.97
C17 6PL MA . -15.38 46.98 6.44
C16 6PL MA . -16.71 47.57 6.86
C15 6PL MA . -17.37 46.83 8.00
C14 6PL MA . -18.45 47.65 8.71
C13 6PL MA . -19.58 48.05 7.78
C12 6PL MA . -20.41 49.18 8.37
C11 6PL MA . -21.30 48.77 9.51
O11 6PL MA . -21.42 47.66 9.95
O3 6PL MA . -21.96 49.82 10.00
C3 6PL MA . -22.65 49.66 11.23
C2 6PL MA . -23.66 50.77 11.40
C1 6PL MA . -24.35 50.82 12.75
O3P 6PL MA . -25.55 51.54 12.68
O2 6PL MA . -24.60 50.66 10.33
C12 6PL NA . -52.80 34.78 10.82
C11 6PL NA . -52.96 33.95 12.06
O11 6PL NA . -53.26 34.37 13.15
O3 6PL NA . -52.71 32.67 11.80
C3 6PL NA . -53.52 32.00 10.85
C2 6PL NA . -53.51 30.51 11.13
C1 6PL NA . -53.96 30.12 12.52
O3P 6PL NA . -55.24 29.52 12.48
P 6PL NA . -56.21 29.62 13.79
O1P 6PL NA . -57.63 29.91 13.39
O2P 6PL NA . -55.55 30.43 14.86
O4P 6PL NA . -56.08 28.00 14.13
O2 6PL NA . -52.21 30.02 10.82
C31 6PL NA . -52.07 28.78 10.38
O31 6PL NA . -52.99 28.09 10.02
C32 6PL NA . -50.63 28.34 10.38
C33 6PL NA . -49.74 29.19 9.48
C34 6PL NA . -49.09 28.37 8.36
C35 6PL NA . -48.40 27.12 8.90
C36 6PL NA . -47.13 27.40 9.68
C37 6PL NA . -45.88 27.29 8.81
C38 6PL NA . -45.58 25.88 8.34
C39 6PL NA . -44.34 25.80 7.46
C12 6PL OA . -52.58 24.94 8.43
C11 6PL OA . -51.69 24.39 9.50
O11 6PL OA . -50.52 24.65 9.65
O3 6PL OA . -52.35 23.56 10.30
C3 6PL OA . -53.15 24.13 11.33
C2 6PL OA . -53.67 23.03 12.25
C1 6PL OA . -53.95 23.48 13.67
O3P 6PL OA . -54.71 22.50 14.35
P 6PL OA . -55.67 22.95 15.59
O1P 6PL OA . -56.95 22.16 15.59
O2P 6PL OA . -55.71 24.44 15.71
O4P 6PL OA . -54.67 22.31 16.73
O2 6PL OA . -52.77 21.91 12.16
C31 6PL OA . -51.91 21.64 13.14
O31 6PL OA . -52.17 20.98 14.11
C32 6PL OA . -50.55 22.22 12.86
C33 6PL OA . -49.92 21.66 11.59
C34 6PL OA . -48.66 22.41 11.16
C35 6PL OA . -47.41 21.91 11.87
C36 6PL OA . -46.12 22.28 11.16
C37 6PL OA . -46.04 21.71 9.76
C38 6PL OA . -44.87 22.24 8.93
C26 6PL PA . -4.90 37.65 18.47
C21 6PL PA . -15.77 34.06 8.02
C20 6PL PA . -16.63 35.30 8.22
C19 6PL PA . -17.15 35.44 9.65
C18 6PL PA . -17.88 36.75 9.89
C17 6PL PA . -18.67 36.75 11.20
C16 6PL PA . -19.34 38.09 11.51
C15 6PL PA . -20.21 38.04 12.75
C14 6PL PA . -20.59 39.42 13.27
C13 6PL PA . -19.39 40.26 13.67
C12 6PL PA . -19.78 41.55 14.35
C11 6PL PA . -20.15 41.41 15.81
O11 6PL PA . -20.31 40.36 16.38
O3 6PL PA . -20.26 42.59 16.39
C3 6PL PA . -21.49 43.30 16.24
C2 6PL PA . -22.48 42.84 17.28
C1 6PL PA . -23.51 43.88 17.69
O3P 6PL PA . -24.17 43.48 18.87
P 6PL PA . -25.09 44.56 19.67
O1P 6PL PA . -24.36 45.10 20.87
O2P 6PL PA . -25.73 45.52 18.71
O4P 6PL PA . -26.18 43.43 20.17
O2 6PL PA . -21.73 42.36 18.41
K K QA . -23.26 13.83 23.63
MG MG RA . -19.41 31.80 -20.02
C23 6PL SA . -32.44 11.53 14.66
C17 6PL SA . -42.31 17.98 7.32
C16 6PL SA . -43.19 18.53 8.43
C15 6PL SA . -43.93 17.44 9.20
C14 6PL SA . -44.91 17.98 10.22
C13 6PL SA . -45.78 16.90 10.85
C12 6PL SA . -46.80 17.47 11.82
C11 6PL SA . -46.24 17.84 13.16
O11 6PL SA . -45.09 17.72 13.49
O3 6PL SA . -47.18 18.30 13.97
C3 6PL SA . -46.95 18.23 15.37
C2 6PL SA . -48.24 18.49 16.12
C1 6PL SA . -48.45 17.62 17.35
O3P 6PL SA . -49.40 18.20 18.20
P 6PL SA . -48.90 19.06 19.50
O1P 6PL SA . -50.10 18.48 20.48
O2P 6PL SA . -49.09 20.53 19.24
O4P 6PL SA . -47.58 18.56 20.00
O2 6PL SA . -49.31 18.37 15.18
C1 CLR TA . -47.32 -3.38 26.35
C2 CLR TA . -48.06 -2.84 27.57
C3 CLR TA . -48.74 -3.96 28.31
C4 CLR TA . -47.72 -5.01 28.73
C5 CLR TA . -46.93 -5.52 27.56
C6 CLR TA . -46.66 -6.82 27.44
C7 CLR TA . -45.93 -7.44 26.30
C8 CLR TA . -45.09 -6.45 25.50
C9 CLR TA . -45.84 -5.12 25.33
C10 CLR TA . -46.27 -4.48 26.66
C11 CLR TA . -45.02 -4.16 24.45
C12 CLR TA . -44.56 -4.77 23.11
C13 CLR TA . -43.81 -6.10 23.31
C14 CLR TA . -44.75 -6.99 24.13
C15 CLR TA . -44.14 -8.39 24.02
C16 CLR TA . -43.65 -8.43 22.56
C17 CLR TA . -43.62 -6.98 22.03
C18 CLR TA . -42.47 -5.89 24.00
C19 CLR TA . -45.08 -3.86 27.43
C20 CLR TA . -42.42 -6.73 21.11
C21 CLR TA . -42.47 -5.41 20.34
C22 CLR TA . -42.27 -7.89 20.13
C23 CLR TA . -40.97 -7.91 19.32
C24 CLR TA . -41.20 -7.73 17.83
C25 CLR TA . -39.93 -7.56 16.98
C26 CLR TA . -40.27 -7.69 15.51
C27 CLR TA . -39.25 -6.22 17.26
O1 CLR TA . -49.44 -3.42 29.42
C1 CLR UA . -45.77 14.25 13.59
C2 CLR UA . -46.96 14.12 14.54
C3 CLR UA . -47.98 13.13 14.01
C4 CLR UA . -47.30 11.79 13.72
C5 CLR UA . -46.08 11.92 12.85
C6 CLR UA . -46.06 11.37 11.65
C7 CLR UA . -44.86 11.33 10.75
C8 CLR UA . -43.61 11.87 11.45
C9 CLR UA . -43.95 13.14 12.23
C10 CLR UA . -45.03 12.91 13.32
C11 CLR UA . -42.67 13.80 12.77
C12 CLR UA . -41.59 14.02 11.72
C13 CLR UA . -41.22 12.72 10.98
C14 CLR UA . -42.54 12.18 10.41
C15 CLR UA . -42.12 11.07 9.47
C16 CLR UA . -40.87 11.68 8.79
C17 CLR UA . -40.40 12.88 9.66
C18 CLR UA . -40.54 11.73 11.91
C19 CLR UA . -44.44 12.41 14.64
C20 CLR UA . -38.87 12.95 9.70
C21 CLR UA . -38.32 14.20 10.37
C22 CLR UA . -38.32 12.84 8.27
C23 CLR UA . -36.98 12.12 8.12
C24 CLR UA . -36.06 12.83 7.13
C25 CLR UA . -34.80 12.06 6.76
C26 CLR UA . -33.88 12.94 5.91
C27 CLR UA . -34.05 11.54 7.97
O1 CLR UA . -49.01 13.00 14.97
C1 CLR VA . -34.74 -20.96 17.18
C2 CLR VA . -34.22 -21.97 16.15
C3 CLR VA . -34.22 -23.36 16.73
C4 CLR VA . -35.63 -23.73 17.19
C5 CLR VA . -36.20 -22.72 18.16
C6 CLR VA . -36.82 -23.13 19.26
C7 CLR VA . -37.47 -22.23 20.26
C8 CLR VA . -37.64 -20.79 19.76
C9 CLR VA . -36.41 -20.36 18.95
C10 CLR VA . -36.14 -21.27 17.73
C11 CLR VA . -36.48 -18.86 18.61
C12 CLR VA . -36.74 -17.96 19.81
C13 CLR VA . -38.00 -18.36 20.58
C14 CLR VA . -37.83 -19.85 20.94
C15 CLR VA . -38.95 -20.12 21.93
C16 CLR VA . -39.03 -18.83 22.74
C17 CLR VA . -38.17 -17.75 21.99
C18 CLR VA . -39.25 -18.10 19.74
C19 CLR VA . -37.20 -21.06 16.63
C20 CLR VA . -38.75 -16.33 22.15
C21 CLR VA . -37.70 -15.24 21.99
C22 CLR VA . -39.46 -16.19 23.50
C23 CLR VA . -40.09 -14.84 23.76
C24 CLR VA . -40.82 -14.79 25.11
C25 CLR VA . -41.56 -13.48 25.40
C26 CLR VA . -42.33 -13.59 26.71
C27 CLR VA . -40.62 -12.28 25.44
O1 CLR VA . -33.73 -24.26 15.75
C1 CLR WA . -36.42 7.56 -5.98
C2 CLR WA . -35.65 6.88 -7.10
C3 CLR WA . -34.16 7.11 -6.94
C4 CLR WA . -33.71 6.60 -5.57
C5 CLR WA . -34.52 7.19 -4.45
C6 CLR WA . -33.93 7.62 -3.34
C7 CLR WA . -34.63 8.11 -2.11
C8 CLR WA . -36.13 7.82 -2.11
C9 CLR WA . -36.71 8.01 -3.52
C10 CLR WA . -36.04 7.09 -4.57
C11 CLR WA . -38.24 7.92 -3.55
C12 CLR WA . -38.95 8.89 -2.61
C13 CLR WA . -38.36 8.78 -1.19
C14 CLR WA . -36.83 8.72 -1.10
C15 CLR WA . -36.53 8.48 0.37
C16 CLR WA . -37.71 9.13 1.14
C17 CLR WA . -38.95 9.20 0.19
C18 CLR WA . -38.32 10.30 -1.35
C19 CLR WA . -36.45 5.62 -4.39
C20 CLR WA . -40.16 8.48 0.80
C21 CLR WA . -40.57 7.21 0.06
C22 CLR WA . -41.35 9.46 0.89
C23 CLR WA . -41.03 10.81 1.53
C24 CLR WA . -40.74 10.68 3.02
C25 CLR WA . -40.09 11.90 3.66
C26 CLR WA . -40.01 11.72 5.18
C27 CLR WA . -38.68 12.16 3.10
O1 CLR WA . -33.48 6.45 -7.99
CA CA XA . 4.86 42.55 -25.71
CA CA YA . 23.65 30.20 -9.67
C12 6PL ZA . -34.19 -13.68 7.95
C11 6PL ZA . -34.64 -12.89 9.14
O11 6PL ZA . -35.30 -11.87 9.09
O3 6PL ZA . -34.21 -13.43 10.27
C3 6PL ZA . -33.22 -12.74 11.01
C2 6PL ZA . -32.54 -13.68 11.96
C1 6PL ZA . -31.36 -14.44 11.36
O3P 6PL ZA . -31.68 -14.86 10.04
P 6PL ZA . -31.81 -16.45 9.71
O1P 6PL ZA . -31.33 -17.29 10.86
O2P 6PL ZA . -33.15 -16.72 9.10
O4P 6PL ZA . -30.64 -16.41 8.55
C4 6PL ZA . -30.68 -17.32 7.48
C5 6PL ZA . -30.93 -18.74 7.93
N 6PL ZA . -29.72 -19.61 8.20
C7 6PL ZA . -28.91 -19.07 9.33
C8 6PL ZA . -30.23 -20.96 8.58
C6 6PL ZA . -28.86 -19.77 6.99
O2 6PL ZA . -33.53 -14.58 12.47
C31 6PL ZA . -33.80 -14.56 13.78
O31 6PL ZA . -33.23 -15.25 14.59
C32 6PL ZA . -34.92 -13.60 14.09
C33 6PL ZA . -35.55 -13.82 15.46
C34 6PL ZA . -36.78 -12.96 15.67
C35 6PL ZA . -37.51 -13.31 16.96
C36 6PL ZA . -38.73 -12.44 17.24
C37 6PL ZA . -39.45 -12.84 18.52
C38 6PL ZA . -40.60 -11.91 18.90
C39 6PL ZA . -41.33 -12.36 20.16
C18 6PL AB . -54.11 -27.86 7.47
C17 6PL AB . -52.85 -27.06 7.74
C16 6PL AB . -52.32 -26.32 6.51
C15 6PL AB . -51.82 -27.27 5.42
C14 6PL AB . -51.45 -26.54 4.13
C13 6PL AB . -50.43 -25.44 4.36
C12 6PL AB . -49.03 -25.99 4.56
C11 6PL AB . -48.25 -26.15 3.29
O11 6PL AB . -48.69 -26.02 2.17
O3 6PL AB . -46.98 -26.46 3.54
C3 6PL AB . -46.68 -27.79 3.94
C2 6PL AB . -45.33 -27.83 4.62
C1 6PL AB . -44.43 -28.97 4.16
O2 6PL AB . -45.57 -27.86 6.03
C31 6PL AB . -44.67 -27.34 6.85
O31 6PL AB . -43.57 -26.95 6.50
C32 6PL AB . -45.16 -27.30 8.27
C33 6PL AB . -45.99 -26.06 8.59
C34 6PL AB . -47.41 -26.14 8.03
C35 6PL AB . -48.22 -24.89 8.34
C36 6PL AB . -48.26 -24.54 9.83
C37 6PL AB . -49.10 -23.31 10.12
C38 6PL AB . -49.49 -23.17 11.59
C39 6PL AB . -50.28 -21.90 11.86
C40 6PL AB . -50.93 -21.88 13.24
C41 6PL AB . -51.62 -20.54 13.54
C16 6PL BB . -24.25 -1.53 7.92
C15 6PL BB . -25.28 -2.64 7.74
C14 6PL BB . -26.33 -2.68 8.85
C13 6PL BB . -27.41 -3.73 8.63
C12 6PL BB . -28.62 -3.48 9.53
C11 6PL BB . -28.32 -3.59 10.99
O11 6PL BB . -27.54 -4.37 11.49
O3 6PL BB . -29.04 -2.73 11.71
C3 6PL BB . -30.44 -2.63 11.49
C2 6PL BB . -31.21 -3.39 12.53
C1 6PL BB . -31.14 -4.91 12.39
O3P 6PL BB . -31.21 -5.26 11.03
P 6PL BB . -32.64 -5.21 10.27
O1P 6PL BB . -32.95 -3.83 9.76
O2P 6PL BB . -33.69 -5.95 11.05
O4P 6PL BB . -32.12 -6.12 8.99
C4 6PL BB . -32.47 -5.78 7.68
C5 6PL BB . -32.77 -6.99 6.84
N 6PL BB . -34.20 -7.44 6.71
C7 6PL BB . -34.89 -6.71 5.60
C8 6PL BB . -34.18 -8.90 6.38
C6 6PL BB . -34.98 -7.27 7.97
O2 6PL BB . -32.56 -2.92 12.50
C31 6PL BB . -33.33 -3.09 13.58
O31 6PL BB . -32.89 -3.19 14.69
C32 6PL BB . -34.79 -3.11 13.22
C33 6PL BB . -35.72 -3.30 14.41
C34 6PL BB . -35.93 -2.02 15.20
C35 6PL BB . -36.83 -2.22 16.40
C36 6PL BB . -36.95 -0.99 17.30
C37 6PL BB . -37.68 -1.28 18.60
C38 6PL BB . -39.18 -1.50 18.44
C39 6PL BB . -39.88 -1.85 19.75
C15 6PL CB . -22.66 -0.33 11.85
C14 6PL CB . -23.55 -0.12 13.08
C13 6PL CB . -24.92 -0.77 12.91
C12 6PL CB . -25.80 -0.54 14.13
C11 6PL CB . -26.85 -1.61 14.32
O11 6PL CB . -26.92 -2.63 13.69
O3 6PL CB . -27.71 -1.28 15.26
C3 6PL CB . -28.58 -2.29 15.75
C2 6PL CB . -30.01 -1.81 15.70
C1 6PL CB . -30.25 -0.63 14.77
O3P 6PL CB . -31.59 -0.59 14.35
O2 6PL CB . -30.41 -1.53 17.04
C31 6PL CB . -31.70 -1.56 17.36
O31 6PL CB . -32.46 -0.64 17.20
C32 6PL CB . -32.08 -2.89 17.96
C33 6PL CB . -33.38 -2.86 18.74
C34 6PL CB . -33.27 -2.01 20.01
C35 6PL CB . -34.55 -2.02 20.83
C36 6PL CB . -34.71 -3.24 21.73
C37 6PL CB . -35.63 -4.31 21.14
C38 6PL CB . -36.16 -5.30 22.17
C39 6PL CB . -36.91 -4.61 23.31
C40 6PL CB . -37.73 -5.55 24.18
C41 6PL CB . -38.59 -4.82 25.20
C42 6PL CB . -37.78 -4.09 26.26
C43 6PL CB . -38.67 -3.28 27.22
C44 6PL CB . -39.74 -4.12 27.89
C19 6PL DB . -46.97 5.67 -3.89
C18 6PL DB . -48.06 5.62 -2.82
C17 6PL DB . -49.37 6.29 -3.27
C16 6PL DB . -50.47 6.20 -2.23
C15 6PL DB . -50.12 6.85 -0.90
C14 6PL DB . -51.34 7.15 -0.04
C13 6PL DB . -52.14 5.91 0.32
C12 6PL DB . -53.55 6.25 0.79
C11 6PL DB . -53.60 6.85 2.16
O11 6PL DB . -52.65 7.03 2.90
O3 6PL DB . -54.84 7.17 2.51
C3 6PL DB . -55.04 7.96 3.67
C2 6PL DB . -56.48 7.85 4.13
C1 6PL DB . -56.86 8.79 5.26
O3P 6PL DB . -58.02 8.34 5.91
O2 6PL DB . -56.72 6.48 4.46
C12 6PL EB . -54.13 -7.20 33.67
C11 6PL EB . -53.49 -6.28 34.67
O11 6PL EB . -54.04 -5.37 35.23
O3 6PL EB . -52.22 -6.59 34.86
C3 6PL EB . -51.90 -7.89 35.35
C2 6PL EB . -50.57 -7.87 36.06
C1 6PL EB . -50.46 -6.86 37.18
O3P 6PL EB . -50.45 -7.52 38.44
P 6PL EB . -50.99 -6.73 39.76
O1P 6PL EB . -51.84 -7.64 40.61
O2P 6PL EB . -51.51 -5.38 39.39
O4P 6PL EB . -49.49 -6.61 40.43
O2 6PL EB . -49.55 -7.66 35.06
C31 6PL EB . -48.36 -8.20 35.25
O31 6PL EB . -48.11 -9.00 36.11
C32 6PL EB . -47.36 -7.66 34.25
C33 6PL EB . -47.71 -7.96 32.81
C34 6PL EB . -46.65 -8.81 32.11
C35 6PL EB . -45.25 -8.23 32.29
C36 6PL EB . -45.01 -6.97 31.48
C37 6PL EB . -44.35 -7.24 30.13
C38 6PL EB . -42.92 -7.74 30.24
C39 6PL EB . -42.29 -8.03 28.88
C12 6PL FB . -45.01 -10.72 36.30
C11 6PL FB . -44.17 -9.47 36.27
O11 6PL FB . -43.92 -8.82 35.29
O3 6PL FB . -43.73 -9.16 37.48
C3 6PL FB . -44.63 -8.48 38.36
C2 6PL FB . -43.89 -8.04 39.61
C1 6PL FB . -44.47 -6.81 40.29
O3P 6PL FB . -43.93 -6.68 41.59
P 6PL FB . -44.79 -5.89 42.74
O1P 6PL FB . -44.62 -6.54 44.07
O2P 6PL FB . -46.16 -5.57 42.23
O4P 6PL FB . -43.84 -4.54 42.68
O2 6PL FB . -42.49 -7.91 39.29
C31 6PL FB . -41.92 -6.72 39.13
O31 6PL FB . -41.48 -6.06 40.04
C32 6PL FB . -41.87 -6.31 37.68
C33 6PL FB . -41.04 -7.28 36.84
C34 6PL FB . -41.19 -7.02 35.34
C35 6PL FB . -40.24 -5.94 34.85
C36 6PL FB . -40.01 -5.98 33.34
C37 6PL FB . -39.38 -7.29 32.88
C38 6PL FB . -39.35 -7.46 31.37
C26 6PL GB . -37.03 20.05 -2.76
C21 6PL GB . -37.86 5.62 2.83
C20 6PL GB . -39.35 5.62 3.13
C19 6PL GB . -39.77 6.70 4.12
C18 6PL GB . -41.27 6.81 4.31
C17 6PL GB . -41.67 7.66 5.51
C16 6PL GB . -43.17 7.86 5.67
C15 6PL GB . -43.54 8.59 6.93
C14 6PL GB . -44.97 9.12 6.94
C13 6PL GB . -45.25 10.10 5.81
C12 6PL GB . -46.62 10.74 5.92
C11 6PL GB . -46.69 11.87 6.91
O11 6PL GB . -45.84 12.16 7.71
O3 6PL GB . -47.85 12.52 6.79
C3 6PL GB . -48.99 11.99 7.45
C2 6PL GB . -49.03 12.44 8.88
C1 6PL GB . -50.42 12.52 9.48
O3P 6PL GB . -50.40 13.25 10.69
P 6PL GB . -51.80 13.75 11.36
O1P 6PL GB . -52.03 15.21 11.10
O2P 6PL GB . -52.89 12.76 11.08
O4P 6PL GB . -51.24 13.57 12.91
O2 6PL GB . -48.34 13.69 8.95
MG MG HB . -36.13 -21.39 -5.70
C23 6PL IB . -24.67 1.24 28.07
C17 6PL IB . -34.35 -8.48 30.26
C16 6PL IB . -35.26 -7.77 31.24
C15 6PL IB . -34.61 -7.56 32.60
C14 6PL IB . -35.56 -6.96 33.64
C13 6PL IB . -34.96 -6.92 35.05
C12 6PL IB . -35.95 -6.41 36.06
C11 6PL IB . -36.10 -4.91 36.06
O11 6PL IB . -35.54 -4.15 35.32
O3 6PL IB . -36.95 -4.51 37.00
C3 6PL IB . -36.86 -3.16 37.46
C2 6PL IB . -37.66 -2.99 38.72
C1 6PL IB . -37.02 -2.11 39.77
O3P 6PL IB . -37.97 -1.65 40.69
P 6PL IB . -38.60 -0.15 40.52
O1P 6PL IB . -38.63 0.14 42.14
O2P 6PL IB . -40.00 -0.24 39.99
O4P 6PL IB . -37.62 0.78 39.88
O2 6PL IB . -37.96 -4.29 39.22
C1 CLR JB . -18.04 4.04 51.05
C2 CLR JB . -18.90 4.91 51.96
C3 CLR JB . -18.20 5.13 53.28
C4 CLR JB . -16.85 5.77 53.04
C5 CLR JB . -16.00 4.97 52.09
C6 CLR JB . -14.70 4.78 52.35
C7 CLR JB . -13.78 3.94 51.52
C8 CLR JB . -14.29 3.73 50.10
C9 CLR JB . -15.80 3.46 50.10
C10 CLR JB . -16.62 4.58 50.78
C11 CLR JB . -16.29 3.13 48.68
C12 CLR JB . -15.48 2.04 47.98
C13 CLR JB . -13.97 2.31 47.98
C14 CLR JB . -13.59 2.54 49.45
C15 CLR JB . -12.08 2.49 49.46
C16 CLR JB . -11.76 1.37 48.45
C17 CLR JB . -13.05 1.11 47.63
C18 CLR JB . -13.62 3.52 47.10
C19 CLR JB . -16.71 5.84 49.89
C20 CLR JB . -12.72 0.81 46.15
C21 CLR JB . -13.91 0.28 45.34
C22 CLR JB . -11.56 -0.19 46.07
C23 CLR JB . -10.96 -0.39 44.68
C24 CLR JB . -11.16 -1.81 44.16
C25 CLR JB . -10.75 -2.03 42.70
C26 CLR JB . -10.71 -3.52 42.38
C27 CLR JB . -11.68 -1.31 41.73
O1 CLR JB . -19.04 5.93 54.10
C1 CLR KB . -32.81 -4.24 37.29
C2 CLR KB . -33.24 -3.89 38.71
C3 CLR KB . -32.75 -4.93 39.70
C4 CLR KB . -31.24 -5.12 39.57
C5 CLR KB . -30.81 -5.38 38.15
C6 CLR KB . -30.24 -6.53 37.83
C7 CLR KB . -29.67 -6.86 36.49
C8 CLR KB . -29.66 -5.65 35.57
C9 CLR KB . -30.98 -4.88 35.67
C10 CLR KB . -31.29 -4.38 37.12
C11 CLR KB . -31.06 -3.79 34.61
C12 CLR KB . -30.75 -4.27 33.18
C13 CLR KB . -29.41 -4.98 33.08
C14 CLR KB . -29.45 -6.10 34.13
C15 CLR KB . -28.23 -6.95 33.81
C16 CLR KB . -28.21 -6.96 32.27
C17 CLR KB . -29.14 -5.81 31.80
C18 CLR KB . -28.25 -4.00 33.33
C19 CLR KB . -30.62 -3.03 37.39
C20 CLR KB . -28.56 -5.14 30.53
C21 CLR KB . -29.49 -4.13 29.88
C22 CLR KB . -28.17 -6.22 29.53
C23 CLR KB . -26.95 -5.91 28.66
C24 CLR KB . -27.17 -6.33 27.21
C25 CLR KB . -25.92 -6.27 26.32
C26 CLR KB . -26.28 -6.53 24.86
C27 CLR KB . -25.18 -4.94 26.45
O1 CLR KB . -33.10 -4.49 41.00
C1 CLR LB . 3.57 -1.71 43.91
C2 CLR LB . 4.74 -2.57 43.44
C3 CLR LB . 5.99 -2.26 44.25
C4 CLR LB . 5.71 -2.48 45.74
C5 CLR LB . 4.51 -1.69 46.20
C6 CLR LB . 4.57 -1.00 47.35
C7 CLR LB . 3.44 -0.23 47.94
C8 CLR LB . 2.09 -0.54 47.29
C9 CLR LB . 2.24 -0.71 45.78
C10 CLR LB . 3.23 -1.84 45.40
C11 CLR LB . 0.88 -0.83 45.09
C12 CLR LB . -0.10 0.29 45.45
C13 CLR LB . -0.29 0.40 46.97
C14 CLR LB . 1.11 0.59 47.58
C15 CLR LB . 0.84 0.97 49.03
C16 CLR LB . -0.41 1.87 48.93
C17 CLR LB . -0.97 1.71 47.48
C18 CLR LB . -1.02 -0.82 47.52
C19 CLR LB . 2.65 -3.23 45.69
C20 CLR LB . -2.52 1.81 47.45
C21 CLR LB . -3.06 2.26 46.10
C22 CLR LB . -3.01 2.77 48.55
C23 CLR LB . -4.52 2.95 48.64
C24 CLR LB . -4.92 3.87 49.79
C25 CLR LB . -6.42 4.02 49.99
C26 CLR LB . -6.70 4.88 51.22
C27 CLR LB . -7.12 4.61 48.77
O1 CLR LB . 7.04 -3.08 43.78
C1 CLR MB . -21.99 -19.08 23.95
C2 CLR MB . -21.00 -19.87 23.11
C3 CLR MB . -20.58 -19.09 21.88
C4 CLR MB . -19.99 -17.74 22.31
C5 CLR MB . -20.91 -16.97 23.22
C6 CLR MB . -21.10 -15.67 23.03
C7 CLR MB . -21.89 -14.79 23.95
C8 CLR MB . -22.26 -15.44 25.28
C9 CLR MB . -22.62 -16.91 25.06
C10 CLR MB . -21.46 -17.72 24.43
C11 CLR MB . -23.17 -17.58 26.33
C12 CLR MB . -24.41 -16.87 26.92
C13 CLR MB . -24.12 -15.37 27.10
C14 CLR MB . -23.42 -14.67 25.92
C15 CLR MB . -23.14 -13.25 26.41
C16 CLR MB . -24.25 -12.95 27.43
C17 CLR MB . -24.80 -14.29 28.01
C18 CLR MB . -25.46 -15.26 26.38
C19 CLR MB . -20.31 -17.94 25.42
C20 CLR MB . -24.68 -14.34 29.54
C21 CLR MB . -23.68 -15.37 30.06
C22 CLR MB . -26.07 -14.61 30.15
C23 CLR MB . -27.19 -13.70 29.63
C24 CLR MB . -27.02 -12.26 30.08
C25 CLR MB . -27.87 -11.23 29.34
C26 CLR MB . -27.75 -9.87 30.00
C27 CLR MB . -27.49 -11.13 27.87
O1 CLR MB . -19.65 -19.87 21.15
CA CA NB . -35.42 -14.92 -31.91
CA CA OB . -16.96 5.35 -35.32
C12 6PL PB . -2.40 -8.75 36.59
C11 6PL PB . -3.36 -7.74 37.14
O11 6PL PB . -4.56 -7.89 37.26
O3 6PL PB . -2.74 -6.63 37.51
C3 6PL PB . -2.97 -5.44 36.75
C2 6PL PB . -1.86 -4.45 36.98
C1 6PL PB . -0.66 -4.63 36.06
O3P 6PL PB . -0.36 -6.00 35.92
P 6PL PB . 1.04 -6.60 36.52
O1P 6PL PB . 1.95 -5.49 36.96
O2P 6PL PB . 0.75 -7.73 37.44
O4P 6PL PB . 1.54 -7.17 35.06
C4 6PL PB . 2.41 -8.28 34.99
C5 6PL PB . 3.57 -8.18 35.95
N 6PL PB . 4.85 -7.58 35.43
C7 6PL PB . 4.66 -6.15 35.05
C8 6PL PB . 5.84 -7.65 36.55
C6 6PL PB . 5.40 -8.33 34.28
O2 6PL PB . -1.49 -4.53 38.36
C31 6PL PB . -1.69 -3.47 39.14
O31 6PL PB . -0.86 -2.60 39.30
C32 6PL PB . -3.04 -3.50 39.79
C33 6PL PB . -3.16 -2.54 40.98
C34 6PL PB . -4.48 -2.72 41.72
C35 6PL PB . -4.51 -1.91 43.02
C36 6PL PB . -5.83 -2.02 43.77
C37 6PL PB . -5.83 -1.22 45.07
C38 6PL PB . -7.18 -1.21 45.79
C39 6PL PB . -7.12 -0.43 47.11
C18 6PL QB . 2.06 -19.36 58.17
C17 6PL QB . 1.85 -18.49 56.95
C16 6PL QB . 1.47 -19.27 55.69
C15 6PL QB . 2.56 -20.19 55.20
C14 6PL QB . 2.13 -21.10 54.05
C13 6PL QB . 1.55 -20.32 52.88
C12 6PL QB . 2.62 -19.65 52.06
C11 6PL QB . 3.16 -20.50 50.93
O11 6PL QB . 2.90 -21.67 50.77
O3 6PL QB . 3.96 -19.81 50.14
C3 6PL QB . 5.27 -19.52 50.60
C2 6PL QB . 5.85 -18.36 49.82
C1 6PL QB . 7.28 -18.58 49.34
O2 6PL QB . 5.73 -17.19 50.62
C31 6PL QB . 5.60 -16.00 50.04
O31 6PL QB . 5.72 -15.82 48.85
C32 6PL QB . 5.29 -14.92 51.03
C33 6PL QB . 3.81 -14.79 51.36
C34 6PL QB . 3.30 -15.88 52.29
C35 6PL QB . 1.81 -15.75 52.58
C36 6PL QB . 1.42 -14.38 53.12
C37 6PL QB . -0.06 -14.28 53.43
C38 6PL QB . -0.41 -13.08 54.32
C39 6PL QB . -1.92 -12.97 54.59
C40 6PL QB . -2.28 -11.98 55.69
C41 6PL QB . -3.77 -11.80 55.85
C16 6PL RB . -9.20 -2.94 23.69
C15 6PL RB . -8.62 -3.68 24.89
C14 6PL RB . -9.08 -3.11 26.23
C13 6PL RB . -8.57 -3.90 27.43
C12 6PL RB . -9.34 -3.55 28.69
C11 6PL RB . -9.18 -2.12 29.14
O11 6PL RB . -8.17 -1.47 29.02
O3 6PL RB . -10.29 -1.64 29.68
C3 6PL RB . -10.97 -2.40 30.67
C2 6PL RB . -10.65 -1.88 32.05
C1 6PL RB . -9.24 -2.20 32.54
O3P 6PL RB . -8.89 -3.51 32.16
P 6PL RB . -9.51 -4.78 32.97
O1P 6PL RB . -10.87 -5.16 32.44
O2P 6PL RB . -9.32 -4.59 34.44
O4P 6PL RB . -8.40 -5.84 32.36
C4 6PL RB . -8.81 -7.12 31.94
C5 6PL RB . -7.80 -8.18 32.30
N 6PL RB . -8.00 -8.95 33.58
C7 6PL RB . -8.90 -10.11 33.38
C8 6PL RB . -6.66 -9.44 34.00
C6 6PL RB . -8.54 -8.09 34.68
O2 6PL RB . -11.64 -2.39 32.95
C31 6PL RB . -11.87 -1.76 34.10
O31 6PL RB . -11.63 -0.59 34.27
C32 6PL RB . -12.45 -2.68 35.14
C33 6PL RB . -12.71 -2.01 36.47
C34 6PL RB . -14.00 -1.19 36.48
C35 6PL RB . -14.24 -0.50 37.81
C36 6PL RB . -15.46 0.43 37.81
C37 6PL RB . -15.55 1.27 39.07
C38 6PL RB . -15.98 0.48 40.30
C39 6PL RB . -16.01 1.32 41.57
C15 6PL SB . -9.78 1.44 23.62
C14 6PL SB . -10.40 2.20 24.78
C13 6PL SB . -10.38 1.41 26.08
C12 6PL SB . -11.01 2.18 27.23
C11 6PL SB . -10.50 1.76 28.58
O11 6PL SB . -9.57 1.02 28.77
O3 6PL SB . -11.21 2.31 29.56
C3 6PL SB . -10.67 2.24 30.86
C2 6PL SB . -11.71 1.69 31.82
C1 6PL SB . -12.84 0.94 31.14
O3P 6PL SB . -13.42 0.02 32.03
O2 6PL SB . -12.20 2.78 32.61
C31 6PL SB . -12.72 2.54 33.80
O31 6PL SB . -13.87 2.22 33.98
C32 6PL SB . -11.70 2.73 34.89
C33 6PL SB . -12.31 2.92 36.27
C34 6PL SB . -13.08 4.23 36.39
C35 6PL SB . -13.65 4.44 37.79
C36 6PL SB . -12.65 5.01 38.79
C37 6PL SB . -12.05 3.96 39.70
C38 6PL SB . -11.42 4.51 40.97
C39 6PL SB . -12.41 5.34 41.79
C40 6PL SB . -11.93 5.65 43.21
C41 6PL SB . -13.00 6.33 44.05
C42 6PL SB . -13.38 7.72 43.56
C43 6PL SB . -14.51 8.35 44.37
C44 6PL SB . -14.25 8.39 45.86
C19 6PL TB . -24.82 -21.76 34.16
C18 6PL TB . -25.28 -21.25 35.52
C17 6PL TB . -26.42 -22.07 36.11
C16 6PL TB . -26.85 -21.62 37.50
C15 6PL TB . -27.34 -20.17 37.52
C14 6PL TB . -28.16 -19.84 38.75
C13 6PL TB . -27.39 -20.03 40.06
C12 6PL TB . -28.31 -20.12 41.26
C11 6PL TB . -28.94 -18.82 41.66
O11 6PL TB . -28.73 -17.74 41.13
O3 6PL TB . -29.77 -18.97 42.68
C3 6PL TB . -30.62 -17.88 43.03
C2 6PL TB . -31.15 -18.07 44.43
C1 6PL TB . -32.20 -17.07 44.86
O3P 6PL TB . -32.31 -17.03 46.26
O2 6PL TB . -30.03 -18.07 45.32
C12 6PL UB . -17.78 7.29 61.24
C11 6PL UB . -18.38 8.59 60.78
O11 6PL UB . -19.46 9.01 61.11
O3 6PL UB . -17.56 9.24 59.95
C3 6PL UB . -16.27 9.62 60.43
C2 6PL UB . -15.76 10.81 59.64
C1 6PL UB . -16.68 12.02 59.64
O3P 6PL UB . -16.14 13.04 60.42
P 6PL UB . -17.13 14.14 61.13
O1P 6PL UB . -16.70 14.42 62.55
O2P 6PL UB . -18.56 13.79 60.84
O4P 6PL UB . -16.63 15.38 60.16
O2 6PL UB . -15.48 10.35 58.31
C31 6PL UB . -14.49 10.92 57.63
O31 6PL UB . -13.70 11.68 58.12
C32 6PL UB . -14.52 10.51 56.18
C33 6PL UB . -14.33 9.02 55.97
C34 6PL UB . -13.08 8.70 55.15
C35 6PL UB . -13.03 9.50 53.87
C36 6PL UB . -14.04 9.07 52.81
C37 6PL UB . -13.45 8.08 51.81
C38 6PL UB . -12.39 8.69 50.90
C39 6PL UB . -11.82 7.67 49.92
C12 6PL VB . -10.85 12.86 56.38
C11 6PL VB . -11.62 13.36 55.19
O11 6PL VB . -12.07 12.66 54.31
O3 6PL VB . -11.76 14.68 55.24
C3 6PL VB . -12.80 15.21 56.06
C2 6PL VB . -12.94 16.69 55.84
C1 6PL VB . -14.32 17.25 56.11
O3P 6PL VB . -14.28 18.66 56.17
P 6PL VB . -15.40 19.46 57.05
O1P 6PL VB . -14.79 20.64 57.75
O2P 6PL VB . -16.24 18.50 57.83
O4P 6PL VB . -16.21 20.00 55.72
O2 6PL VB . -12.45 16.99 54.51
C31 6PL VB . -13.28 17.26 53.50
O31 6PL VB . -13.73 18.35 53.27
C32 6PL VB . -13.56 16.03 52.68
C33 6PL VB . -12.32 15.46 52.03
C34 6PL VB . -12.54 14.09 51.40
C35 6PL VB . -13.09 14.19 49.98
C36 6PL VB . -12.90 12.92 49.16
C37 6PL VB . -11.43 12.57 48.98
C38 6PL VB . -11.19 11.18 48.38
C26 6PL WB . -33.69 -14.57 20.86
C21 6PL WB . -21.20 -12.01 29.68
C20 6PL WB . -21.85 -12.34 31.03
C19 6PL WB . -23.05 -11.46 31.35
C18 6PL WB . -23.79 -11.89 32.61
C17 6PL WB . -24.78 -10.83 33.10
C16 6PL WB . -25.60 -11.28 34.31
C15 6PL WB . -26.47 -10.17 34.86
C14 6PL WB . -27.55 -10.67 35.82
C13 6PL WB . -28.50 -11.65 35.16
C12 6PL WB . -29.67 -12.02 36.07
C11 6PL WB . -30.76 -10.99 36.11
O11 6PL WB . -30.71 -9.88 35.65
O3 6PL WB . -31.84 -11.47 36.73
C3 6PL WB . -31.87 -11.43 38.15
C2 6PL WB . -32.36 -10.08 38.62
C1 6PL WB . -33.05 -10.10 39.98
O3P 6PL WB . -33.74 -8.89 40.19
P 6PL WB . -34.81 -8.78 41.41
O1P 6PL WB . -36.22 -8.90 40.91
O2P 6PL WB . -34.36 -9.62 42.57
O4P 6PL WB . -34.48 -7.19 41.70
O2 6PL WB . -33.20 -9.55 37.60
K K XB . -25.29 15.07 25.74
#